data_1TQY
#
_entry.id   1TQY
#
_cell.length_a   262.700
_cell.length_b   262.700
_cell.length_c   224.030
_cell.angle_alpha   90.00
_cell.angle_beta   90.00
_cell.angle_gamma   120.00
#
_symmetry.space_group_name_H-M   'H 3'
#
loop_
_entity.id
_entity.type
_entity.pdbx_description
1 polymer 'Actinorhodin polyketide putative beta-ketoacyl synthase 1'
2 polymer 'Actinorhodin polyketide putative beta-ketoacyl synthase 2'
3 non-polymer 'MAGNESIUM ION'
4 non-polymer 'ACETYL GROUP'
5 non-polymer 'SODIUM ION'
6 water water
#
loop_
_entity_poly.entity_id
_entity_poly.type
_entity_poly.pdbx_seq_one_letter_code
_entity_poly.pdbx_strand_id
1 'polypeptide(L)'
;MKRRVVITGVGVRAPGGNGTRQFWELLTSGRTATRRISFFDPSPYRSQVAAEADFDPVAEGFGPRELDRMDRASQFAVAC
AREAFAASGLDPDTLDPARVGVSLGSAVAAATSLEREYLLLSDSGRDWEVDAAWLSRHMFDYLVPSVMPAEVAWAVGAEG
PVTMVSTGCTSGLDSVGNAVRAIEEGSADVMFAGAADTPITPIVVACFDAIRATTARNDDPEHASRPFDGTRDGFVLAEG
AAMFVLEDYDSALARGARIHAEISGYATRCNAYHMTGLKADGREMAETIRVALDESRTDATDIDYINAHGSGTRQNDRHE
TAAYKRALGEHARRTPVSSIKSMVGHSLGAIGSLEIAACVLALEHGVVPPTANLRTSDPECDLDYVPLEARERKLRSVLT
VGSGFGGFQSAMVLRDAETAGAAA
;
A,C,E,G
2 'polypeptide(L)'
;MDYKDDDDKSVLITGVGVVAPNGLGLAPYWSAVLDGRHGLGPVTRFDVSRYPATLAGQIDDFHAPDHIPGRLLPQTDPST
RLALTAADWALQDAKADPESLTDYDMGVVTANACGGFDFTHREFRKLWSEGPKSVSVYESFAWFYAVNTGQISIRHGMRG
PSSALVAEQAGGLDALGHARRTIRRGTPLVVSGGVDSALDPWGWVSQIASGRISTATDPDRAYLPFDERAAGYVPGEGGA
ILVLEDSAAAEARGRHDAYGELAGCASTFDPAPGSGRPAGLERAIRLALNDAGTGPEDVDVVFADGAGVPELDAAEARAI
GRVFGREGVPVTVPKTTTGRLYSGGGPLDVVTALMSLREGVIAPTAGVTSVPREYGIDLVLGEPRSTAPRTALVLARGRW
GFNSAAVLRRFAPTP
;
B,D,F,H
#
# COMPACT_ATOMS: atom_id res chain seq x y z
N ARG A 3 -29.13 18.64 58.03
CA ARG A 3 -27.72 18.70 58.53
C ARG A 3 -26.91 19.73 57.73
N ARG A 4 -26.09 20.50 58.43
CA ARG A 4 -25.31 21.56 57.80
C ARG A 4 -23.88 21.17 57.43
N VAL A 5 -23.43 21.67 56.28
CA VAL A 5 -22.11 21.36 55.78
C VAL A 5 -21.17 22.54 55.73
N VAL A 6 -19.92 22.32 56.13
CA VAL A 6 -18.91 23.37 56.10
C VAL A 6 -17.63 22.86 55.46
N ILE A 7 -16.79 23.81 55.03
CA ILE A 7 -15.51 23.56 54.38
C ILE A 7 -14.39 23.72 55.43
N THR A 8 -13.59 22.66 55.61
CA THR A 8 -12.52 22.66 56.59
C THR A 8 -11.11 22.70 56.03
N GLY A 9 -11.00 22.54 54.71
CA GLY A 9 -9.70 22.54 54.08
C GLY A 9 -9.82 22.90 52.62
N VAL A 10 -8.81 23.59 52.10
CA VAL A 10 -8.83 24.00 50.71
C VAL A 10 -7.54 23.63 49.99
N GLY A 11 -7.65 23.30 48.71
CA GLY A 11 -6.50 22.95 47.90
C GLY A 11 -6.72 23.54 46.53
N VAL A 12 -5.73 24.26 46.02
CA VAL A 12 -5.90 24.89 44.71
C VAL A 12 -4.68 24.83 43.79
N ARG A 13 -4.94 24.64 42.50
CA ARG A 13 -3.89 24.61 41.50
C ARG A 13 -4.41 25.40 40.31
N ALA A 14 -4.18 26.72 40.34
CA ALA A 14 -4.64 27.61 39.28
C ALA A 14 -3.47 28.25 38.52
N PRO A 15 -3.76 28.82 37.33
CA PRO A 15 -2.70 29.47 36.55
C PRO A 15 -2.12 30.59 37.43
N GLY A 16 -0.82 30.59 37.63
CA GLY A 16 -0.20 31.61 38.45
C GLY A 16 -0.62 31.58 39.92
N GLY A 17 -1.14 30.43 40.36
CA GLY A 17 -1.56 30.30 41.75
C GLY A 17 -1.42 28.89 42.28
N ASN A 18 -0.20 28.49 42.58
CA ASN A 18 0.05 27.16 43.12
C ASN A 18 -0.14 27.22 44.64
N GLY A 19 -1.35 26.89 45.10
CA GLY A 19 -1.64 26.95 46.52
C GLY A 19 -2.46 28.20 46.82
N THR A 20 -3.24 28.18 47.89
CA THR A 20 -4.09 29.31 48.27
C THR A 20 -3.36 30.64 48.45
N ARG A 21 -2.16 30.61 49.04
CA ARG A 21 -1.40 31.84 49.23
C ARG A 21 -1.17 32.56 47.91
N GLN A 22 -0.44 31.89 47.01
CA GLN A 22 -0.13 32.47 45.71
C GLN A 22 -1.41 32.81 44.95
N PHE A 23 -2.39 31.91 45.02
CA PHE A 23 -3.67 32.11 44.34
C PHE A 23 -4.26 33.44 44.82
N TRP A 24 -4.37 33.61 46.14
CA TRP A 24 -4.93 34.85 46.69
C TRP A 24 -4.05 36.05 46.38
N GLU A 25 -2.73 35.86 46.42
CA GLU A 25 -1.82 36.95 46.11
C GLU A 25 -2.08 37.46 44.70
N LEU A 26 -2.35 36.54 43.78
CA LEU A 26 -2.61 36.90 42.39
C LEU A 26 -3.91 37.68 42.23
N LEU A 27 -4.99 37.16 42.82
CA LEU A 27 -6.29 37.79 42.69
C LEU A 27 -6.36 39.19 43.29
N THR A 28 -5.80 39.35 44.48
CA THR A 28 -5.83 40.66 45.12
C THR A 28 -4.89 41.63 44.43
N SER A 29 -3.86 41.12 43.76
CA SER A 29 -2.93 42.00 43.07
C SER A 29 -3.52 42.51 41.77
N GLY A 30 -4.59 41.86 41.32
CA GLY A 30 -5.22 42.29 40.09
C GLY A 30 -4.47 41.89 38.82
N ARG A 31 -3.25 41.37 38.93
CA ARG A 31 -2.51 40.98 37.73
C ARG A 31 -3.12 39.73 37.08
N THR A 32 -2.76 39.47 35.82
CA THR A 32 -3.32 38.31 35.15
C THR A 32 -2.30 37.23 34.87
N ALA A 33 -2.81 36.04 34.59
CA ALA A 33 -1.95 34.91 34.27
C ALA A 33 -2.25 34.43 32.85
N THR A 34 -2.95 35.24 32.06
CA THR A 34 -3.26 34.86 30.68
C THR A 34 -2.11 35.25 29.75
N ARG A 35 -1.55 34.26 29.06
CA ARG A 35 -0.45 34.50 28.15
C ARG A 35 -0.61 33.70 26.86
N ARG A 36 0.33 33.86 25.96
CA ARG A 36 0.30 33.13 24.69
C ARG A 36 0.51 31.65 24.98
N ILE A 37 -0.32 30.79 24.39
CA ILE A 37 -0.22 29.34 24.59
C ILE A 37 1.17 28.77 24.27
N SER A 38 1.71 27.98 25.20
CA SER A 38 3.03 27.39 25.02
C SER A 38 3.03 25.87 24.99
N PHE A 39 1.92 25.23 25.36
CA PHE A 39 1.84 23.77 25.37
C PHE A 39 2.01 23.20 23.97
N PHE A 40 1.68 24.01 22.97
CA PHE A 40 1.81 23.61 21.57
C PHE A 40 1.83 24.90 20.76
N ASP A 41 2.01 24.79 19.45
CA ASP A 41 2.06 25.96 18.58
C ASP A 41 0.66 26.41 18.21
N PRO A 42 0.22 27.56 18.75
CA PRO A 42 -1.09 28.15 18.54
C PRO A 42 -1.29 28.81 17.18
N SER A 43 -0.20 29.01 16.44
CA SER A 43 -0.29 29.67 15.14
C SER A 43 -1.47 29.29 14.26
N PRO A 44 -1.77 27.99 14.14
CA PRO A 44 -2.90 27.57 13.30
C PRO A 44 -4.29 27.95 13.80
N TYR A 45 -4.40 28.32 15.06
CA TYR A 45 -5.71 28.63 15.60
C TYR A 45 -6.08 30.10 15.76
N ARG A 46 -7.37 30.36 15.99
CA ARG A 46 -7.90 31.69 16.15
C ARG A 46 -7.51 32.29 17.50
N SER A 47 -7.87 31.60 18.58
CA SER A 47 -7.54 32.06 19.93
C SER A 47 -6.22 31.42 20.34
N GLN A 48 -5.16 32.22 20.41
CA GLN A 48 -3.84 31.70 20.74
C GLN A 48 -3.35 32.02 22.14
N VAL A 49 -4.28 32.42 23.00
CA VAL A 49 -3.94 32.75 24.37
C VAL A 49 -4.67 31.85 25.34
N ALA A 50 -4.07 31.67 26.52
CA ALA A 50 -4.66 30.81 27.53
C ALA A 50 -4.02 31.05 28.88
N ALA A 51 -4.68 30.56 29.93
CA ALA A 51 -4.12 30.69 31.27
C ALA A 51 -3.61 29.30 31.62
N GLU A 52 -2.29 29.13 31.54
CA GLU A 52 -1.62 27.87 31.82
C GLU A 52 -1.07 27.84 33.23
N ALA A 53 -1.27 26.73 33.93
CA ALA A 53 -0.77 26.62 35.29
C ALA A 53 0.61 26.00 35.27
N ASP A 54 1.50 26.54 36.10
CA ASP A 54 2.85 26.03 36.19
C ASP A 54 2.77 24.81 37.09
N PHE A 55 2.85 23.62 36.50
CA PHE A 55 2.73 22.37 37.26
C PHE A 55 3.92 21.43 37.10
N ASP A 56 4.45 20.97 38.23
CA ASP A 56 5.59 20.06 38.23
C ASP A 56 5.20 18.78 38.97
N PRO A 57 4.74 17.77 38.22
CA PRO A 57 4.31 16.48 38.78
C PRO A 57 5.33 15.82 39.70
N VAL A 58 6.59 15.80 39.26
CA VAL A 58 7.65 15.20 40.06
C VAL A 58 7.71 15.90 41.42
N ALA A 59 7.73 17.23 41.40
CA ALA A 59 7.77 18.01 42.64
C ALA A 59 6.52 17.76 43.49
N GLU A 60 5.38 17.47 42.84
CA GLU A 60 4.16 17.21 43.59
C GLU A 60 4.24 15.86 44.29
N GLY A 61 5.18 15.02 43.87
CA GLY A 61 5.36 13.72 44.50
C GLY A 61 4.79 12.52 43.78
N PHE A 62 4.56 12.63 42.47
CA PHE A 62 4.01 11.51 41.72
C PHE A 62 5.13 10.61 41.21
N GLY A 63 4.93 9.30 41.34
CA GLY A 63 5.92 8.35 40.90
C GLY A 63 5.83 8.08 39.40
N PRO A 64 6.72 7.27 38.84
CA PRO A 64 6.72 6.95 37.41
C PRO A 64 5.42 6.33 36.89
N ARG A 65 4.87 5.35 37.60
CA ARG A 65 3.63 4.73 37.14
C ARG A 65 2.48 5.71 37.16
N GLU A 66 2.35 6.46 38.25
CA GLU A 66 1.27 7.44 38.36
C GLU A 66 1.36 8.46 37.22
N LEU A 67 2.55 8.97 36.94
CA LEU A 67 2.68 9.93 35.84
C LEU A 67 2.35 9.35 34.49
N ASP A 68 2.73 8.10 34.25
CA ASP A 68 2.46 7.42 32.98
C ASP A 68 0.96 7.09 32.89
N ARG A 69 0.37 6.81 34.03
CA ARG A 69 -1.03 6.43 34.13
C ARG A 69 -2.07 7.56 34.04
N MET A 70 -2.00 8.51 34.97
CA MET A 70 -2.98 9.58 35.02
C MET A 70 -2.85 10.75 34.05
N ASP A 71 -4.02 11.21 33.59
CA ASP A 71 -4.11 12.34 32.68
C ASP A 71 -3.72 13.55 33.52
N ARG A 72 -3.36 14.65 32.86
CA ARG A 72 -2.94 15.86 33.58
C ARG A 72 -4.00 16.33 34.58
N ALA A 73 -5.27 16.25 34.18
CA ALA A 73 -6.36 16.70 35.05
C ALA A 73 -6.46 15.91 36.35
N SER A 74 -6.15 14.62 36.29
CA SER A 74 -6.21 13.82 37.51
C SER A 74 -5.01 14.17 38.40
N GLN A 75 -3.91 14.56 37.79
CA GLN A 75 -2.72 14.95 38.56
C GLN A 75 -3.06 16.21 39.37
N PHE A 76 -3.72 17.17 38.73
CA PHE A 76 -4.14 18.40 39.38
C PHE A 76 -5.12 18.11 40.53
N ALA A 77 -6.17 17.33 40.24
CA ALA A 77 -7.20 16.99 41.22
C ALA A 77 -6.64 16.35 42.47
N VAL A 78 -5.83 15.33 42.28
CA VAL A 78 -5.20 14.62 43.38
C VAL A 78 -4.28 15.55 44.16
N ALA A 79 -3.47 16.33 43.45
CA ALA A 79 -2.59 17.26 44.15
C ALA A 79 -3.44 18.19 45.05
N CYS A 80 -4.58 18.65 44.55
CA CYS A 80 -5.42 19.55 45.34
C CYS A 80 -6.10 18.84 46.52
N ALA A 81 -6.58 17.62 46.29
CA ALA A 81 -7.22 16.83 47.34
C ALA A 81 -6.24 16.64 48.49
N ARG A 82 -4.98 16.36 48.15
CA ARG A 82 -3.99 16.17 49.19
C ARG A 82 -3.76 17.44 49.99
N GLU A 83 -3.67 18.57 49.29
CA GLU A 83 -3.48 19.84 49.96
C GLU A 83 -4.66 20.16 50.89
N ALA A 84 -5.88 19.91 50.42
CA ALA A 84 -7.06 20.17 51.23
C ALA A 84 -7.09 19.25 52.46
N PHE A 85 -6.71 17.99 52.25
CA PHE A 85 -6.70 17.00 53.32
C PHE A 85 -5.74 17.52 54.39
N ALA A 86 -4.56 17.94 53.96
CA ALA A 86 -3.55 18.47 54.87
C ALA A 86 -4.05 19.67 55.68
N ALA A 87 -4.63 20.64 54.99
CA ALA A 87 -5.11 21.83 55.67
C ALA A 87 -6.30 21.56 56.58
N SER A 88 -7.07 20.51 56.29
CA SER A 88 -8.22 20.22 57.13
C SER A 88 -7.81 19.82 58.54
N GLY A 89 -6.69 19.11 58.65
CA GLY A 89 -6.24 18.67 59.95
C GLY A 89 -7.02 17.43 60.35
N LEU A 90 -7.88 16.97 59.46
CA LEU A 90 -8.69 15.78 59.72
C LEU A 90 -7.73 14.59 59.85
N ASP A 91 -7.69 13.98 61.03
CA ASP A 91 -6.82 12.84 61.33
C ASP A 91 -7.18 11.57 60.54
N PRO A 92 -6.32 11.16 59.59
CA PRO A 92 -6.52 9.98 58.74
C PRO A 92 -6.85 8.69 59.49
N ASP A 93 -6.29 8.53 60.68
CA ASP A 93 -6.50 7.34 61.49
C ASP A 93 -7.92 7.25 62.03
N THR A 94 -8.44 8.38 62.50
CA THR A 94 -9.78 8.42 63.07
C THR A 94 -10.87 8.35 62.01
N LEU A 95 -10.50 8.43 60.74
CA LEU A 95 -11.47 8.39 59.66
C LEU A 95 -12.00 7.00 59.34
N ASP A 96 -13.30 6.93 59.08
CA ASP A 96 -13.94 5.69 58.68
C ASP A 96 -14.15 5.81 57.17
N PRO A 97 -13.30 5.14 56.38
CA PRO A 97 -13.40 5.18 54.91
C PRO A 97 -14.80 5.00 54.36
N ALA A 98 -15.63 4.22 55.04
CA ALA A 98 -16.97 3.97 54.57
C ALA A 98 -17.86 5.22 54.69
N ARG A 99 -17.35 6.28 55.32
CA ARG A 99 -18.12 7.50 55.51
C ARG A 99 -17.46 8.68 54.81
N VAL A 100 -16.47 8.38 53.98
CA VAL A 100 -15.75 9.39 53.25
C VAL A 100 -16.04 9.21 51.78
N GLY A 101 -16.53 10.25 51.13
CA GLY A 101 -16.85 10.17 49.72
C GLY A 101 -16.12 11.19 48.88
N VAL A 102 -16.31 11.10 47.57
CA VAL A 102 -15.68 12.00 46.61
C VAL A 102 -16.68 12.48 45.56
N SER A 103 -16.63 13.76 45.22
CA SER A 103 -17.49 14.35 44.20
C SER A 103 -16.59 15.28 43.38
N LEU A 104 -16.06 14.75 42.27
CA LEU A 104 -15.15 15.49 41.40
C LEU A 104 -15.86 15.95 40.13
N GLY A 105 -15.65 17.21 39.78
CA GLY A 105 -16.28 17.78 38.61
C GLY A 105 -15.28 17.98 37.49
N SER A 106 -15.74 17.87 36.26
CA SER A 106 -14.86 18.05 35.13
C SER A 106 -15.69 18.15 33.86
N ALA A 107 -15.40 19.19 33.08
CA ALA A 107 -16.10 19.43 31.82
C ALA A 107 -15.57 18.58 30.66
N VAL A 108 -14.28 18.68 30.38
CA VAL A 108 -13.65 17.93 29.28
C VAL A 108 -12.73 16.78 29.71
N ALA A 109 -12.56 16.58 31.01
CA ALA A 109 -11.76 15.50 31.55
C ALA A 109 -10.40 15.17 30.93
N ALA A 110 -10.31 14.02 30.27
CA ALA A 110 -9.03 13.58 29.68
C ALA A 110 -8.78 14.04 28.24
N ALA A 111 -9.34 15.17 27.86
CA ALA A 111 -9.16 15.68 26.51
C ALA A 111 -7.67 15.69 26.10
N THR A 112 -6.80 16.07 27.02
CA THR A 112 -5.37 16.12 26.71
C THR A 112 -4.78 14.73 26.38
N SER A 113 -5.04 13.72 27.21
CA SER A 113 -4.50 12.37 26.95
C SER A 113 -5.10 11.71 25.71
N LEU A 114 -6.36 12.05 25.44
CA LEU A 114 -7.05 11.50 24.27
C LEU A 114 -6.34 11.99 23.01
N GLU A 115 -6.09 13.30 22.95
CA GLU A 115 -5.42 13.87 21.78
C GLU A 115 -4.03 13.30 21.62
N ARG A 116 -3.37 13.08 22.74
CA ARG A 116 -2.03 12.52 22.71
C ARG A 116 -2.10 11.10 22.12
N GLU A 117 -2.98 10.26 22.69
CA GLU A 117 -3.11 8.92 22.19
C GLU A 117 -3.68 8.87 20.78
N TYR A 118 -4.58 9.78 20.45
CA TYR A 118 -5.16 9.79 19.12
C TYR A 118 -4.10 9.86 18.02
N LEU A 119 -3.08 10.70 18.21
CA LEU A 119 -2.02 10.83 17.21
C LEU A 119 -1.25 9.52 17.00
N LEU A 120 -1.02 8.77 18.07
CA LEU A 120 -0.30 7.52 17.90
C LEU A 120 -1.16 6.46 17.22
N LEU A 121 -2.44 6.40 17.58
CA LEU A 121 -3.33 5.39 17.00
C LEU A 121 -3.72 5.60 15.54
N SER A 122 -3.93 6.84 15.17
CA SER A 122 -4.35 7.19 13.84
C SER A 122 -3.21 7.56 12.88
N ASP A 123 -1.99 7.61 13.41
CA ASP A 123 -0.82 8.01 12.65
C ASP A 123 -1.05 9.47 12.27
N SER A 124 -1.36 10.28 13.28
CA SER A 124 -1.60 11.70 13.11
C SER A 124 -2.76 12.03 12.16
N GLY A 125 -3.89 11.37 12.36
CA GLY A 125 -5.08 11.64 11.55
C GLY A 125 -5.18 10.95 10.20
N ARG A 126 -4.21 10.13 9.84
CA ARG A 126 -4.22 9.44 8.56
C ARG A 126 -5.24 8.31 8.47
N ASP A 127 -5.40 7.56 9.55
CA ASP A 127 -6.29 6.41 9.55
C ASP A 127 -7.47 6.44 10.51
N TRP A 128 -8.66 6.11 9.97
CA TRP A 128 -9.90 6.04 10.75
C TRP A 128 -9.86 4.73 11.51
N GLU A 129 -9.40 3.68 10.83
CA GLU A 129 -9.28 2.36 11.46
C GLU A 129 -7.91 2.35 12.12
N VAL A 130 -7.88 2.88 13.34
CA VAL A 130 -6.65 3.01 14.11
C VAL A 130 -5.92 1.70 14.31
N ASP A 131 -4.62 1.80 14.53
CA ASP A 131 -3.75 0.64 14.71
C ASP A 131 -3.54 0.24 16.17
N ALA A 132 -4.19 -0.84 16.57
CA ALA A 132 -4.11 -1.34 17.93
C ALA A 132 -2.68 -1.61 18.39
N ALA A 133 -1.72 -1.59 17.46
CA ALA A 133 -0.32 -1.81 17.81
C ALA A 133 0.19 -0.66 18.67
N TRP A 134 -0.45 0.50 18.56
CA TRP A 134 -0.06 1.68 19.32
C TRP A 134 -1.07 2.02 20.43
N LEU A 135 -1.83 1.02 20.88
CA LEU A 135 -2.85 1.18 21.90
C LEU A 135 -2.28 1.38 23.30
N SER A 136 -2.59 2.50 23.94
CA SER A 136 -2.10 2.72 25.30
C SER A 136 -2.76 1.73 26.24
N ARG A 137 -2.04 1.32 27.28
CA ARG A 137 -2.61 0.39 28.25
C ARG A 137 -3.58 1.12 29.16
N HIS A 138 -3.70 2.43 28.99
CA HIS A 138 -4.59 3.26 29.79
C HIS A 138 -5.72 3.87 28.95
N MET A 139 -5.77 3.55 27.67
CA MET A 139 -6.76 4.13 26.76
C MET A 139 -8.18 4.14 27.27
N PHE A 140 -8.62 3.03 27.85
CA PHE A 140 -9.98 2.98 28.35
C PHE A 140 -10.27 4.06 29.38
N ASP A 141 -9.26 4.39 30.17
CA ASP A 141 -9.45 5.39 31.21
C ASP A 141 -9.46 6.84 30.74
N TYR A 142 -9.20 7.05 29.44
CA TYR A 142 -9.27 8.39 28.89
C TYR A 142 -10.63 8.42 28.19
N LEU A 143 -11.05 7.27 27.69
CA LEU A 143 -12.35 7.16 27.03
C LEU A 143 -13.47 7.38 28.06
N VAL A 144 -13.32 6.76 29.23
CA VAL A 144 -14.30 6.87 30.32
C VAL A 144 -13.52 7.48 31.49
N PRO A 145 -13.66 8.81 31.70
CA PRO A 145 -13.02 9.65 32.74
C PRO A 145 -13.23 9.29 34.21
N SER A 146 -14.08 8.29 34.47
CA SER A 146 -14.37 7.84 35.84
C SER A 146 -13.14 7.64 36.70
N VAL A 147 -12.01 7.42 36.03
CA VAL A 147 -10.76 7.18 36.74
C VAL A 147 -10.36 8.40 37.59
N MET A 148 -10.79 9.59 37.19
CA MET A 148 -10.44 10.80 37.92
C MET A 148 -10.88 10.81 39.39
N PRO A 149 -12.17 10.54 39.66
CA PRO A 149 -12.72 10.51 41.02
C PRO A 149 -12.07 9.33 41.78
N ALA A 150 -11.83 8.24 41.06
CA ALA A 150 -11.23 7.06 41.67
C ALA A 150 -9.84 7.40 42.21
N GLU A 151 -9.05 8.06 41.39
CA GLU A 151 -7.67 8.48 41.70
C GLU A 151 -7.67 9.33 42.98
N VAL A 152 -8.62 10.24 43.09
CA VAL A 152 -8.73 11.08 44.27
C VAL A 152 -9.14 10.23 45.46
N ALA A 153 -10.13 9.35 45.26
CA ALA A 153 -10.60 8.50 46.33
C ALA A 153 -9.48 7.62 46.89
N TRP A 154 -8.58 7.16 46.02
CA TRP A 154 -7.47 6.34 46.48
C TRP A 154 -6.49 7.18 47.27
N ALA A 155 -6.33 8.44 46.90
CA ALA A 155 -5.39 9.31 47.60
C ALA A 155 -5.86 9.68 49.01
N VAL A 156 -7.18 9.85 49.19
CA VAL A 156 -7.75 10.24 50.47
C VAL A 156 -8.35 9.10 51.27
N GLY A 157 -8.33 7.90 50.69
CA GLY A 157 -8.88 6.74 51.37
C GLY A 157 -10.40 6.74 51.42
N ALA A 158 -11.03 7.21 50.36
CA ALA A 158 -12.49 7.27 50.32
C ALA A 158 -13.15 5.95 49.93
N GLU A 159 -14.18 5.52 50.66
CA GLU A 159 -14.88 4.29 50.31
C GLU A 159 -16.37 4.48 50.28
N GLY A 160 -16.81 5.74 50.48
CA GLY A 160 -18.22 6.04 50.45
C GLY A 160 -18.64 6.37 49.03
N PRO A 161 -19.64 7.25 48.84
CA PRO A 161 -20.10 7.62 47.50
C PRO A 161 -18.99 8.35 46.75
N VAL A 162 -18.56 7.79 45.63
CA VAL A 162 -17.51 8.42 44.83
C VAL A 162 -18.04 8.60 43.42
N THR A 163 -18.00 9.81 42.90
CA THR A 163 -18.50 10.01 41.57
C THR A 163 -17.96 11.24 40.86
N MET A 164 -18.23 11.30 39.56
CA MET A 164 -17.81 12.42 38.74
C MET A 164 -19.08 13.15 38.33
N VAL A 165 -19.07 14.47 38.46
CA VAL A 165 -20.21 15.28 38.04
C VAL A 165 -19.63 16.00 36.83
N SER A 166 -20.33 15.94 35.69
CA SER A 166 -19.85 16.54 34.45
C SER A 166 -20.99 17.33 33.83
N THR A 167 -21.16 18.58 34.28
CA THR A 167 -22.23 19.44 33.76
C THR A 167 -21.66 20.65 33.05
N GLY A 168 -20.68 20.42 32.19
CA GLY A 168 -20.06 21.50 31.46
C GLY A 168 -19.34 22.52 32.32
N CYS A 169 -19.61 23.79 32.05
CA CYS A 169 -18.94 24.85 32.78
C CYS A 169 -19.53 25.15 34.16
N THR A 170 -20.47 24.33 34.63
CA THR A 170 -21.00 24.50 35.99
C THR A 170 -20.55 23.31 36.86
N SER A 171 -19.73 22.42 36.30
CA SER A 171 -19.21 21.25 37.05
C SER A 171 -18.57 21.64 38.39
N GLY A 172 -17.73 22.68 38.36
CA GLY A 172 -17.05 23.15 39.56
C GLY A 172 -17.99 23.50 40.70
N LEU A 173 -19.21 23.88 40.37
CA LEU A 173 -20.16 24.21 41.40
C LEU A 173 -21.03 22.98 41.70
N ASP A 174 -21.52 22.32 40.66
CA ASP A 174 -22.39 21.17 40.87
C ASP A 174 -21.72 20.00 41.59
N SER A 175 -20.40 19.87 41.46
CA SER A 175 -19.70 18.78 42.14
C SER A 175 -19.74 19.05 43.65
N VAL A 176 -19.49 20.29 44.04
CA VAL A 176 -19.52 20.64 45.46
C VAL A 176 -20.96 20.58 45.97
N GLY A 177 -21.89 21.08 45.16
CA GLY A 177 -23.28 21.02 45.55
C GLY A 177 -23.68 19.58 45.81
N ASN A 178 -23.27 18.68 44.92
CA ASN A 178 -23.58 17.25 45.07
C ASN A 178 -23.07 16.69 46.38
N ALA A 179 -21.83 17.04 46.74
CA ALA A 179 -21.22 16.59 47.99
C ALA A 179 -22.00 17.15 49.17
N VAL A 180 -22.48 18.39 49.05
CA VAL A 180 -23.22 18.99 50.14
C VAL A 180 -24.46 18.14 50.36
N ARG A 181 -25.16 17.80 49.27
CA ARG A 181 -26.37 16.98 49.37
C ARG A 181 -26.03 15.64 49.99
N ALA A 182 -24.86 15.10 49.67
CA ALA A 182 -24.48 13.79 50.21
C ALA A 182 -24.40 13.83 51.73
N ILE A 183 -23.67 14.82 52.25
CA ILE A 183 -23.51 14.96 53.68
C ILE A 183 -24.85 15.28 54.35
N GLU A 184 -25.62 16.19 53.76
CA GLU A 184 -26.91 16.55 54.34
C GLU A 184 -27.86 15.38 54.44
N GLU A 185 -27.92 14.55 53.40
CA GLU A 185 -28.83 13.41 53.41
C GLU A 185 -28.33 12.25 54.27
N GLY A 186 -27.11 12.37 54.80
CA GLY A 186 -26.59 11.30 55.65
C GLY A 186 -25.86 10.18 54.93
N SER A 187 -25.55 10.38 53.65
CA SER A 187 -24.87 9.38 52.85
C SER A 187 -23.36 9.38 53.07
N ALA A 188 -22.88 10.40 53.77
CA ALA A 188 -21.45 10.51 54.06
C ALA A 188 -21.25 11.56 55.15
N ASP A 189 -20.12 11.48 55.85
CA ASP A 189 -19.85 12.44 56.90
C ASP A 189 -18.73 13.37 56.46
N VAL A 190 -17.85 12.87 55.61
CA VAL A 190 -16.74 13.65 55.08
C VAL A 190 -16.75 13.52 53.56
N MET A 191 -16.58 14.64 52.87
CA MET A 191 -16.56 14.63 51.42
C MET A 191 -15.38 15.44 50.89
N PHE A 192 -14.71 14.89 49.88
CA PHE A 192 -13.61 15.58 49.23
C PHE A 192 -14.23 16.00 47.90
N ALA A 193 -14.62 17.26 47.80
CA ALA A 193 -15.24 17.72 46.58
C ALA A 193 -14.48 18.86 45.91
N GLY A 194 -14.62 18.92 44.60
CA GLY A 194 -13.95 19.96 43.83
C GLY A 194 -14.01 19.64 42.36
N ALA A 195 -13.09 20.22 41.60
CA ALA A 195 -13.08 19.99 40.17
C ALA A 195 -11.72 20.26 39.55
N ALA A 196 -11.52 19.75 38.34
CA ALA A 196 -10.29 19.94 37.61
C ALA A 196 -10.53 19.77 36.10
N ASP A 197 -9.86 20.60 35.31
CA ASP A 197 -9.89 20.54 33.86
C ASP A 197 -8.58 21.05 33.33
N THR A 198 -8.04 20.34 32.35
CA THR A 198 -6.77 20.66 31.69
C THR A 198 -7.11 20.54 30.19
N PRO A 199 -7.89 21.50 29.65
CA PRO A 199 -8.34 21.55 28.26
C PRO A 199 -7.49 22.27 27.23
N ILE A 200 -6.30 22.73 27.62
CA ILE A 200 -5.44 23.46 26.69
C ILE A 200 -4.83 22.42 25.75
N THR A 201 -5.59 22.08 24.71
CA THR A 201 -5.18 21.09 23.73
C THR A 201 -5.85 21.47 22.39
N PRO A 202 -5.19 21.18 21.27
CA PRO A 202 -5.70 21.50 19.93
C PRO A 202 -7.18 21.26 19.66
N ILE A 203 -7.68 20.08 20.01
CA ILE A 203 -9.10 19.79 19.78
C ILE A 203 -10.05 20.74 20.52
N VAL A 204 -9.72 21.14 21.75
CA VAL A 204 -10.60 22.03 22.51
C VAL A 204 -10.53 23.45 21.98
N VAL A 205 -9.33 23.90 21.64
CA VAL A 205 -9.15 25.24 21.10
C VAL A 205 -9.86 25.32 19.75
N ALA A 206 -9.69 24.27 18.94
CA ALA A 206 -10.34 24.27 17.64
C ALA A 206 -11.86 24.24 17.77
N CYS A 207 -12.40 23.56 18.78
CA CYS A 207 -13.85 23.54 18.87
C CYS A 207 -14.41 24.90 19.37
N PHE A 208 -13.61 25.65 20.11
CA PHE A 208 -14.08 26.95 20.59
C PHE A 208 -13.91 28.01 19.50
N ASP A 209 -12.92 27.81 18.63
CA ASP A 209 -12.71 28.74 17.52
C ASP A 209 -13.86 28.60 16.53
N ALA A 210 -14.31 27.36 16.34
CA ALA A 210 -15.40 27.08 15.40
C ALA A 210 -16.65 27.93 15.65
N ILE A 211 -16.96 28.16 16.92
CA ILE A 211 -18.11 28.96 17.33
C ILE A 211 -17.67 30.34 17.81
N ARG A 212 -16.38 30.61 17.68
CA ARG A 212 -15.78 31.87 18.08
C ARG A 212 -16.16 32.28 19.51
N ALA A 213 -16.12 31.29 20.41
CA ALA A 213 -16.45 31.53 21.81
C ALA A 213 -15.29 32.17 22.56
N THR A 214 -14.08 31.92 22.09
CA THR A 214 -12.88 32.45 22.72
C THR A 214 -12.36 33.73 22.05
N THR A 215 -11.64 34.55 22.80
CA THR A 215 -11.12 35.81 22.28
C THR A 215 -10.09 35.65 21.17
N ALA A 216 -10.15 36.53 20.17
CA ALA A 216 -9.20 36.49 19.05
C ALA A 216 -8.11 37.53 19.27
N ARG A 217 -8.07 38.10 20.46
CA ARG A 217 -7.08 39.11 20.80
C ARG A 217 -5.78 38.41 21.18
N ASN A 218 -4.95 38.10 20.19
CA ASN A 218 -3.68 37.40 20.43
C ASN A 218 -2.48 38.32 20.59
N ASP A 219 -2.66 39.60 20.28
CA ASP A 219 -1.58 40.58 20.36
C ASP A 219 -1.30 41.08 21.77
N ASP A 220 -2.28 40.92 22.64
CA ASP A 220 -2.13 41.37 24.02
C ASP A 220 -2.75 40.34 24.97
N PRO A 221 -2.08 39.20 25.13
CA PRO A 221 -2.51 38.08 25.99
C PRO A 221 -2.84 38.48 27.42
N GLU A 222 -1.99 39.32 28.01
CA GLU A 222 -2.20 39.76 29.39
C GLU A 222 -3.53 40.45 29.67
N HIS A 223 -4.17 40.97 28.62
CA HIS A 223 -5.44 41.67 28.80
C HIS A 223 -6.53 41.08 27.95
N ALA A 224 -6.32 39.86 27.51
CA ALA A 224 -7.27 39.19 26.64
C ALA A 224 -8.61 38.91 27.32
N SER A 225 -8.60 38.56 28.60
CA SER A 225 -9.86 38.29 29.28
C SER A 225 -10.43 39.59 29.86
N ARG A 226 -11.58 40.01 29.35
CA ARG A 226 -12.18 41.25 29.83
C ARG A 226 -13.68 41.15 30.00
N PRO A 227 -14.12 40.40 31.03
CA PRO A 227 -15.56 40.27 31.27
C PRO A 227 -16.22 41.61 31.59
N PHE A 228 -17.47 41.73 31.16
CA PHE A 228 -18.29 42.93 31.34
C PHE A 228 -17.77 44.15 30.57
N ASP A 229 -16.59 44.03 29.98
CA ASP A 229 -16.01 45.14 29.24
C ASP A 229 -16.71 45.33 27.90
N GLY A 230 -16.75 46.59 27.46
CA GLY A 230 -17.41 46.90 26.21
C GLY A 230 -16.72 46.36 24.98
N THR A 231 -15.43 46.07 25.07
CA THR A 231 -14.68 45.56 23.93
C THR A 231 -14.45 44.05 23.98
N ARG A 232 -15.09 43.37 24.92
CA ARG A 232 -14.90 41.92 25.06
C ARG A 232 -15.31 41.17 23.79
N ASP A 233 -14.57 40.11 23.49
CA ASP A 233 -14.82 39.29 22.30
C ASP A 233 -14.66 37.80 22.56
N GLY A 234 -14.96 37.35 23.78
CA GLY A 234 -14.86 35.92 24.09
C GLY A 234 -14.01 35.62 25.30
N PHE A 235 -14.16 34.41 25.84
CA PHE A 235 -13.39 34.04 27.01
C PHE A 235 -11.98 33.57 26.65
N VAL A 236 -11.14 33.39 27.66
CA VAL A 236 -9.78 32.92 27.45
C VAL A 236 -9.68 31.51 28.04
N LEU A 237 -9.31 30.53 27.20
CA LEU A 237 -9.21 29.13 27.64
C LEU A 237 -8.16 28.95 28.72
N ALA A 238 -8.52 28.22 29.77
CA ALA A 238 -7.62 28.00 30.90
C ALA A 238 -7.72 26.59 31.51
N GLU A 239 -6.72 26.25 32.31
CA GLU A 239 -6.68 24.97 33.01
C GLU A 239 -6.70 25.29 34.50
N GLY A 240 -6.85 24.27 35.34
CA GLY A 240 -6.85 24.51 36.77
C GLY A 240 -7.62 23.50 37.59
N ALA A 241 -7.51 23.61 38.91
CA ALA A 241 -8.22 22.69 39.78
C ALA A 241 -8.31 23.21 41.19
N ALA A 242 -9.30 22.73 41.93
CA ALA A 242 -9.45 23.12 43.32
C ALA A 242 -10.21 22.01 44.03
N MET A 243 -9.87 21.77 45.30
CA MET A 243 -10.53 20.72 46.05
C MET A 243 -10.83 21.20 47.48
N PHE A 244 -11.93 20.73 48.04
CA PHE A 244 -12.30 21.12 49.39
C PHE A 244 -12.64 19.94 50.27
N VAL A 245 -12.45 20.12 51.57
CA VAL A 245 -12.82 19.09 52.52
C VAL A 245 -14.14 19.58 53.11
N LEU A 246 -15.18 18.77 52.95
CA LEU A 246 -16.49 19.12 53.49
C LEU A 246 -16.88 18.13 54.56
N GLU A 247 -17.56 18.60 55.60
CA GLU A 247 -18.00 17.71 56.68
C GLU A 247 -19.20 18.25 57.45
N ASP A 248 -19.75 17.40 58.31
CA ASP A 248 -20.89 17.73 59.16
C ASP A 248 -20.53 18.93 60.01
N TYR A 249 -21.45 19.89 60.10
CA TYR A 249 -21.20 21.09 60.89
C TYR A 249 -20.85 20.82 62.36
N ASP A 250 -21.70 20.06 63.05
CA ASP A 250 -21.46 19.75 64.46
C ASP A 250 -20.14 19.03 64.64
N SER A 251 -19.89 18.07 63.76
CA SER A 251 -18.66 17.28 63.81
C SER A 251 -17.41 18.14 63.65
N ALA A 252 -17.45 19.10 62.73
CA ALA A 252 -16.30 19.97 62.51
C ALA A 252 -16.07 20.84 63.75
N LEU A 253 -17.17 21.30 64.33
CA LEU A 253 -17.10 22.12 65.55
C LEU A 253 -16.56 21.26 66.67
N ALA A 254 -17.14 20.08 66.82
CA ALA A 254 -16.74 19.14 67.86
C ALA A 254 -15.24 18.83 67.83
N ARG A 255 -14.68 18.62 66.64
CA ARG A 255 -13.27 18.30 66.55
C ARG A 255 -12.37 19.53 66.62
N GLY A 256 -13.00 20.70 66.69
CA GLY A 256 -12.25 21.94 66.76
C GLY A 256 -11.59 22.29 65.44
N ALA A 257 -12.27 22.00 64.34
CA ALA A 257 -11.72 22.30 63.02
C ALA A 257 -11.91 23.77 62.65
N ARG A 258 -11.17 24.22 61.66
CA ARG A 258 -11.28 25.58 61.19
C ARG A 258 -12.40 25.60 60.17
N ILE A 259 -13.44 26.38 60.43
CA ILE A 259 -14.57 26.46 59.51
C ILE A 259 -14.38 27.60 58.52
N HIS A 260 -13.79 27.29 57.38
CA HIS A 260 -13.53 28.28 56.34
C HIS A 260 -14.81 28.93 55.86
N ALA A 261 -15.90 28.18 55.87
CA ALA A 261 -17.16 28.70 55.42
C ALA A 261 -18.22 27.63 55.48
N GLU A 262 -19.48 28.07 55.49
CA GLU A 262 -20.60 27.15 55.51
C GLU A 262 -21.30 27.29 54.18
N ILE A 263 -21.61 26.17 53.53
CA ILE A 263 -22.32 26.23 52.27
C ILE A 263 -23.78 26.17 52.68
N SER A 264 -24.35 27.34 52.91
CA SER A 264 -25.73 27.45 53.35
C SER A 264 -26.77 27.28 52.25
N GLY A 265 -26.36 27.33 51.01
CA GLY A 265 -27.32 27.17 49.93
C GLY A 265 -26.70 26.81 48.59
N TYR A 266 -27.44 26.07 47.79
CA TYR A 266 -26.99 25.63 46.49
C TYR A 266 -28.21 25.24 45.68
N ALA A 267 -28.20 25.58 44.39
CA ALA A 267 -29.30 25.21 43.52
C ALA A 267 -28.84 25.31 42.07
N THR A 268 -29.58 24.63 41.20
CA THR A 268 -29.27 24.62 39.78
C THR A 268 -30.55 24.42 39.01
N ARG A 269 -30.61 25.04 37.84
CA ARG A 269 -31.79 24.98 36.99
C ARG A 269 -31.27 25.01 35.55
N CYS A 270 -32.14 24.76 34.59
CA CYS A 270 -31.71 24.75 33.20
C CYS A 270 -32.42 25.76 32.31
N ASN A 271 -31.77 26.06 31.19
CA ASN A 271 -32.28 27.00 30.19
C ASN A 271 -33.43 26.43 29.40
N ALA A 272 -33.23 25.20 28.93
CA ALA A 272 -34.19 24.52 28.09
C ALA A 272 -34.34 25.41 26.85
N TYR A 273 -33.30 26.21 26.61
CA TYR A 273 -33.26 27.13 25.48
C TYR A 273 -32.30 26.69 24.37
N HIS A 274 -31.00 26.64 24.65
CA HIS A 274 -30.02 26.28 23.62
C HIS A 274 -28.74 25.68 24.20
N MET A 275 -28.12 24.74 23.49
CA MET A 275 -26.90 24.10 24.01
C MET A 275 -25.73 25.04 24.33
N THR A 276 -25.64 26.19 23.65
CA THR A 276 -24.56 27.13 23.94
C THR A 276 -25.06 28.58 24.06
N GLY A 277 -26.22 28.86 23.46
CA GLY A 277 -26.76 30.20 23.50
C GLY A 277 -27.46 30.55 24.80
N LEU A 278 -27.63 31.86 25.03
CA LEU A 278 -28.29 32.35 26.24
C LEU A 278 -29.28 33.46 25.95
N LYS A 279 -30.38 33.50 26.68
CA LYS A 279 -31.38 34.55 26.51
C LYS A 279 -30.91 35.75 27.33
N ALA A 280 -31.27 36.94 26.88
CA ALA A 280 -30.86 38.17 27.57
C ALA A 280 -31.52 38.34 28.94
N ASP A 281 -32.73 37.82 29.09
CA ASP A 281 -33.50 37.93 30.34
C ASP A 281 -32.85 37.32 31.58
N GLY A 282 -32.14 36.20 31.42
CA GLY A 282 -31.52 35.57 32.57
C GLY A 282 -32.57 35.06 33.55
N ARG A 283 -33.69 34.59 33.02
CA ARG A 283 -34.80 34.08 33.82
C ARG A 283 -34.44 32.90 34.73
N GLU A 284 -33.89 31.85 34.12
CA GLU A 284 -33.50 30.64 34.83
C GLU A 284 -32.45 30.87 35.91
N MET A 285 -31.43 31.65 35.58
CA MET A 285 -30.41 31.91 36.57
C MET A 285 -30.98 32.71 37.74
N ALA A 286 -31.89 33.63 37.44
CA ALA A 286 -32.51 34.42 38.51
C ALA A 286 -33.18 33.46 39.49
N GLU A 287 -34.01 32.57 38.96
CA GLU A 287 -34.70 31.58 39.78
C GLU A 287 -33.70 30.76 40.60
N THR A 288 -32.56 30.41 39.99
CA THR A 288 -31.55 29.62 40.69
C THR A 288 -31.02 30.39 41.88
N ILE A 289 -30.72 31.67 41.68
CA ILE A 289 -30.24 32.50 42.76
C ILE A 289 -31.33 32.59 43.84
N ARG A 290 -32.58 32.74 43.41
CA ARG A 290 -33.70 32.85 44.35
C ARG A 290 -33.76 31.61 45.24
N VAL A 291 -33.74 30.44 44.62
CA VAL A 291 -33.81 29.17 45.32
C VAL A 291 -32.62 28.99 46.27
N ALA A 292 -31.41 29.29 45.79
CA ALA A 292 -30.23 29.14 46.63
C ALA A 292 -30.35 30.02 47.88
N LEU A 293 -30.82 31.24 47.68
CA LEU A 293 -30.99 32.19 48.77
C LEU A 293 -32.06 31.68 49.73
N ASP A 294 -33.09 31.06 49.17
CA ASP A 294 -34.20 30.52 49.93
C ASP A 294 -33.74 29.40 50.87
N GLU A 295 -32.90 28.50 50.36
CA GLU A 295 -32.40 27.41 51.18
C GLU A 295 -31.53 28.03 52.28
N SER A 296 -30.64 28.92 51.89
CA SER A 296 -29.73 29.60 52.79
C SER A 296 -30.44 30.43 53.87
N ARG A 297 -31.72 30.74 53.62
CA ARG A 297 -32.51 31.53 54.57
C ARG A 297 -32.01 32.97 54.64
N THR A 298 -30.99 33.29 53.84
CA THR A 298 -30.41 34.64 53.82
C THR A 298 -31.09 35.56 52.80
N ASP A 299 -31.45 36.76 53.25
CA ASP A 299 -32.09 37.75 52.38
C ASP A 299 -31.10 38.25 51.36
N ALA A 300 -31.61 38.67 50.21
CA ALA A 300 -30.75 39.17 49.15
C ALA A 300 -29.84 40.27 49.68
N THR A 301 -30.40 41.15 50.50
CA THR A 301 -29.63 42.26 51.07
C THR A 301 -28.45 41.82 51.95
N ASP A 302 -28.39 40.53 52.27
CA ASP A 302 -27.29 40.02 53.09
C ASP A 302 -26.04 39.75 52.26
N ILE A 303 -26.22 39.54 50.96
CA ILE A 303 -25.11 39.27 50.07
C ILE A 303 -24.15 40.46 50.06
N ASP A 304 -22.91 40.21 50.44
CA ASP A 304 -21.87 41.23 50.52
C ASP A 304 -20.96 41.27 49.29
N TYR A 305 -21.07 40.25 48.45
CA TYR A 305 -20.26 40.14 47.25
C TYR A 305 -20.82 39.04 46.36
N ILE A 306 -20.62 39.20 45.06
CA ILE A 306 -21.09 38.23 44.10
C ILE A 306 -19.97 37.83 43.17
N ASN A 307 -19.54 36.59 43.26
CA ASN A 307 -18.50 36.11 42.36
C ASN A 307 -19.23 35.66 41.12
N ALA A 308 -19.21 36.50 40.10
CA ALA A 308 -19.91 36.22 38.85
C ALA A 308 -19.36 35.08 38.00
N HIS A 309 -20.08 34.77 36.94
CA HIS A 309 -19.59 33.76 36.03
C HIS A 309 -18.56 34.58 35.23
N GLY A 310 -19.03 35.62 34.54
CA GLY A 310 -18.14 36.50 33.79
C GLY A 310 -17.11 35.88 32.87
N SER A 311 -17.58 35.10 31.90
CA SER A 311 -16.71 34.44 30.95
C SER A 311 -16.00 35.42 30.02
N GLY A 312 -16.68 36.52 29.71
CA GLY A 312 -16.07 37.51 28.83
C GLY A 312 -16.68 37.48 27.44
N THR A 313 -17.71 36.66 27.24
CA THR A 313 -18.36 36.61 25.94
C THR A 313 -19.50 37.63 25.95
N ARG A 314 -19.86 38.11 24.77
CA ARG A 314 -20.91 39.11 24.66
C ARG A 314 -22.20 38.70 25.38
N GLN A 315 -22.74 37.53 25.02
CA GLN A 315 -23.98 37.04 25.61
C GLN A 315 -23.94 36.74 27.10
N ASN A 316 -22.87 36.12 27.55
CA ASN A 316 -22.81 35.77 28.96
C ASN A 316 -22.91 36.92 29.96
N ASP A 317 -21.93 37.83 29.91
CA ASP A 317 -21.87 38.94 30.84
C ASP A 317 -23.16 39.72 30.91
N ARG A 318 -23.76 39.97 29.76
CA ARG A 318 -25.01 40.70 29.69
C ARG A 318 -26.11 39.83 30.29
N HIS A 319 -25.97 38.52 30.10
CA HIS A 319 -26.94 37.56 30.60
C HIS A 319 -27.11 37.57 32.12
N GLU A 320 -26.00 37.37 32.84
CA GLU A 320 -26.10 37.34 34.28
C GLU A 320 -26.47 38.71 34.87
N THR A 321 -25.98 39.79 34.27
CA THR A 321 -26.33 41.12 34.78
C THR A 321 -27.86 41.20 34.91
N ALA A 322 -28.56 40.72 33.89
CA ALA A 322 -30.02 40.73 33.91
C ALA A 322 -30.54 39.81 35.03
N ALA A 323 -29.89 38.67 35.22
CA ALA A 323 -30.32 37.72 36.25
C ALA A 323 -30.19 38.28 37.66
N TYR A 324 -29.14 39.08 37.90
CA TYR A 324 -28.91 39.68 39.21
C TYR A 324 -29.98 40.70 39.56
N LYS A 325 -30.26 41.61 38.63
CA LYS A 325 -31.25 42.65 38.83
C LYS A 325 -32.62 42.02 38.99
N ARG A 326 -32.78 40.84 38.42
CA ARG A 326 -34.05 40.12 38.49
C ARG A 326 -34.24 39.41 39.82
N ALA A 327 -33.15 38.95 40.41
CA ALA A 327 -33.21 38.22 41.67
C ALA A 327 -32.95 39.07 42.90
N LEU A 328 -31.98 39.98 42.79
CA LEU A 328 -31.60 40.84 43.89
C LEU A 328 -32.28 42.20 43.87
N GLY A 329 -32.99 42.49 42.79
CA GLY A 329 -33.67 43.76 42.68
C GLY A 329 -32.70 44.92 42.82
N GLU A 330 -33.05 45.87 43.67
CA GLU A 330 -32.21 47.05 43.87
C GLU A 330 -30.86 46.72 44.49
N HIS A 331 -30.83 45.68 45.33
CA HIS A 331 -29.60 45.26 46.00
C HIS A 331 -28.51 44.90 44.98
N ALA A 332 -28.93 44.48 43.79
CA ALA A 332 -27.98 44.11 42.73
C ALA A 332 -27.05 45.28 42.39
N ARG A 333 -27.58 46.49 42.45
CA ARG A 333 -26.82 47.69 42.11
C ARG A 333 -25.90 48.16 43.23
N ARG A 334 -26.13 47.67 44.44
CA ARG A 334 -25.31 48.06 45.59
C ARG A 334 -24.61 46.86 46.25
N THR A 335 -24.08 45.98 45.41
CA THR A 335 -23.35 44.80 45.85
C THR A 335 -22.21 44.60 44.83
N PRO A 336 -20.98 44.42 45.31
CA PRO A 336 -19.80 44.22 44.46
C PRO A 336 -19.93 42.92 43.67
N VAL A 337 -19.56 42.96 42.39
CA VAL A 337 -19.60 41.79 41.51
C VAL A 337 -18.29 41.76 40.76
N SER A 338 -17.69 40.59 40.58
CA SER A 338 -16.44 40.49 39.82
C SER A 338 -16.16 39.06 39.33
N SER A 339 -15.42 38.97 38.22
CA SER A 339 -15.07 37.70 37.59
C SER A 339 -13.57 37.40 37.70
N ILE A 340 -13.22 36.34 38.41
CA ILE A 340 -11.80 36.00 38.52
C ILE A 340 -11.27 35.50 37.18
N LYS A 341 -12.18 35.16 36.27
CA LYS A 341 -11.78 34.67 34.94
C LYS A 341 -10.98 35.74 34.21
N SER A 342 -11.12 36.98 34.65
CA SER A 342 -10.39 38.10 34.03
C SER A 342 -8.91 37.92 34.30
N MET A 343 -8.59 37.18 35.36
CA MET A 343 -7.18 36.92 35.73
C MET A 343 -6.72 35.47 35.54
N VAL A 344 -7.58 34.49 35.83
CA VAL A 344 -7.20 33.08 35.69
C VAL A 344 -7.79 32.39 34.47
N GLY A 345 -8.59 33.13 33.72
CA GLY A 345 -9.20 32.55 32.54
C GLY A 345 -10.37 31.65 32.89
N HIS A 346 -10.90 31.01 31.86
CA HIS A 346 -12.03 30.14 32.01
C HIS A 346 -11.59 28.68 31.93
N SER A 347 -11.43 28.04 33.08
CA SER A 347 -11.02 26.65 33.09
C SER A 347 -12.22 25.68 33.02
N LEU A 348 -13.29 26.14 32.38
CA LEU A 348 -14.47 25.31 32.16
C LEU A 348 -15.13 24.61 33.36
N GLY A 349 -14.90 23.31 33.52
CA GLY A 349 -15.51 22.61 34.64
C GLY A 349 -14.79 22.89 35.94
N ALA A 350 -13.54 23.30 35.85
CA ALA A 350 -12.75 23.58 37.04
C ALA A 350 -13.05 24.95 37.65
N ILE A 351 -13.32 25.94 36.82
CA ILE A 351 -13.54 27.30 37.30
C ILE A 351 -14.49 27.48 38.50
N GLY A 352 -15.64 26.81 38.49
CA GLY A 352 -16.57 26.93 39.62
C GLY A 352 -15.92 26.62 40.97
N SER A 353 -15.03 25.63 41.01
CA SER A 353 -14.37 25.27 42.25
C SER A 353 -13.36 26.34 42.64
N LEU A 354 -12.63 26.85 41.65
CA LEU A 354 -11.67 27.90 41.92
C LEU A 354 -12.42 29.12 42.46
N GLU A 355 -13.62 29.37 41.93
CA GLU A 355 -14.42 30.49 42.38
C GLU A 355 -14.88 30.29 43.83
N ILE A 356 -15.23 29.05 44.19
CA ILE A 356 -15.65 28.78 45.56
C ILE A 356 -14.45 29.05 46.45
N ALA A 357 -13.29 28.54 46.05
CA ALA A 357 -12.07 28.76 46.84
C ALA A 357 -11.83 30.27 47.00
N ALA A 358 -12.06 31.02 45.93
CA ALA A 358 -11.85 32.47 45.98
C ALA A 358 -12.81 33.14 46.97
N CYS A 359 -14.06 32.70 46.98
CA CYS A 359 -15.02 33.26 47.91
C CYS A 359 -14.62 32.93 49.34
N VAL A 360 -14.17 31.71 49.59
CA VAL A 360 -13.77 31.34 50.94
C VAL A 360 -12.62 32.23 51.40
N LEU A 361 -11.67 32.46 50.50
CA LEU A 361 -10.52 33.31 50.81
C LEU A 361 -10.95 34.76 51.00
N ALA A 362 -11.98 35.18 50.29
CA ALA A 362 -12.43 36.55 50.42
C ALA A 362 -13.09 36.70 51.78
N LEU A 363 -13.97 35.76 52.11
CA LEU A 363 -14.67 35.75 53.38
C LEU A 363 -13.73 35.89 54.56
N GLU A 364 -12.53 35.34 54.42
CA GLU A 364 -11.53 35.38 55.48
C GLU A 364 -10.74 36.69 55.49
N HIS A 365 -10.13 37.02 54.35
CA HIS A 365 -9.32 38.22 54.26
C HIS A 365 -10.06 39.52 54.04
N GLY A 366 -11.37 39.45 53.79
CA GLY A 366 -12.14 40.67 53.59
C GLY A 366 -11.67 41.57 52.45
N VAL A 367 -11.36 40.97 51.31
CA VAL A 367 -10.93 41.73 50.14
C VAL A 367 -11.66 41.14 48.93
N VAL A 368 -12.31 42.00 48.16
CA VAL A 368 -13.05 41.57 46.97
C VAL A 368 -12.11 41.64 45.77
N PRO A 369 -11.89 40.50 45.08
CA PRO A 369 -11.01 40.51 43.92
C PRO A 369 -11.61 41.34 42.80
N PRO A 370 -10.78 42.10 42.06
CA PRO A 370 -11.26 42.92 40.97
C PRO A 370 -11.47 42.19 39.66
N THR A 371 -12.15 42.85 38.74
CA THR A 371 -12.35 42.30 37.40
C THR A 371 -11.28 43.06 36.64
N ALA A 372 -10.20 42.39 36.29
CA ALA A 372 -9.11 43.03 35.56
C ALA A 372 -9.55 43.36 34.14
N ASN A 373 -8.79 44.24 33.50
CA ASN A 373 -9.02 44.65 32.11
C ASN A 373 -10.33 45.36 31.85
N LEU A 374 -11.10 45.64 32.89
CA LEU A 374 -12.37 46.32 32.73
C LEU A 374 -12.13 47.83 32.59
N ARG A 375 -11.99 48.29 31.35
CA ARG A 375 -11.73 49.70 31.07
C ARG A 375 -12.81 50.44 30.31
N THR A 376 -13.45 49.78 29.36
CA THR A 376 -14.53 50.43 28.61
C THR A 376 -15.84 49.85 29.13
N SER A 377 -16.74 50.73 29.55
CA SER A 377 -18.02 50.28 30.10
C SER A 377 -19.04 49.90 29.03
N ASP A 378 -19.86 48.90 29.35
CA ASP A 378 -20.90 48.43 28.45
C ASP A 378 -22.28 48.71 29.06
N PRO A 379 -23.12 49.47 28.35
CA PRO A 379 -24.46 49.83 28.80
C PRO A 379 -25.31 48.65 29.26
N GLU A 380 -25.15 47.51 28.60
CA GLU A 380 -25.90 46.31 28.96
C GLU A 380 -25.42 45.69 30.26
N CYS A 381 -24.18 46.00 30.63
CA CYS A 381 -23.58 45.53 31.88
C CYS A 381 -23.29 46.80 32.68
N ASP A 382 -24.36 47.34 33.29
CA ASP A 382 -24.28 48.59 34.05
C ASP A 382 -24.21 48.46 35.57
N LEU A 383 -23.71 47.32 36.06
CA LEU A 383 -23.59 47.15 37.50
C LEU A 383 -22.17 47.50 37.92
N ASP A 384 -21.83 47.19 39.17
CA ASP A 384 -20.50 47.47 39.70
C ASP A 384 -19.66 46.19 39.67
N TYR A 385 -18.68 46.14 38.76
CA TYR A 385 -17.82 44.97 38.63
C TYR A 385 -16.42 45.10 39.23
N VAL A 386 -16.26 46.02 40.18
CA VAL A 386 -14.97 46.24 40.84
C VAL A 386 -13.82 46.16 39.84
N PRO A 387 -13.73 47.14 38.93
CA PRO A 387 -12.67 47.14 37.93
C PRO A 387 -11.26 47.41 38.39
N LEU A 388 -10.31 46.71 37.75
CA LEU A 388 -8.89 46.88 37.99
C LEU A 388 -8.27 46.64 39.35
N GLU A 389 -8.74 47.38 40.36
CA GLU A 389 -8.17 47.26 41.70
C GLU A 389 -9.07 46.56 42.71
N ALA A 390 -8.45 45.78 43.59
CA ALA A 390 -9.17 45.04 44.62
C ALA A 390 -9.90 46.04 45.53
N ARG A 391 -10.89 45.57 46.29
CA ARG A 391 -11.64 46.45 47.17
C ARG A 391 -11.79 45.90 48.58
N GLU A 392 -11.40 46.70 49.57
CA GLU A 392 -11.50 46.30 50.96
C GLU A 392 -12.99 46.25 51.31
N ARG A 393 -13.42 45.18 51.97
CA ARG A 393 -14.83 45.05 52.31
C ARG A 393 -15.04 43.88 53.26
N LYS A 394 -15.91 44.09 54.25
CA LYS A 394 -16.22 43.04 55.21
C LYS A 394 -17.22 42.09 54.56
N LEU A 395 -16.82 40.85 54.35
CA LEU A 395 -17.72 39.89 53.74
C LEU A 395 -18.18 38.86 54.77
N ARG A 396 -19.48 38.64 54.83
CA ARG A 396 -20.04 37.66 55.75
C ARG A 396 -20.81 36.61 54.98
N SER A 397 -21.54 37.05 53.97
CA SER A 397 -22.32 36.14 53.13
C SER A 397 -22.03 36.51 51.68
N VAL A 398 -21.64 35.51 50.89
CA VAL A 398 -21.33 35.74 49.49
C VAL A 398 -22.09 34.80 48.57
N LEU A 399 -22.24 35.22 47.32
CA LEU A 399 -22.93 34.43 46.31
C LEU A 399 -21.98 34.18 45.15
N THR A 400 -22.10 33.00 44.56
CA THR A 400 -21.27 32.66 43.41
C THR A 400 -22.17 31.86 42.48
N VAL A 401 -22.09 32.16 41.19
CA VAL A 401 -22.90 31.47 40.19
C VAL A 401 -22.06 31.11 38.97
N GLY A 402 -22.65 30.26 38.14
CA GLY A 402 -21.99 29.82 36.93
C GLY A 402 -22.99 29.35 35.89
N SER A 403 -22.59 29.42 34.62
CA SER A 403 -23.43 28.99 33.52
C SER A 403 -22.60 28.08 32.63
N GLY A 404 -23.23 27.04 32.08
CA GLY A 404 -22.49 26.12 31.22
C GLY A 404 -23.29 25.56 30.06
N PHE A 405 -22.57 25.11 29.03
CA PHE A 405 -23.20 24.54 27.85
C PHE A 405 -24.18 23.45 28.32
N GLY A 406 -25.33 23.42 27.67
CA GLY A 406 -26.36 22.48 28.05
C GLY A 406 -27.53 23.21 28.70
N GLY A 407 -27.31 24.46 29.10
CA GLY A 407 -28.35 25.25 29.72
C GLY A 407 -28.30 25.35 31.23
N PHE A 408 -27.36 24.62 31.83
CA PHE A 408 -27.17 24.59 33.28
C PHE A 408 -26.92 25.99 33.87
N GLN A 409 -27.59 26.29 34.98
CA GLN A 409 -27.40 27.54 35.71
C GLN A 409 -27.31 27.12 37.19
N SER A 410 -26.19 27.42 37.85
CA SER A 410 -26.04 27.06 39.25
C SER A 410 -25.63 28.24 40.12
N ALA A 411 -26.00 28.18 41.39
CA ALA A 411 -25.67 29.23 42.33
C ALA A 411 -25.46 28.63 43.72
N MET A 412 -24.50 29.18 44.44
CA MET A 412 -24.14 28.71 45.77
C MET A 412 -23.95 29.91 46.71
N VAL A 413 -24.36 29.74 47.97
CA VAL A 413 -24.20 30.79 48.98
C VAL A 413 -23.21 30.31 50.03
N LEU A 414 -22.18 31.11 50.27
CA LEU A 414 -21.14 30.81 51.25
C LEU A 414 -21.07 31.89 52.32
N ARG A 415 -21.05 31.48 53.58
CA ARG A 415 -20.99 32.44 54.68
C ARG A 415 -19.89 32.03 55.65
N ASP A 416 -19.32 32.98 56.37
CA ASP A 416 -18.26 32.67 57.32
C ASP A 416 -18.75 31.97 58.60
N ALA A 417 -17.81 31.51 59.42
CA ALA A 417 -18.15 30.82 60.65
C ALA A 417 -18.96 31.72 61.58
N GLU A 418 -18.50 32.96 61.75
CA GLU A 418 -19.17 33.94 62.59
C GLU A 418 -20.67 33.98 62.26
N THR A 419 -20.98 34.17 60.98
CA THR A 419 -22.36 34.24 60.50
C THR A 419 -23.10 32.92 60.66
N ALA A 420 -22.38 31.81 60.48
CA ALA A 420 -22.99 30.48 60.62
C ALA A 420 -23.42 30.25 62.06
N GLY A 421 -22.52 30.54 62.99
CA GLY A 421 -22.83 30.35 64.40
C GLY A 421 -24.00 31.19 64.88
N ALA A 422 -24.29 32.26 64.14
CA ALA A 422 -25.40 33.14 64.48
C ALA A 422 -26.66 32.73 63.75
N ALA A 423 -26.53 31.81 62.79
CA ALA A 423 -27.68 31.34 62.01
C ALA A 423 -28.79 30.79 62.89
N SER B 10 -42.34 8.88 48.27
CA SER B 10 -42.38 7.68 47.40
C SER B 10 -42.16 8.04 45.92
N VAL B 11 -41.12 7.46 45.32
CA VAL B 11 -40.80 7.74 43.92
C VAL B 11 -41.20 6.58 43.02
N LEU B 12 -42.04 6.84 42.03
CA LEU B 12 -42.49 5.79 41.13
C LEU B 12 -41.89 5.91 39.74
N ILE B 13 -41.86 4.78 39.03
CA ILE B 13 -41.37 4.71 37.67
C ILE B 13 -42.66 4.65 36.85
N THR B 14 -43.03 5.74 36.21
CA THR B 14 -44.28 5.79 35.45
C THR B 14 -44.12 5.55 33.95
N GLY B 15 -42.94 5.80 33.42
CA GLY B 15 -42.72 5.60 32.01
C GLY B 15 -41.33 5.12 31.69
N VAL B 16 -41.21 4.21 30.73
CA VAL B 16 -39.89 3.71 30.36
C VAL B 16 -39.67 3.77 28.85
N GLY B 17 -38.40 3.91 28.46
CA GLY B 17 -38.06 3.98 27.06
C GLY B 17 -36.80 3.16 26.84
N VAL B 18 -36.88 2.10 26.04
CA VAL B 18 -35.70 1.28 25.85
C VAL B 18 -35.18 1.21 24.42
N VAL B 19 -33.86 1.32 24.31
CA VAL B 19 -33.18 1.22 23.03
C VAL B 19 -32.08 0.18 23.25
N ALA B 20 -32.34 -1.05 22.83
CA ALA B 20 -31.40 -2.14 23.03
C ALA B 20 -31.02 -2.94 21.79
N PRO B 21 -29.83 -3.56 21.80
CA PRO B 21 -29.36 -4.35 20.66
C PRO B 21 -30.32 -5.47 20.24
N ASN B 22 -31.18 -5.91 21.17
CA ASN B 22 -32.13 -6.97 20.83
C ASN B 22 -33.57 -6.46 20.79
N GLY B 23 -33.74 -5.13 20.71
CA GLY B 23 -35.08 -4.58 20.66
C GLY B 23 -35.22 -3.08 20.78
N LEU B 24 -35.68 -2.44 19.71
CA LEU B 24 -35.89 -0.99 19.70
C LEU B 24 -37.27 -0.73 20.27
N GLY B 25 -37.32 -0.49 21.57
CA GLY B 25 -38.60 -0.24 22.21
C GLY B 25 -38.85 -1.35 23.22
N LEU B 26 -39.56 -1.00 24.29
CA LEU B 26 -39.88 -1.94 25.35
C LEU B 26 -40.44 -3.28 24.89
N ALA B 27 -41.52 -3.26 24.11
CA ALA B 27 -42.14 -4.51 23.68
C ALA B 27 -41.17 -5.47 23.00
N PRO B 28 -40.47 -5.02 21.95
CA PRO B 28 -39.53 -5.88 21.25
C PRO B 28 -38.45 -6.40 22.20
N TYR B 29 -37.97 -5.52 23.06
CA TYR B 29 -36.94 -5.87 24.02
C TYR B 29 -37.41 -6.97 24.98
N TRP B 30 -38.50 -6.70 25.69
CA TRP B 30 -39.06 -7.67 26.64
C TRP B 30 -39.35 -9.00 25.98
N SER B 31 -39.75 -8.97 24.72
CA SER B 31 -40.03 -10.19 24.00
C SER B 31 -38.77 -11.00 23.78
N ALA B 32 -37.68 -10.32 23.40
CA ALA B 32 -36.41 -11.00 23.15
C ALA B 32 -35.80 -11.57 24.43
N VAL B 33 -35.94 -10.81 25.51
CA VAL B 33 -35.41 -11.23 26.82
C VAL B 33 -36.05 -12.50 27.34
N LEU B 34 -37.38 -12.56 27.31
CA LEU B 34 -38.08 -13.74 27.79
C LEU B 34 -37.82 -14.94 26.90
N ASP B 35 -37.51 -14.68 25.64
CA ASP B 35 -37.25 -15.74 24.70
C ASP B 35 -35.78 -16.09 24.58
N GLY B 36 -34.94 -15.38 25.33
CA GLY B 36 -33.52 -15.63 25.27
C GLY B 36 -32.82 -15.14 24.02
N ARG B 37 -33.50 -14.37 23.17
CA ARG B 37 -32.88 -13.84 21.94
C ARG B 37 -31.93 -12.69 22.26
N HIS B 38 -30.68 -12.83 21.84
CA HIS B 38 -29.71 -11.77 22.09
C HIS B 38 -29.50 -10.96 20.82
N GLY B 39 -28.95 -9.76 20.96
CA GLY B 39 -28.71 -8.93 19.80
C GLY B 39 -27.22 -8.81 19.56
N LEU B 40 -26.48 -9.88 19.85
CA LEU B 40 -25.04 -9.89 19.69
C LEU B 40 -24.58 -10.38 18.31
N GLY B 41 -23.40 -9.94 17.90
CA GLY B 41 -22.91 -10.34 16.60
C GLY B 41 -21.68 -9.55 16.19
N PRO B 42 -21.13 -9.86 15.01
CA PRO B 42 -19.96 -9.15 14.53
C PRO B 42 -20.20 -7.65 14.40
N VAL B 43 -19.15 -6.87 14.63
CA VAL B 43 -19.22 -5.44 14.52
C VAL B 43 -19.16 -5.14 13.03
N THR B 44 -20.08 -4.31 12.55
CA THR B 44 -20.15 -3.96 11.14
C THR B 44 -19.96 -2.47 10.93
N ARG B 45 -19.81 -1.75 12.03
CA ARG B 45 -19.60 -0.29 11.98
C ARG B 45 -18.29 0.04 11.26
N PHE B 46 -17.40 -0.93 11.17
CA PHE B 46 -16.10 -0.78 10.52
C PHE B 46 -15.52 -2.18 10.42
N ASP B 47 -14.28 -2.31 9.93
CA ASP B 47 -13.65 -3.63 9.77
C ASP B 47 -13.00 -4.16 11.05
N VAL B 48 -13.74 -4.91 11.86
CA VAL B 48 -13.20 -5.45 13.11
C VAL B 48 -12.28 -6.66 12.98
N SER B 49 -12.22 -7.24 11.79
CA SER B 49 -11.37 -8.41 11.58
C SER B 49 -9.93 -8.10 11.87
N ARG B 50 -9.59 -6.82 11.95
CA ARG B 50 -8.20 -6.48 12.21
C ARG B 50 -7.92 -6.22 13.69
N TYR B 51 -8.93 -6.45 14.53
CA TYR B 51 -8.79 -6.27 15.97
C TYR B 51 -9.08 -7.58 16.70
N PRO B 52 -8.54 -7.74 17.91
CA PRO B 52 -8.73 -8.94 18.75
C PRO B 52 -10.20 -9.24 19.07
N ALA B 53 -10.93 -8.22 19.51
CA ALA B 53 -12.33 -8.38 19.84
C ALA B 53 -13.14 -8.03 18.60
N THR B 54 -14.20 -8.79 18.34
CA THR B 54 -15.02 -8.55 17.14
C THR B 54 -16.51 -8.58 17.36
N LEU B 55 -16.93 -8.93 18.57
CA LEU B 55 -18.36 -9.01 18.86
C LEU B 55 -18.88 -7.85 19.68
N ALA B 56 -20.11 -7.42 19.39
CA ALA B 56 -20.72 -6.32 20.11
C ALA B 56 -22.24 -6.35 19.97
N GLY B 57 -22.91 -5.65 20.89
CA GLY B 57 -24.35 -5.57 20.85
C GLY B 57 -24.75 -4.32 20.07
N GLN B 58 -24.99 -4.48 18.77
CA GLN B 58 -25.37 -3.36 17.93
C GLN B 58 -26.86 -3.23 17.75
N ILE B 59 -27.31 -1.99 17.61
CA ILE B 59 -28.72 -1.70 17.35
C ILE B 59 -28.69 -1.43 15.85
N ASP B 60 -29.29 -2.32 15.05
CA ASP B 60 -29.26 -2.16 13.59
C ASP B 60 -30.57 -1.76 12.95
N ASP B 61 -31.62 -1.55 13.72
CA ASP B 61 -32.90 -1.18 13.14
C ASP B 61 -33.31 0.22 13.54
N PHE B 62 -32.31 1.05 13.85
CA PHE B 62 -32.55 2.43 14.25
C PHE B 62 -32.00 3.38 13.21
N HIS B 63 -32.89 4.07 12.50
CA HIS B 63 -32.44 5.02 11.50
C HIS B 63 -32.79 6.38 12.09
N ALA B 64 -31.79 7.07 12.63
CA ALA B 64 -32.01 8.36 13.28
C ALA B 64 -33.00 9.28 12.58
N PRO B 65 -32.81 9.55 11.28
CA PRO B 65 -33.73 10.43 10.55
C PRO B 65 -35.20 10.07 10.72
N ASP B 66 -35.49 8.83 11.06
CA ASP B 66 -36.89 8.46 11.25
C ASP B 66 -37.37 8.72 12.66
N HIS B 67 -36.45 9.03 13.57
CA HIS B 67 -36.84 9.27 14.96
C HIS B 67 -36.46 10.64 15.49
N ILE B 68 -35.40 11.22 14.93
CA ILE B 68 -34.89 12.53 15.34
C ILE B 68 -35.13 13.61 14.28
N PRO B 69 -35.51 14.83 14.73
CA PRO B 69 -35.79 15.98 13.85
C PRO B 69 -34.56 16.34 13.01
N GLY B 70 -34.75 16.58 11.72
CA GLY B 70 -33.62 16.90 10.86
C GLY B 70 -32.69 17.96 11.41
N ARG B 71 -33.21 18.82 12.28
CA ARG B 71 -32.40 19.88 12.85
C ARG B 71 -31.32 19.36 13.81
N LEU B 72 -31.68 18.33 14.58
CA LEU B 72 -30.76 17.76 15.56
C LEU B 72 -29.77 16.71 15.01
N LEU B 73 -30.04 16.17 13.82
CA LEU B 73 -29.16 15.17 13.23
C LEU B 73 -27.69 15.60 13.06
N PRO B 74 -27.47 16.81 12.54
CA PRO B 74 -26.11 17.34 12.33
C PRO B 74 -25.28 17.51 13.59
N GLN B 75 -25.96 17.78 14.71
CA GLN B 75 -25.28 18.04 15.97
C GLN B 75 -25.32 16.93 17.02
N THR B 76 -25.87 15.77 16.66
CA THR B 76 -25.96 14.69 17.61
C THR B 76 -25.18 13.43 17.26
N ASP B 77 -24.59 12.85 18.30
CA ASP B 77 -23.80 11.63 18.20
C ASP B 77 -24.80 10.48 18.22
N PRO B 78 -24.38 9.28 17.78
CA PRO B 78 -25.33 8.17 17.81
C PRO B 78 -25.92 7.95 19.20
N SER B 79 -25.08 8.03 20.22
CA SER B 79 -25.55 7.86 21.60
C SER B 79 -26.67 8.85 21.97
N THR B 80 -26.48 10.12 21.60
CA THR B 80 -27.49 11.12 21.95
C THR B 80 -28.83 10.92 21.22
N ARG B 81 -28.77 10.47 19.97
CA ARG B 81 -29.99 10.23 19.21
C ARG B 81 -30.80 9.11 19.83
N LEU B 82 -30.09 8.10 20.33
CA LEU B 82 -30.74 6.97 20.99
C LEU B 82 -31.38 7.45 22.30
N ALA B 83 -30.66 8.29 23.04
CA ALA B 83 -31.14 8.82 24.31
C ALA B 83 -32.38 9.69 24.12
N LEU B 84 -32.38 10.51 23.07
CA LEU B 84 -33.52 11.38 22.80
C LEU B 84 -34.73 10.53 22.40
N THR B 85 -34.48 9.46 21.64
CA THR B 85 -35.56 8.59 21.21
C THR B 85 -36.14 7.89 22.42
N ALA B 86 -35.24 7.40 23.27
CA ALA B 86 -35.61 6.72 24.49
C ALA B 86 -36.39 7.67 25.37
N ALA B 87 -35.85 8.87 25.58
CA ALA B 87 -36.52 9.86 26.42
C ALA B 87 -37.93 10.18 25.95
N ASP B 88 -38.10 10.42 24.66
CA ASP B 88 -39.42 10.74 24.13
C ASP B 88 -40.41 9.61 24.41
N TRP B 89 -40.01 8.37 24.09
CA TRP B 89 -40.85 7.20 24.32
C TRP B 89 -41.23 7.03 25.79
N ALA B 90 -40.30 7.36 26.69
CA ALA B 90 -40.54 7.23 28.12
C ALA B 90 -41.61 8.23 28.58
N LEU B 91 -41.52 9.46 28.09
CA LEU B 91 -42.47 10.51 28.43
C LEU B 91 -43.89 10.19 27.94
N GLN B 92 -44.01 9.59 26.75
CA GLN B 92 -45.35 9.28 26.30
C GLN B 92 -45.86 7.96 26.89
N ASP B 93 -44.94 7.11 27.35
CA ASP B 93 -45.34 5.84 27.96
C ASP B 93 -46.01 6.18 29.29
N ALA B 94 -45.53 7.25 29.90
CA ALA B 94 -46.06 7.72 31.17
C ALA B 94 -47.23 8.68 30.95
N LYS B 95 -47.56 8.94 29.69
CA LYS B 95 -48.64 9.86 29.41
C LYS B 95 -48.35 11.20 30.07
N ALA B 96 -47.11 11.67 29.96
CA ALA B 96 -46.73 12.94 30.55
C ALA B 96 -46.47 13.95 29.44
N ASP B 97 -47.10 15.12 29.55
CA ASP B 97 -46.94 16.17 28.55
C ASP B 97 -46.13 17.34 29.12
N PRO B 98 -44.83 17.43 28.77
CA PRO B 98 -43.94 18.48 29.24
C PRO B 98 -44.52 19.88 29.03
N GLU B 99 -45.28 20.06 27.96
CA GLU B 99 -45.88 21.35 27.66
C GLU B 99 -47.03 21.66 28.60
N SER B 100 -47.55 20.62 29.23
CA SER B 100 -48.66 20.79 30.15
C SER B 100 -48.21 20.80 31.61
N LEU B 101 -46.90 20.76 31.84
CA LEU B 101 -46.36 20.78 33.20
C LEU B 101 -45.46 21.99 33.43
N THR B 102 -45.35 22.41 34.68
CA THR B 102 -44.52 23.56 35.03
C THR B 102 -43.07 23.24 34.69
N ASP B 103 -42.46 24.10 33.86
CA ASP B 103 -41.08 23.91 33.44
C ASP B 103 -40.10 23.60 34.58
N TYR B 104 -40.16 24.35 35.67
CA TYR B 104 -39.26 24.10 36.78
C TYR B 104 -39.54 22.80 37.53
N ASP B 105 -40.72 22.21 37.34
CA ASP B 105 -41.04 20.97 38.02
C ASP B 105 -40.56 19.71 37.27
N MET B 106 -39.75 19.92 36.23
CA MET B 106 -39.23 18.79 35.45
C MET B 106 -37.70 18.83 35.40
N GLY B 107 -37.08 17.77 35.91
CA GLY B 107 -35.63 17.70 35.92
C GLY B 107 -35.10 16.59 35.02
N VAL B 108 -33.80 16.60 34.79
CA VAL B 108 -33.17 15.58 33.96
C VAL B 108 -31.82 15.15 34.55
N VAL B 109 -31.72 13.87 34.89
CA VAL B 109 -30.49 13.31 35.45
C VAL B 109 -30.06 12.08 34.67
N THR B 110 -28.93 12.19 33.98
CA THR B 110 -28.42 11.07 33.18
C THR B 110 -27.00 10.71 33.54
N ALA B 111 -26.58 9.52 33.15
CA ALA B 111 -25.21 9.11 33.37
C ALA B 111 -24.64 8.98 31.94
N ASN B 112 -23.35 9.24 31.78
CA ASN B 112 -22.72 9.13 30.46
C ASN B 112 -21.30 8.63 30.68
N ALA B 113 -20.92 7.56 29.98
CA ALA B 113 -19.58 7.01 30.18
C ALA B 113 -18.55 7.41 29.12
N CYS B 114 -18.93 7.33 27.85
CA CYS B 114 -18.06 7.62 26.72
C CYS B 114 -18.34 8.96 26.08
N GLY B 115 -19.53 9.49 26.28
CA GLY B 115 -19.90 10.75 25.66
C GLY B 115 -20.08 10.49 24.17
N GLY B 116 -20.11 11.55 23.38
CA GLY B 116 -20.27 11.40 21.94
C GLY B 116 -18.95 11.06 21.30
N PHE B 117 -18.43 9.87 21.56
CA PHE B 117 -17.14 9.48 21.03
C PHE B 117 -17.03 9.33 19.50
N ASP B 118 -18.03 8.74 18.84
CA ASP B 118 -17.98 8.62 17.39
C ASP B 118 -17.83 10.02 16.82
N PHE B 119 -18.64 10.94 17.32
CA PHE B 119 -18.59 12.32 16.86
C PHE B 119 -17.22 12.96 17.11
N THR B 120 -16.70 12.84 18.32
CA THR B 120 -15.42 13.47 18.60
C THR B 120 -14.25 12.85 17.81
N HIS B 121 -14.31 11.55 17.54
CA HIS B 121 -13.24 10.89 16.79
C HIS B 121 -13.15 11.52 15.41
N ARG B 122 -14.30 11.69 14.75
CA ARG B 122 -14.31 12.30 13.42
C ARG B 122 -13.77 13.73 13.48
N GLU B 123 -14.04 14.44 14.57
CA GLU B 123 -13.55 15.82 14.68
C GLU B 123 -12.04 15.84 14.91
N PHE B 124 -11.54 14.83 15.60
CA PHE B 124 -10.09 14.72 15.84
C PHE B 124 -9.40 14.45 14.51
N ARG B 125 -10.02 13.62 13.69
CA ARG B 125 -9.43 13.26 12.41
C ARG B 125 -9.38 14.46 11.45
N LYS B 126 -10.46 15.23 11.38
CA LYS B 126 -10.52 16.39 10.51
C LYS B 126 -9.48 17.44 10.90
N LEU B 127 -9.28 17.59 12.21
CA LEU B 127 -8.33 18.56 12.78
C LEU B 127 -6.91 18.31 12.34
N TRP B 128 -6.50 17.04 12.40
CA TRP B 128 -5.13 16.68 12.04
C TRP B 128 -4.97 16.30 10.59
N SER B 129 -6.09 16.03 9.93
CA SER B 129 -6.06 15.65 8.54
C SER B 129 -6.18 16.88 7.66
N GLU B 130 -7.10 17.76 8.01
CA GLU B 130 -7.34 18.97 7.23
C GLU B 130 -6.88 20.24 7.93
N GLY B 131 -7.22 20.35 9.22
CA GLY B 131 -6.84 21.55 9.95
C GLY B 131 -7.97 22.00 10.85
N PRO B 132 -7.67 22.84 11.85
CA PRO B 132 -8.67 23.33 12.79
C PRO B 132 -9.92 23.98 12.19
N LYS B 133 -9.77 24.62 11.04
CA LYS B 133 -10.92 25.27 10.43
C LYS B 133 -12.01 24.30 9.98
N SER B 134 -11.66 23.03 9.86
CA SER B 134 -12.63 22.02 9.43
C SER B 134 -13.50 21.50 10.57
N VAL B 135 -13.12 21.80 11.81
CA VAL B 135 -13.88 21.32 12.97
C VAL B 135 -15.29 21.87 13.03
N SER B 136 -16.24 20.96 13.26
CA SER B 136 -17.66 21.27 13.35
C SER B 136 -18.02 22.31 14.40
N VAL B 137 -19.06 23.09 14.13
CA VAL B 137 -19.49 24.08 15.09
C VAL B 137 -20.24 23.39 16.25
N TYR B 138 -20.48 22.08 16.11
CA TYR B 138 -21.17 21.31 17.15
C TYR B 138 -20.23 20.50 18.04
N GLU B 139 -18.95 20.43 17.67
CA GLU B 139 -17.98 19.67 18.46
C GLU B 139 -17.95 20.17 19.89
N SER B 140 -18.29 21.44 20.08
CA SER B 140 -18.29 22.08 21.39
C SER B 140 -19.29 21.50 22.37
N PHE B 141 -20.32 20.82 21.87
CA PHE B 141 -21.30 20.25 22.79
C PHE B 141 -21.82 18.87 22.42
N ALA B 142 -21.39 18.32 21.29
CA ALA B 142 -21.85 17.00 20.87
C ALA B 142 -21.12 15.88 21.57
N TRP B 143 -19.94 16.18 22.11
CA TRP B 143 -19.11 15.17 22.79
C TRP B 143 -19.18 15.14 24.31
N PHE B 144 -19.07 16.32 24.96
CA PHE B 144 -19.03 16.38 26.41
C PHE B 144 -20.07 15.51 27.12
N TYR B 145 -19.70 15.04 28.31
CA TYR B 145 -20.54 14.11 29.06
C TYR B 145 -21.95 14.58 29.41
N ALA B 146 -22.13 15.88 29.57
CA ALA B 146 -23.44 16.41 29.88
C ALA B 146 -24.41 16.45 28.70
N VAL B 147 -23.89 16.23 27.48
CA VAL B 147 -24.72 16.33 26.28
C VAL B 147 -26.15 15.79 26.34
N ASN B 148 -26.33 14.55 26.76
CA ASN B 148 -27.68 13.99 26.79
C ASN B 148 -28.63 14.64 27.79
N THR B 149 -28.11 15.22 28.85
CA THR B 149 -29.00 15.87 29.80
C THR B 149 -29.46 17.18 29.18
N GLY B 150 -28.52 17.96 28.65
CA GLY B 150 -28.85 19.22 28.02
C GLY B 150 -29.77 19.10 26.82
N GLN B 151 -29.59 18.07 25.99
CA GLN B 151 -30.44 17.89 24.82
C GLN B 151 -31.84 17.44 25.21
N ILE B 152 -31.93 16.55 26.19
CA ILE B 152 -33.24 16.09 26.64
C ILE B 152 -33.97 17.29 27.25
N SER B 153 -33.25 18.07 28.05
CA SER B 153 -33.79 19.26 28.72
C SER B 153 -34.41 20.25 27.73
N ILE B 154 -33.62 20.62 26.72
CA ILE B 154 -34.04 21.56 25.69
C ILE B 154 -35.22 21.06 24.85
N ARG B 155 -35.18 19.79 24.49
CA ARG B 155 -36.25 19.24 23.67
C ARG B 155 -37.59 19.17 24.37
N HIS B 156 -37.60 19.04 25.69
CA HIS B 156 -38.88 18.94 26.37
C HIS B 156 -39.21 20.15 27.24
N GLY B 157 -38.34 21.15 27.21
CA GLY B 157 -38.55 22.35 27.99
C GLY B 157 -38.54 22.09 29.48
N MET B 158 -37.61 21.24 29.92
CA MET B 158 -37.49 20.91 31.34
C MET B 158 -36.44 21.83 31.94
N ARG B 159 -36.82 22.61 32.95
CA ARG B 159 -35.90 23.57 33.55
C ARG B 159 -35.52 23.35 35.01
N GLY B 160 -36.04 22.30 35.61
CA GLY B 160 -35.73 22.01 37.00
C GLY B 160 -34.29 21.56 37.20
N PRO B 161 -33.92 21.19 38.43
CA PRO B 161 -32.55 20.73 38.78
C PRO B 161 -32.20 19.51 37.92
N SER B 162 -31.07 19.59 37.23
CA SER B 162 -30.63 18.52 36.36
C SER B 162 -29.14 18.26 36.53
N SER B 163 -28.68 17.08 36.09
CA SER B 163 -27.26 16.74 36.19
C SER B 163 -26.84 15.61 35.25
N ALA B 164 -25.54 15.40 35.20
CA ALA B 164 -24.93 14.34 34.40
C ALA B 164 -23.80 13.81 35.26
N LEU B 165 -23.74 12.48 35.37
CA LEU B 165 -22.75 11.81 36.19
C LEU B 165 -21.94 10.85 35.35
N VAL B 166 -20.72 10.56 35.78
CA VAL B 166 -19.87 9.61 35.09
C VAL B 166 -19.27 8.67 36.14
N ALA B 167 -19.51 7.38 35.99
CA ALA B 167 -19.02 6.34 36.90
C ALA B 167 -19.09 5.00 36.17
N GLU B 168 -18.57 5.00 34.94
CA GLU B 168 -18.60 3.83 34.06
C GLU B 168 -19.97 3.16 34.14
N GLN B 169 -20.02 1.83 34.21
CA GLN B 169 -21.32 1.12 34.26
C GLN B 169 -22.12 1.29 35.55
N ALA B 170 -21.51 1.90 36.56
CA ALA B 170 -22.24 2.10 37.80
C ALA B 170 -23.05 3.40 37.70
N GLY B 171 -22.61 4.28 36.82
CA GLY B 171 -23.26 5.56 36.66
C GLY B 171 -24.76 5.57 36.44
N GLY B 172 -25.24 4.70 35.56
CA GLY B 172 -26.65 4.60 35.27
C GLY B 172 -27.52 4.42 36.50
N LEU B 173 -27.10 3.57 37.42
CA LEU B 173 -27.86 3.34 38.65
C LEU B 173 -27.73 4.56 39.53
N ASP B 174 -26.51 5.11 39.61
CA ASP B 174 -26.27 6.30 40.41
C ASP B 174 -27.14 7.45 39.93
N ALA B 175 -27.33 7.56 38.62
CA ALA B 175 -28.15 8.64 38.05
C ALA B 175 -29.58 8.51 38.58
N LEU B 176 -30.10 7.29 38.54
CA LEU B 176 -31.45 6.98 39.01
C LEU B 176 -31.59 7.31 40.49
N GLY B 177 -30.55 7.00 41.26
CA GLY B 177 -30.59 7.31 42.67
C GLY B 177 -30.52 8.81 42.86
N HIS B 178 -29.78 9.48 41.97
CA HIS B 178 -29.63 10.93 42.04
C HIS B 178 -30.98 11.61 41.74
N ALA B 179 -31.73 11.00 40.84
CA ALA B 179 -33.05 11.52 40.50
C ALA B 179 -33.96 11.38 41.72
N ARG B 180 -33.91 10.22 42.35
CA ARG B 180 -34.74 9.99 43.53
C ARG B 180 -34.52 11.08 44.57
N ARG B 181 -33.26 11.45 44.76
CA ARG B 181 -32.91 12.49 45.73
C ARG B 181 -33.57 13.81 45.34
N THR B 182 -33.42 14.17 44.07
CA THR B 182 -33.98 15.41 43.55
C THR B 182 -35.50 15.47 43.72
N ILE B 183 -36.19 14.42 43.31
CA ILE B 183 -37.64 14.36 43.46
C ILE B 183 -38.03 14.57 44.93
N ARG B 184 -37.35 13.86 45.83
CA ARG B 184 -37.66 13.98 47.24
C ARG B 184 -37.40 15.39 47.82
N ARG B 185 -36.55 16.17 47.17
CA ARG B 185 -36.27 17.51 47.64
C ARG B 185 -37.26 18.54 47.11
N GLY B 186 -38.13 18.13 46.19
CA GLY B 186 -39.11 19.08 45.67
C GLY B 186 -39.40 19.17 44.19
N THR B 187 -38.80 18.31 43.36
CA THR B 187 -39.08 18.34 41.92
C THR B 187 -39.95 17.11 41.62
N PRO B 188 -41.23 17.32 41.26
CA PRO B 188 -42.20 16.26 40.96
C PRO B 188 -41.85 15.22 39.90
N LEU B 189 -41.24 15.65 38.81
CA LEU B 189 -40.90 14.72 37.76
C LEU B 189 -39.45 14.86 37.37
N VAL B 190 -38.82 13.72 37.11
CA VAL B 190 -37.43 13.69 36.72
C VAL B 190 -37.20 12.60 35.69
N VAL B 191 -36.59 12.98 34.57
CA VAL B 191 -36.28 12.04 33.50
C VAL B 191 -34.88 11.56 33.80
N SER B 192 -34.70 10.24 33.84
CA SER B 192 -33.40 9.71 34.22
C SER B 192 -33.03 8.45 33.47
N GLY B 193 -31.74 8.25 33.33
CA GLY B 193 -31.28 7.06 32.64
C GLY B 193 -29.92 7.30 32.06
N GLY B 194 -29.63 6.54 31.02
CA GLY B 194 -28.35 6.64 30.36
C GLY B 194 -28.36 5.79 29.11
N VAL B 195 -27.45 6.15 28.21
CA VAL B 195 -27.27 5.49 26.94
C VAL B 195 -25.83 5.72 26.55
N ASP B 196 -25.15 4.68 26.08
CA ASP B 196 -23.77 4.82 25.63
C ASP B 196 -23.66 4.13 24.30
N SER B 197 -22.62 4.47 23.56
CA SER B 197 -22.30 3.88 22.26
C SER B 197 -20.87 4.29 21.95
N ALA B 198 -20.02 3.30 21.67
CA ALA B 198 -18.64 3.59 21.33
C ALA B 198 -18.20 2.58 20.29
N LEU B 199 -18.96 2.53 19.20
CA LEU B 199 -18.71 1.60 18.12
C LEU B 199 -17.99 2.16 16.91
N ASP B 200 -16.91 2.89 17.17
CA ASP B 200 -16.09 3.45 16.10
C ASP B 200 -14.75 2.78 16.38
N PRO B 201 -13.82 2.82 15.41
CA PRO B 201 -12.52 2.18 15.64
C PRO B 201 -11.80 2.59 16.94
N TRP B 202 -11.74 3.89 17.23
CA TRP B 202 -11.05 4.35 18.44
C TRP B 202 -11.78 3.91 19.70
N GLY B 203 -13.09 4.14 19.73
CA GLY B 203 -13.87 3.73 20.88
C GLY B 203 -13.74 2.23 21.11
N TRP B 204 -13.64 1.47 20.01
CA TRP B 204 -13.50 0.02 20.08
C TRP B 204 -12.17 -0.42 20.71
N VAL B 205 -11.10 0.14 20.18
CA VAL B 205 -9.76 -0.14 20.63
C VAL B 205 -9.62 0.30 22.09
N SER B 206 -10.29 1.40 22.44
CA SER B 206 -10.25 1.93 23.80
C SER B 206 -10.88 0.91 24.76
N GLN B 207 -12.02 0.34 24.35
CA GLN B 207 -12.70 -0.66 25.18
C GLN B 207 -11.83 -1.90 25.30
N ILE B 208 -11.17 -2.26 24.22
CA ILE B 208 -10.29 -3.42 24.27
C ILE B 208 -9.18 -3.19 25.31
N ALA B 209 -8.76 -1.92 25.48
CA ALA B 209 -7.73 -1.60 26.46
C ALA B 209 -8.18 -1.91 27.88
N SER B 210 -9.49 -2.10 28.07
CA SER B 210 -10.00 -2.43 29.40
C SER B 210 -9.34 -3.71 29.88
N GLY B 211 -9.04 -4.57 28.92
CA GLY B 211 -8.42 -5.85 29.23
C GLY B 211 -9.51 -6.82 29.64
N ARG B 212 -10.78 -6.43 29.47
CA ARG B 212 -11.87 -7.29 29.88
C ARG B 212 -12.88 -7.67 28.81
N ILE B 213 -12.56 -7.36 27.57
CA ILE B 213 -13.46 -7.65 26.48
C ILE B 213 -13.26 -9.03 25.85
N SER B 214 -14.36 -9.77 25.69
CA SER B 214 -14.30 -11.10 25.12
C SER B 214 -13.78 -11.10 23.69
N THR B 215 -12.91 -12.05 23.38
CA THR B 215 -12.37 -12.17 22.05
C THR B 215 -13.03 -13.36 21.34
N ALA B 216 -14.17 -13.82 21.87
CA ALA B 216 -14.87 -14.95 21.26
C ALA B 216 -15.41 -14.59 19.87
N THR B 217 -15.78 -15.59 19.08
CA THR B 217 -16.34 -15.33 17.75
C THR B 217 -17.75 -15.91 17.66
N ASP B 218 -18.11 -16.71 18.66
CA ASP B 218 -19.45 -17.33 18.72
C ASP B 218 -20.33 -16.43 19.58
N PRO B 219 -21.23 -15.67 18.95
CA PRO B 219 -22.14 -14.75 19.63
C PRO B 219 -22.96 -15.38 20.76
N ASP B 220 -23.30 -16.65 20.63
CA ASP B 220 -24.08 -17.33 21.65
C ASP B 220 -23.25 -17.69 22.86
N ARG B 221 -21.93 -17.66 22.71
CA ARG B 221 -21.05 -18.04 23.81
C ARG B 221 -19.86 -17.11 24.01
N ALA B 222 -20.13 -15.83 24.13
CA ALA B 222 -19.05 -14.85 24.31
C ALA B 222 -19.19 -14.09 25.62
N TYR B 223 -20.42 -13.79 26.00
CA TYR B 223 -20.66 -13.07 27.23
C TYR B 223 -21.38 -14.03 28.15
N LEU B 224 -20.61 -14.65 29.03
CA LEU B 224 -21.14 -15.66 29.94
C LEU B 224 -20.88 -15.38 31.41
N PRO B 225 -21.55 -14.38 31.98
CA PRO B 225 -21.33 -14.09 33.39
C PRO B 225 -21.74 -15.25 34.32
N PHE B 226 -20.83 -15.60 35.24
CA PHE B 226 -21.04 -16.67 36.20
C PHE B 226 -20.86 -18.08 35.62
N ASP B 227 -20.52 -18.17 34.34
CA ASP B 227 -20.29 -19.48 33.71
C ASP B 227 -18.81 -19.83 33.85
N GLU B 228 -18.50 -21.10 33.99
CA GLU B 228 -17.10 -21.50 34.13
C GLU B 228 -16.27 -21.11 32.92
N ARG B 229 -16.94 -20.89 31.78
CA ARG B 229 -16.22 -20.49 30.57
C ARG B 229 -16.16 -18.96 30.38
N ALA B 230 -16.58 -18.20 31.39
CA ALA B 230 -16.55 -16.74 31.31
C ALA B 230 -15.17 -16.29 30.80
N ALA B 231 -15.15 -15.43 29.79
CA ALA B 231 -13.88 -14.96 29.25
C ALA B 231 -13.94 -13.51 28.81
N GLY B 232 -14.68 -12.68 29.54
CA GLY B 232 -14.78 -11.27 29.20
C GLY B 232 -16.19 -10.88 28.83
N TYR B 233 -16.50 -9.59 28.86
CA TYR B 233 -17.83 -9.15 28.52
C TYR B 233 -17.86 -8.68 27.08
N VAL B 234 -19.05 -8.65 26.49
CA VAL B 234 -19.23 -8.17 25.13
C VAL B 234 -19.81 -6.75 25.25
N PRO B 235 -19.18 -5.75 24.59
CA PRO B 235 -19.66 -4.37 24.65
C PRO B 235 -20.99 -4.26 23.89
N GLY B 236 -21.79 -3.26 24.22
CA GLY B 236 -23.05 -3.06 23.50
C GLY B 236 -23.33 -1.57 23.43
N GLU B 237 -24.35 -1.16 22.69
CA GLU B 237 -24.71 0.26 22.61
C GLU B 237 -26.18 0.33 22.95
N GLY B 238 -26.60 1.43 23.56
CA GLY B 238 -28.00 1.55 23.91
C GLY B 238 -28.21 1.83 25.38
N GLY B 239 -29.42 1.59 25.84
CA GLY B 239 -29.75 1.82 27.23
C GLY B 239 -31.22 2.08 27.44
N ALA B 240 -31.53 2.90 28.43
CA ALA B 240 -32.91 3.22 28.73
C ALA B 240 -33.05 4.55 29.43
N ILE B 241 -34.22 5.13 29.31
CA ILE B 241 -34.50 6.39 29.97
C ILE B 241 -35.83 6.11 30.63
N LEU B 242 -36.00 6.57 31.87
CA LEU B 242 -37.27 6.36 32.53
C LEU B 242 -37.74 7.62 33.21
N VAL B 243 -39.05 7.69 33.43
CA VAL B 243 -39.67 8.84 34.06
C VAL B 243 -39.99 8.50 35.51
N LEU B 244 -39.37 9.22 36.42
CA LEU B 244 -39.64 8.99 37.83
C LEU B 244 -40.38 10.21 38.33
N GLU B 245 -41.28 10.01 39.28
CA GLU B 245 -41.99 11.12 39.84
C GLU B 245 -42.62 10.84 41.18
N ASP B 246 -42.89 11.92 41.90
CA ASP B 246 -43.50 11.90 43.22
C ASP B 246 -44.84 11.18 43.15
N SER B 247 -45.05 10.26 44.09
CA SER B 247 -46.29 9.50 44.13
C SER B 247 -47.53 10.38 44.08
N ALA B 248 -47.57 11.35 45.00
CA ALA B 248 -48.69 12.27 45.09
C ALA B 248 -48.86 13.02 43.78
N ALA B 249 -47.81 13.69 43.33
CA ALA B 249 -47.89 14.44 42.08
C ALA B 249 -48.37 13.54 40.93
N ALA B 250 -47.95 12.28 40.95
CA ALA B 250 -48.34 11.35 39.90
C ALA B 250 -49.86 11.14 39.88
N GLU B 251 -50.43 10.76 41.02
CA GLU B 251 -51.87 10.54 41.09
C GLU B 251 -52.66 11.80 40.79
N ALA B 252 -52.16 12.94 41.27
CA ALA B 252 -52.80 14.22 41.04
C ALA B 252 -52.79 14.54 39.54
N ARG B 253 -51.75 14.08 38.86
CA ARG B 253 -51.57 14.28 37.43
C ARG B 253 -52.56 13.42 36.65
N GLY B 254 -53.10 12.41 37.32
CA GLY B 254 -54.05 11.52 36.67
C GLY B 254 -53.38 10.22 36.26
N ARG B 255 -52.10 10.08 36.63
CA ARG B 255 -51.32 8.90 36.33
C ARG B 255 -51.37 7.98 37.54
N HIS B 256 -52.29 7.02 37.50
CA HIS B 256 -52.46 6.07 38.60
C HIS B 256 -51.80 4.73 38.28
N ASP B 257 -51.21 4.64 37.11
CA ASP B 257 -50.56 3.40 36.72
C ASP B 257 -49.06 3.61 36.61
N ALA B 258 -48.28 2.68 37.18
CA ALA B 258 -46.83 2.78 37.13
C ALA B 258 -46.19 1.39 37.05
N TYR B 259 -44.86 1.35 36.95
CA TYR B 259 -44.13 0.10 36.84
C TYR B 259 -43.70 -0.41 38.21
N GLY B 260 -43.41 0.52 39.11
CA GLY B 260 -42.98 0.13 40.43
C GLY B 260 -42.44 1.32 41.17
N GLU B 261 -41.90 1.06 42.36
CA GLU B 261 -41.33 2.09 43.21
C GLU B 261 -39.84 1.89 43.35
N LEU B 262 -39.10 3.00 43.38
CA LEU B 262 -37.67 2.94 43.57
C LEU B 262 -37.55 3.08 45.08
N ALA B 263 -37.52 1.96 45.79
CA ALA B 263 -37.48 1.96 47.25
C ALA B 263 -36.22 2.47 47.92
N GLY B 264 -35.06 2.01 47.46
CA GLY B 264 -33.81 2.46 48.06
C GLY B 264 -32.66 2.46 47.06
N CYS B 265 -31.61 3.20 47.38
CA CYS B 265 -30.43 3.34 46.53
C CYS B 265 -29.19 3.50 47.39
N ALA B 266 -28.03 3.12 46.85
CA ALA B 266 -26.78 3.25 47.58
C ALA B 266 -25.56 3.09 46.68
N SER B 267 -24.51 3.87 46.96
CA SER B 267 -23.27 3.84 46.21
C SER B 267 -22.10 3.74 47.17
N THR B 268 -21.16 2.84 46.89
CA THR B 268 -19.96 2.70 47.73
C THR B 268 -18.79 2.65 46.76
N PHE B 269 -17.57 2.68 47.29
CA PHE B 269 -16.38 2.62 46.44
C PHE B 269 -15.37 1.67 47.08
N ASP B 270 -14.82 0.75 46.28
CA ASP B 270 -13.86 -0.22 46.82
C ASP B 270 -12.56 0.43 47.27
N PRO B 271 -11.84 -0.22 48.22
CA PRO B 271 -10.57 0.33 48.68
C PRO B 271 -9.54 0.24 47.56
N ALA B 272 -8.58 1.15 47.61
CA ALA B 272 -7.50 1.20 46.62
C ALA B 272 -6.89 -0.16 46.32
N PRO B 273 -6.39 -0.35 45.10
CA PRO B 273 -5.77 -1.63 44.72
C PRO B 273 -4.56 -1.93 45.60
N GLY B 274 -4.46 -3.16 46.07
CA GLY B 274 -3.35 -3.54 46.92
C GLY B 274 -3.67 -3.51 48.41
N SER B 275 -4.73 -2.82 48.78
CA SER B 275 -5.12 -2.73 50.18
C SER B 275 -5.57 -4.10 50.71
N GLY B 276 -5.95 -4.99 49.80
CA GLY B 276 -6.40 -6.30 50.21
C GLY B 276 -7.75 -6.27 50.91
N ARG B 277 -8.14 -5.11 51.42
CA ARG B 277 -9.42 -4.97 52.10
C ARG B 277 -10.53 -5.44 51.17
N PRO B 278 -11.66 -5.88 51.74
CA PRO B 278 -12.78 -6.36 50.94
C PRO B 278 -13.48 -5.30 50.09
N ALA B 279 -14.12 -5.75 49.01
CA ALA B 279 -14.85 -4.87 48.10
C ALA B 279 -16.02 -4.28 48.85
N GLY B 280 -16.59 -3.21 48.31
CA GLY B 280 -17.72 -2.57 48.96
C GLY B 280 -19.09 -2.90 48.39
N LEU B 281 -19.18 -3.95 47.58
CA LEU B 281 -20.46 -4.34 46.97
C LEU B 281 -21.46 -4.81 48.02
N GLU B 282 -20.99 -5.61 48.97
CA GLU B 282 -21.86 -6.10 50.03
C GLU B 282 -22.43 -4.90 50.78
N ARG B 283 -21.55 -3.98 51.17
CA ARG B 283 -21.99 -2.80 51.89
C ARG B 283 -23.06 -2.01 51.12
N ALA B 284 -22.85 -1.80 49.82
CA ALA B 284 -23.83 -1.07 49.01
C ALA B 284 -25.18 -1.75 49.08
N ILE B 285 -25.20 -3.07 48.94
CA ILE B 285 -26.45 -3.82 48.99
C ILE B 285 -27.19 -3.57 50.31
N ARG B 286 -26.49 -3.77 51.43
CA ARG B 286 -27.12 -3.58 52.73
C ARG B 286 -27.54 -2.14 52.96
N LEU B 287 -26.81 -1.20 52.37
CA LEU B 287 -27.15 0.20 52.52
C LEU B 287 -28.46 0.46 51.76
N ALA B 288 -28.53 -0.08 50.54
CA ALA B 288 -29.72 0.08 49.73
C ALA B 288 -30.94 -0.56 50.40
N LEU B 289 -30.76 -1.74 51.01
CA LEU B 289 -31.88 -2.41 51.68
C LEU B 289 -32.39 -1.61 52.87
N ASN B 290 -31.48 -0.97 53.60
CA ASN B 290 -31.85 -0.16 54.77
C ASN B 290 -32.63 1.07 54.36
N ASP B 291 -32.18 1.70 53.30
CA ASP B 291 -32.81 2.89 52.77
C ASP B 291 -34.25 2.54 52.42
N ALA B 292 -34.44 1.33 51.89
CA ALA B 292 -35.75 0.84 51.50
C ALA B 292 -36.56 0.32 52.68
N GLY B 293 -35.91 0.12 53.81
CA GLY B 293 -36.62 -0.40 54.98
C GLY B 293 -37.02 -1.85 54.76
N THR B 294 -36.20 -2.58 54.00
CA THR B 294 -36.47 -3.97 53.72
C THR B 294 -35.27 -4.87 54.04
N GLY B 295 -35.56 -6.06 54.58
CA GLY B 295 -34.49 -6.98 54.93
C GLY B 295 -34.10 -7.94 53.81
N PRO B 296 -32.96 -8.64 53.95
CA PRO B 296 -32.51 -9.59 52.92
C PRO B 296 -33.59 -10.59 52.53
N GLU B 297 -34.30 -11.10 53.54
CA GLU B 297 -35.36 -12.09 53.35
C GLU B 297 -36.47 -11.62 52.45
N ASP B 298 -36.68 -10.30 52.41
CA ASP B 298 -37.73 -9.72 51.61
C ASP B 298 -37.44 -9.74 50.10
N VAL B 299 -36.16 -9.74 49.72
CA VAL B 299 -35.78 -9.74 48.31
C VAL B 299 -36.14 -11.05 47.61
N ASP B 300 -36.82 -10.93 46.48
CA ASP B 300 -37.26 -12.08 45.71
C ASP B 300 -36.37 -12.37 44.52
N VAL B 301 -35.59 -11.39 44.08
CA VAL B 301 -34.73 -11.60 42.92
C VAL B 301 -33.63 -10.56 42.84
N VAL B 302 -32.44 -11.01 42.46
CA VAL B 302 -31.29 -10.15 42.33
C VAL B 302 -30.79 -10.06 40.90
N PHE B 303 -30.86 -8.86 40.33
CA PHE B 303 -30.35 -8.63 38.98
C PHE B 303 -28.90 -8.25 39.17
N ALA B 304 -28.03 -9.23 39.05
CA ALA B 304 -26.59 -9.07 39.24
C ALA B 304 -25.89 -8.24 38.18
N ASP B 305 -24.78 -7.62 38.57
CA ASP B 305 -24.01 -6.81 37.64
C ASP B 305 -23.57 -7.69 36.46
N GLY B 306 -23.20 -8.94 36.74
CA GLY B 306 -22.80 -9.86 35.68
C GLY B 306 -21.60 -9.41 34.89
N ALA B 307 -20.46 -9.31 35.55
CA ALA B 307 -19.23 -8.86 34.90
C ALA B 307 -18.74 -9.70 33.73
N GLY B 308 -18.96 -11.02 33.80
CA GLY B 308 -18.52 -11.87 32.72
C GLY B 308 -17.02 -12.13 32.76
N VAL B 309 -16.37 -11.54 33.77
CA VAL B 309 -14.93 -11.70 34.00
C VAL B 309 -14.89 -12.56 35.24
N PRO B 310 -14.24 -13.73 35.18
CA PRO B 310 -14.14 -14.67 36.31
C PRO B 310 -13.93 -14.07 37.69
N GLU B 311 -12.82 -13.34 37.86
CA GLU B 311 -12.49 -12.73 39.13
C GLU B 311 -13.59 -11.80 39.65
N LEU B 312 -14.28 -11.13 38.73
CA LEU B 312 -15.35 -10.21 39.11
C LEU B 312 -16.66 -10.93 39.40
N ASP B 313 -16.89 -12.04 38.71
CA ASP B 313 -18.10 -12.82 38.93
C ASP B 313 -18.00 -13.43 40.32
N ALA B 314 -16.82 -13.95 40.64
CA ALA B 314 -16.58 -14.56 41.93
C ALA B 314 -16.77 -13.55 43.04
N ALA B 315 -16.27 -12.33 42.83
CA ALA B 315 -16.44 -11.29 43.85
C ALA B 315 -17.93 -11.01 44.04
N GLU B 316 -18.65 -10.81 42.95
CA GLU B 316 -20.07 -10.52 43.05
C GLU B 316 -20.90 -11.65 43.66
N ALA B 317 -20.62 -12.89 43.26
CA ALA B 317 -21.35 -14.04 43.78
C ALA B 317 -21.12 -14.14 45.29
N ARG B 318 -19.92 -13.76 45.71
CA ARG B 318 -19.55 -13.81 47.10
C ARG B 318 -20.31 -12.73 47.90
N ALA B 319 -20.45 -11.52 47.34
CA ALA B 319 -21.17 -10.48 48.05
C ALA B 319 -22.65 -10.84 48.15
N ILE B 320 -23.22 -11.34 47.06
CA ILE B 320 -24.63 -11.73 47.08
C ILE B 320 -24.84 -12.84 48.12
N GLY B 321 -23.93 -13.83 48.13
CA GLY B 321 -24.05 -14.92 49.09
C GLY B 321 -24.01 -14.47 50.54
N ARG B 322 -23.14 -13.51 50.83
CA ARG B 322 -23.01 -12.99 52.17
C ARG B 322 -24.26 -12.26 52.64
N VAL B 323 -25.02 -11.68 51.72
CA VAL B 323 -26.23 -10.98 52.13
C VAL B 323 -27.46 -11.88 52.18
N PHE B 324 -27.65 -12.70 51.15
CA PHE B 324 -28.81 -13.57 51.09
C PHE B 324 -28.49 -15.05 51.33
N GLY B 325 -27.24 -15.39 51.57
CA GLY B 325 -26.85 -16.79 51.78
C GLY B 325 -26.60 -17.44 50.43
N ARG B 326 -25.76 -18.46 50.38
CA ARG B 326 -25.51 -19.10 49.08
C ARG B 326 -26.79 -19.76 48.55
N GLU B 327 -27.01 -19.60 47.24
CA GLU B 327 -28.23 -20.09 46.57
C GLU B 327 -29.46 -19.57 47.34
N GLY B 328 -29.27 -18.52 48.13
CA GLY B 328 -30.35 -17.97 48.94
C GLY B 328 -31.38 -17.07 48.24
N VAL B 329 -31.15 -16.76 46.98
CA VAL B 329 -32.08 -15.92 46.25
C VAL B 329 -31.86 -16.08 44.75
N PRO B 330 -32.95 -16.06 43.98
CA PRO B 330 -32.81 -16.20 42.53
C PRO B 330 -31.91 -15.10 42.01
N VAL B 331 -30.99 -15.44 41.13
CA VAL B 331 -30.11 -14.42 40.56
C VAL B 331 -30.27 -14.52 39.06
N THR B 332 -30.21 -13.39 38.38
CA THR B 332 -30.36 -13.40 36.94
C THR B 332 -29.54 -12.29 36.29
N VAL B 333 -29.15 -12.51 35.03
CA VAL B 333 -28.35 -11.54 34.30
C VAL B 333 -28.87 -11.44 32.86
N PRO B 334 -29.99 -10.72 32.67
CA PRO B 334 -30.55 -10.58 31.31
C PRO B 334 -29.62 -9.85 30.35
N LYS B 335 -28.71 -9.03 30.86
CA LYS B 335 -27.81 -8.30 29.96
C LYS B 335 -27.01 -9.23 29.06
N THR B 336 -27.10 -10.53 29.29
CA THR B 336 -26.40 -11.49 28.45
C THR B 336 -27.00 -11.38 27.03
N THR B 337 -28.21 -10.84 26.94
CA THR B 337 -28.86 -10.68 25.64
C THR B 337 -28.52 -9.36 24.96
N THR B 338 -27.91 -8.43 25.69
CA THR B 338 -27.59 -7.12 25.12
C THR B 338 -26.12 -6.72 25.15
N GLY B 339 -25.37 -7.25 26.10
CA GLY B 339 -23.98 -6.86 26.23
C GLY B 339 -24.00 -5.79 27.31
N ARG B 340 -22.83 -5.29 27.70
CA ARG B 340 -22.76 -4.24 28.73
C ARG B 340 -22.91 -2.89 28.05
N LEU B 341 -23.92 -2.13 28.47
CA LEU B 341 -24.19 -0.84 27.87
C LEU B 341 -23.67 0.34 28.68
N TYR B 342 -22.75 0.06 29.60
CA TYR B 342 -22.13 1.11 30.40
C TYR B 342 -23.16 1.96 31.14
N SER B 343 -23.28 3.24 30.78
CA SER B 343 -24.23 4.08 31.47
C SER B 343 -25.66 3.64 31.16
N GLY B 344 -25.80 2.78 30.15
CA GLY B 344 -27.13 2.28 29.81
C GLY B 344 -27.51 1.00 30.54
N GLY B 345 -26.50 0.29 31.04
CA GLY B 345 -26.73 -0.99 31.71
C GLY B 345 -27.59 -1.00 32.96
N GLY B 346 -27.31 -0.08 33.89
CA GLY B 346 -28.07 -0.03 35.12
C GLY B 346 -29.53 0.28 34.80
N PRO B 347 -29.77 1.37 34.05
CA PRO B 347 -31.13 1.77 33.67
C PRO B 347 -31.92 0.63 33.00
N LEU B 348 -31.28 -0.08 32.09
CA LEU B 348 -31.95 -1.18 31.38
C LEU B 348 -32.25 -2.35 32.33
N ASP B 349 -31.34 -2.60 33.26
CA ASP B 349 -31.53 -3.65 34.26
C ASP B 349 -32.76 -3.31 35.10
N VAL B 350 -32.86 -2.04 35.48
CA VAL B 350 -33.99 -1.57 36.27
C VAL B 350 -35.30 -1.79 35.51
N VAL B 351 -35.31 -1.45 34.23
CA VAL B 351 -36.50 -1.64 33.41
C VAL B 351 -36.85 -3.13 33.34
N THR B 352 -35.83 -3.95 33.13
CA THR B 352 -36.04 -5.39 33.04
C THR B 352 -36.60 -5.94 34.36
N ALA B 353 -36.10 -5.44 35.48
CA ALA B 353 -36.57 -5.88 36.79
C ALA B 353 -38.02 -5.47 37.04
N LEU B 354 -38.35 -4.22 36.75
CA LEU B 354 -39.72 -3.72 36.94
C LEU B 354 -40.72 -4.55 36.13
N MET B 355 -40.31 -4.94 34.93
CA MET B 355 -41.14 -5.73 34.05
C MET B 355 -41.35 -7.13 34.61
N SER B 356 -40.34 -7.63 35.29
CA SER B 356 -40.40 -8.95 35.90
C SER B 356 -41.40 -8.86 37.03
N LEU B 357 -41.32 -7.80 37.82
CA LEU B 357 -42.26 -7.61 38.92
C LEU B 357 -43.69 -7.46 38.41
N ARG B 358 -43.85 -6.69 37.34
CA ARG B 358 -45.16 -6.46 36.77
C ARG B 358 -45.75 -7.72 36.14
N GLU B 359 -44.94 -8.43 35.37
CA GLU B 359 -45.37 -9.65 34.68
C GLU B 359 -45.34 -10.91 35.53
N GLY B 360 -44.89 -10.80 36.77
CA GLY B 360 -44.85 -11.96 37.64
C GLY B 360 -43.86 -13.06 37.24
N VAL B 361 -42.90 -12.74 36.38
CA VAL B 361 -41.89 -13.72 35.95
C VAL B 361 -40.49 -13.12 35.97
N ILE B 362 -39.50 -13.95 36.30
CA ILE B 362 -38.11 -13.49 36.32
C ILE B 362 -37.44 -13.67 34.97
N ALA B 363 -37.02 -12.57 34.35
CA ALA B 363 -36.34 -12.60 33.06
C ALA B 363 -35.15 -13.55 33.21
N PRO B 364 -34.98 -14.49 32.29
CA PRO B 364 -33.89 -15.46 32.36
C PRO B 364 -32.52 -14.97 31.88
N THR B 365 -31.50 -15.80 32.10
CA THR B 365 -30.14 -15.48 31.67
C THR B 365 -29.84 -16.38 30.47
N ALA B 366 -29.34 -15.78 29.41
CA ALA B 366 -29.01 -16.50 28.17
C ALA B 366 -27.54 -16.89 28.11
N GLY B 367 -27.25 -17.95 27.34
CA GLY B 367 -25.87 -18.40 27.15
C GLY B 367 -25.22 -19.31 28.19
N VAL B 368 -25.21 -18.84 29.44
CA VAL B 368 -24.63 -19.58 30.54
C VAL B 368 -25.22 -20.98 30.60
N THR B 369 -24.35 -21.99 30.75
CA THR B 369 -24.80 -23.38 30.83
C THR B 369 -24.25 -24.08 32.06
N SER B 370 -23.07 -23.68 32.54
CA SER B 370 -22.53 -24.32 33.75
C SER B 370 -21.94 -23.33 34.74
N VAL B 371 -22.63 -23.19 35.86
CA VAL B 371 -22.21 -22.28 36.92
C VAL B 371 -21.40 -23.03 37.96
N PRO B 372 -20.15 -22.60 38.21
CA PRO B 372 -19.25 -23.22 39.19
C PRO B 372 -19.88 -23.24 40.57
N ARG B 373 -19.78 -24.38 41.25
CA ARG B 373 -20.32 -24.55 42.60
C ARG B 373 -19.72 -23.46 43.50
N GLU B 374 -18.50 -23.04 43.16
CA GLU B 374 -17.80 -22.02 43.91
C GLU B 374 -18.65 -20.76 44.11
N TYR B 375 -19.31 -20.31 43.04
CA TYR B 375 -20.15 -19.10 43.13
C TYR B 375 -21.34 -19.22 44.08
N GLY B 376 -21.80 -20.45 44.29
CA GLY B 376 -22.93 -20.68 45.17
C GLY B 376 -24.13 -19.78 44.89
N ILE B 377 -24.60 -19.76 43.65
CA ILE B 377 -25.75 -18.92 43.34
C ILE B 377 -26.85 -19.69 42.63
N ASP B 378 -28.09 -19.23 42.79
CA ASP B 378 -29.22 -19.86 42.13
C ASP B 378 -29.52 -19.02 40.88
N LEU B 379 -28.85 -19.32 39.77
CA LEU B 379 -29.05 -18.56 38.52
C LEU B 379 -30.27 -18.99 37.73
N VAL B 380 -31.02 -18.02 37.22
CA VAL B 380 -32.20 -18.32 36.41
C VAL B 380 -31.73 -18.44 34.95
N LEU B 381 -31.73 -19.67 34.44
CA LEU B 381 -31.27 -19.92 33.08
C LEU B 381 -32.36 -20.49 32.17
N GLY B 382 -32.21 -20.25 30.87
CA GLY B 382 -33.17 -20.76 29.91
C GLY B 382 -34.51 -20.05 29.86
N GLU B 383 -35.50 -20.60 30.53
CA GLU B 383 -36.83 -20.02 30.53
C GLU B 383 -37.08 -19.10 31.72
N PRO B 384 -38.03 -18.16 31.59
CA PRO B 384 -38.32 -17.24 32.70
C PRO B 384 -38.87 -18.08 33.84
N ARG B 385 -38.53 -17.71 35.08
CA ARG B 385 -39.02 -18.45 36.22
C ARG B 385 -40.21 -17.70 36.79
N SER B 386 -41.38 -18.32 36.77
CA SER B 386 -42.59 -17.70 37.27
C SER B 386 -42.76 -17.81 38.79
N THR B 387 -42.09 -16.92 39.51
CA THR B 387 -42.14 -16.88 40.97
C THR B 387 -42.94 -15.68 41.47
N ALA B 388 -43.39 -14.84 40.55
CA ALA B 388 -44.15 -13.63 40.88
C ALA B 388 -43.43 -12.80 41.95
N PRO B 389 -42.20 -12.33 41.64
CA PRO B 389 -41.41 -11.53 42.59
C PRO B 389 -42.09 -10.18 42.86
N ARG B 390 -41.89 -9.65 44.05
CA ARG B 390 -42.50 -8.37 44.41
C ARG B 390 -41.43 -7.32 44.74
N THR B 391 -40.24 -7.81 45.05
CA THR B 391 -39.12 -6.92 45.38
C THR B 391 -37.88 -7.41 44.66
N ALA B 392 -37.20 -6.50 43.98
CA ALA B 392 -36.02 -6.86 43.24
C ALA B 392 -34.85 -5.98 43.63
N LEU B 393 -33.66 -6.55 43.63
CA LEU B 393 -32.44 -5.79 43.93
C LEU B 393 -31.67 -5.77 42.60
N VAL B 394 -31.20 -4.58 42.21
CA VAL B 394 -30.44 -4.40 40.98
C VAL B 394 -29.05 -3.92 41.38
N LEU B 395 -28.02 -4.54 40.79
CA LEU B 395 -26.63 -4.23 41.09
C LEU B 395 -25.84 -3.78 39.87
N ALA B 396 -24.89 -2.87 40.08
CA ALA B 396 -24.06 -2.43 38.97
C ALA B 396 -22.72 -2.02 39.50
N ARG B 397 -21.64 -2.33 38.78
CA ARG B 397 -20.33 -1.91 39.24
C ARG B 397 -19.67 -1.17 38.13
N GLY B 398 -18.75 -0.27 38.50
CA GLY B 398 -18.04 0.48 37.51
C GLY B 398 -16.57 0.22 37.69
N ARG B 399 -15.85 0.18 36.57
CA ARG B 399 -14.41 -0.04 36.58
C ARG B 399 -13.71 0.85 37.59
N TRP B 400 -12.76 0.27 38.32
CA TRP B 400 -11.96 0.94 39.35
C TRP B 400 -12.61 0.89 40.74
N GLY B 401 -13.72 0.16 40.87
CA GLY B 401 -14.34 0.01 42.18
C GLY B 401 -15.70 0.59 42.50
N PHE B 402 -16.37 1.20 41.54
CA PHE B 402 -17.68 1.79 41.78
C PHE B 402 -18.77 0.73 41.98
N ASN B 403 -19.51 0.87 43.08
CA ASN B 403 -20.60 -0.05 43.42
C ASN B 403 -21.91 0.69 43.50
N SER B 404 -22.97 0.07 43.02
CA SER B 404 -24.27 0.70 43.05
C SER B 404 -25.36 -0.35 43.19
N ALA B 405 -26.29 -0.10 44.11
CA ALA B 405 -27.38 -1.01 44.35
C ALA B 405 -28.70 -0.25 44.40
N ALA B 406 -29.76 -0.89 43.93
CA ALA B 406 -31.07 -0.26 43.90
C ALA B 406 -32.15 -1.29 44.20
N VAL B 407 -33.06 -0.96 45.10
CA VAL B 407 -34.13 -1.88 45.43
C VAL B 407 -35.45 -1.35 44.87
N LEU B 408 -36.17 -2.21 44.16
CA LEU B 408 -37.45 -1.83 43.55
C LEU B 408 -38.59 -2.64 44.13
N ARG B 409 -39.81 -2.09 44.09
CA ARG B 409 -40.98 -2.79 44.59
C ARG B 409 -42.11 -2.80 43.57
N ARG B 410 -42.90 -3.87 43.61
CA ARG B 410 -44.04 -4.03 42.71
C ARG B 410 -45.04 -2.94 43.03
N PHE B 411 -45.61 -2.33 42.00
CA PHE B 411 -46.60 -1.26 42.17
C PHE B 411 -47.92 -1.79 42.73
N ARG C 3 40.99 -0.12 -2.81
CA ARG C 3 40.13 1.06 -3.12
C ARG C 3 40.22 2.15 -2.03
N ARG C 4 40.17 3.41 -2.44
CA ARG C 4 40.26 4.55 -1.50
C ARG C 4 38.91 5.10 -1.03
N VAL C 5 38.84 5.44 0.26
CA VAL C 5 37.60 5.94 0.83
C VAL C 5 37.68 7.37 1.35
N VAL C 6 36.68 8.17 1.01
CA VAL C 6 36.66 9.57 1.45
C VAL C 6 35.36 9.96 2.11
N ILE C 7 35.38 11.07 2.83
CA ILE C 7 34.23 11.62 3.53
C ILE C 7 33.68 12.78 2.69
N THR C 8 32.42 12.66 2.27
CA THR C 8 31.77 13.68 1.46
C THR C 8 30.71 14.46 2.21
N GLY C 9 30.35 13.99 3.41
CA GLY C 9 29.33 14.69 4.20
C GLY C 9 29.47 14.48 5.69
N VAL C 10 29.13 15.49 6.48
CA VAL C 10 29.25 15.38 7.92
C VAL C 10 27.97 15.80 8.65
N GLY C 11 27.70 15.13 9.77
CA GLY C 11 26.52 15.45 10.55
C GLY C 11 26.91 15.31 12.00
N VAL C 12 26.65 16.32 12.81
CA VAL C 12 27.02 16.27 14.22
C VAL C 12 25.94 16.77 15.17
N ARG C 13 25.93 16.18 16.36
CA ARG C 13 24.97 16.53 17.41
C ARG C 13 25.77 16.35 18.70
N ALA C 14 26.42 17.42 19.12
CA ALA C 14 27.23 17.38 20.33
C ALA C 14 26.73 18.44 21.29
N PRO C 15 27.03 18.28 22.57
CA PRO C 15 26.59 19.29 23.54
C PRO C 15 27.27 20.61 23.17
N GLY C 16 26.49 21.67 23.05
CA GLY C 16 27.05 22.96 22.67
C GLY C 16 27.42 23.00 21.19
N GLY C 17 27.16 21.91 20.48
CA GLY C 17 27.47 21.85 19.07
C GLY C 17 26.41 21.18 18.21
N ASN C 18 25.34 21.92 17.94
CA ASN C 18 24.27 21.39 17.11
C ASN C 18 24.60 21.74 15.66
N GLY C 19 25.33 20.84 15.01
CA GLY C 19 25.73 21.07 13.62
C GLY C 19 27.22 21.38 13.55
N THR C 20 27.84 21.07 12.41
CA THR C 20 29.27 21.31 12.23
C THR C 20 29.71 22.74 12.54
N ARG C 21 28.93 23.72 12.08
CA ARG C 21 29.23 25.13 12.31
C ARG C 21 29.38 25.45 13.80
N GLN C 22 28.29 25.22 14.54
CA GLN C 22 28.29 25.48 15.97
C GLN C 22 29.33 24.61 16.67
N PHE C 23 29.44 23.36 16.22
CA PHE C 23 30.40 22.43 16.79
C PHE C 23 31.83 22.95 16.69
N TRP C 24 32.22 23.35 15.47
CA TRP C 24 33.57 23.84 15.24
C TRP C 24 33.76 25.16 15.98
N GLU C 25 32.75 26.00 15.94
CA GLU C 25 32.81 27.28 16.63
C GLU C 25 33.15 27.07 18.10
N LEU C 26 32.50 26.08 18.72
CA LEU C 26 32.74 25.78 20.12
C LEU C 26 34.17 25.31 20.34
N LEU C 27 34.61 24.34 19.54
CA LEU C 27 35.95 23.79 19.67
C LEU C 27 37.05 24.81 19.44
N THR C 28 36.91 25.62 18.39
CA THR C 28 37.92 26.63 18.07
C THR C 28 37.93 27.75 19.10
N SER C 29 36.77 28.03 19.69
CA SER C 29 36.71 29.08 20.70
C SER C 29 37.28 28.60 22.02
N GLY C 30 37.46 27.28 22.15
CA GLY C 30 38.01 26.75 23.39
C GLY C 30 37.07 26.82 24.58
N ARG C 31 35.77 26.98 24.34
CA ARG C 31 34.83 27.02 25.46
C ARG C 31 34.22 25.64 25.71
N THR C 32 33.94 25.35 26.98
CA THR C 32 33.39 24.06 27.37
C THR C 32 31.88 24.01 27.31
N ALA C 33 31.35 22.78 27.28
CA ALA C 33 29.92 22.59 27.25
C ALA C 33 29.48 21.68 28.40
N THR C 34 30.36 21.55 29.39
CA THR C 34 30.08 20.73 30.57
C THR C 34 29.32 21.56 31.62
N ARG C 35 28.35 20.94 32.29
CA ARG C 35 27.54 21.62 33.31
C ARG C 35 26.99 20.59 34.30
N ARG C 36 26.17 21.04 35.24
CA ARG C 36 25.56 20.13 36.20
C ARG C 36 24.46 19.38 35.47
N ILE C 37 24.35 18.09 35.74
CA ILE C 37 23.33 17.27 35.10
C ILE C 37 21.93 17.82 35.34
N SER C 38 21.18 18.05 34.27
CA SER C 38 19.83 18.57 34.39
C SER C 38 18.77 17.54 34.02
N PHE C 39 19.17 16.40 33.44
CA PHE C 39 18.20 15.37 33.06
C PHE C 39 17.53 14.75 34.27
N PHE C 40 18.16 14.91 35.42
CA PHE C 40 17.65 14.41 36.69
C PHE C 40 18.53 15.02 37.78
N ASP C 41 18.09 14.89 39.02
CA ASP C 41 18.82 15.43 40.16
C ASP C 41 20.03 14.54 40.42
N PRO C 42 21.25 15.10 40.32
CA PRO C 42 22.53 14.40 40.51
C PRO C 42 22.93 14.26 41.97
N SER C 43 22.17 14.90 42.85
CA SER C 43 22.48 14.88 44.29
C SER C 43 22.95 13.55 44.87
N PRO C 44 22.22 12.46 44.61
CA PRO C 44 22.60 11.14 45.14
C PRO C 44 23.94 10.58 44.67
N TYR C 45 24.41 11.05 43.53
CA TYR C 45 25.64 10.55 42.92
C TYR C 45 26.95 11.31 43.15
N ARG C 46 28.06 10.62 42.90
CA ARG C 46 29.40 11.16 43.07
C ARG C 46 29.79 12.18 42.02
N SER C 47 29.61 11.84 40.74
CA SER C 47 29.93 12.75 39.66
C SER C 47 28.62 13.38 39.23
N GLN C 48 28.46 14.68 39.47
CA GLN C 48 27.22 15.36 39.14
C GLN C 48 27.30 16.27 37.93
N VAL C 49 28.37 16.15 37.16
CA VAL C 49 28.55 16.98 35.99
C VAL C 49 28.52 16.16 34.71
N ALA C 50 28.04 16.75 33.62
CA ALA C 50 27.98 16.06 32.34
C ALA C 50 27.90 17.07 31.20
N ALA C 51 28.02 16.57 29.97
CA ALA C 51 27.93 17.43 28.80
C ALA C 51 26.66 16.99 28.07
N GLU C 52 25.61 17.79 28.25
CA GLU C 52 24.29 17.52 27.66
C GLU C 52 24.08 18.33 26.38
N ALA C 53 23.50 17.69 25.39
CA ALA C 53 23.22 18.34 24.12
C ALA C 53 21.85 18.96 24.15
N ASP C 54 21.73 20.15 23.58
CA ASP C 54 20.44 20.80 23.53
C ASP C 54 19.71 20.20 22.34
N PHE C 55 19.04 19.08 22.55
CA PHE C 55 18.33 18.40 21.46
C PHE C 55 16.84 18.69 21.46
N ASP C 56 16.32 19.08 20.30
CA ASP C 56 14.90 19.36 20.17
C ASP C 56 14.27 18.41 19.14
N PRO C 57 13.84 17.22 19.58
CA PRO C 57 13.22 16.18 18.75
C PRO C 57 12.20 16.67 17.74
N VAL C 58 11.26 17.50 18.19
CA VAL C 58 10.21 18.02 17.32
C VAL C 58 10.81 18.91 16.23
N ALA C 59 11.72 19.80 16.62
CA ALA C 59 12.34 20.70 15.65
C ALA C 59 13.14 19.89 14.63
N GLU C 60 13.64 18.73 15.04
CA GLU C 60 14.41 17.87 14.16
C GLU C 60 13.49 17.23 13.10
N GLY C 61 12.20 17.17 13.40
CA GLY C 61 11.27 16.60 12.44
C GLY C 61 10.70 15.23 12.76
N PHE C 62 10.91 14.74 13.98
CA PHE C 62 10.39 13.44 14.31
C PHE C 62 8.91 13.51 14.64
N GLY C 63 8.14 12.57 14.08
CA GLY C 63 6.72 12.54 14.34
C GLY C 63 6.45 11.87 15.68
N PRO C 64 5.19 11.87 16.12
CA PRO C 64 4.77 11.27 17.39
C PRO C 64 5.12 9.77 17.54
N ARG C 65 4.92 8.99 16.51
CA ARG C 65 5.25 7.57 16.62
C ARG C 65 6.76 7.37 16.76
N GLU C 66 7.53 8.10 15.95
CA GLU C 66 8.98 7.99 16.00
C GLU C 66 9.50 8.38 17.39
N LEU C 67 8.96 9.46 17.95
CA LEU C 67 9.40 9.89 19.27
C LEU C 67 9.08 8.83 20.34
N ASP C 68 7.92 8.20 20.22
CA ASP C 68 7.50 7.19 21.16
C ASP C 68 8.31 5.89 21.00
N ARG C 69 8.71 5.60 19.78
CA ARG C 69 9.47 4.41 19.42
C ARG C 69 10.98 4.47 19.68
N MET C 70 11.65 5.46 19.10
CA MET C 70 13.09 5.58 19.22
C MET C 70 13.67 6.11 20.51
N ASP C 71 14.76 5.47 20.93
CA ASP C 71 15.48 5.86 22.11
C ASP C 71 16.22 7.14 21.70
N ARG C 72 16.58 7.95 22.68
CA ARG C 72 17.27 9.21 22.42
C ARG C 72 18.46 9.05 21.47
N ALA C 73 19.28 8.02 21.70
CA ALA C 73 20.46 7.80 20.86
C ALA C 73 20.10 7.55 19.40
N SER C 74 18.94 6.97 19.15
CA SER C 74 18.58 6.71 17.78
C SER C 74 18.19 8.04 17.15
N GLN C 75 17.46 8.86 17.89
CA GLN C 75 17.07 10.18 17.39
C GLN C 75 18.33 10.94 16.97
N PHE C 76 19.35 10.95 17.84
CA PHE C 76 20.61 11.63 17.53
C PHE C 76 21.23 11.09 16.25
N ALA C 77 21.26 9.76 16.12
CA ALA C 77 21.85 9.11 14.95
C ALA C 77 21.14 9.48 13.66
N VAL C 78 19.83 9.33 13.63
CA VAL C 78 19.09 9.68 12.43
C VAL C 78 19.30 11.15 12.09
N ALA C 79 19.17 12.04 13.08
CA ALA C 79 19.36 13.46 12.83
C ALA C 79 20.71 13.74 12.14
N CYS C 80 21.78 13.11 12.63
CA CYS C 80 23.09 13.30 12.03
C CYS C 80 23.23 12.69 10.65
N ALA C 81 22.65 11.51 10.46
CA ALA C 81 22.72 10.82 9.17
C ALA C 81 22.04 11.68 8.12
N ARG C 82 20.90 12.25 8.47
CA ARG C 82 20.18 13.10 7.54
C ARG C 82 20.94 14.37 7.21
N GLU C 83 21.72 14.84 8.17
CA GLU C 83 22.52 16.03 7.97
C GLU C 83 23.69 15.72 7.03
N ALA C 84 24.41 14.64 7.30
CA ALA C 84 25.54 14.22 6.48
C ALA C 84 25.08 13.98 5.04
N PHE C 85 23.88 13.40 4.92
CA PHE C 85 23.29 13.10 3.63
C PHE C 85 23.13 14.40 2.84
N ALA C 86 22.50 15.39 3.46
CA ALA C 86 22.28 16.69 2.83
C ALA C 86 23.60 17.34 2.39
N ALA C 87 24.58 17.36 3.28
CA ALA C 87 25.86 17.98 2.95
C ALA C 87 26.66 17.22 1.89
N SER C 88 26.38 15.93 1.71
CA SER C 88 27.11 15.13 0.73
C SER C 88 26.70 15.45 -0.70
N GLY C 89 25.54 16.08 -0.86
CA GLY C 89 25.08 16.40 -2.18
C GLY C 89 24.62 15.15 -2.92
N LEU C 90 24.71 14.00 -2.26
CA LEU C 90 24.29 12.72 -2.85
C LEU C 90 22.83 12.81 -3.26
N ASP C 91 22.49 12.20 -4.39
CA ASP C 91 21.11 12.21 -4.88
C ASP C 91 20.39 10.88 -4.67
N PRO C 92 19.33 10.88 -3.85
CA PRO C 92 18.57 9.66 -3.56
C PRO C 92 18.07 8.96 -4.81
N ASP C 93 17.70 9.72 -5.82
CA ASP C 93 17.18 9.16 -7.06
C ASP C 93 18.24 8.42 -7.88
N THR C 94 19.50 8.77 -7.68
CA THR C 94 20.59 8.13 -8.41
C THR C 94 21.25 6.99 -7.62
N LEU C 95 20.94 6.90 -6.33
CA LEU C 95 21.53 5.87 -5.47
C LEU C 95 20.88 4.49 -5.56
N ASP C 96 21.70 3.44 -5.58
CA ASP C 96 21.20 2.07 -5.61
C ASP C 96 21.25 1.58 -4.15
N PRO C 97 20.07 1.41 -3.53
CA PRO C 97 19.97 0.95 -2.13
C PRO C 97 20.83 -0.27 -1.84
N ALA C 98 20.91 -1.20 -2.78
CA ALA C 98 21.68 -2.41 -2.57
C ALA C 98 23.17 -2.13 -2.42
N ARG C 99 23.60 -0.90 -2.68
CA ARG C 99 25.01 -0.60 -2.55
C ARG C 99 25.27 0.42 -1.46
N VAL C 100 24.23 0.74 -0.70
CA VAL C 100 24.34 1.70 0.38
C VAL C 100 24.22 0.94 1.70
N GLY C 101 25.22 1.08 2.55
CA GLY C 101 25.20 0.39 3.83
C GLY C 101 25.24 1.32 5.02
N VAL C 102 25.27 0.75 6.21
CA VAL C 102 25.30 1.54 7.43
C VAL C 102 26.18 0.86 8.48
N SER C 103 27.01 1.66 9.15
CA SER C 103 27.87 1.15 10.21
C SER C 103 27.72 2.14 11.37
N LEU C 104 26.88 1.79 12.33
CA LEU C 104 26.60 2.64 13.47
C LEU C 104 27.24 2.11 14.74
N GLY C 105 27.99 2.97 15.42
CA GLY C 105 28.65 2.59 16.66
C GLY C 105 27.92 3.12 17.87
N SER C 106 27.98 2.37 18.97
CA SER C 106 27.34 2.78 20.22
C SER C 106 27.84 1.90 21.36
N ALA C 107 28.25 2.54 22.44
CA ALA C 107 28.78 1.85 23.60
C ALA C 107 27.69 1.33 24.55
N VAL C 108 26.74 2.19 24.91
CA VAL C 108 25.68 1.79 25.83
C VAL C 108 24.28 1.85 25.22
N ALA C 109 24.21 2.13 23.93
CA ALA C 109 22.93 2.15 23.23
C ALA C 109 21.72 2.70 23.98
N ALA C 110 20.70 1.86 24.18
CA ALA C 110 19.47 2.32 24.83
C ALA C 110 19.43 2.37 26.35
N ALA C 111 20.58 2.61 26.98
CA ALA C 111 20.61 2.69 28.44
C ALA C 111 19.52 3.64 28.96
N THR C 112 19.31 4.78 28.30
CA THR C 112 18.30 5.75 28.75
C THR C 112 16.87 5.18 28.75
N SER C 113 16.44 4.55 27.64
CA SER C 113 15.09 3.97 27.62
C SER C 113 14.98 2.72 28.50
N LEU C 114 16.08 1.98 28.67
CA LEU C 114 16.04 0.80 29.52
C LEU C 114 15.69 1.24 30.94
N GLU C 115 16.37 2.27 31.43
CA GLU C 115 16.11 2.75 32.79
C GLU C 115 14.70 3.27 32.95
N ARG C 116 14.23 4.01 31.95
CA ARG C 116 12.89 4.56 32.02
C ARG C 116 11.88 3.42 32.13
N GLU C 117 12.01 2.42 31.26
CA GLU C 117 11.09 1.30 31.28
C GLU C 117 11.30 0.43 32.52
N TYR C 118 12.53 0.39 33.02
CA TYR C 118 12.79 -0.41 34.21
C TYR C 118 11.93 0.07 35.38
N LEU C 119 11.89 1.38 35.58
CA LEU C 119 11.09 1.92 36.68
C LEU C 119 9.63 1.47 36.58
N LEU C 120 9.03 1.56 35.40
CA LEU C 120 7.63 1.14 35.25
C LEU C 120 7.47 -0.35 35.49
N LEU C 121 8.32 -1.17 34.88
CA LEU C 121 8.21 -2.62 35.07
C LEU C 121 8.37 -3.15 36.50
N SER C 122 9.44 -2.71 37.17
CA SER C 122 9.79 -3.13 38.52
C SER C 122 9.16 -2.33 39.68
N ASP C 123 8.42 -1.28 39.34
CA ASP C 123 7.82 -0.39 40.34
C ASP C 123 8.99 0.20 41.14
N SER C 124 9.86 0.90 40.41
CA SER C 124 11.04 1.56 40.97
C SER C 124 11.96 0.65 41.76
N GLY C 125 12.27 -0.53 41.23
CA GLY C 125 13.17 -1.44 41.92
C GLY C 125 12.57 -2.30 43.01
N ARG C 126 11.24 -2.30 43.15
CA ARG C 126 10.61 -3.09 44.20
C ARG C 126 10.51 -4.57 43.84
N ASP C 127 10.17 -4.87 42.59
CA ASP C 127 10.01 -6.25 42.17
C ASP C 127 10.99 -6.78 41.14
N TRP C 128 11.57 -7.94 41.48
CA TRP C 128 12.50 -8.61 40.59
C TRP C 128 11.68 -9.22 39.46
N GLU C 129 10.54 -9.83 39.80
CA GLU C 129 9.66 -10.40 38.79
C GLU C 129 8.76 -9.24 38.34
N VAL C 130 9.25 -8.50 37.35
CA VAL C 130 8.55 -7.33 36.84
C VAL C 130 7.15 -7.63 36.35
N ASP C 131 6.32 -6.60 36.38
CA ASP C 131 4.92 -6.68 35.98
C ASP C 131 4.71 -6.37 34.50
N ALA C 132 4.38 -7.41 33.73
CA ALA C 132 4.16 -7.26 32.30
C ALA C 132 3.01 -6.32 31.95
N ALA C 133 2.24 -5.89 32.95
CA ALA C 133 1.14 -4.97 32.66
C ALA C 133 1.76 -3.65 32.22
N TRP C 134 2.97 -3.39 32.71
CA TRP C 134 3.68 -2.18 32.37
C TRP C 134 4.71 -2.33 31.25
N LEU C 135 4.60 -3.43 30.50
CA LEU C 135 5.51 -3.75 29.40
C LEU C 135 5.40 -2.86 28.16
N SER C 136 6.43 -2.06 27.89
CA SER C 136 6.43 -1.20 26.70
C SER C 136 6.37 -2.03 25.42
N ARG C 137 5.70 -1.52 24.40
CA ARG C 137 5.60 -2.24 23.15
C ARG C 137 6.94 -2.23 22.41
N HIS C 138 7.84 -1.36 22.84
CA HIS C 138 9.17 -1.23 22.21
C HIS C 138 10.27 -1.84 23.08
N MET C 139 9.90 -2.52 24.17
CA MET C 139 10.88 -3.10 25.13
C MET C 139 11.94 -4.00 24.49
N PHE C 140 11.57 -4.83 23.53
CA PHE C 140 12.58 -5.69 22.91
C PHE C 140 13.66 -4.88 22.19
N ASP C 141 13.30 -3.72 21.65
CA ASP C 141 14.27 -2.90 20.93
C ASP C 141 15.22 -2.10 21.81
N TYR C 142 14.99 -2.10 23.13
CA TYR C 142 15.92 -1.45 24.04
C TYR C 142 16.82 -2.58 24.50
N LEU C 143 16.25 -3.78 24.64
CA LEU C 143 17.02 -4.99 25.03
C LEU C 143 18.06 -5.32 23.95
N VAL C 144 17.63 -5.29 22.69
CA VAL C 144 18.52 -5.58 21.57
C VAL C 144 18.61 -4.27 20.76
N PRO C 145 19.71 -3.51 20.93
CA PRO C 145 20.01 -2.22 20.28
C PRO C 145 20.00 -2.17 18.74
N SER C 146 19.98 -3.32 18.10
CA SER C 146 19.99 -3.43 16.62
C SER C 146 19.05 -2.47 15.91
N VAL C 147 18.05 -1.97 16.62
CA VAL C 147 17.10 -1.06 16.00
C VAL C 147 17.80 0.26 15.59
N MET C 148 18.86 0.64 16.29
CA MET C 148 19.58 1.87 16.00
C MET C 148 20.07 1.99 14.55
N PRO C 149 20.88 1.02 14.08
CA PRO C 149 21.38 1.08 12.70
C PRO C 149 20.20 1.01 11.73
N ALA C 150 19.18 0.23 12.10
CA ALA C 150 18.01 0.08 11.25
C ALA C 150 17.31 1.41 11.03
N GLU C 151 17.14 2.18 12.10
CA GLU C 151 16.49 3.49 12.00
C GLU C 151 17.26 4.38 11.02
N VAL C 152 18.60 4.28 11.04
CA VAL C 152 19.44 5.07 10.14
C VAL C 152 19.27 4.58 8.69
N ALA C 153 19.36 3.26 8.52
CA ALA C 153 19.22 2.67 7.20
C ALA C 153 17.89 3.10 6.58
N TRP C 154 16.82 3.12 7.37
CA TRP C 154 15.53 3.54 6.84
C TRP C 154 15.54 5.01 6.43
N ALA C 155 16.17 5.86 7.24
CA ALA C 155 16.23 7.29 6.95
C ALA C 155 17.07 7.61 5.70
N VAL C 156 18.11 6.81 5.45
CA VAL C 156 18.98 7.03 4.29
C VAL C 156 18.73 6.09 3.14
N GLY C 157 17.85 5.12 3.34
CA GLY C 157 17.54 4.15 2.30
C GLY C 157 18.61 3.10 2.02
N ALA C 158 19.22 2.57 3.08
CA ALA C 158 20.27 1.54 2.91
C ALA C 158 19.69 0.14 2.86
N GLU C 159 20.22 -0.69 1.96
CA GLU C 159 19.77 -2.07 1.85
C GLU C 159 20.96 -3.01 1.72
N GLY C 160 22.15 -2.44 1.90
CA GLY C 160 23.37 -3.23 1.81
C GLY C 160 23.75 -3.70 3.20
N PRO C 161 25.05 -3.84 3.50
CA PRO C 161 25.46 -4.28 4.84
C PRO C 161 25.06 -3.24 5.89
N VAL C 162 24.23 -3.64 6.85
CA VAL C 162 23.80 -2.75 7.92
C VAL C 162 24.13 -3.39 9.26
N THR C 163 24.88 -2.68 10.09
CA THR C 163 25.24 -3.23 11.38
C THR C 163 25.65 -2.20 12.41
N MET C 164 25.59 -2.62 13.66
CA MET C 164 25.97 -1.80 14.80
C MET C 164 27.30 -2.37 15.25
N VAL C 165 28.25 -1.50 15.55
CA VAL C 165 29.55 -1.92 16.03
C VAL C 165 29.51 -1.37 17.47
N SER C 166 29.72 -2.24 18.45
CA SER C 166 29.67 -1.83 19.85
C SER C 166 30.92 -2.32 20.54
N THR C 167 31.99 -1.53 20.50
CA THR C 167 33.26 -1.89 21.12
C THR C 167 33.62 -0.91 22.22
N GLY C 168 32.65 -0.61 23.08
CA GLY C 168 32.92 0.34 24.14
C GLY C 168 33.28 1.72 23.61
N CYS C 169 34.19 2.37 24.31
CA CYS C 169 34.60 3.73 23.99
C CYS C 169 35.47 3.94 22.74
N THR C 170 35.61 2.89 21.90
CA THR C 170 36.32 3.02 20.63
C THR C 170 35.32 2.72 19.49
N SER C 171 34.04 2.60 19.82
CA SER C 171 32.99 2.32 18.83
C SER C 171 32.93 3.43 17.76
N GLY C 172 33.17 4.67 18.18
CA GLY C 172 33.11 5.81 17.29
C GLY C 172 34.13 5.79 16.17
N LEU C 173 35.25 5.13 16.43
CA LEU C 173 36.30 4.99 15.45
C LEU C 173 36.06 3.68 14.71
N ASP C 174 35.88 2.60 15.45
CA ASP C 174 35.68 1.30 14.84
C ASP C 174 34.49 1.23 13.88
N SER C 175 33.44 1.97 14.16
CA SER C 175 32.26 1.94 13.29
C SER C 175 32.61 2.54 11.92
N VAL C 176 33.49 3.54 11.91
CA VAL C 176 33.89 4.17 10.67
C VAL C 176 34.92 3.29 9.99
N GLY C 177 35.82 2.73 10.78
CA GLY C 177 36.83 1.85 10.23
C GLY C 177 36.14 0.68 9.53
N ASN C 178 35.09 0.16 10.14
CA ASN C 178 34.36 -0.98 9.56
C ASN C 178 33.72 -0.60 8.22
N ALA C 179 33.20 0.61 8.15
CA ALA C 179 32.58 1.10 6.93
C ALA C 179 33.64 1.31 5.83
N VAL C 180 34.86 1.59 6.24
CA VAL C 180 35.95 1.78 5.28
C VAL C 180 36.28 0.44 4.66
N ARG C 181 36.36 -0.61 5.47
CA ARG C 181 36.65 -1.96 4.97
C ARG C 181 35.56 -2.42 4.02
N ALA C 182 34.31 -2.09 4.34
CA ALA C 182 33.20 -2.50 3.50
C ALA C 182 33.37 -1.95 2.09
N ILE C 183 33.65 -0.66 1.99
CA ILE C 183 33.83 -0.06 0.69
C ILE C 183 35.08 -0.58 -0.01
N GLU C 184 36.16 -0.75 0.76
CA GLU C 184 37.40 -1.25 0.21
C GLU C 184 37.24 -2.62 -0.44
N GLU C 185 36.64 -3.55 0.29
CA GLU C 185 36.46 -4.91 -0.23
C GLU C 185 35.32 -5.01 -1.27
N GLY C 186 34.63 -3.90 -1.50
CA GLY C 186 33.57 -3.91 -2.49
C GLY C 186 32.22 -4.42 -2.02
N SER C 187 32.02 -4.49 -0.71
CA SER C 187 30.72 -4.93 -0.19
C SER C 187 29.71 -3.80 -0.28
N ALA C 188 30.18 -2.59 -0.55
CA ALA C 188 29.29 -1.43 -0.67
C ALA C 188 30.01 -0.27 -1.36
N ASP C 189 29.24 0.65 -1.94
CA ASP C 189 29.86 1.78 -2.60
C ASP C 189 29.71 3.05 -1.78
N VAL C 190 28.61 3.14 -1.03
CA VAL C 190 28.33 4.29 -0.20
C VAL C 190 27.99 3.81 1.22
N MET C 191 28.65 4.37 2.22
CA MET C 191 28.39 3.98 3.60
C MET C 191 27.99 5.15 4.50
N PHE C 192 27.03 4.92 5.37
CA PHE C 192 26.62 5.94 6.32
C PHE C 192 27.18 5.42 7.63
N ALA C 193 28.29 6.01 8.07
CA ALA C 193 28.93 5.56 9.27
C ALA C 193 29.05 6.63 10.33
N GLY C 194 29.04 6.18 11.59
CA GLY C 194 29.17 7.10 12.70
C GLY C 194 28.89 6.38 14.01
N ALA C 195 28.48 7.16 15.00
CA ALA C 195 28.18 6.62 16.30
C ALA C 195 27.33 7.61 17.09
N ALA C 196 26.64 7.10 18.11
CA ALA C 196 25.79 7.89 18.96
C ALA C 196 25.64 7.20 20.31
N ASP C 197 25.61 7.98 21.38
CA ASP C 197 25.43 7.49 22.75
C ASP C 197 24.79 8.62 23.54
N THR C 198 23.78 8.26 24.33
CA THR C 198 23.07 9.20 25.20
C THR C 198 23.02 8.40 26.49
N PRO C 199 24.14 8.37 27.24
CA PRO C 199 24.32 7.65 28.50
C PRO C 199 24.11 8.41 29.80
N ILE C 200 23.63 9.63 29.72
CA ILE C 200 23.42 10.43 30.91
C ILE C 200 22.13 9.95 31.54
N THR C 201 22.24 8.88 32.34
CA THR C 201 21.10 8.31 33.02
C THR C 201 21.65 7.72 34.31
N PRO C 202 20.84 7.71 35.38
CA PRO C 202 21.25 7.19 36.68
C PRO C 202 22.11 5.93 36.70
N ILE C 203 21.71 4.88 35.98
CA ILE C 203 22.48 3.65 35.99
C ILE C 203 23.92 3.81 35.48
N VAL C 204 24.11 4.61 34.43
CA VAL C 204 25.46 4.81 33.90
C VAL C 204 26.33 5.65 34.83
N VAL C 205 25.75 6.72 35.39
CA VAL C 205 26.49 7.57 36.32
C VAL C 205 26.92 6.74 37.55
N ALA C 206 26.01 5.90 38.04
CA ALA C 206 26.32 5.07 39.20
C ALA C 206 27.39 4.03 38.89
N CYS C 207 27.39 3.51 37.66
CA CYS C 207 28.39 2.50 37.35
C CYS C 207 29.78 3.13 37.29
N PHE C 208 29.88 4.38 36.84
CA PHE C 208 31.20 5.02 36.78
C PHE C 208 31.65 5.52 38.16
N ASP C 209 30.71 5.92 39.01
CA ASP C 209 31.07 6.35 40.35
C ASP C 209 31.76 5.18 41.06
N ALA C 210 31.16 3.99 40.93
CA ALA C 210 31.66 2.74 41.54
C ALA C 210 33.14 2.52 41.31
N ILE C 211 33.63 2.90 40.14
CA ILE C 211 35.05 2.75 39.84
C ILE C 211 35.73 4.13 39.90
N ARG C 212 34.96 5.16 40.23
CA ARG C 212 35.47 6.53 40.34
C ARG C 212 36.23 6.93 39.09
N ALA C 213 35.66 6.57 37.94
CA ALA C 213 36.26 6.87 36.65
C ALA C 213 35.94 8.31 36.25
N THR C 214 34.78 8.80 36.68
CA THR C 214 34.34 10.16 36.37
C THR C 214 34.75 11.17 37.45
N THR C 215 34.91 12.43 37.04
CA THR C 215 35.31 13.50 37.96
C THR C 215 34.31 13.77 39.09
N ALA C 216 34.85 14.24 40.21
CA ALA C 216 34.03 14.57 41.37
C ALA C 216 33.98 16.08 41.62
N ARG C 217 34.44 16.87 40.66
CA ARG C 217 34.43 18.33 40.78
C ARG C 217 33.06 18.91 40.46
N ASN C 218 32.11 18.71 41.37
CA ASN C 218 30.76 19.18 41.14
C ASN C 218 30.57 20.67 41.41
N ASP C 219 31.59 21.29 41.99
CA ASP C 219 31.55 22.71 42.32
C ASP C 219 31.87 23.62 41.12
N ASP C 220 32.53 23.06 40.11
CA ASP C 220 32.91 23.85 38.93
C ASP C 220 32.70 23.03 37.65
N PRO C 221 31.44 22.73 37.29
CA PRO C 221 31.07 21.95 36.10
C PRO C 221 31.68 22.43 34.78
N GLU C 222 31.76 23.75 34.57
CA GLU C 222 32.31 24.27 33.33
C GLU C 222 33.79 23.99 33.11
N HIS C 223 34.50 23.52 34.13
CA HIS C 223 35.93 23.27 33.96
C HIS C 223 36.37 21.93 34.57
N ALA C 224 35.40 21.04 34.74
CA ALA C 224 35.62 19.74 35.34
C ALA C 224 36.47 18.78 34.49
N SER C 225 36.34 18.88 33.17
CA SER C 225 37.10 18.00 32.27
C SER C 225 38.47 18.61 31.98
N ARG C 226 39.49 18.04 32.60
CA ARG C 226 40.84 18.55 32.45
C ARG C 226 41.84 17.50 31.95
N PRO C 227 41.70 17.07 30.67
CA PRO C 227 42.65 16.08 30.17
C PRO C 227 44.09 16.60 30.19
N PHE C 228 45.02 15.72 30.56
CA PHE C 228 46.44 16.05 30.66
C PHE C 228 46.79 17.03 31.79
N ASP C 229 45.78 17.54 32.49
CA ASP C 229 46.02 18.50 33.58
C ASP C 229 46.45 17.78 34.86
N GLY C 230 47.37 18.38 35.60
CA GLY C 230 47.86 17.78 36.83
C GLY C 230 46.83 17.60 37.93
N THR C 231 45.70 18.29 37.80
CA THR C 231 44.63 18.22 38.80
C THR C 231 43.41 17.40 38.37
N ARG C 232 43.49 16.76 37.20
CA ARG C 232 42.39 15.95 36.69
C ARG C 232 42.09 14.79 37.62
N ASP C 233 40.82 14.36 37.64
CA ASP C 233 40.42 13.25 38.48
C ASP C 233 39.28 12.46 37.84
N GLY C 234 39.40 12.20 36.54
CA GLY C 234 38.38 11.44 35.84
C GLY C 234 37.73 12.21 34.72
N PHE C 235 37.01 11.50 33.87
CA PHE C 235 36.36 12.15 32.77
C PHE C 235 35.00 12.68 33.16
N VAL C 236 34.37 13.37 32.23
CA VAL C 236 33.04 13.90 32.46
C VAL C 236 32.12 13.17 31.49
N LEU C 237 31.06 12.60 32.04
CA LEU C 237 30.09 11.86 31.24
C LEU C 237 29.42 12.77 30.22
N ALA C 238 29.28 12.29 28.99
CA ALA C 238 28.66 13.09 27.94
C ALA C 238 27.84 12.27 26.93
N GLU C 239 26.99 12.98 26.19
CA GLU C 239 26.18 12.38 25.14
C GLU C 239 26.58 13.07 23.82
N GLY C 240 26.12 12.52 22.70
CA GLY C 240 26.43 13.10 21.42
C GLY C 240 26.39 12.10 20.29
N ALA C 241 26.52 12.58 19.07
CA ALA C 241 26.51 11.71 17.91
C ALA C 241 27.13 12.41 16.70
N ALA C 242 27.61 11.62 15.75
CA ALA C 242 28.20 12.17 14.53
C ALA C 242 28.08 11.11 13.46
N MET C 243 27.76 11.54 12.24
CA MET C 243 27.59 10.63 11.13
C MET C 243 28.32 11.22 9.93
N PHE C 244 28.81 10.34 9.05
CA PHE C 244 29.52 10.77 7.85
C PHE C 244 29.02 9.98 6.65
N VAL C 245 29.28 10.52 5.47
CA VAL C 245 28.94 9.87 4.22
C VAL C 245 30.30 9.47 3.67
N LEU C 246 30.47 8.18 3.42
CA LEU C 246 31.72 7.65 2.89
C LEU C 246 31.43 7.05 1.51
N GLU C 247 32.41 7.17 0.61
CA GLU C 247 32.28 6.59 -0.73
C GLU C 247 33.62 6.36 -1.41
N ASP C 248 33.61 5.58 -2.49
CA ASP C 248 34.82 5.28 -3.26
C ASP C 248 35.39 6.63 -3.70
N TYR C 249 36.71 6.78 -3.63
CA TYR C 249 37.34 8.04 -4.02
C TYR C 249 37.09 8.43 -5.47
N ASP C 250 37.23 7.48 -6.40
CA ASP C 250 37.00 7.76 -7.81
C ASP C 250 35.57 8.21 -8.05
N SER C 251 34.62 7.50 -7.45
CA SER C 251 33.20 7.83 -7.61
C SER C 251 32.90 9.24 -7.10
N ALA C 252 33.49 9.60 -5.96
CA ALA C 252 33.29 10.91 -5.37
C ALA C 252 33.74 12.02 -6.33
N LEU C 253 34.94 11.84 -6.90
CA LEU C 253 35.49 12.80 -7.85
C LEU C 253 34.59 12.84 -9.08
N ALA C 254 34.29 11.67 -9.61
CA ALA C 254 33.44 11.53 -10.79
C ALA C 254 32.18 12.37 -10.73
N ARG C 255 31.54 12.42 -9.56
CA ARG C 255 30.32 13.19 -9.41
C ARG C 255 30.58 14.59 -8.90
N GLY C 256 31.85 15.00 -8.90
CA GLY C 256 32.18 16.33 -8.42
C GLY C 256 31.75 16.57 -6.98
N ALA C 257 32.00 15.57 -6.13
CA ALA C 257 31.65 15.66 -4.72
C ALA C 257 32.71 16.46 -3.99
N ARG C 258 32.32 17.02 -2.85
CA ARG C 258 33.27 17.78 -2.07
C ARG C 258 33.93 16.80 -1.12
N ILE C 259 35.22 16.55 -1.34
CA ILE C 259 35.98 15.62 -0.52
C ILE C 259 36.56 16.34 0.69
N HIS C 260 36.00 16.06 1.85
CA HIS C 260 36.41 16.68 3.10
C HIS C 260 37.70 16.06 3.61
N ALA C 261 37.87 14.78 3.34
CA ALA C 261 39.08 14.10 3.77
C ALA C 261 39.06 12.66 3.29
N GLU C 262 40.21 12.02 3.42
CA GLU C 262 40.37 10.63 3.03
C GLU C 262 40.83 9.84 4.24
N ILE C 263 40.19 8.73 4.52
CA ILE C 263 40.61 7.90 5.64
C ILE C 263 41.65 7.00 5.00
N SER C 264 42.92 7.38 5.13
CA SER C 264 44.01 6.64 4.53
C SER C 264 44.51 5.50 5.41
N GLY C 265 44.05 5.46 6.65
CA GLY C 265 44.51 4.39 7.51
C GLY C 265 43.66 4.18 8.74
N TYR C 266 43.53 2.91 9.11
CA TYR C 266 42.74 2.51 10.26
C TYR C 266 43.29 1.21 10.83
N ALA C 267 43.28 1.07 12.14
CA ALA C 267 43.76 -0.14 12.78
C ALA C 267 43.18 -0.24 14.19
N THR C 268 43.11 -1.45 14.72
CA THR C 268 42.63 -1.66 16.08
C THR C 268 43.35 -2.87 16.63
N ARG C 269 43.67 -2.82 17.92
CA ARG C 269 44.38 -3.89 18.59
C ARG C 269 43.85 -3.90 20.02
N CYS C 270 44.19 -4.93 20.78
CA CYS C 270 43.73 -5.04 22.15
C CYS C 270 44.82 -5.16 23.19
N ASN C 271 44.51 -4.72 24.41
CA ASN C 271 45.42 -4.77 25.55
C ASN C 271 45.66 -6.21 25.98
N ALA C 272 44.57 -6.96 26.09
CA ALA C 272 44.59 -8.34 26.57
C ALA C 272 45.13 -8.20 28.00
N TYR C 273 44.84 -7.05 28.62
CA TYR C 273 45.33 -6.77 29.96
C TYR C 273 44.25 -6.71 31.04
N HIS C 274 43.36 -5.73 30.94
CA HIS C 274 42.33 -5.58 31.95
C HIS C 274 41.08 -4.99 31.31
N MET C 275 39.90 -5.28 31.85
CA MET C 275 38.68 -4.75 31.24
C MET C 275 38.53 -3.23 31.33
N THR C 276 39.23 -2.60 32.27
CA THR C 276 39.15 -1.14 32.42
C THR C 276 40.52 -0.49 32.63
N GLY C 277 41.43 -1.21 33.28
CA GLY C 277 42.75 -0.67 33.54
C GLY C 277 43.63 -0.62 32.31
N LEU C 278 44.58 0.32 32.32
CA LEU C 278 45.52 0.48 31.22
C LEU C 278 46.93 0.24 31.72
N LYS C 279 47.81 -0.23 30.83
CA LYS C 279 49.19 -0.51 31.20
C LYS C 279 50.04 0.71 30.80
N ALA C 280 50.76 1.27 31.76
CA ALA C 280 51.59 2.46 31.52
C ALA C 280 52.39 2.50 30.22
N ASP C 281 52.95 1.36 29.81
CA ASP C 281 53.75 1.29 28.60
C ASP C 281 53.10 1.80 27.30
N GLY C 282 51.79 1.61 27.17
CA GLY C 282 51.09 2.05 25.97
C GLY C 282 51.53 1.26 24.74
N ARG C 283 52.05 0.07 24.99
CA ARG C 283 52.54 -0.83 23.96
C ARG C 283 51.57 -1.05 22.80
N GLU C 284 50.42 -1.67 23.09
CA GLU C 284 49.43 -1.97 22.07
C GLU C 284 48.93 -0.72 21.34
N MET C 285 48.74 0.37 22.07
CA MET C 285 48.30 1.61 21.45
C MET C 285 49.36 2.06 20.46
N ALA C 286 50.63 1.96 20.84
CA ALA C 286 51.72 2.34 19.95
C ALA C 286 51.68 1.49 18.66
N GLU C 287 51.46 0.18 18.80
CA GLU C 287 51.39 -0.71 17.64
C GLU C 287 50.23 -0.29 16.73
N THR C 288 49.09 0.05 17.32
CA THR C 288 47.92 0.45 16.54
C THR C 288 48.24 1.68 15.69
N ILE C 289 48.97 2.61 16.27
CA ILE C 289 49.35 3.81 15.53
C ILE C 289 50.27 3.38 14.38
N ARG C 290 51.25 2.53 14.68
CA ARG C 290 52.17 2.07 13.64
C ARG C 290 51.44 1.41 12.45
N VAL C 291 50.50 0.52 12.75
CA VAL C 291 49.74 -0.17 11.70
C VAL C 291 48.92 0.81 10.88
N ALA C 292 48.22 1.71 11.56
CA ALA C 292 47.40 2.70 10.87
C ALA C 292 48.27 3.58 9.96
N LEU C 293 49.48 3.91 10.43
CA LEU C 293 50.38 4.73 9.62
C LEU C 293 50.88 3.94 8.42
N ASP C 294 51.27 2.70 8.68
CA ASP C 294 51.77 1.82 7.64
C ASP C 294 50.75 1.67 6.50
N GLU C 295 49.48 1.48 6.86
CA GLU C 295 48.44 1.34 5.85
C GLU C 295 48.38 2.59 5.00
N SER C 296 48.28 3.74 5.69
CA SER C 296 48.19 5.05 5.07
C SER C 296 49.42 5.41 4.22
N ARG C 297 50.50 4.65 4.39
CA ARG C 297 51.73 4.90 3.65
C ARG C 297 52.31 6.28 4.00
N THR C 298 51.96 6.78 5.17
CA THR C 298 52.43 8.08 5.63
C THR C 298 53.38 7.91 6.82
N ASP C 299 54.50 8.63 6.78
CA ASP C 299 55.50 8.58 7.85
C ASP C 299 54.99 9.34 9.06
N ALA C 300 55.57 9.05 10.22
CA ALA C 300 55.19 9.72 11.45
C ALA C 300 55.37 11.23 11.32
N THR C 301 56.40 11.64 10.57
CA THR C 301 56.69 13.05 10.36
C THR C 301 55.62 13.75 9.52
N ASP C 302 54.70 12.98 8.94
CA ASP C 302 53.63 13.55 8.14
C ASP C 302 52.42 13.97 8.98
N ILE C 303 52.38 13.52 10.23
CA ILE C 303 51.30 13.84 11.15
C ILE C 303 51.47 15.27 11.69
N ASP C 304 50.56 16.17 11.32
CA ASP C 304 50.63 17.56 11.74
C ASP C 304 49.80 17.91 12.97
N TYR C 305 48.95 16.97 13.38
CA TYR C 305 48.08 17.14 14.55
C TYR C 305 47.59 15.78 15.01
N ILE C 306 47.51 15.61 16.32
CA ILE C 306 47.05 14.35 16.93
C ILE C 306 45.85 14.61 17.83
N ASN C 307 44.70 14.03 17.48
CA ASN C 307 43.51 14.17 18.30
C ASN C 307 43.51 13.01 19.28
N ALA C 308 44.02 13.28 20.47
CA ALA C 308 44.13 12.26 21.49
C ALA C 308 42.82 11.68 21.99
N HIS C 309 42.95 10.73 22.90
CA HIS C 309 41.79 10.15 23.51
C HIS C 309 41.51 11.15 24.64
N GLY C 310 42.52 11.44 25.44
CA GLY C 310 42.40 12.42 26.52
C GLY C 310 41.08 12.50 27.29
N SER C 311 40.73 11.40 27.94
CA SER C 311 39.49 11.29 28.71
C SER C 311 39.50 12.18 29.95
N GLY C 312 40.69 12.32 30.54
CA GLY C 312 40.81 13.13 31.74
C GLY C 312 41.08 12.30 32.98
N THR C 313 41.21 10.98 32.81
CA THR C 313 41.51 10.11 33.95
C THR C 313 43.01 10.08 34.15
N ARG C 314 43.47 9.65 35.31
CA ARG C 314 44.91 9.63 35.58
C ARG C 314 45.64 8.65 34.67
N GLN C 315 45.18 7.40 34.65
CA GLN C 315 45.80 6.36 33.84
C GLN C 315 45.76 6.59 32.33
N ASN C 316 44.63 7.07 31.82
CA ASN C 316 44.54 7.27 30.38
C ASN C 316 45.54 8.26 29.79
N ASP C 317 45.37 9.53 30.13
CA ASP C 317 46.24 10.58 29.62
C ASP C 317 47.72 10.20 29.64
N ARG C 318 48.16 9.63 30.75
CA ARG C 318 49.54 9.21 30.88
C ARG C 318 49.82 8.05 29.93
N HIS C 319 48.85 7.15 29.83
CA HIS C 319 48.98 5.98 28.95
C HIS C 319 49.26 6.32 27.49
N GLU C 320 48.39 7.10 26.86
CA GLU C 320 48.59 7.43 25.46
C GLU C 320 49.82 8.31 25.24
N THR C 321 50.18 9.12 26.25
CA THR C 321 51.36 9.98 26.13
C THR C 321 52.56 9.10 25.84
N ALA C 322 52.64 7.98 26.53
CA ALA C 322 53.73 7.04 26.33
C ALA C 322 53.63 6.40 24.95
N ALA C 323 52.42 5.99 24.58
CA ALA C 323 52.21 5.35 23.28
C ALA C 323 52.65 6.23 22.12
N TYR C 324 52.42 7.54 22.25
CA TYR C 324 52.79 8.51 21.22
C TYR C 324 54.30 8.60 21.00
N LYS C 325 55.04 8.66 22.10
CA LYS C 325 56.49 8.75 22.03
C LYS C 325 57.08 7.43 21.59
N ARG C 326 56.38 6.35 21.91
CA ARG C 326 56.86 5.02 21.55
C ARG C 326 56.67 4.72 20.07
N ALA C 327 55.67 5.35 19.44
CA ALA C 327 55.38 5.11 18.04
C ALA C 327 55.85 6.24 17.11
N LEU C 328 55.82 7.46 17.61
CA LEU C 328 56.19 8.62 16.80
C LEU C 328 57.58 9.16 17.13
N GLY C 329 58.23 8.55 18.12
CA GLY C 329 59.56 8.99 18.51
C GLY C 329 59.63 10.46 18.89
N GLU C 330 60.72 11.10 18.52
CA GLU C 330 60.90 12.51 18.86
C GLU C 330 59.81 13.41 18.26
N HIS C 331 59.18 12.94 17.18
CA HIS C 331 58.13 13.71 16.54
C HIS C 331 56.90 13.89 17.45
N ALA C 332 56.84 13.08 18.52
CA ALA C 332 55.73 13.17 19.47
C ALA C 332 55.81 14.44 20.32
N ARG C 333 57.01 15.01 20.45
CA ARG C 333 57.20 16.23 21.22
C ARG C 333 57.14 17.44 20.31
N ARG C 334 57.11 17.18 19.01
CA ARG C 334 57.11 18.22 18.00
C ARG C 334 55.74 18.31 17.29
N THR C 335 54.77 17.58 17.82
CA THR C 335 53.43 17.57 17.22
C THR C 335 52.32 18.03 18.16
N PRO C 336 51.42 18.90 17.66
CA PRO C 336 50.30 19.44 18.43
C PRO C 336 49.31 18.34 18.79
N VAL C 337 49.04 18.17 20.07
CA VAL C 337 48.10 17.16 20.54
C VAL C 337 47.00 17.88 21.32
N SER C 338 45.78 17.35 21.31
CA SER C 338 44.71 17.96 22.07
C SER C 338 43.49 17.07 22.19
N SER C 339 42.71 17.28 23.25
CA SER C 339 41.51 16.50 23.51
C SER C 339 40.25 17.35 23.47
N ILE C 340 39.29 16.98 22.62
CA ILE C 340 38.07 17.77 22.58
C ILE C 340 37.17 17.45 23.76
N LYS C 341 37.46 16.35 24.45
CA LYS C 341 36.65 15.95 25.62
C LYS C 341 36.70 17.02 26.72
N SER C 342 37.75 17.83 26.68
CA SER C 342 37.94 18.92 27.65
C SER C 342 36.77 19.89 27.50
N MET C 343 36.16 19.88 26.32
CA MET C 343 35.04 20.76 26.04
C MET C 343 33.67 20.06 25.94
N VAL C 344 33.61 18.95 25.21
CA VAL C 344 32.36 18.20 25.01
C VAL C 344 32.22 16.94 25.85
N GLY C 345 33.15 16.74 26.78
CA GLY C 345 33.09 15.56 27.62
C GLY C 345 33.39 14.25 26.91
N HIS C 346 33.15 13.15 27.61
CA HIS C 346 33.41 11.81 27.09
C HIS C 346 32.09 11.10 26.77
N SER C 347 31.65 11.19 25.52
CA SER C 347 30.42 10.54 25.11
C SER C 347 30.58 9.06 24.75
N LEU C 348 31.61 8.44 25.34
CA LEU C 348 31.86 7.03 25.20
C LEU C 348 31.98 6.46 23.78
N GLY C 349 30.92 5.82 23.31
CA GLY C 349 30.94 5.23 21.98
C GLY C 349 30.83 6.27 20.89
N ALA C 350 30.17 7.39 21.19
CA ALA C 350 30.01 8.42 20.20
C ALA C 350 31.23 9.33 20.04
N ILE C 351 32.02 9.47 21.11
CA ILE C 351 33.17 10.39 21.05
C ILE C 351 34.11 10.19 19.86
N GLY C 352 34.46 8.94 19.55
CA GLY C 352 35.34 8.68 18.42
C GLY C 352 34.85 9.29 17.10
N SER C 353 33.53 9.27 16.88
CA SER C 353 33.01 9.85 15.65
C SER C 353 33.05 11.37 15.73
N LEU C 354 32.79 11.92 16.91
CA LEU C 354 32.84 13.36 17.06
C LEU C 354 34.27 13.82 16.76
N GLU C 355 35.25 13.05 17.23
CA GLU C 355 36.65 13.36 17.01
C GLU C 355 37.02 13.37 15.53
N ILE C 356 36.48 12.42 14.78
CA ILE C 356 36.71 12.33 13.35
C ILE C 356 36.15 13.59 12.71
N ALA C 357 34.96 13.98 13.16
CA ALA C 357 34.36 15.18 12.61
C ALA C 357 35.29 16.36 12.91
N ALA C 358 35.90 16.38 14.09
CA ALA C 358 36.80 17.47 14.46
C ALA C 358 38.03 17.46 13.57
N CYS C 359 38.60 16.28 13.35
CA CYS C 359 39.78 16.16 12.50
C CYS C 359 39.50 16.61 11.08
N VAL C 360 38.34 16.25 10.57
CA VAL C 360 37.93 16.65 9.23
C VAL C 360 37.86 18.17 9.16
N LEU C 361 37.25 18.77 10.18
CA LEU C 361 37.12 20.22 10.23
C LEU C 361 38.48 20.91 10.40
N ALA C 362 39.39 20.29 11.16
CA ALA C 362 40.71 20.87 11.36
C ALA C 362 41.46 20.91 10.03
N LEU C 363 41.38 19.83 9.27
CA LEU C 363 42.03 19.74 7.97
C LEU C 363 41.46 20.81 7.05
N GLU C 364 40.14 20.96 7.10
CA GLU C 364 39.46 21.93 6.26
C GLU C 364 39.79 23.39 6.56
N HIS C 365 39.64 23.80 7.82
CA HIS C 365 39.90 25.18 8.19
C HIS C 365 41.34 25.48 8.62
N GLY C 366 42.15 24.43 8.78
CA GLY C 366 43.52 24.64 9.19
C GLY C 366 43.64 25.21 10.59
N VAL C 367 42.82 24.71 11.52
CA VAL C 367 42.86 25.19 12.90
C VAL C 367 42.97 24.01 13.84
N VAL C 368 43.86 24.13 14.81
CA VAL C 368 44.05 23.08 15.78
C VAL C 368 43.31 23.36 17.07
N PRO C 369 42.29 22.54 17.38
CA PRO C 369 41.50 22.72 18.60
C PRO C 369 42.38 22.56 19.83
N PRO C 370 42.15 23.38 20.85
CA PRO C 370 42.95 23.30 22.07
C PRO C 370 42.34 22.37 23.12
N THR C 371 43.13 22.01 24.11
CA THR C 371 42.67 21.20 25.23
C THR C 371 42.25 22.28 26.22
N ALA C 372 40.95 22.47 26.42
CA ALA C 372 40.49 23.48 27.37
C ALA C 372 40.83 23.09 28.80
N ASN C 373 40.73 24.04 29.73
CA ASN C 373 40.99 23.81 31.15
C ASN C 373 42.38 23.32 31.53
N LEU C 374 43.27 23.22 30.56
CA LEU C 374 44.63 22.75 30.86
C LEU C 374 45.41 23.94 31.42
N ARG C 375 45.48 24.03 32.75
CA ARG C 375 46.18 25.14 33.42
C ARG C 375 47.41 24.70 34.22
N THR C 376 47.38 23.50 34.79
CA THR C 376 48.51 23.02 35.54
C THR C 376 49.05 21.79 34.85
N SER C 377 50.34 21.84 34.49
CA SER C 377 50.97 20.73 33.79
C SER C 377 51.22 19.54 34.70
N ASP C 378 51.38 18.37 34.08
CA ASP C 378 51.65 17.13 34.81
C ASP C 378 52.95 16.52 34.30
N PRO C 379 53.87 16.23 35.21
CA PRO C 379 55.18 15.64 34.91
C PRO C 379 55.13 14.41 34.01
N GLU C 380 54.05 13.65 34.08
CA GLU C 380 53.90 12.46 33.25
C GLU C 380 53.44 12.79 31.82
N CYS C 381 52.59 13.79 31.69
CA CYS C 381 52.11 14.23 30.39
C CYS C 381 52.96 15.46 30.01
N ASP C 382 54.13 15.23 29.43
CA ASP C 382 55.06 16.31 29.06
C ASP C 382 55.10 16.68 27.58
N LEU C 383 53.98 16.56 26.89
CA LEU C 383 53.93 16.89 25.47
C LEU C 383 53.19 18.21 25.26
N ASP C 384 53.02 18.59 24.01
CA ASP C 384 52.32 19.83 23.74
C ASP C 384 50.84 19.57 23.44
N TYR C 385 50.00 19.84 24.43
CA TYR C 385 48.56 19.58 24.31
C TYR C 385 47.70 20.79 23.93
N VAL C 386 48.30 21.78 23.28
CA VAL C 386 47.58 22.98 22.84
C VAL C 386 46.62 23.49 23.92
N PRO C 387 47.15 23.84 25.09
CA PRO C 387 46.32 24.33 26.18
C PRO C 387 45.60 25.66 25.95
N LEU C 388 44.31 25.65 26.28
CA LEU C 388 43.45 26.84 26.22
C LEU C 388 43.16 27.54 24.89
N GLU C 389 44.18 27.86 24.12
CA GLU C 389 43.97 28.59 22.88
C GLU C 389 44.21 27.77 21.61
N ALA C 390 43.33 27.94 20.63
CA ALA C 390 43.43 27.23 19.37
C ALA C 390 44.64 27.77 18.59
N ARG C 391 45.06 27.05 17.56
CA ARG C 391 46.20 27.48 16.75
C ARG C 391 45.92 27.40 15.26
N GLU C 392 46.56 28.28 14.51
CA GLU C 392 46.45 28.32 13.05
C GLU C 392 47.60 27.47 12.52
N ARG C 393 47.29 26.51 11.65
CA ARG C 393 48.33 25.65 11.09
C ARG C 393 47.83 24.86 9.90
N LYS C 394 48.69 24.63 8.91
CA LYS C 394 48.29 23.86 7.73
C LYS C 394 48.42 22.39 8.05
N LEU C 395 47.30 21.66 8.00
CA LEU C 395 47.34 20.24 8.31
C LEU C 395 47.26 19.38 7.05
N ARG C 396 48.27 18.52 6.87
CA ARG C 396 48.33 17.63 5.72
C ARG C 396 47.62 16.33 6.08
N SER C 397 48.05 15.77 7.20
CA SER C 397 47.48 14.53 7.70
C SER C 397 47.37 14.59 9.22
N VAL C 398 46.29 14.02 9.75
CA VAL C 398 46.05 14.02 11.19
C VAL C 398 45.86 12.60 11.70
N LEU C 399 46.09 12.41 12.99
CA LEU C 399 45.95 11.10 13.62
C LEU C 399 44.99 11.19 14.79
N THR C 400 44.02 10.29 14.83
CA THR C 400 43.11 10.29 15.97
C THR C 400 43.17 8.90 16.58
N VAL C 401 43.17 8.84 17.90
CA VAL C 401 43.22 7.56 18.61
C VAL C 401 42.12 7.47 19.65
N GLY C 402 41.82 6.23 20.02
CA GLY C 402 40.80 5.97 21.03
C GLY C 402 41.15 4.75 21.86
N SER C 403 40.66 4.72 23.10
CA SER C 403 40.88 3.60 24.01
C SER C 403 39.56 3.30 24.71
N GLY C 404 39.19 2.02 24.80
CA GLY C 404 37.92 1.68 25.44
C GLY C 404 37.96 0.42 26.29
N PHE C 405 37.01 0.31 27.22
CA PHE C 405 36.94 -0.86 28.08
C PHE C 405 36.99 -2.14 27.26
N GLY C 406 37.70 -3.13 27.77
CA GLY C 406 37.84 -4.37 27.04
C GLY C 406 39.24 -4.47 26.48
N GLY C 407 39.98 -3.37 26.53
CA GLY C 407 41.35 -3.38 26.04
C GLY C 407 41.52 -2.86 24.63
N PHE C 408 40.41 -2.48 24.00
CA PHE C 408 40.43 -1.96 22.63
C PHE C 408 41.29 -0.70 22.50
N GLN C 409 42.11 -0.65 21.45
CA GLN C 409 42.96 0.49 21.14
C GLN C 409 42.76 0.74 19.64
N SER C 410 42.24 1.89 19.27
CA SER C 410 42.02 2.18 17.85
C SER C 410 42.72 3.46 17.40
N ALA C 411 43.04 3.51 16.11
CA ALA C 411 43.71 4.67 15.53
C ALA C 411 43.32 4.87 14.09
N MET C 412 43.13 6.12 13.71
CA MET C 412 42.75 6.44 12.35
C MET C 412 43.53 7.63 11.80
N VAL C 413 43.97 7.52 10.56
CA VAL C 413 44.71 8.59 9.90
C VAL C 413 43.80 9.22 8.84
N LEU C 414 43.66 10.54 8.89
CA LEU C 414 42.84 11.27 7.93
C LEU C 414 43.71 12.32 7.22
N ARG C 415 43.49 12.52 5.93
CA ARG C 415 44.29 13.49 5.19
C ARG C 415 43.39 14.27 4.22
N ASP C 416 43.75 15.50 3.90
CA ASP C 416 42.93 16.28 2.97
C ASP C 416 42.96 15.72 1.55
N ALA C 417 42.05 16.22 0.72
CA ALA C 417 41.97 15.80 -0.68
C ALA C 417 43.30 16.05 -1.39
N GLU C 418 43.85 17.25 -1.17
CA GLU C 418 45.13 17.66 -1.78
C GLU C 418 46.17 16.55 -1.64
N THR C 419 46.57 16.28 -0.40
CA THR C 419 47.56 15.25 -0.09
C THR C 419 47.10 13.89 -0.62
N ALA C 420 45.79 13.75 -0.79
CA ALA C 420 45.20 12.50 -1.28
C ALA C 420 45.56 12.23 -2.74
N GLY C 421 45.14 13.14 -3.63
CA GLY C 421 45.45 12.98 -5.04
C GLY C 421 46.94 12.96 -5.31
N ALA C 422 47.69 13.70 -4.49
CA ALA C 422 49.14 13.78 -4.62
C ALA C 422 49.80 12.48 -4.11
N ALA C 423 49.09 11.77 -3.25
CA ALA C 423 49.58 10.51 -2.69
C ALA C 423 49.57 9.43 -3.76
N SER D 10 42.06 -19.01 1.61
CA SER D 10 41.05 -19.94 2.20
C SER D 10 40.98 -19.91 3.73
N VAL D 11 39.79 -19.68 4.28
CA VAL D 11 39.60 -19.65 5.73
C VAL D 11 38.92 -20.92 6.25
N LEU D 12 39.60 -21.59 7.17
CA LEU D 12 39.10 -22.84 7.72
C LEU D 12 38.62 -22.76 9.17
N ILE D 13 37.64 -23.60 9.50
CA ILE D 13 37.11 -23.69 10.86
C ILE D 13 37.89 -24.85 11.45
N THR D 14 38.87 -24.56 12.29
CA THR D 14 39.67 -25.63 12.84
C THR D 14 39.21 -26.12 14.21
N GLY D 15 38.39 -25.33 14.89
CA GLY D 15 37.92 -25.76 16.20
C GLY D 15 36.60 -25.16 16.59
N VAL D 16 35.79 -25.94 17.29
CA VAL D 16 34.49 -25.43 17.72
C VAL D 16 34.19 -25.74 19.19
N GLY D 17 33.43 -24.84 19.80
CA GLY D 17 33.03 -25.00 21.19
C GLY D 17 31.53 -24.74 21.28
N VAL D 18 30.75 -25.72 21.73
CA VAL D 18 29.31 -25.48 21.81
C VAL D 18 28.71 -25.60 23.21
N VAL D 19 27.81 -24.68 23.51
CA VAL D 19 27.09 -24.66 24.78
C VAL D 19 25.63 -24.51 24.35
N ALA D 20 24.92 -25.63 24.34
CA ALA D 20 23.53 -25.64 23.90
C ALA D 20 22.52 -26.18 24.91
N PRO D 21 21.27 -25.70 24.84
CA PRO D 21 20.25 -26.20 25.77
C PRO D 21 20.15 -27.72 25.75
N ASN D 22 20.54 -28.35 24.65
CA ASN D 22 20.46 -29.81 24.54
C ASN D 22 21.80 -30.55 24.50
N GLY D 23 22.88 -29.83 24.78
CA GLY D 23 24.20 -30.43 24.79
C GLY D 23 25.27 -29.44 25.25
N LEU D 24 25.90 -29.72 26.38
CA LEU D 24 26.95 -28.86 26.91
C LEU D 24 28.22 -29.45 26.32
N GLY D 25 28.55 -28.97 25.12
CA GLY D 25 29.72 -29.46 24.40
C GLY D 25 29.31 -30.13 23.10
N LEU D 26 30.18 -30.06 22.10
CA LEU D 26 29.93 -30.64 20.77
C LEU D 26 29.29 -32.04 20.82
N ALA D 27 29.97 -32.98 21.47
CA ALA D 27 29.50 -34.36 21.53
C ALA D 27 28.04 -34.52 21.95
N PRO D 28 27.68 -34.05 23.16
CA PRO D 28 26.28 -34.18 23.60
C PRO D 28 25.33 -33.46 22.64
N TYR D 29 25.73 -32.27 22.20
CA TYR D 29 24.88 -31.51 21.29
C TYR D 29 24.58 -32.26 20.00
N TRP D 30 25.62 -32.71 19.33
CA TRP D 30 25.47 -33.43 18.06
C TRP D 30 24.59 -34.66 18.24
N SER D 31 24.83 -35.38 19.33
CA SER D 31 24.07 -36.59 19.60
C SER D 31 22.59 -36.25 19.76
N ALA D 32 22.30 -35.20 20.53
CA ALA D 32 20.90 -34.83 20.72
C ALA D 32 20.28 -34.41 19.37
N VAL D 33 21.02 -33.64 18.59
CA VAL D 33 20.52 -33.20 17.27
C VAL D 33 20.11 -34.35 16.34
N LEU D 34 20.96 -35.36 16.22
CA LEU D 34 20.68 -36.50 15.37
C LEU D 34 19.49 -37.30 15.84
N ASP D 35 19.31 -37.35 17.16
CA ASP D 35 18.21 -38.09 17.77
C ASP D 35 16.94 -37.24 17.91
N GLY D 36 17.05 -35.96 17.60
CA GLY D 36 15.90 -35.09 17.70
C GLY D 36 15.53 -34.74 19.12
N ARG D 37 16.47 -34.87 20.06
CA ARG D 37 16.18 -34.52 21.44
C ARG D 37 16.35 -33.02 21.58
N HIS D 38 15.32 -32.34 22.06
CA HIS D 38 15.40 -30.90 22.23
C HIS D 38 15.69 -30.57 23.70
N GLY D 39 16.11 -29.34 23.96
CA GLY D 39 16.40 -28.96 25.33
C GLY D 39 15.43 -27.90 25.81
N LEU D 40 14.21 -27.98 25.30
CA LEU D 40 13.17 -27.02 25.65
C LEU D 40 12.33 -27.48 26.84
N GLY D 41 11.77 -26.51 27.56
CA GLY D 41 10.95 -26.81 28.72
C GLY D 41 10.57 -25.53 29.44
N PRO D 42 9.84 -25.63 30.56
CA PRO D 42 9.44 -24.44 31.31
C PRO D 42 10.64 -23.68 31.87
N VAL D 43 10.53 -22.36 31.92
CA VAL D 43 11.61 -21.54 32.48
C VAL D 43 11.60 -21.83 33.98
N THR D 44 12.79 -21.98 34.57
CA THR D 44 12.89 -22.28 35.99
C THR D 44 13.76 -21.24 36.70
N ARG D 45 14.32 -20.31 35.93
CA ARG D 45 15.16 -19.25 36.48
C ARG D 45 14.39 -18.30 37.39
N PHE D 46 13.08 -18.25 37.20
CA PHE D 46 12.20 -17.41 37.99
C PHE D 46 10.80 -18.00 37.83
N ASP D 47 9.78 -17.40 38.44
CA ASP D 47 8.41 -17.95 38.32
C ASP D 47 7.71 -17.49 37.05
N VAL D 48 7.87 -18.23 35.95
CA VAL D 48 7.26 -17.85 34.67
C VAL D 48 5.76 -18.00 34.56
N SER D 49 5.14 -18.63 35.56
CA SER D 49 3.72 -18.87 35.52
C SER D 49 2.93 -17.58 35.44
N ARG D 50 3.57 -16.46 35.74
CA ARG D 50 2.85 -15.20 35.72
C ARG D 50 2.98 -14.45 34.40
N TYR D 51 3.54 -15.10 33.38
CA TYR D 51 3.69 -14.48 32.06
C TYR D 51 3.04 -15.33 30.97
N PRO D 52 2.69 -14.71 29.84
CA PRO D 52 2.06 -15.41 28.70
C PRO D 52 2.92 -16.53 28.14
N ALA D 53 4.21 -16.26 28.04
CA ALA D 53 5.16 -17.22 27.50
C ALA D 53 5.92 -17.91 28.64
N THR D 54 6.08 -19.23 28.54
CA THR D 54 6.73 -20.00 29.59
C THR D 54 7.79 -21.01 29.17
N LEU D 55 7.98 -21.20 27.87
CA LEU D 55 8.97 -22.17 27.40
C LEU D 55 10.27 -21.51 26.91
N ALA D 56 11.41 -22.12 27.25
CA ALA D 56 12.71 -21.60 26.83
C ALA D 56 13.74 -22.71 26.71
N GLY D 57 14.81 -22.44 25.96
CA GLY D 57 15.88 -23.41 25.83
C GLY D 57 16.88 -23.09 26.92
N GLN D 58 16.77 -23.74 28.07
CA GLN D 58 17.70 -23.49 29.18
C GLN D 58 18.88 -24.45 29.20
N ILE D 59 20.04 -23.96 29.61
CA ILE D 59 21.19 -24.86 29.74
C ILE D 59 21.17 -25.12 31.24
N ASP D 60 20.87 -26.35 31.65
CA ASP D 60 20.77 -26.67 33.08
C ASP D 60 21.88 -27.49 33.70
N ASP D 61 22.86 -27.92 32.91
CA ASP D 61 23.96 -28.72 33.44
C ASP D 61 25.28 -27.95 33.43
N PHE D 62 25.17 -26.62 33.49
CA PHE D 62 26.35 -25.76 33.49
C PHE D 62 26.52 -25.02 34.81
N HIS D 63 27.50 -25.44 35.59
CA HIS D 63 27.78 -24.78 36.86
C HIS D 63 29.10 -24.03 36.64
N ALA D 64 29.00 -22.72 36.43
CA ALA D 64 30.18 -21.87 36.16
C ALA D 64 31.43 -22.11 36.99
N PRO D 65 31.29 -22.19 38.33
CA PRO D 65 32.47 -22.42 39.17
C PRO D 65 33.30 -23.63 38.76
N ASP D 66 32.70 -24.56 38.03
CA ASP D 66 33.47 -25.73 37.58
C ASP D 66 34.17 -25.49 36.25
N HIS D 67 33.87 -24.37 35.58
CA HIS D 67 34.46 -24.07 34.27
C HIS D 67 35.22 -22.75 34.16
N ILE D 68 34.86 -21.80 35.02
CA ILE D 68 35.42 -20.46 35.06
C ILE D 68 36.18 -20.20 36.37
N PRO D 69 37.40 -19.63 36.27
CA PRO D 69 38.25 -19.31 37.42
C PRO D 69 37.46 -18.47 38.43
N GLY D 70 37.68 -18.70 39.72
CA GLY D 70 36.95 -17.94 40.73
C GLY D 70 37.04 -16.43 40.55
N ARG D 71 38.20 -15.99 40.09
CA ARG D 71 38.46 -14.59 39.85
C ARG D 71 37.46 -13.95 38.88
N LEU D 72 36.98 -14.72 37.92
CA LEU D 72 36.05 -14.21 36.93
C LEU D 72 34.59 -14.34 37.28
N LEU D 73 34.27 -15.20 38.24
CA LEU D 73 32.88 -15.40 38.62
C LEU D 73 32.11 -14.13 39.01
N PRO D 74 32.67 -13.31 39.93
CA PRO D 74 32.04 -12.07 40.38
C PRO D 74 31.73 -11.02 39.33
N GLN D 75 32.55 -10.99 38.28
CA GLN D 75 32.43 -9.99 37.24
C GLN D 75 31.89 -10.48 35.91
N THR D 76 31.21 -11.63 35.88
CA THR D 76 30.67 -12.13 34.62
C THR D 76 29.20 -12.52 34.67
N ASP D 77 28.51 -12.16 33.59
CA ASP D 77 27.11 -12.46 33.38
C ASP D 77 27.03 -13.92 32.92
N PRO D 78 25.86 -14.56 33.06
CA PRO D 78 25.73 -15.95 32.62
C PRO D 78 26.17 -16.12 31.16
N SER D 79 25.74 -15.19 30.31
CA SER D 79 26.12 -15.29 28.91
C SER D 79 27.64 -15.30 28.75
N THR D 80 28.35 -14.41 29.44
CA THR D 80 29.81 -14.33 29.32
C THR D 80 30.52 -15.61 29.78
N ARG D 81 29.99 -16.25 30.82
CA ARG D 81 30.58 -17.48 31.34
C ARG D 81 30.47 -18.62 30.33
N LEU D 82 29.36 -18.61 29.59
CA LEU D 82 29.11 -19.62 28.57
C LEU D 82 30.02 -19.36 27.38
N ALA D 83 30.24 -18.09 27.06
CA ALA D 83 31.10 -17.73 25.93
C ALA D 83 32.56 -18.07 26.21
N LEU D 84 33.00 -17.87 27.44
CA LEU D 84 34.38 -18.17 27.82
C LEU D 84 34.57 -19.68 27.81
N THR D 85 33.60 -20.41 28.37
CA THR D 85 33.70 -21.86 28.38
C THR D 85 33.80 -22.35 26.94
N ALA D 86 32.93 -21.82 26.09
CA ALA D 86 32.90 -22.17 24.67
C ALA D 86 34.21 -21.84 23.96
N ALA D 87 34.68 -20.61 24.14
CA ALA D 87 35.92 -20.17 23.52
C ALA D 87 37.05 -21.12 23.89
N ASP D 88 37.18 -21.36 25.18
CA ASP D 88 38.22 -22.24 25.68
C ASP D 88 38.17 -23.60 24.98
N TRP D 89 36.97 -24.19 24.91
CA TRP D 89 36.82 -25.48 24.26
C TRP D 89 37.19 -25.44 22.78
N ALA D 90 36.81 -24.36 22.09
CA ALA D 90 37.13 -24.24 20.66
C ALA D 90 38.65 -24.23 20.43
N LEU D 91 39.36 -23.44 21.23
CA LEU D 91 40.82 -23.36 21.10
C LEU D 91 41.49 -24.70 21.32
N GLN D 92 41.06 -25.44 22.33
CA GLN D 92 41.72 -26.72 22.53
C GLN D 92 41.25 -27.75 21.52
N ASP D 93 40.05 -27.59 21.00
CA ASP D 93 39.55 -28.50 19.97
C ASP D 93 40.46 -28.31 18.74
N ALA D 94 40.85 -27.06 18.49
CA ALA D 94 41.72 -26.77 17.35
C ALA D 94 43.19 -27.05 17.69
N LYS D 95 43.46 -27.51 18.90
CA LYS D 95 44.83 -27.77 19.32
C LYS D 95 45.65 -26.50 19.15
N ALA D 96 45.04 -25.36 19.45
CA ALA D 96 45.71 -24.08 19.32
C ALA D 96 46.02 -23.54 20.71
N ASP D 97 47.31 -23.30 20.98
CA ASP D 97 47.72 -22.77 22.27
C ASP D 97 48.13 -21.32 22.12
N PRO D 98 47.31 -20.40 22.67
CA PRO D 98 47.56 -18.96 22.61
C PRO D 98 48.95 -18.58 23.12
N GLU D 99 49.35 -19.14 24.25
CA GLU D 99 50.65 -18.82 24.82
C GLU D 99 51.79 -19.25 23.91
N SER D 100 51.46 -19.98 22.85
CA SER D 100 52.46 -20.46 21.92
C SER D 100 52.37 -19.75 20.56
N LEU D 101 51.45 -18.80 20.45
CA LEU D 101 51.28 -18.05 19.22
C LEU D 101 51.59 -16.58 19.50
N THR D 102 51.76 -15.79 18.44
CA THR D 102 52.07 -14.37 18.59
C THR D 102 50.79 -13.64 18.98
N ASP D 103 50.83 -12.90 20.09
CA ASP D 103 49.65 -12.17 20.57
C ASP D 103 48.92 -11.40 19.49
N TYR D 104 49.64 -10.62 18.71
CA TYR D 104 49.04 -9.83 17.65
C TYR D 104 48.44 -10.67 16.52
N ASP D 105 48.82 -11.94 16.41
CA ASP D 105 48.26 -12.79 15.36
C ASP D 105 46.91 -13.42 15.74
N MET D 106 46.37 -13.10 16.90
CA MET D 106 45.09 -13.66 17.32
C MET D 106 44.06 -12.56 17.57
N GLY D 107 42.94 -12.65 16.86
CA GLY D 107 41.89 -11.67 17.03
C GLY D 107 40.62 -12.32 17.54
N VAL D 108 39.68 -11.51 18.01
CA VAL D 108 38.41 -12.02 18.52
C VAL D 108 37.28 -11.18 17.95
N VAL D 109 36.31 -11.82 17.32
CA VAL D 109 35.16 -11.10 16.76
C VAL D 109 33.89 -11.81 17.20
N THR D 110 33.08 -11.15 18.04
CA THR D 110 31.84 -11.76 18.51
C THR D 110 30.64 -10.91 18.21
N ALA D 111 29.46 -11.53 18.23
CA ALA D 111 28.24 -10.77 18.06
C ALA D 111 27.61 -10.88 19.46
N ASN D 112 26.78 -9.91 19.85
CA ASN D 112 26.12 -9.94 21.16
C ASN D 112 24.80 -9.21 21.02
N ALA D 113 23.69 -9.83 21.36
CA ALA D 113 22.40 -9.16 21.20
C ALA D 113 21.83 -8.50 22.46
N CYS D 114 21.86 -9.24 23.57
CA CYS D 114 21.33 -8.76 24.84
C CYS D 114 22.41 -8.24 25.80
N GLY D 115 23.65 -8.67 25.59
CA GLY D 115 24.71 -8.26 26.50
C GLY D 115 24.46 -8.97 27.82
N GLY D 116 25.18 -8.60 28.88
CA GLY D 116 24.97 -9.26 30.16
C GLY D 116 23.73 -8.73 30.83
N PHE D 117 22.57 -9.08 30.29
CA PHE D 117 21.33 -8.55 30.82
C PHE D 117 20.92 -8.96 32.23
N ASP D 118 21.11 -10.22 32.62
CA ASP D 118 20.76 -10.62 33.97
C ASP D 118 21.57 -9.75 34.92
N PHE D 119 22.87 -9.65 34.67
CA PHE D 119 23.76 -8.84 35.51
C PHE D 119 23.27 -7.39 35.60
N THR D 120 23.00 -6.76 34.46
CA THR D 120 22.57 -5.37 34.52
C THR D 120 21.21 -5.18 35.20
N HIS D 121 20.33 -6.17 35.09
CA HIS D 121 19.03 -6.06 35.73
C HIS D 121 19.23 -5.97 37.24
N ARG D 122 20.09 -6.83 37.77
CA ARG D 122 20.37 -6.85 39.19
C ARG D 122 20.92 -5.50 39.66
N GLU D 123 21.74 -4.86 38.82
CA GLU D 123 22.32 -3.57 39.20
C GLU D 123 21.27 -2.46 39.18
N PHE D 124 20.33 -2.54 38.25
CA PHE D 124 19.25 -1.56 38.18
C PHE D 124 18.40 -1.69 39.46
N ARG D 125 18.18 -2.92 39.92
CA ARG D 125 17.37 -3.13 41.12
C ARG D 125 18.08 -2.52 42.32
N LYS D 126 19.35 -2.86 42.50
CA LYS D 126 20.13 -2.33 43.60
C LYS D 126 20.14 -0.81 43.62
N LEU D 127 20.36 -0.19 42.46
CA LEU D 127 20.41 1.27 42.34
C LEU D 127 19.15 1.91 42.86
N TRP D 128 17.99 1.44 42.40
CA TRP D 128 16.75 2.03 42.82
C TRP D 128 16.21 1.49 44.13
N SER D 129 16.80 0.40 44.60
CA SER D 129 16.36 -0.21 45.83
C SER D 129 17.21 0.26 47.02
N GLU D 130 18.52 0.18 46.87
CA GLU D 130 19.43 0.58 47.95
C GLU D 130 20.03 1.96 47.73
N GLY D 131 20.47 2.23 46.50
CA GLY D 131 21.10 3.51 46.18
C GLY D 131 22.29 3.26 45.27
N PRO D 132 22.84 4.30 44.64
CA PRO D 132 23.98 4.20 43.73
C PRO D 132 25.23 3.56 44.34
N LYS D 133 25.41 3.73 45.63
CA LYS D 133 26.57 3.18 46.31
C LYS D 133 26.60 1.65 46.34
N SER D 134 25.48 1.00 46.11
CA SER D 134 25.49 -0.45 46.14
C SER D 134 25.82 -1.07 44.76
N VAL D 135 25.97 -0.23 43.75
CA VAL D 135 26.29 -0.69 42.39
C VAL D 135 27.68 -1.31 42.30
N SER D 136 27.73 -2.50 41.72
CA SER D 136 28.97 -3.26 41.56
C SER D 136 30.06 -2.53 40.77
N VAL D 137 31.31 -2.86 41.08
CA VAL D 137 32.43 -2.24 40.39
C VAL D 137 32.62 -2.91 39.01
N TYR D 138 31.80 -3.90 38.70
CA TYR D 138 31.93 -4.59 37.41
C TYR D 138 30.80 -4.20 36.45
N GLU D 139 29.79 -3.50 36.97
CA GLU D 139 28.67 -3.07 36.16
C GLU D 139 29.16 -2.28 34.96
N SER D 140 30.30 -1.62 35.12
CA SER D 140 30.86 -0.82 34.04
C SER D 140 31.33 -1.62 32.82
N PHE D 141 31.59 -2.93 32.99
CA PHE D 141 32.00 -3.74 31.84
C PHE D 141 31.32 -5.11 31.74
N ALA D 142 30.52 -5.49 32.74
CA ALA D 142 29.86 -6.80 32.71
C ALA D 142 28.65 -6.86 31.79
N TRP D 143 28.04 -5.71 31.53
CA TRP D 143 26.86 -5.64 30.68
C TRP D 143 27.09 -5.33 29.21
N PHE D 144 27.81 -4.23 28.93
CA PHE D 144 28.03 -3.77 27.56
C PHE D 144 28.31 -4.86 26.51
N TYR D 145 27.81 -4.61 25.31
CA TYR D 145 27.90 -5.57 24.20
C TYR D 145 29.27 -6.08 23.83
N ALA D 146 30.32 -5.32 24.13
CA ALA D 146 31.66 -5.76 23.80
C ALA D 146 32.24 -6.73 24.83
N VAL D 147 31.54 -6.94 25.94
CA VAL D 147 32.05 -7.79 27.02
C VAL D 147 32.66 -9.14 26.65
N ASN D 148 32.02 -9.90 25.77
CA ASN D 148 32.58 -11.21 25.46
C ASN D 148 33.89 -11.16 24.68
N THR D 149 34.01 -10.21 23.76
CA THR D 149 35.25 -10.06 23.00
C THR D 149 36.39 -9.67 23.94
N GLY D 150 36.14 -8.66 24.76
CA GLY D 150 37.16 -8.19 25.68
C GLY D 150 37.63 -9.25 26.68
N GLN D 151 36.68 -10.03 27.20
CA GLN D 151 37.00 -11.07 28.17
C GLN D 151 37.73 -12.24 27.48
N ILE D 152 37.29 -12.61 26.29
CA ILE D 152 37.96 -13.71 25.60
C ILE D 152 39.39 -13.29 25.26
N SER D 153 39.54 -12.02 24.89
CA SER D 153 40.84 -11.44 24.54
C SER D 153 41.83 -11.51 25.71
N ILE D 154 41.42 -10.94 26.83
CA ILE D 154 42.26 -10.93 28.02
C ILE D 154 42.62 -12.34 28.50
N ARG D 155 41.62 -13.22 28.57
CA ARG D 155 41.90 -14.56 29.06
C ARG D 155 42.92 -15.34 28.24
N HIS D 156 42.95 -15.14 26.93
CA HIS D 156 43.90 -15.89 26.12
C HIS D 156 45.08 -15.10 25.56
N GLY D 157 45.16 -13.82 25.92
CA GLY D 157 46.26 -12.98 25.43
C GLY D 157 46.16 -12.70 23.93
N MET D 158 44.95 -12.55 23.44
CA MET D 158 44.74 -12.25 22.02
C MET D 158 44.75 -10.74 21.88
N ARG D 159 45.70 -10.22 21.11
CA ARG D 159 45.82 -8.78 20.97
C ARG D 159 45.59 -8.21 19.55
N GLY D 160 45.25 -9.09 18.61
CA GLY D 160 45.01 -8.65 17.24
C GLY D 160 43.70 -7.90 17.06
N PRO D 161 43.39 -7.44 15.83
CA PRO D 161 42.17 -6.69 15.50
C PRO D 161 40.96 -7.47 16.00
N SER D 162 40.12 -6.82 16.79
CA SER D 162 38.95 -7.46 17.36
C SER D 162 37.72 -6.57 17.25
N SER D 163 36.53 -7.13 17.48
CA SER D 163 35.31 -6.35 17.43
C SER D 163 34.12 -7.05 18.09
N ALA D 164 33.03 -6.31 18.18
CA ALA D 164 31.80 -6.86 18.73
C ALA D 164 30.72 -6.19 17.88
N LEU D 165 29.79 -7.01 17.41
CA LEU D 165 28.71 -6.56 16.55
C LEU D 165 27.37 -6.92 17.15
N VAL D 166 26.36 -6.13 16.81
CA VAL D 166 24.99 -6.34 17.22
C VAL D 166 24.10 -6.20 16.00
N ALA D 167 23.27 -7.23 15.77
CA ALA D 167 22.34 -7.28 14.64
C ALA D 167 21.37 -8.43 14.92
N GLU D 168 20.96 -8.53 16.19
CA GLU D 168 20.04 -9.56 16.65
C GLU D 168 20.48 -10.96 16.22
N GLN D 169 19.60 -11.80 15.69
CA GLN D 169 20.06 -13.15 15.31
C GLN D 169 20.93 -13.20 14.04
N ALA D 170 20.97 -12.12 13.28
CA ALA D 170 21.83 -12.14 12.10
C ALA D 170 23.27 -11.82 12.51
N GLY D 171 23.42 -11.26 13.69
CA GLY D 171 24.74 -10.86 14.16
C GLY D 171 25.81 -11.92 14.18
N GLY D 172 25.48 -13.09 14.73
CA GLY D 172 26.42 -14.18 14.82
C GLY D 172 27.06 -14.55 13.50
N LEU D 173 26.24 -14.66 12.46
CA LEU D 173 26.76 -15.00 11.14
C LEU D 173 27.60 -13.84 10.59
N ASP D 174 27.17 -12.60 10.85
CA ASP D 174 27.92 -11.42 10.39
C ASP D 174 29.29 -11.37 11.08
N ALA D 175 29.35 -11.79 12.33
CA ALA D 175 30.62 -11.79 13.06
C ALA D 175 31.58 -12.75 12.37
N LEU D 176 31.09 -13.92 11.96
CA LEU D 176 31.91 -14.91 11.27
C LEU D 176 32.44 -14.35 9.96
N GLY D 177 31.63 -13.51 9.32
CA GLY D 177 32.06 -12.91 8.07
C GLY D 177 33.12 -11.86 8.33
N HIS D 178 32.95 -11.15 9.44
CA HIS D 178 33.88 -10.10 9.84
C HIS D 178 35.22 -10.75 10.18
N ALA D 179 35.16 -11.92 10.81
CA ALA D 179 36.37 -12.67 11.17
C ALA D 179 37.10 -13.15 9.92
N ARG D 180 36.33 -13.57 8.90
CA ARG D 180 36.93 -14.05 7.66
C ARG D 180 37.67 -12.88 7.03
N ARG D 181 37.00 -11.73 7.00
CA ARG D 181 37.58 -10.51 6.44
C ARG D 181 38.89 -10.18 7.17
N THR D 182 38.86 -10.23 8.49
CA THR D 182 40.03 -9.93 9.29
C THR D 182 41.17 -10.90 8.96
N ILE D 183 40.83 -12.18 8.82
CA ILE D 183 41.84 -13.17 8.48
C ILE D 183 42.44 -12.86 7.11
N ARG D 184 41.61 -12.55 6.14
CA ARG D 184 42.13 -12.25 4.81
C ARG D 184 43.07 -11.05 4.76
N ARG D 185 42.90 -10.10 5.67
CA ARG D 185 43.73 -8.90 5.70
C ARG D 185 45.05 -9.07 6.44
N GLY D 186 45.29 -10.21 7.08
CA GLY D 186 46.55 -10.41 7.76
C GLY D 186 46.62 -11.03 9.14
N THR D 187 45.47 -11.30 9.77
CA THR D 187 45.48 -11.94 11.09
C THR D 187 45.22 -13.43 10.85
N PRO D 188 46.22 -14.29 11.13
CA PRO D 188 46.17 -15.75 10.94
C PRO D 188 45.09 -16.51 11.68
N LEU D 189 44.73 -16.06 12.87
CA LEU D 189 43.70 -16.75 13.64
C LEU D 189 42.76 -15.77 14.30
N VAL D 190 41.48 -16.15 14.31
CA VAL D 190 40.44 -15.34 14.92
C VAL D 190 39.40 -16.23 15.57
N VAL D 191 39.12 -15.95 16.84
CA VAL D 191 38.12 -16.68 17.60
C VAL D 191 36.83 -15.92 17.34
N SER D 192 35.81 -16.63 16.91
CA SER D 192 34.56 -15.96 16.56
C SER D 192 33.30 -16.72 16.90
N GLY D 193 32.21 -15.99 17.08
CA GLY D 193 30.95 -16.63 17.38
C GLY D 193 30.10 -15.75 18.23
N GLY D 194 29.25 -16.37 19.02
CA GLY D 194 28.38 -15.62 19.89
C GLY D 194 27.59 -16.50 20.81
N VAL D 195 27.16 -15.88 21.90
CA VAL D 195 26.38 -16.53 22.93
C VAL D 195 25.46 -15.46 23.49
N ASP D 196 24.23 -15.83 23.83
CA ASP D 196 23.33 -14.88 24.45
C ASP D 196 22.59 -15.63 25.55
N SER D 197 22.03 -14.86 26.47
CA SER D 197 21.23 -15.40 27.55
C SER D 197 20.49 -14.22 28.15
N ALA D 198 19.18 -14.32 28.22
CA ALA D 198 18.38 -13.25 28.78
C ALA D 198 17.19 -13.95 29.45
N LEU D 199 17.52 -14.74 30.46
CA LEU D 199 16.52 -15.51 31.18
C LEU D 199 16.28 -15.03 32.60
N ASP D 200 16.14 -13.73 32.76
CA ASP D 200 15.84 -13.14 34.04
C ASP D 200 14.45 -12.59 33.73
N PRO D 201 13.67 -12.22 34.76
CA PRO D 201 12.32 -11.69 34.51
C PRO D 201 12.21 -10.59 33.46
N TRP D 202 13.07 -9.58 33.54
CA TRP D 202 13.06 -8.43 32.62
C TRP D 202 13.49 -8.77 31.20
N GLY D 203 14.53 -9.58 31.04
CA GLY D 203 14.93 -9.96 29.70
C GLY D 203 13.84 -10.82 29.04
N TRP D 204 13.04 -11.47 29.89
CA TRP D 204 11.95 -12.35 29.45
C TRP D 204 10.78 -11.53 28.89
N VAL D 205 10.35 -10.56 29.68
CA VAL D 205 9.25 -9.69 29.33
C VAL D 205 9.70 -8.88 28.10
N SER D 206 10.99 -8.57 28.03
CA SER D 206 11.56 -7.84 26.89
C SER D 206 11.38 -8.71 25.62
N GLN D 207 11.72 -9.99 25.72
CA GLN D 207 11.58 -10.89 24.58
C GLN D 207 10.12 -11.04 24.18
N ILE D 208 9.25 -11.12 25.18
CA ILE D 208 7.81 -11.24 24.89
C ILE D 208 7.33 -10.02 24.08
N ALA D 209 7.88 -8.84 24.37
CA ALA D 209 7.52 -7.60 23.67
C ALA D 209 7.76 -7.68 22.17
N SER D 210 8.62 -8.59 21.74
CA SER D 210 8.93 -8.75 20.32
C SER D 210 7.69 -9.16 19.55
N GLY D 211 6.69 -9.68 20.27
CA GLY D 211 5.47 -10.13 19.64
C GLY D 211 5.62 -11.43 18.88
N ARG D 212 6.79 -12.04 18.92
CA ARG D 212 7.00 -13.27 18.17
C ARG D 212 7.28 -14.52 19.00
N ILE D 213 7.12 -14.42 20.31
CA ILE D 213 7.37 -15.57 21.18
C ILE D 213 6.18 -16.49 21.37
N SER D 214 6.45 -17.79 21.26
CA SER D 214 5.43 -18.80 21.41
C SER D 214 4.85 -18.85 22.81
N THR D 215 3.53 -18.96 22.90
CA THR D 215 2.88 -19.05 24.19
C THR D 215 2.48 -20.50 24.46
N ALA D 216 3.00 -21.42 23.64
CA ALA D 216 2.69 -22.84 23.80
C ALA D 216 3.15 -23.39 25.15
N THR D 217 2.54 -24.49 25.59
CA THR D 217 2.96 -25.10 26.85
C THR D 217 3.54 -26.49 26.60
N ASP D 218 3.37 -27.02 25.39
CA ASP D 218 3.91 -28.33 25.06
C ASP D 218 5.30 -28.09 24.46
N PRO D 219 6.37 -28.47 25.18
CA PRO D 219 7.75 -28.29 24.71
C PRO D 219 8.05 -28.97 23.39
N ASP D 220 7.34 -30.04 23.07
CA ASP D 220 7.58 -30.77 21.84
C ASP D 220 6.91 -30.06 20.68
N ARG D 221 5.91 -29.24 20.98
CA ARG D 221 5.17 -28.53 19.94
C ARG D 221 5.08 -27.02 20.13
N ALA D 222 6.21 -26.37 20.34
CA ALA D 222 6.22 -24.93 20.54
C ALA D 222 6.97 -24.20 19.42
N TYR D 223 8.19 -24.64 19.14
CA TYR D 223 8.97 -23.99 18.10
C TYR D 223 8.84 -24.87 16.85
N LEU D 224 7.92 -24.47 15.97
CA LEU D 224 7.61 -25.23 14.76
C LEU D 224 7.79 -24.47 13.46
N PRO D 225 9.03 -24.01 13.16
CA PRO D 225 9.23 -23.29 11.90
C PRO D 225 8.82 -24.10 10.67
N PHE D 226 8.05 -23.46 9.79
CA PHE D 226 7.56 -24.04 8.54
C PHE D 226 6.39 -25.01 8.68
N ASP D 227 5.91 -25.19 9.89
CA ASP D 227 4.78 -26.06 10.12
C ASP D 227 3.54 -25.17 10.01
N GLU D 228 2.40 -25.74 9.66
CA GLU D 228 1.19 -24.94 9.55
C GLU D 228 0.73 -24.48 10.93
N ARG D 229 1.19 -25.15 11.96
CA ARG D 229 0.84 -24.79 13.33
C ARG D 229 1.81 -23.79 13.96
N ALA D 230 2.78 -23.30 13.17
CA ALA D 230 3.76 -22.36 13.69
C ALA D 230 3.06 -21.19 14.38
N ALA D 231 3.50 -20.87 15.59
CA ALA D 231 2.87 -19.77 16.30
C ALA D 231 3.90 -19.02 17.16
N GLY D 232 5.08 -18.80 16.63
CA GLY D 232 6.12 -18.08 17.37
C GLY D 232 7.32 -18.94 17.68
N TYR D 233 8.43 -18.32 18.09
CA TYR D 233 9.62 -19.08 18.39
C TYR D 233 9.83 -19.19 19.88
N VAL D 234 10.62 -20.17 20.28
CA VAL D 234 10.93 -20.35 21.69
C VAL D 234 12.34 -19.81 21.88
N PRO D 235 12.55 -18.96 22.88
CA PRO D 235 13.88 -18.40 23.14
C PRO D 235 14.79 -19.48 23.73
N GLY D 236 16.09 -19.26 23.65
CA GLY D 236 17.04 -20.20 24.23
C GLY D 236 18.24 -19.41 24.70
N GLU D 237 19.17 -20.04 25.40
CA GLU D 237 20.40 -19.37 25.86
C GLU D 237 21.53 -20.26 25.36
N GLY D 238 22.70 -19.67 25.11
CA GLY D 238 23.81 -20.45 24.63
C GLY D 238 24.32 -19.96 23.31
N GLY D 239 25.08 -20.82 22.63
CA GLY D 239 25.63 -20.46 21.33
C GLY D 239 26.88 -21.27 21.06
N ALA D 240 27.78 -20.70 20.26
CA ALA D 240 29.01 -21.40 19.94
C ALA D 240 30.09 -20.40 19.58
N ILE D 241 31.32 -20.85 19.78
CA ILE D 241 32.49 -20.05 19.46
C ILE D 241 33.31 -20.96 18.54
N LEU D 242 33.91 -20.40 17.50
CA LEU D 242 34.72 -21.22 16.62
C LEU D 242 36.04 -20.54 16.33
N VAL D 243 37.02 -21.36 15.99
CA VAL D 243 38.34 -20.84 15.67
C VAL D 243 38.48 -20.87 14.16
N LEU D 244 38.72 -19.72 13.56
CA LEU D 244 38.89 -19.66 12.13
C LEU D 244 40.33 -19.28 11.89
N GLU D 245 40.92 -19.81 10.83
CA GLU D 245 42.27 -19.45 10.52
C GLU D 245 42.62 -19.60 9.08
N ASP D 246 43.69 -18.91 8.72
CA ASP D 246 44.21 -18.91 7.38
C ASP D 246 44.69 -20.36 7.12
N SER D 247 44.27 -20.94 6.00
CA SER D 247 44.64 -22.33 5.69
C SER D 247 46.16 -22.56 5.76
N ALA D 248 46.94 -21.67 5.15
CA ALA D 248 48.39 -21.80 5.16
C ALA D 248 48.96 -21.71 6.58
N ALA D 249 48.47 -20.74 7.36
CA ALA D 249 48.94 -20.56 8.73
C ALA D 249 48.59 -21.79 9.57
N ALA D 250 47.40 -22.34 9.36
CA ALA D 250 47.01 -23.51 10.13
C ALA D 250 47.92 -24.68 9.75
N GLU D 251 48.21 -24.80 8.46
CA GLU D 251 49.09 -25.86 7.96
C GLU D 251 50.48 -25.73 8.56
N ALA D 252 50.98 -24.50 8.61
CA ALA D 252 52.30 -24.21 9.13
C ALA D 252 52.50 -24.60 10.59
N ARG D 253 51.43 -24.55 11.38
CA ARG D 253 51.57 -24.88 12.79
C ARG D 253 51.26 -26.34 13.09
N GLY D 254 51.02 -27.12 12.05
CA GLY D 254 50.74 -28.53 12.25
C GLY D 254 49.28 -28.93 12.38
N ARG D 255 48.38 -28.03 12.04
CA ARG D 255 46.96 -28.35 12.12
C ARG D 255 46.48 -28.66 10.70
N HIS D 256 46.57 -29.92 10.29
CA HIS D 256 46.16 -30.30 8.93
C HIS D 256 44.73 -30.82 8.91
N ASP D 257 44.02 -30.61 10.02
CA ASP D 257 42.65 -31.06 10.12
C ASP D 257 41.72 -29.90 10.41
N ALA D 258 40.52 -29.94 9.81
CA ALA D 258 39.54 -28.88 10.00
C ALA D 258 38.13 -29.40 9.72
N TYR D 259 37.13 -28.69 10.22
CA TYR D 259 35.73 -29.06 10.03
C TYR D 259 35.26 -28.69 8.64
N GLY D 260 35.83 -27.61 8.08
CA GLY D 260 35.44 -27.16 6.77
C GLY D 260 35.94 -25.76 6.47
N GLU D 261 35.49 -25.22 5.33
CA GLU D 261 35.90 -23.90 4.90
C GLU D 261 34.72 -22.92 4.85
N LEU D 262 34.97 -21.70 5.29
CA LEU D 262 33.95 -20.65 5.24
C LEU D 262 34.21 -20.04 3.88
N ALA D 263 33.55 -20.54 2.84
CA ALA D 263 33.80 -20.07 1.48
C ALA D 263 33.19 -18.76 1.02
N GLY D 264 32.09 -18.35 1.64
CA GLY D 264 31.43 -17.10 1.26
C GLY D 264 30.49 -16.59 2.33
N CYS D 265 30.35 -15.27 2.43
CA CYS D 265 29.49 -14.61 3.42
C CYS D 265 28.91 -13.36 2.78
N ALA D 266 27.76 -12.92 3.28
CA ALA D 266 27.11 -11.72 2.76
C ALA D 266 26.01 -11.23 3.70
N SER D 267 25.83 -9.91 3.74
CA SER D 267 24.82 -9.27 4.58
C SER D 267 24.04 -8.28 3.73
N THR D 268 22.73 -8.23 3.95
CA THR D 268 21.86 -7.29 3.25
C THR D 268 20.86 -6.82 4.30
N PHE D 269 20.10 -5.78 3.96
CA PHE D 269 19.12 -5.21 4.88
C PHE D 269 17.83 -4.95 4.11
N ASP D 270 16.70 -5.37 4.65
CA ASP D 270 15.44 -5.17 3.92
C ASP D 270 15.05 -3.69 3.78
N PRO D 271 14.20 -3.38 2.80
CA PRO D 271 13.76 -1.99 2.63
C PRO D 271 12.84 -1.61 3.79
N ALA D 272 12.81 -0.33 4.12
CA ALA D 272 11.99 0.18 5.22
C ALA D 272 10.57 -0.38 5.22
N PRO D 273 10.01 -0.62 6.42
CA PRO D 273 8.65 -1.15 6.56
C PRO D 273 7.65 -0.28 5.82
N GLY D 274 6.76 -0.91 5.08
CA GLY D 274 5.77 -0.17 4.32
C GLY D 274 6.26 0.26 2.95
N SER D 275 7.42 -0.24 2.56
CA SER D 275 7.97 0.11 1.26
C SER D 275 7.38 -0.80 0.18
N GLY D 276 6.94 -1.98 0.60
CA GLY D 276 6.36 -2.92 -0.34
C GLY D 276 7.41 -3.71 -1.10
N ARG D 277 8.63 -3.16 -1.19
CA ARG D 277 9.71 -3.84 -1.89
C ARG D 277 10.01 -5.14 -1.14
N PRO D 278 10.47 -6.16 -1.88
CA PRO D 278 10.80 -7.48 -1.33
C PRO D 278 12.02 -7.45 -0.41
N ALA D 279 12.06 -8.41 0.51
CA ALA D 279 13.17 -8.53 1.46
C ALA D 279 14.45 -8.81 0.69
N GLY D 280 15.58 -8.59 1.34
CA GLY D 280 16.86 -8.82 0.70
C GLY D 280 17.48 -10.15 1.06
N LEU D 281 16.67 -11.11 1.52
CA LEU D 281 17.22 -12.41 1.89
C LEU D 281 17.73 -13.14 0.66
N GLU D 282 16.98 -13.11 -0.44
CA GLU D 282 17.40 -13.77 -1.66
C GLU D 282 18.73 -13.17 -2.15
N ARG D 283 18.82 -11.85 -2.14
CA ARG D 283 20.04 -11.15 -2.57
C ARG D 283 21.25 -11.59 -1.74
N ALA D 284 21.05 -11.69 -0.42
CA ALA D 284 22.14 -12.10 0.47
C ALA D 284 22.66 -13.46 0.03
N ILE D 285 21.74 -14.39 -0.19
CA ILE D 285 22.11 -15.74 -0.63
C ILE D 285 22.93 -15.71 -1.90
N ARG D 286 22.42 -15.02 -2.92
CA ARG D 286 23.14 -14.97 -4.20
C ARG D 286 24.50 -14.28 -4.05
N LEU D 287 24.60 -13.31 -3.15
CA LEU D 287 25.84 -12.61 -2.93
C LEU D 287 26.84 -13.56 -2.29
N ALA D 288 26.37 -14.35 -1.34
CA ALA D 288 27.26 -15.31 -0.68
C ALA D 288 27.71 -16.39 -1.63
N LEU D 289 26.79 -16.87 -2.47
CA LEU D 289 27.14 -17.91 -3.44
C LEU D 289 28.23 -17.40 -4.40
N ASN D 290 28.10 -16.16 -4.84
CA ASN D 290 29.08 -15.60 -5.77
C ASN D 290 30.45 -15.43 -5.11
N ASP D 291 30.43 -15.00 -3.85
CA ASP D 291 31.63 -14.80 -3.07
C ASP D 291 32.37 -16.15 -3.04
N ALA D 292 31.62 -17.21 -2.75
CA ALA D 292 32.16 -18.56 -2.68
C ALA D 292 32.49 -19.16 -4.05
N GLY D 293 32.00 -18.52 -5.12
CA GLY D 293 32.25 -19.05 -6.45
C GLY D 293 31.49 -20.35 -6.65
N THR D 294 30.25 -20.37 -6.17
CA THR D 294 29.44 -21.56 -6.27
C THR D 294 28.04 -21.23 -6.78
N GLY D 295 27.50 -22.09 -7.65
CA GLY D 295 26.18 -21.86 -8.20
C GLY D 295 25.09 -22.46 -7.33
N PRO D 296 23.83 -22.02 -7.50
CA PRO D 296 22.78 -22.60 -6.68
C PRO D 296 22.72 -24.14 -6.78
N GLU D 297 23.03 -24.67 -7.95
CA GLU D 297 22.98 -26.12 -8.17
C GLU D 297 23.98 -26.89 -7.34
N ASP D 298 25.04 -26.22 -6.93
CA ASP D 298 26.09 -26.85 -6.15
C ASP D 298 25.75 -27.03 -4.68
N VAL D 299 24.78 -26.26 -4.18
CA VAL D 299 24.38 -26.37 -2.76
C VAL D 299 23.67 -27.69 -2.45
N ASP D 300 24.13 -28.36 -1.41
CA ASP D 300 23.57 -29.65 -1.01
C ASP D 300 22.54 -29.57 0.11
N VAL D 301 22.61 -28.52 0.91
CA VAL D 301 21.66 -28.38 2.02
C VAL D 301 21.60 -26.91 2.44
N VAL D 302 20.41 -26.48 2.85
CA VAL D 302 20.18 -25.12 3.32
C VAL D 302 19.75 -25.17 4.78
N PHE D 303 20.54 -24.57 5.66
CA PHE D 303 20.17 -24.48 7.08
C PHE D 303 19.46 -23.15 7.15
N ALA D 304 18.14 -23.20 7.15
CA ALA D 304 17.29 -22.03 7.15
C ALA D 304 17.20 -21.28 8.47
N ASP D 305 16.95 -19.98 8.38
CA ASP D 305 16.83 -19.18 9.58
C ASP D 305 15.73 -19.79 10.48
N GLY D 306 14.64 -20.28 9.86
CA GLY D 306 13.57 -20.91 10.61
C GLY D 306 12.92 -20.08 11.69
N ALA D 307 12.27 -18.99 11.30
CA ALA D 307 11.63 -18.06 12.23
C ALA D 307 10.56 -18.63 13.17
N GLY D 308 9.77 -19.60 12.70
CA GLY D 308 8.72 -20.12 13.56
C GLY D 308 7.57 -19.12 13.64
N VAL D 309 7.62 -18.10 12.78
CA VAL D 309 6.55 -17.09 12.69
C VAL D 309 6.09 -17.20 11.25
N PRO D 310 4.84 -17.62 11.03
CA PRO D 310 4.20 -17.82 9.72
C PRO D 310 4.64 -16.89 8.60
N GLU D 311 4.41 -15.59 8.80
CA GLU D 311 4.76 -14.57 7.82
C GLU D 311 6.25 -14.66 7.47
N LEU D 312 7.10 -14.83 8.48
CA LEU D 312 8.53 -14.93 8.26
C LEU D 312 8.91 -16.27 7.61
N ASP D 313 8.24 -17.35 8.02
CA ASP D 313 8.49 -18.69 7.45
C ASP D 313 8.16 -18.60 5.97
N ALA D 314 7.02 -17.97 5.67
CA ALA D 314 6.59 -17.83 4.27
C ALA D 314 7.61 -17.03 3.48
N ALA D 315 8.09 -15.92 4.02
CA ALA D 315 9.06 -15.11 3.29
C ALA D 315 10.33 -15.92 3.00
N GLU D 316 10.86 -16.60 4.01
CA GLU D 316 12.07 -17.38 3.81
C GLU D 316 11.89 -18.49 2.76
N ALA D 317 10.83 -19.28 2.85
CA ALA D 317 10.61 -20.34 1.87
C ALA D 317 10.59 -19.77 0.45
N ARG D 318 10.04 -18.56 0.32
CA ARG D 318 9.96 -17.91 -0.98
C ARG D 318 11.37 -17.62 -1.51
N ALA D 319 12.22 -17.07 -0.66
CA ALA D 319 13.59 -16.75 -1.04
C ALA D 319 14.35 -18.01 -1.39
N ILE D 320 14.19 -19.05 -0.59
CA ILE D 320 14.89 -20.31 -0.88
C ILE D 320 14.40 -20.88 -2.21
N GLY D 321 13.09 -20.81 -2.43
CA GLY D 321 12.52 -21.32 -3.68
C GLY D 321 12.97 -20.58 -4.94
N ARG D 322 13.11 -19.26 -4.83
CA ARG D 322 13.53 -18.45 -5.96
C ARG D 322 14.97 -18.73 -6.33
N VAL D 323 15.76 -19.13 -5.36
CA VAL D 323 17.14 -19.41 -5.66
C VAL D 323 17.36 -20.84 -6.10
N PHE D 324 16.78 -21.78 -5.36
CA PHE D 324 16.99 -23.20 -5.67
C PHE D 324 15.84 -23.96 -6.35
N GLY D 325 14.69 -23.31 -6.54
CA GLY D 325 13.54 -23.96 -7.13
C GLY D 325 12.74 -24.53 -5.96
N ARG D 326 11.42 -24.58 -6.07
CA ARG D 326 10.60 -25.13 -4.99
C ARG D 326 10.99 -26.60 -4.79
N GLU D 327 11.10 -27.01 -3.52
CA GLU D 327 11.54 -28.36 -3.15
C GLU D 327 12.89 -28.66 -3.83
N GLY D 328 13.54 -27.62 -4.36
CA GLY D 328 14.81 -27.78 -5.06
C GLY D 328 16.07 -28.08 -4.27
N VAL D 329 15.99 -28.05 -2.95
CA VAL D 329 17.17 -28.32 -2.14
C VAL D 329 16.77 -28.75 -0.73
N PRO D 330 17.47 -29.73 -0.16
CA PRO D 330 17.10 -30.12 1.20
C PRO D 330 17.19 -28.92 2.14
N VAL D 331 16.21 -28.78 3.03
CA VAL D 331 16.20 -27.66 3.98
C VAL D 331 16.02 -28.23 5.38
N THR D 332 16.82 -27.78 6.34
CA THR D 332 16.67 -28.26 7.71
C THR D 332 16.78 -27.12 8.71
N VAL D 333 16.13 -27.31 9.86
CA VAL D 333 16.15 -26.31 10.89
C VAL D 333 16.37 -27.03 12.24
N PRO D 334 17.63 -27.38 12.55
CA PRO D 334 18.00 -28.07 13.80
C PRO D 334 17.80 -27.24 15.05
N LYS D 335 17.67 -25.93 14.89
CA LYS D 335 17.49 -25.08 16.06
C LYS D 335 16.15 -25.35 16.75
N THR D 336 15.32 -26.21 16.14
CA THR D 336 14.04 -26.57 16.74
C THR D 336 14.37 -27.28 18.06
N THR D 337 15.58 -27.84 18.16
CA THR D 337 15.98 -28.53 19.37
C THR D 337 16.61 -27.63 20.43
N THR D 338 16.94 -26.38 20.08
CA THR D 338 17.58 -25.50 21.06
C THR D 338 16.84 -24.19 21.34
N GLY D 339 16.07 -23.73 20.36
CA GLY D 339 15.39 -22.45 20.53
C GLY D 339 16.28 -21.46 19.79
N ARG D 340 15.88 -20.19 19.71
CA ARG D 340 16.65 -19.17 19.02
C ARG D 340 17.66 -18.53 20.00
N LEU D 341 18.94 -18.66 19.69
CA LEU D 341 19.97 -18.16 20.59
C LEU D 341 20.49 -16.75 20.27
N TYR D 342 19.82 -16.06 19.35
CA TYR D 342 20.20 -14.71 18.98
C TYR D 342 21.61 -14.69 18.41
N SER D 343 22.54 -14.01 19.06
CA SER D 343 23.88 -13.96 18.53
C SER D 343 24.46 -15.37 18.48
N GLY D 344 23.95 -16.29 19.29
CA GLY D 344 24.44 -17.65 19.28
C GLY D 344 23.84 -18.53 18.19
N GLY D 345 22.76 -18.06 17.58
CA GLY D 345 22.09 -18.86 16.54
C GLY D 345 22.87 -19.20 15.28
N GLY D 346 23.39 -18.18 14.61
CA GLY D 346 24.15 -18.42 13.38
C GLY D 346 25.33 -19.32 13.67
N PRO D 347 26.18 -18.94 14.64
CA PRO D 347 27.36 -19.71 15.04
C PRO D 347 27.03 -21.17 15.25
N LEU D 348 25.96 -21.46 16.01
CA LEU D 348 25.57 -22.84 16.29
C LEU D 348 25.07 -23.54 15.02
N ASP D 349 24.37 -22.80 14.15
CA ASP D 349 23.89 -23.33 12.89
C ASP D 349 25.13 -23.69 12.03
N VAL D 350 26.13 -22.81 12.03
CA VAL D 350 27.35 -23.09 11.26
C VAL D 350 28.00 -24.37 11.79
N VAL D 351 28.05 -24.54 13.10
CA VAL D 351 28.65 -25.73 13.67
C VAL D 351 27.88 -26.97 13.25
N THR D 352 26.56 -26.88 13.30
CA THR D 352 25.71 -28.01 12.94
C THR D 352 25.88 -28.36 11.45
N ALA D 353 26.04 -27.33 10.62
CA ALA D 353 26.23 -27.54 9.18
C ALA D 353 27.58 -28.23 8.89
N LEU D 354 28.62 -27.79 9.60
CA LEU D 354 29.95 -28.36 9.42
C LEU D 354 29.99 -29.84 9.78
N MET D 355 29.35 -30.17 10.90
CA MET D 355 29.28 -31.53 11.37
C MET D 355 28.47 -32.37 10.40
N SER D 356 27.45 -31.77 9.81
CA SER D 356 26.63 -32.47 8.84
C SER D 356 27.49 -32.82 7.65
N LEU D 357 28.32 -31.87 7.22
CA LEU D 357 29.21 -32.11 6.07
C LEU D 357 30.30 -33.13 6.42
N ARG D 358 30.79 -33.07 7.63
CA ARG D 358 31.85 -33.98 8.05
C ARG D 358 31.34 -35.39 8.25
N GLU D 359 30.17 -35.50 8.86
CA GLU D 359 29.55 -36.80 9.15
C GLU D 359 28.82 -37.42 7.96
N GLY D 360 28.63 -36.64 6.90
CA GLY D 360 27.94 -37.16 5.73
C GLY D 360 26.43 -37.28 5.88
N VAL D 361 25.86 -36.66 6.90
CA VAL D 361 24.41 -36.71 7.08
C VAL D 361 23.86 -35.32 7.36
N ILE D 362 22.58 -35.12 7.06
CA ILE D 362 21.97 -33.83 7.31
C ILE D 362 21.21 -33.87 8.61
N ALA D 363 21.64 -33.05 9.57
CA ALA D 363 20.95 -32.99 10.88
C ALA D 363 19.47 -32.73 10.55
N PRO D 364 18.53 -33.47 11.19
CA PRO D 364 17.10 -33.31 10.94
C PRO D 364 16.41 -32.18 11.72
N THR D 365 15.14 -31.93 11.41
CA THR D 365 14.35 -30.90 12.10
C THR D 365 13.42 -31.62 13.06
N ALA D 366 13.33 -31.12 14.29
CA ALA D 366 12.45 -31.74 15.29
C ALA D 366 11.10 -31.01 15.38
N GLY D 367 10.10 -31.69 15.95
CA GLY D 367 8.79 -31.10 16.14
C GLY D 367 7.86 -30.91 14.95
N VAL D 368 8.35 -30.30 13.88
CA VAL D 368 7.54 -30.05 12.69
C VAL D 368 6.93 -31.35 12.15
N THR D 369 5.63 -31.34 11.83
CA THR D 369 5.00 -32.55 11.30
C THR D 369 4.25 -32.30 9.99
N SER D 370 3.76 -31.08 9.79
CA SER D 370 3.00 -30.74 8.59
C SER D 370 3.41 -29.42 7.93
N VAL D 371 4.14 -29.53 6.82
CA VAL D 371 4.62 -28.37 6.08
C VAL D 371 3.63 -28.01 4.97
N PRO D 372 3.10 -26.78 4.99
CA PRO D 372 2.14 -26.28 4.00
C PRO D 372 2.73 -26.35 2.61
N ARG D 373 1.91 -26.78 1.66
CA ARG D 373 2.33 -26.85 0.26
C ARG D 373 2.76 -25.46 -0.19
N GLU D 374 2.15 -24.44 0.42
CA GLU D 374 2.46 -23.06 0.07
C GLU D 374 3.95 -22.74 0.13
N TYR D 375 4.66 -23.33 1.08
CA TYR D 375 6.10 -23.06 1.23
C TYR D 375 6.97 -23.75 0.20
N GLY D 376 6.48 -24.86 -0.33
CA GLY D 376 7.22 -25.60 -1.33
C GLY D 376 8.67 -25.85 -0.95
N ILE D 377 8.88 -26.50 0.20
CA ILE D 377 10.24 -26.82 0.60
C ILE D 377 10.35 -28.30 0.88
N ASP D 378 11.57 -28.81 0.79
CA ASP D 378 11.87 -30.20 1.05
C ASP D 378 12.55 -30.20 2.42
N LEU D 379 11.75 -30.17 3.48
CA LEU D 379 12.26 -30.14 4.86
C LEU D 379 12.74 -31.51 5.35
N VAL D 380 13.92 -31.55 5.96
CA VAL D 380 14.46 -32.80 6.50
C VAL D 380 13.81 -32.97 7.88
N LEU D 381 12.91 -33.95 8.00
CA LEU D 381 12.21 -34.19 9.25
C LEU D 381 12.46 -35.57 9.81
N GLY D 382 12.25 -35.71 11.11
CA GLY D 382 12.42 -37.02 11.74
C GLY D 382 13.87 -37.46 11.87
N GLU D 383 14.32 -38.31 10.97
CA GLU D 383 15.68 -38.83 11.00
C GLU D 383 16.65 -38.06 10.09
N PRO D 384 17.95 -38.14 10.40
CA PRO D 384 18.97 -37.45 9.60
C PRO D 384 18.88 -38.05 8.21
N ARG D 385 19.25 -37.29 7.19
CA ARG D 385 19.21 -37.81 5.83
C ARG D 385 20.67 -37.97 5.39
N SER D 386 21.07 -39.20 5.08
CA SER D 386 22.44 -39.48 4.68
C SER D 386 22.71 -39.24 3.20
N THR D 387 22.82 -37.96 2.83
CA THR D 387 23.07 -37.59 1.44
C THR D 387 24.54 -37.20 1.20
N ALA D 388 25.33 -37.26 2.25
CA ALA D 388 26.76 -36.88 2.16
C ALA D 388 26.91 -35.51 1.49
N PRO D 389 26.32 -34.47 2.08
CA PRO D 389 26.40 -33.11 1.54
C PRO D 389 27.84 -32.60 1.61
N ARG D 390 28.24 -31.81 0.62
CA ARG D 390 29.60 -31.27 0.57
C ARG D 390 29.60 -29.75 0.64
N THR D 391 28.46 -29.13 0.32
CA THR D 391 28.38 -27.66 0.38
C THR D 391 27.11 -27.27 1.12
N ALA D 392 27.24 -26.42 2.13
CA ALA D 392 26.06 -26.01 2.88
C ALA D 392 25.87 -24.49 2.92
N LEU D 393 24.61 -24.04 2.83
CA LEU D 393 24.28 -22.61 2.93
C LEU D 393 23.55 -22.44 4.28
N VAL D 394 24.06 -21.53 5.11
CA VAL D 394 23.45 -21.23 6.42
C VAL D 394 22.86 -19.83 6.36
N LEU D 395 21.59 -19.67 6.72
CA LEU D 395 20.95 -18.36 6.68
C LEU D 395 20.59 -17.89 8.07
N ALA D 396 20.50 -16.57 8.24
CA ALA D 396 20.14 -16.01 9.54
C ALA D 396 19.55 -14.63 9.34
N ARG D 397 18.42 -14.33 9.99
CA ARG D 397 17.86 -12.99 9.86
C ARG D 397 17.81 -12.34 11.21
N GLY D 398 17.89 -11.01 11.17
CA GLY D 398 17.81 -10.24 12.39
C GLY D 398 16.58 -9.36 12.32
N ARG D 399 15.95 -9.19 13.48
CA ARG D 399 14.76 -8.36 13.60
C ARG D 399 14.96 -6.96 13.01
N TRP D 400 13.97 -6.54 12.23
CA TRP D 400 13.93 -5.25 11.55
C TRP D 400 14.52 -5.30 10.15
N GLY D 401 14.93 -6.48 9.69
CA GLY D 401 15.43 -6.61 8.34
C GLY D 401 16.84 -7.07 8.04
N PHE D 402 17.59 -7.48 9.05
CA PHE D 402 18.95 -7.94 8.81
C PHE D 402 18.96 -9.33 8.14
N ASN D 403 19.76 -9.47 7.09
CA ASN D 403 19.88 -10.77 6.39
C ASN D 403 21.34 -11.17 6.40
N SER D 404 21.60 -12.45 6.65
CA SER D 404 22.98 -12.92 6.63
C SER D 404 23.03 -14.32 6.05
N ALA D 405 24.00 -14.54 5.17
CA ALA D 405 24.17 -15.86 4.55
C ALA D 405 25.63 -16.28 4.53
N ALA D 406 25.87 -17.57 4.72
CA ALA D 406 27.22 -18.10 4.74
C ALA D 406 27.26 -19.44 4.04
N VAL D 407 28.26 -19.63 3.18
CA VAL D 407 28.40 -20.89 2.46
C VAL D 407 29.64 -21.62 2.99
N LEU D 408 29.44 -22.88 3.32
CA LEU D 408 30.49 -23.74 3.88
C LEU D 408 30.80 -24.94 2.98
N ARG D 409 32.08 -25.28 2.92
CA ARG D 409 32.54 -26.39 2.12
C ARG D 409 33.21 -27.46 2.96
N ARG D 410 32.92 -28.71 2.65
CA ARG D 410 33.49 -29.85 3.36
C ARG D 410 35.01 -29.74 3.21
N PHE D 411 35.73 -29.97 4.31
CA PHE D 411 37.19 -29.92 4.32
C PHE D 411 37.82 -30.98 3.42
N ARG E 3 -3.22 39.51 -9.56
CA ARG E 3 -1.93 38.79 -9.39
C ARG E 3 -1.26 38.52 -10.76
N ARG E 4 0.06 38.62 -10.82
CA ARG E 4 0.80 38.41 -12.07
C ARG E 4 1.27 36.97 -12.31
N VAL E 5 1.44 36.60 -13.57
CA VAL E 5 1.87 35.25 -13.94
C VAL E 5 3.08 35.24 -14.86
N VAL E 6 4.01 34.32 -14.59
CA VAL E 6 5.22 34.21 -15.40
C VAL E 6 5.57 32.75 -15.71
N ILE E 7 6.28 32.55 -16.81
CA ILE E 7 6.72 31.23 -17.26
C ILE E 7 8.12 30.95 -16.71
N THR E 8 8.28 29.85 -15.99
CA THR E 8 9.57 29.52 -15.40
C THR E 8 10.21 28.26 -15.99
N GLY E 9 9.42 27.51 -16.75
CA GLY E 9 9.94 26.31 -17.38
C GLY E 9 9.24 26.02 -18.69
N VAL E 10 9.99 25.46 -19.64
CA VAL E 10 9.46 25.16 -20.95
C VAL E 10 9.72 23.73 -21.41
N GLY E 11 8.68 23.11 -21.97
CA GLY E 11 8.80 21.75 -22.47
C GLY E 11 8.21 21.75 -23.87
N VAL E 12 8.95 21.24 -24.86
CA VAL E 12 8.46 21.22 -26.23
C VAL E 12 8.77 19.92 -26.98
N ARG E 13 7.84 19.50 -27.83
CA ARG E 13 8.02 18.30 -28.63
C ARG E 13 7.40 18.60 -30.01
N ALA E 14 8.27 18.99 -30.94
CA ALA E 14 7.87 19.35 -32.30
C ALA E 14 8.64 18.58 -33.36
N PRO E 15 8.16 18.62 -34.61
CA PRO E 15 8.84 17.91 -35.71
C PRO E 15 10.23 18.51 -35.89
N GLY E 16 11.25 17.66 -35.88
CA GLY E 16 12.60 18.15 -36.03
C GLY E 16 13.02 19.04 -34.87
N GLY E 17 12.29 18.94 -33.76
CA GLY E 17 12.60 19.74 -32.60
C GLY E 17 12.31 19.09 -31.26
N ASN E 18 13.09 18.08 -30.90
CA ASN E 18 12.88 17.41 -29.62
C ASN E 18 13.55 18.21 -28.51
N GLY E 19 12.82 19.16 -27.94
CA GLY E 19 13.36 19.99 -26.89
C GLY E 19 13.61 21.41 -27.34
N THR E 20 13.46 22.38 -26.44
CA THR E 20 13.66 23.79 -26.77
C THR E 20 14.93 24.06 -27.57
N ARG E 21 16.04 23.50 -27.14
CA ARG E 21 17.33 23.70 -27.81
C ARG E 21 17.25 23.29 -29.27
N GLN E 22 16.80 22.06 -29.52
CA GLN E 22 16.70 21.57 -30.89
C GLN E 22 15.57 22.28 -31.64
N PHE E 23 14.48 22.58 -30.93
CA PHE E 23 13.34 23.25 -31.54
C PHE E 23 13.73 24.61 -32.08
N TRP E 24 14.28 25.46 -31.22
CA TRP E 24 14.68 26.79 -31.64
C TRP E 24 15.64 26.72 -32.82
N GLU E 25 16.56 25.76 -32.78
CA GLU E 25 17.52 25.59 -33.85
C GLU E 25 16.81 25.48 -35.20
N LEU E 26 15.79 24.65 -35.23
CA LEU E 26 15.01 24.46 -36.45
C LEU E 26 14.40 25.78 -36.91
N LEU E 27 13.76 26.49 -35.99
CA LEU E 27 13.12 27.77 -36.31
C LEU E 27 14.10 28.82 -36.84
N THR E 28 15.21 29.03 -36.14
CA THR E 28 16.19 30.03 -36.55
C THR E 28 16.86 29.64 -37.87
N SER E 29 17.02 28.34 -38.09
CA SER E 29 17.64 27.85 -39.31
C SER E 29 16.73 28.07 -40.52
N GLY E 30 15.49 28.43 -40.26
CA GLY E 30 14.55 28.66 -41.35
C GLY E 30 14.19 27.40 -42.12
N ARG E 31 14.79 26.26 -41.79
CA ARG E 31 14.48 25.01 -42.50
C ARG E 31 13.17 24.40 -41.98
N THR E 32 12.53 23.58 -42.80
CA THR E 32 11.26 22.96 -42.42
C THR E 32 11.37 21.48 -42.08
N ALA E 33 10.31 20.95 -41.47
CA ALA E 33 10.27 19.54 -41.11
C ALA E 33 9.00 18.90 -41.66
N THR E 34 8.50 19.47 -42.75
CA THR E 34 7.31 18.93 -43.39
C THR E 34 7.75 18.00 -44.51
N ARG E 35 7.41 16.72 -44.38
CA ARG E 35 7.77 15.72 -45.37
C ARG E 35 6.53 14.89 -45.70
N ARG E 36 6.72 13.81 -46.45
CA ARG E 36 5.61 12.94 -46.83
C ARG E 36 5.26 12.06 -45.64
N ILE E 37 3.97 11.86 -45.41
CA ILE E 37 3.50 11.04 -44.30
C ILE E 37 4.16 9.67 -44.35
N SER E 38 4.51 9.14 -43.17
CA SER E 38 5.14 7.84 -43.07
C SER E 38 4.43 6.96 -42.05
N PHE E 39 3.49 7.52 -41.31
CA PHE E 39 2.77 6.75 -40.30
C PHE E 39 1.80 5.78 -40.97
N PHE E 40 1.68 5.90 -42.28
CA PHE E 40 0.81 5.06 -43.08
C PHE E 40 0.91 5.53 -44.52
N ASP E 41 0.47 4.69 -45.45
CA ASP E 41 0.54 5.03 -46.88
C ASP E 41 -0.46 6.14 -47.21
N PRO E 42 0.04 7.35 -47.47
CA PRO E 42 -0.76 8.54 -47.80
C PRO E 42 -1.35 8.53 -49.21
N SER E 43 -0.91 7.57 -50.02
CA SER E 43 -1.36 7.44 -51.42
C SER E 43 -2.85 7.64 -51.68
N PRO E 44 -3.70 7.04 -50.83
CA PRO E 44 -5.15 7.17 -51.00
C PRO E 44 -5.73 8.56 -50.74
N TYR E 45 -4.96 9.45 -50.12
CA TYR E 45 -5.47 10.77 -49.78
C TYR E 45 -5.02 11.98 -50.61
N ARG E 46 -5.74 13.09 -50.44
CA ARG E 46 -5.45 14.31 -51.17
C ARG E 46 -4.17 15.00 -50.68
N SER E 47 -4.11 15.25 -49.38
CA SER E 47 -2.95 15.91 -48.77
C SER E 47 -2.10 14.82 -48.16
N GLN E 48 -0.99 14.51 -48.81
CA GLN E 48 -0.12 13.44 -48.37
C GLN E 48 1.15 13.93 -47.65
N VAL E 49 1.15 15.18 -47.22
CA VAL E 49 2.30 15.73 -46.53
C VAL E 49 1.93 16.14 -45.10
N ALA E 50 2.87 15.93 -44.18
CA ALA E 50 2.65 16.28 -42.78
C ALA E 50 3.97 16.44 -42.03
N ALA E 51 3.90 17.12 -40.89
CA ALA E 51 5.09 17.32 -40.07
C ALA E 51 5.03 16.34 -38.92
N GLU E 52 5.80 15.26 -39.05
CA GLU E 52 5.87 14.21 -38.05
C GLU E 52 7.03 14.44 -37.08
N ALA E 53 6.78 14.19 -35.81
CA ALA E 53 7.80 14.36 -34.77
C ALA E 53 8.46 13.02 -34.50
N ASP E 54 9.76 13.08 -34.19
CA ASP E 54 10.54 11.88 -33.90
C ASP E 54 10.38 11.62 -32.41
N PHE E 55 9.53 10.67 -32.04
CA PHE E 55 9.28 10.38 -30.62
C PHE E 55 9.63 8.94 -30.28
N ASP E 56 10.41 8.75 -29.21
CA ASP E 56 10.79 7.42 -28.76
C ASP E 56 10.28 7.22 -27.33
N PRO E 57 9.07 6.65 -27.20
CA PRO E 57 8.43 6.39 -25.90
C PRO E 57 9.33 5.73 -24.87
N VAL E 58 10.02 4.67 -25.29
CA VAL E 58 10.90 3.93 -24.40
C VAL E 58 12.04 4.84 -23.93
N ALA E 59 12.70 5.52 -24.86
CA ALA E 59 13.79 6.42 -24.51
C ALA E 59 13.27 7.58 -23.67
N GLU E 60 12.00 7.95 -23.87
CA GLU E 60 11.42 9.04 -23.09
C GLU E 60 11.20 8.61 -21.65
N GLY E 61 11.24 7.30 -21.41
CA GLY E 61 11.06 6.80 -20.06
C GLY E 61 9.72 6.19 -19.71
N PHE E 62 8.91 5.84 -20.70
CA PHE E 62 7.61 5.25 -20.42
C PHE E 62 7.71 3.72 -20.26
N GLY E 63 6.99 3.19 -19.28
CA GLY E 63 7.00 1.75 -19.06
C GLY E 63 5.90 1.05 -19.83
N PRO E 64 5.89 -0.29 -19.88
CA PRO E 64 4.90 -1.10 -20.60
C PRO E 64 3.44 -0.71 -20.43
N ARG E 65 2.97 -0.63 -19.19
CA ARG E 65 1.57 -0.27 -18.95
C ARG E 65 1.22 1.13 -19.43
N GLU E 66 2.20 2.03 -19.33
CA GLU E 66 1.99 3.42 -19.74
C GLU E 66 1.84 3.52 -21.26
N LEU E 67 2.65 2.80 -22.00
CA LEU E 67 2.54 2.84 -23.46
C LEU E 67 1.26 2.15 -23.94
N ASP E 68 0.90 1.06 -23.28
CA ASP E 68 -0.30 0.32 -23.65
C ASP E 68 -1.56 1.14 -23.36
N ARG E 69 -1.47 1.96 -22.33
CA ARG E 69 -2.57 2.79 -21.86
C ARG E 69 -2.78 4.13 -22.55
N MET E 70 -1.75 4.96 -22.54
CA MET E 70 -1.90 6.28 -23.10
C MET E 70 -1.76 6.48 -24.59
N ASP E 71 -2.58 7.39 -25.09
CA ASP E 71 -2.58 7.74 -26.50
C ASP E 71 -1.28 8.48 -26.75
N ARG E 72 -0.83 8.50 -28.00
CA ARG E 72 0.41 9.16 -28.35
C ARG E 72 0.46 10.59 -27.84
N ALA E 73 -0.67 11.29 -27.93
CA ALA E 73 -0.71 12.69 -27.47
C ALA E 73 -0.47 12.85 -25.97
N SER E 74 -0.99 11.92 -25.16
CA SER E 74 -0.74 12.02 -23.73
C SER E 74 0.76 11.82 -23.47
N GLN E 75 1.37 10.96 -24.29
CA GLN E 75 2.80 10.67 -24.15
C GLN E 75 3.59 11.95 -24.38
N PHE E 76 3.21 12.70 -25.42
CA PHE E 76 3.85 13.96 -25.78
C PHE E 76 3.63 14.98 -24.64
N ALA E 77 2.40 15.06 -24.14
CA ALA E 77 2.06 16.00 -23.06
C ALA E 77 2.86 15.73 -21.78
N VAL E 78 2.91 14.47 -21.35
CA VAL E 78 3.64 14.11 -20.14
C VAL E 78 5.15 14.35 -20.32
N ALA E 79 5.70 13.98 -21.47
CA ALA E 79 7.11 14.19 -21.71
C ALA E 79 7.46 15.68 -21.64
N CYS E 80 6.57 16.53 -22.16
CA CYS E 80 6.82 17.96 -22.12
C CYS E 80 6.65 18.52 -20.70
N ALA E 81 5.64 18.05 -19.99
CA ALA E 81 5.38 18.52 -18.62
C ALA E 81 6.58 18.22 -17.73
N ARG E 82 7.15 17.03 -17.90
CA ARG E 82 8.30 16.62 -17.12
C ARG E 82 9.54 17.46 -17.45
N GLU E 83 9.72 17.75 -18.73
CA GLU E 83 10.85 18.55 -19.17
C GLU E 83 10.72 19.97 -18.62
N ALA E 84 9.53 20.53 -18.72
CA ALA E 84 9.27 21.88 -18.23
C ALA E 84 9.45 21.94 -16.71
N PHE E 85 9.11 20.83 -16.05
CA PHE E 85 9.23 20.75 -14.61
C PHE E 85 10.71 20.84 -14.23
N ALA E 86 11.51 19.94 -14.80
CA ALA E 86 12.94 19.90 -14.53
C ALA E 86 13.60 21.24 -14.82
N ALA E 87 13.19 21.88 -15.91
CA ALA E 87 13.77 23.15 -16.30
C ALA E 87 13.33 24.29 -15.40
N SER E 88 12.24 24.11 -14.67
CA SER E 88 11.77 25.17 -13.79
C SER E 88 12.55 25.21 -12.48
N GLY E 89 13.14 24.08 -12.09
CA GLY E 89 13.91 24.04 -10.86
C GLY E 89 13.00 23.98 -9.65
N LEU E 90 11.71 24.12 -9.89
CA LEU E 90 10.72 24.08 -8.81
C LEU E 90 10.97 22.79 -8.00
N ASP E 91 11.15 22.95 -6.69
CA ASP E 91 11.40 21.79 -5.80
C ASP E 91 10.12 21.05 -5.43
N PRO E 92 9.99 19.79 -5.85
CA PRO E 92 8.82 18.96 -5.58
C PRO E 92 8.43 18.90 -4.11
N ASP E 93 9.43 18.65 -3.25
CA ASP E 93 9.21 18.55 -1.81
C ASP E 93 8.54 19.78 -1.22
N THR E 94 8.88 20.94 -1.77
CA THR E 94 8.31 22.19 -1.28
C THR E 94 6.95 22.48 -1.90
N LEU E 95 6.54 21.68 -2.87
CA LEU E 95 5.26 21.89 -3.54
C LEU E 95 4.07 21.32 -2.82
N ASP E 96 3.01 22.13 -2.72
CA ASP E 96 1.79 21.68 -2.10
C ASP E 96 0.82 21.29 -3.21
N PRO E 97 0.65 19.98 -3.44
CA PRO E 97 -0.23 19.44 -4.48
C PRO E 97 -1.57 20.14 -4.60
N ALA E 98 -2.15 20.52 -3.48
CA ALA E 98 -3.45 21.20 -3.49
C ALA E 98 -3.44 22.55 -4.20
N ARG E 99 -2.25 23.13 -4.35
CA ARG E 99 -2.10 24.43 -5.00
C ARG E 99 -1.50 24.32 -6.40
N VAL E 100 -1.30 23.10 -6.85
CA VAL E 100 -0.75 22.84 -8.18
C VAL E 100 -1.88 22.35 -9.09
N GLY E 101 -2.05 23.02 -10.23
CA GLY E 101 -3.10 22.63 -11.15
C GLY E 101 -2.58 22.31 -12.54
N VAL E 102 -3.47 21.83 -13.41
CA VAL E 102 -3.10 21.47 -14.78
C VAL E 102 -4.14 22.05 -15.74
N SER E 103 -3.67 22.54 -16.89
CA SER E 103 -4.56 23.07 -17.93
C SER E 103 -3.93 22.64 -19.25
N LEU E 104 -4.49 21.59 -19.85
CA LEU E 104 -3.94 21.07 -21.09
C LEU E 104 -4.90 21.24 -22.26
N GLY E 105 -4.36 21.73 -23.37
CA GLY E 105 -5.20 21.93 -24.54
C GLY E 105 -5.05 20.84 -25.58
N SER E 106 -6.14 20.55 -26.27
CA SER E 106 -6.11 19.56 -27.34
C SER E 106 -7.34 19.72 -28.21
N ALA E 107 -7.08 19.73 -29.51
CA ALA E 107 -8.10 19.88 -30.51
C ALA E 107 -8.81 18.57 -30.84
N VAL E 108 -8.05 17.53 -31.21
CA VAL E 108 -8.64 16.23 -31.57
C VAL E 108 -8.30 15.12 -30.59
N ALA E 109 -7.46 15.43 -29.62
CA ALA E 109 -7.09 14.47 -28.59
C ALA E 109 -6.61 13.10 -29.04
N ALA E 110 -7.39 12.06 -28.69
CA ALA E 110 -7.04 10.68 -28.99
C ALA E 110 -7.46 10.15 -30.35
N ALA E 111 -7.53 11.05 -31.33
CA ALA E 111 -7.92 10.66 -32.68
C ALA E 111 -7.15 9.42 -33.13
N THR E 112 -5.84 9.39 -32.88
CA THR E 112 -5.02 8.25 -33.29
C THR E 112 -5.44 6.91 -32.67
N SER E 113 -5.63 6.90 -31.35
CA SER E 113 -6.03 5.67 -30.66
C SER E 113 -7.45 5.25 -31.06
N LEU E 114 -8.31 6.23 -31.28
CA LEU E 114 -9.67 5.98 -31.71
C LEU E 114 -9.66 5.24 -33.05
N GLU E 115 -8.85 5.72 -34.00
CA GLU E 115 -8.83 5.08 -35.30
C GLU E 115 -8.30 3.66 -35.19
N ARG E 116 -7.26 3.50 -34.40
CA ARG E 116 -6.66 2.18 -34.21
C ARG E 116 -7.67 1.20 -33.59
N GLU E 117 -8.39 1.60 -32.55
CA GLU E 117 -9.34 0.67 -31.95
C GLU E 117 -10.54 0.44 -32.86
N TYR E 118 -10.98 1.48 -33.57
CA TYR E 118 -12.12 1.35 -34.48
C TYR E 118 -11.92 0.21 -35.48
N LEU E 119 -10.72 0.09 -36.03
CA LEU E 119 -10.46 -0.97 -36.99
C LEU E 119 -10.67 -2.36 -36.38
N LEU E 120 -10.26 -2.52 -35.12
CA LEU E 120 -10.42 -3.81 -34.44
C LEU E 120 -11.88 -4.08 -34.10
N LEU E 121 -12.57 -3.07 -33.58
CA LEU E 121 -13.96 -3.23 -33.20
C LEU E 121 -14.93 -3.49 -34.34
N SER E 122 -14.74 -2.75 -35.44
CA SER E 122 -15.62 -2.84 -36.60
C SER E 122 -15.12 -3.76 -37.71
N ASP E 123 -13.91 -4.28 -37.56
CA ASP E 123 -13.30 -5.15 -38.56
C ASP E 123 -13.09 -4.33 -39.84
N SER E 124 -12.41 -3.19 -39.69
CA SER E 124 -12.09 -2.29 -40.79
C SER E 124 -13.29 -1.68 -41.49
N GLY E 125 -14.26 -1.23 -40.71
CA GLY E 125 -15.43 -0.60 -41.28
C GLY E 125 -16.54 -1.52 -41.72
N ARG E 126 -16.37 -2.82 -41.52
CA ARG E 126 -17.40 -3.77 -41.93
C ARG E 126 -18.66 -3.81 -41.09
N ASP E 127 -18.53 -3.69 -39.77
CA ASP E 127 -19.71 -3.75 -38.93
C ASP E 127 -20.02 -2.47 -38.17
N TRP E 128 -21.29 -2.05 -38.23
CA TRP E 128 -21.75 -0.87 -37.52
C TRP E 128 -21.83 -1.28 -36.05
N GLU E 129 -22.44 -2.43 -35.80
CA GLU E 129 -22.53 -2.93 -34.42
C GLU E 129 -21.22 -3.65 -34.18
N VAL E 130 -20.24 -2.90 -33.68
CA VAL E 130 -18.91 -3.44 -33.41
C VAL E 130 -18.93 -4.65 -32.49
N ASP E 131 -17.83 -5.39 -32.49
CA ASP E 131 -17.69 -6.62 -31.71
C ASP E 131 -16.94 -6.38 -30.38
N ALA E 132 -17.65 -6.47 -29.26
CA ALA E 132 -17.06 -6.26 -27.96
C ALA E 132 -15.91 -7.20 -27.61
N ALA E 133 -15.77 -8.29 -28.35
CA ALA E 133 -14.66 -9.22 -28.09
C ALA E 133 -13.32 -8.55 -28.41
N TRP E 134 -13.37 -7.42 -29.12
CA TRP E 134 -12.15 -6.69 -29.48
C TRP E 134 -12.09 -5.32 -28.80
N LEU E 135 -12.75 -5.20 -27.65
CA LEU E 135 -12.83 -3.96 -26.89
C LEU E 135 -11.58 -3.69 -26.05
N SER E 136 -10.88 -2.61 -26.34
CA SER E 136 -9.70 -2.24 -25.56
C SER E 136 -10.13 -1.97 -24.12
N ARG E 137 -9.28 -2.24 -23.14
CA ARG E 137 -9.64 -1.98 -21.76
C ARG E 137 -9.55 -0.48 -21.50
N HIS E 138 -8.95 0.23 -22.46
CA HIS E 138 -8.79 1.68 -22.39
C HIS E 138 -9.74 2.43 -23.32
N MET E 139 -10.71 1.76 -23.94
CA MET E 139 -11.61 2.41 -24.88
C MET E 139 -12.31 3.65 -24.36
N PHE E 140 -12.78 3.62 -23.13
CA PHE E 140 -13.49 4.77 -22.59
C PHE E 140 -12.61 6.02 -22.55
N ASP E 141 -11.31 5.82 -22.34
CA ASP E 141 -10.38 6.95 -22.26
C ASP E 141 -9.97 7.54 -23.59
N TYR E 142 -10.42 6.92 -24.68
CA TYR E 142 -10.13 7.47 -25.99
C TYR E 142 -11.42 8.18 -26.37
N LEU E 143 -12.54 7.69 -25.83
CA LEU E 143 -13.85 8.28 -26.07
C LEU E 143 -14.00 9.63 -25.34
N VAL E 144 -13.52 9.68 -24.10
CA VAL E 144 -13.57 10.90 -23.29
C VAL E 144 -12.10 11.23 -22.96
N PRO E 145 -11.47 12.14 -23.72
CA PRO E 145 -10.07 12.59 -23.60
C PRO E 145 -9.58 13.10 -22.25
N SER E 146 -10.50 13.29 -21.31
CA SER E 146 -10.18 13.78 -19.96
C SER E 146 -8.96 13.13 -19.37
N VAL E 147 -8.71 11.88 -19.75
CA VAL E 147 -7.57 11.17 -19.21
C VAL E 147 -6.27 11.91 -19.48
N MET E 148 -6.21 12.70 -20.55
CA MET E 148 -5.00 13.44 -20.89
C MET E 148 -4.48 14.38 -19.79
N PRO E 149 -5.31 15.30 -19.29
CA PRO E 149 -4.84 16.21 -18.23
C PRO E 149 -4.49 15.43 -16.96
N ALA E 150 -5.21 14.34 -16.72
CA ALA E 150 -4.96 13.52 -15.53
C ALA E 150 -3.57 12.89 -15.61
N GLU E 151 -3.21 12.46 -16.80
CA GLU E 151 -1.91 11.85 -17.03
C GLU E 151 -0.82 12.85 -16.61
N VAL E 152 -0.99 14.11 -16.99
CA VAL E 152 -0.04 15.15 -16.63
C VAL E 152 -0.11 15.42 -15.13
N ALA E 153 -1.31 15.57 -14.59
CA ALA E 153 -1.49 15.82 -13.17
C ALA E 153 -0.77 14.76 -12.34
N TRP E 154 -0.82 13.50 -12.76
CA TRP E 154 -0.16 12.45 -12.00
C TRP E 154 1.36 12.55 -12.11
N ALA E 155 1.85 13.00 -13.26
CA ALA E 155 3.29 13.12 -13.47
C ALA E 155 3.91 14.25 -12.67
N VAL E 156 3.19 15.37 -12.57
CA VAL E 156 3.69 16.54 -11.87
C VAL E 156 3.20 16.64 -10.42
N GLY E 157 2.24 15.80 -10.05
CA GLY E 157 1.72 15.82 -8.70
C GLY E 157 0.70 16.92 -8.46
N ALA E 158 -0.15 17.18 -9.44
CA ALA E 158 -1.18 18.21 -9.31
C ALA E 158 -2.47 17.72 -8.65
N GLU E 159 -3.03 18.51 -7.73
CA GLU E 159 -4.29 18.15 -7.08
C GLU E 159 -5.24 19.34 -7.02
N GLY E 160 -4.87 20.41 -7.72
CA GLY E 160 -5.72 21.59 -7.75
C GLY E 160 -6.59 21.54 -8.98
N PRO E 161 -7.02 22.69 -9.51
CA PRO E 161 -7.85 22.69 -10.70
C PRO E 161 -7.13 21.95 -11.83
N VAL E 162 -7.77 20.92 -12.36
CA VAL E 162 -7.19 20.14 -13.45
C VAL E 162 -8.25 19.99 -14.52
N THR E 163 -7.91 20.33 -15.75
CA THR E 163 -8.86 20.19 -16.82
C THR E 163 -8.23 20.28 -18.20
N MET E 164 -9.07 20.00 -19.18
CA MET E 164 -8.69 20.04 -20.58
C MET E 164 -9.51 21.16 -21.21
N VAL E 165 -8.88 21.94 -22.08
CA VAL E 165 -9.56 23.00 -22.79
C VAL E 165 -9.45 22.53 -24.23
N SER E 166 -10.59 22.39 -24.90
CA SER E 166 -10.63 21.93 -26.27
C SER E 166 -11.42 22.92 -27.11
N THR E 167 -10.73 23.93 -27.62
CA THR E 167 -11.37 24.96 -28.44
C THR E 167 -10.78 24.97 -29.84
N GLY E 168 -10.69 23.79 -30.45
CA GLY E 168 -10.15 23.71 -31.80
C GLY E 168 -8.70 24.16 -31.88
N CYS E 169 -8.37 24.91 -32.94
CA CYS E 169 -7.00 25.35 -33.15
C CYS E 169 -6.52 26.55 -32.33
N THR E 170 -7.25 26.89 -31.28
CA THR E 170 -6.85 27.96 -30.37
C THR E 170 -6.71 27.34 -28.97
N SER E 171 -6.75 26.01 -28.90
CA SER E 171 -6.61 25.31 -27.61
C SER E 171 -5.22 25.58 -27.01
N GLY E 172 -4.21 25.64 -27.86
CA GLY E 172 -2.85 25.90 -27.41
C GLY E 172 -2.66 27.22 -26.68
N LEU E 173 -3.44 28.21 -27.06
CA LEU E 173 -3.35 29.50 -26.37
C LEU E 173 -4.35 29.57 -25.24
N ASP E 174 -5.55 29.03 -25.45
CA ASP E 174 -6.58 29.08 -24.42
C ASP E 174 -6.27 28.27 -23.17
N SER E 175 -5.53 27.18 -23.31
CA SER E 175 -5.19 26.36 -22.15
C SER E 175 -4.27 27.16 -21.25
N VAL E 176 -3.26 27.79 -21.85
CA VAL E 176 -2.33 28.60 -21.08
C VAL E 176 -3.08 29.80 -20.50
N GLY E 177 -3.87 30.45 -21.35
CA GLY E 177 -4.64 31.60 -20.89
C GLY E 177 -5.54 31.21 -19.73
N ASN E 178 -6.05 29.99 -19.74
CA ASN E 178 -6.93 29.51 -18.66
C ASN E 178 -6.12 29.33 -17.37
N ALA E 179 -4.90 28.81 -17.50
CA ALA E 179 -4.03 28.62 -16.36
C ALA E 179 -3.73 29.98 -15.75
N VAL E 180 -3.50 30.96 -16.61
CA VAL E 180 -3.21 32.30 -16.13
C VAL E 180 -4.36 32.81 -15.28
N ARG E 181 -5.59 32.63 -15.76
CA ARG E 181 -6.76 33.08 -15.02
C ARG E 181 -6.87 32.34 -13.68
N ALA E 182 -6.35 31.12 -13.64
CA ALA E 182 -6.39 30.32 -12.43
C ALA E 182 -5.47 30.89 -11.37
N ILE E 183 -4.28 31.32 -11.80
CA ILE E 183 -3.33 31.88 -10.87
C ILE E 183 -3.75 33.28 -10.43
N GLU E 184 -4.36 34.05 -11.33
CA GLU E 184 -4.80 35.41 -10.99
C GLU E 184 -5.86 35.39 -9.91
N GLU E 185 -6.91 34.58 -10.08
CA GLU E 185 -7.99 34.52 -9.10
C GLU E 185 -7.62 33.71 -7.84
N GLY E 186 -6.35 33.35 -7.73
CA GLY E 186 -5.91 32.60 -6.56
C GLY E 186 -6.46 31.19 -6.44
N SER E 187 -6.76 30.55 -7.56
CA SER E 187 -7.27 29.18 -7.52
C SER E 187 -6.13 28.19 -7.48
N ALA E 188 -4.91 28.69 -7.72
CA ALA E 188 -3.71 27.87 -7.72
C ALA E 188 -2.50 28.80 -7.66
N ASP E 189 -1.34 28.26 -7.30
CA ASP E 189 -0.12 29.06 -7.24
C ASP E 189 0.81 28.62 -8.36
N VAL E 190 0.71 27.35 -8.74
CA VAL E 190 1.51 26.77 -9.80
C VAL E 190 0.60 26.06 -10.79
N MET E 191 0.87 26.21 -12.07
CA MET E 191 0.06 25.56 -13.09
C MET E 191 0.93 25.00 -14.19
N PHE E 192 0.58 23.81 -14.61
CA PHE E 192 1.28 23.15 -15.69
C PHE E 192 0.31 23.27 -16.84
N ALA E 193 0.64 24.14 -17.78
CA ALA E 193 -0.22 24.40 -18.90
C ALA E 193 0.49 24.22 -20.22
N GLY E 194 -0.29 23.87 -21.23
CA GLY E 194 0.24 23.66 -22.56
C GLY E 194 -0.76 22.88 -23.37
N ALA E 195 -0.32 22.34 -24.49
CA ALA E 195 -1.22 21.58 -25.34
C ALA E 195 -0.47 20.49 -26.12
N ALA E 196 -1.24 19.52 -26.62
CA ALA E 196 -0.70 18.42 -27.38
C ALA E 196 -1.76 17.88 -28.35
N ASP E 197 -1.30 17.49 -29.54
CA ASP E 197 -2.15 16.89 -30.55
C ASP E 197 -1.30 15.97 -31.42
N THR E 198 -1.87 14.83 -31.78
CA THR E 198 -1.23 13.84 -32.64
C THR E 198 -2.35 13.39 -33.57
N PRO E 199 -2.71 14.26 -34.55
CA PRO E 199 -3.77 14.06 -35.54
C PRO E 199 -3.38 13.41 -36.87
N ILE E 200 -2.10 13.13 -37.08
CA ILE E 200 -1.70 12.51 -38.34
C ILE E 200 -2.26 11.09 -38.38
N THR E 201 -3.53 10.99 -38.77
CA THR E 201 -4.23 9.70 -38.84
C THR E 201 -5.30 9.81 -39.95
N PRO E 202 -5.54 8.71 -40.70
CA PRO E 202 -6.51 8.69 -41.80
C PRO E 202 -7.81 9.51 -41.64
N ILE E 203 -8.49 9.36 -40.50
CA ILE E 203 -9.74 10.09 -40.31
C ILE E 203 -9.58 11.60 -40.34
N VAL E 204 -8.49 12.10 -39.76
CA VAL E 204 -8.26 13.54 -39.73
C VAL E 204 -7.81 14.05 -41.10
N VAL E 205 -6.92 13.31 -41.75
CA VAL E 205 -6.46 13.67 -43.07
C VAL E 205 -7.64 13.74 -44.05
N ALA E 206 -8.54 12.77 -43.98
CA ALA E 206 -9.68 12.75 -44.88
C ALA E 206 -10.67 13.87 -44.61
N CYS E 207 -10.89 14.19 -43.34
CA CYS E 207 -11.84 15.24 -43.02
C CYS E 207 -11.35 16.59 -43.55
N PHE E 208 -10.04 16.82 -43.49
CA PHE E 208 -9.51 18.08 -44.02
C PHE E 208 -9.46 18.04 -45.55
N ASP E 209 -9.33 16.84 -46.14
CA ASP E 209 -9.33 16.73 -47.61
C ASP E 209 -10.71 17.14 -48.12
N ALA E 210 -11.74 16.69 -47.42
CA ALA E 210 -13.13 16.97 -47.79
C ALA E 210 -13.41 18.45 -47.99
N ILE E 211 -12.78 19.29 -47.18
CA ILE E 211 -12.97 20.72 -47.31
C ILE E 211 -11.73 21.35 -47.94
N ARG E 212 -10.77 20.50 -48.30
CA ARG E 212 -9.53 20.95 -48.94
C ARG E 212 -8.82 22.05 -48.15
N ALA E 213 -8.76 21.88 -46.84
CA ALA E 213 -8.11 22.84 -45.96
C ALA E 213 -6.60 22.65 -45.99
N THR E 214 -6.16 21.44 -46.31
CA THR E 214 -4.74 21.14 -46.37
C THR E 214 -4.21 21.21 -47.82
N THR E 215 -2.91 21.40 -47.96
CA THR E 215 -2.28 21.50 -49.29
C THR E 215 -2.23 20.18 -50.05
N ALA E 216 -2.36 20.25 -51.38
CA ALA E 216 -2.30 19.07 -52.22
C ALA E 216 -0.98 19.04 -52.96
N ARG E 217 -0.02 19.82 -52.46
CA ARG E 217 1.31 19.91 -53.06
C ARG E 217 2.23 18.79 -52.56
N ASN E 218 1.87 17.55 -52.90
CA ASN E 218 2.64 16.39 -52.46
C ASN E 218 3.97 16.19 -53.17
N ASP E 219 4.18 16.94 -54.25
CA ASP E 219 5.41 16.84 -55.02
C ASP E 219 6.59 17.53 -54.33
N ASP E 220 6.31 18.54 -53.51
CA ASP E 220 7.37 19.27 -52.81
C ASP E 220 7.03 19.40 -51.32
N PRO E 221 7.18 18.30 -50.57
CA PRO E 221 6.90 18.25 -49.14
C PRO E 221 7.60 19.33 -48.31
N GLU E 222 8.93 19.38 -48.39
CA GLU E 222 9.70 20.37 -47.64
C GLU E 222 9.24 21.82 -47.82
N HIS E 223 8.54 22.10 -48.90
CA HIS E 223 8.08 23.47 -49.14
C HIS E 223 6.58 23.57 -49.33
N ALA E 224 5.85 22.61 -48.78
CA ALA E 224 4.40 22.58 -48.90
C ALA E 224 3.71 23.65 -48.06
N SER E 225 4.25 23.93 -46.88
CA SER E 225 3.65 24.93 -46.01
C SER E 225 4.19 26.31 -46.31
N ARG E 226 3.37 27.14 -46.95
CA ARG E 226 3.81 28.47 -47.31
C ARG E 226 2.80 29.57 -47.00
N PRO E 227 2.65 29.92 -45.71
CA PRO E 227 1.73 30.96 -45.28
C PRO E 227 2.09 32.36 -45.79
N PHE E 228 1.06 33.13 -46.12
CA PHE E 228 1.21 34.49 -46.64
C PHE E 228 1.76 34.49 -48.07
N ASP E 229 2.09 33.33 -48.60
CA ASP E 229 2.61 33.25 -49.97
C ASP E 229 1.48 33.28 -50.98
N GLY E 230 1.76 33.83 -52.16
CA GLY E 230 0.74 33.93 -53.20
C GLY E 230 0.32 32.61 -53.80
N THR E 231 1.14 31.58 -53.65
CA THR E 231 0.81 30.27 -54.21
C THR E 231 0.29 29.29 -53.16
N ARG E 232 0.07 29.78 -51.94
CA ARG E 232 -0.41 28.91 -50.87
C ARG E 232 -1.73 28.24 -51.25
N ASP E 233 -1.87 26.98 -50.85
CA ASP E 233 -3.08 26.21 -51.14
C ASP E 233 -3.54 25.37 -49.95
N GLY E 234 -3.31 25.87 -48.73
CA GLY E 234 -3.73 25.13 -47.56
C GLY E 234 -2.61 24.91 -46.56
N PHE E 235 -2.95 24.41 -45.38
CA PHE E 235 -1.95 24.18 -44.34
C PHE E 235 -1.40 22.76 -44.39
N VAL E 236 -0.37 22.49 -43.60
CA VAL E 236 0.22 21.16 -43.55
C VAL E 236 -0.05 20.55 -42.17
N LEU E 237 -0.76 19.44 -42.16
CA LEU E 237 -1.10 18.76 -40.91
C LEU E 237 0.17 18.36 -40.19
N ALA E 238 0.15 18.49 -38.87
CA ALA E 238 1.31 18.14 -38.06
C ALA E 238 0.91 17.76 -36.64
N GLU E 239 1.88 17.24 -35.89
CA GLU E 239 1.66 16.84 -34.50
C GLU E 239 2.68 17.62 -33.67
N GLY E 240 2.49 17.62 -32.36
CA GLY E 240 3.42 18.32 -31.49
C GLY E 240 2.80 18.61 -30.15
N ALA E 241 3.61 19.14 -29.24
CA ALA E 241 3.13 19.47 -27.90
C ALA E 241 4.10 20.43 -27.22
N ALA E 242 3.58 21.22 -26.29
CA ALA E 242 4.40 22.16 -25.54
C ALA E 242 3.77 22.33 -24.17
N MET E 243 4.62 22.36 -23.15
CA MET E 243 4.17 22.50 -21.78
C MET E 243 4.98 23.60 -21.07
N PHE E 244 4.32 24.37 -20.22
CA PHE E 244 4.99 25.45 -19.50
C PHE E 244 4.69 25.37 -18.00
N VAL E 245 5.60 25.90 -17.19
CA VAL E 245 5.39 25.93 -15.75
C VAL E 245 5.05 27.39 -15.44
N LEU E 246 3.81 27.64 -15.03
CA LEU E 246 3.41 29.00 -14.71
C LEU E 246 3.28 29.13 -13.20
N GLU E 247 3.51 30.34 -12.71
CA GLU E 247 3.41 30.62 -11.28
C GLU E 247 3.35 32.10 -10.97
N ASP E 248 2.91 32.41 -9.76
CA ASP E 248 2.79 33.78 -9.27
C ASP E 248 4.10 34.54 -9.50
N TYR E 249 3.99 35.81 -9.87
CA TYR E 249 5.17 36.63 -10.12
C TYR E 249 6.02 36.86 -8.87
N ASP E 250 5.39 37.27 -7.78
CA ASP E 250 6.14 37.52 -6.55
C ASP E 250 6.75 36.23 -6.03
N SER E 251 5.99 35.15 -6.15
CA SER E 251 6.44 33.84 -5.71
C SER E 251 7.65 33.37 -6.53
N ALA E 252 7.62 33.62 -7.83
CA ALA E 252 8.71 33.22 -8.73
C ALA E 252 9.98 33.98 -8.38
N LEU E 253 9.86 35.30 -8.30
CA LEU E 253 10.98 36.16 -7.95
C LEU E 253 11.52 35.75 -6.59
N ALA E 254 10.60 35.44 -5.68
CA ALA E 254 10.96 35.04 -4.33
C ALA E 254 11.90 33.83 -4.27
N ARG E 255 11.54 32.75 -4.96
CA ARG E 255 12.36 31.55 -4.93
C ARG E 255 13.58 31.66 -5.83
N GLY E 256 13.72 32.82 -6.48
CA GLY E 256 14.86 33.03 -7.36
C GLY E 256 14.78 32.18 -8.60
N ALA E 257 13.57 32.04 -9.13
CA ALA E 257 13.33 31.24 -10.32
C ALA E 257 13.60 32.07 -11.58
N ARG E 258 14.13 31.43 -12.60
CA ARG E 258 14.41 32.13 -13.85
C ARG E 258 13.07 32.48 -14.51
N ILE E 259 12.87 33.76 -14.82
CA ILE E 259 11.63 34.21 -15.43
C ILE E 259 11.80 34.35 -16.94
N HIS E 260 11.36 33.33 -17.67
CA HIS E 260 11.47 33.33 -19.13
C HIS E 260 10.64 34.42 -19.79
N ALA E 261 9.54 34.77 -19.15
CA ALA E 261 8.65 35.81 -19.67
C ALA E 261 7.40 35.91 -18.81
N GLU E 262 6.69 37.01 -18.96
CA GLU E 262 5.45 37.23 -18.22
C GLU E 262 4.29 37.31 -19.20
N ILE E 263 3.21 36.59 -18.91
CA ILE E 263 2.03 36.61 -19.76
C ILE E 263 1.26 37.83 -19.31
N SER E 264 1.67 38.97 -19.84
CA SER E 264 1.06 40.25 -19.50
C SER E 264 -0.36 40.41 -20.00
N GLY E 265 -0.72 39.69 -21.06
CA GLY E 265 -2.08 39.82 -21.57
C GLY E 265 -2.61 38.61 -22.33
N TYR E 266 -3.92 38.38 -22.18
CA TYR E 266 -4.59 37.28 -22.84
C TYR E 266 -6.06 37.61 -23.09
N ALA E 267 -6.57 37.17 -24.24
CA ALA E 267 -7.98 37.42 -24.55
C ALA E 267 -8.45 36.53 -25.67
N THR E 268 -9.77 36.32 -25.74
CA THR E 268 -10.36 35.50 -26.78
C THR E 268 -11.78 35.97 -27.07
N ARG E 269 -12.15 35.95 -28.34
CA ARG E 269 -13.48 36.36 -28.78
C ARG E 269 -13.93 35.40 -29.86
N CYS E 270 -15.20 35.49 -30.25
CA CYS E 270 -15.74 34.60 -31.27
C CYS E 270 -16.28 35.28 -32.50
N ASN E 271 -16.13 34.60 -33.64
CA ASN E 271 -16.61 35.05 -34.94
C ASN E 271 -18.11 35.21 -34.95
N ALA E 272 -18.77 34.12 -34.58
CA ALA E 272 -20.23 34.01 -34.58
C ALA E 272 -20.60 34.11 -36.06
N TYR E 273 -19.64 33.78 -36.93
CA TYR E 273 -19.83 33.85 -38.37
C TYR E 273 -20.01 32.48 -39.05
N HIS E 274 -19.04 31.59 -38.90
CA HIS E 274 -19.10 30.28 -39.55
C HIS E 274 -18.17 29.30 -38.84
N MET E 275 -18.55 28.03 -38.81
CA MET E 275 -17.72 27.04 -38.13
C MET E 275 -16.29 26.92 -38.68
N THR E 276 -16.09 27.16 -39.98
CA THR E 276 -14.75 27.08 -40.56
C THR E 276 -14.40 28.28 -41.46
N GLY E 277 -15.41 29.06 -41.85
CA GLY E 277 -15.14 30.20 -42.71
C GLY E 277 -14.69 31.42 -41.95
N LEU E 278 -13.88 32.27 -42.59
CA LEU E 278 -13.39 33.48 -41.96
C LEU E 278 -13.71 34.71 -42.79
N LYS E 279 -14.17 35.78 -42.14
CA LYS E 279 -14.49 37.02 -42.84
C LYS E 279 -13.19 37.73 -43.19
N ALA E 280 -13.21 38.50 -44.27
CA ALA E 280 -12.02 39.23 -44.70
C ALA E 280 -11.65 40.40 -43.78
N ASP E 281 -12.63 40.97 -43.08
CA ASP E 281 -12.39 42.11 -42.19
C ASP E 281 -11.50 41.86 -40.97
N GLY E 282 -11.66 40.72 -40.32
CA GLY E 282 -10.87 40.41 -39.14
C GLY E 282 -11.28 41.23 -37.95
N ARG E 283 -12.58 41.53 -37.87
CA ARG E 283 -13.15 42.33 -36.79
C ARG E 283 -12.92 41.78 -35.38
N GLU E 284 -13.36 40.55 -35.13
CA GLU E 284 -13.23 39.92 -33.81
C GLU E 284 -11.77 39.68 -33.40
N MET E 285 -10.94 39.30 -34.36
CA MET E 285 -9.52 39.07 -34.09
C MET E 285 -8.90 40.39 -33.67
N ALA E 286 -9.20 41.46 -34.41
CA ALA E 286 -8.66 42.78 -34.09
C ALA E 286 -9.05 43.17 -32.67
N GLU E 287 -10.31 42.93 -32.31
CA GLU E 287 -10.79 43.24 -30.97
C GLU E 287 -10.02 42.45 -29.93
N THR E 288 -9.73 41.20 -30.23
CA THR E 288 -9.02 40.31 -29.31
C THR E 288 -7.61 40.83 -29.06
N ILE E 289 -6.95 41.26 -30.12
CA ILE E 289 -5.61 41.80 -30.00
C ILE E 289 -5.70 43.09 -29.19
N ARG E 290 -6.79 43.83 -29.39
CA ARG E 290 -7.02 45.10 -28.71
C ARG E 290 -7.17 44.92 -27.20
N VAL E 291 -8.06 43.99 -26.82
CA VAL E 291 -8.32 43.68 -25.42
C VAL E 291 -7.08 43.11 -24.72
N ALA E 292 -6.35 42.26 -25.42
CA ALA E 292 -5.16 41.65 -24.85
C ALA E 292 -4.14 42.73 -24.49
N LEU E 293 -3.90 43.64 -25.42
CA LEU E 293 -2.95 44.73 -25.20
C LEU E 293 -3.38 45.58 -24.04
N ASP E 294 -4.68 45.83 -23.96
CA ASP E 294 -5.23 46.64 -22.89
C ASP E 294 -4.87 46.08 -21.52
N GLU E 295 -5.30 44.86 -21.26
CA GLU E 295 -5.00 44.20 -19.98
C GLU E 295 -3.50 44.28 -19.71
N SER E 296 -2.70 44.02 -20.75
CA SER E 296 -1.25 44.04 -20.66
C SER E 296 -0.68 45.43 -20.41
N ARG E 297 -1.50 46.45 -20.59
CA ARG E 297 -1.08 47.83 -20.41
C ARG E 297 0.02 48.21 -21.41
N THR E 298 0.16 47.43 -22.48
CA THR E 298 1.17 47.74 -23.49
C THR E 298 0.52 48.28 -24.75
N ASP E 299 1.14 49.31 -25.34
CA ASP E 299 0.63 49.93 -26.57
C ASP E 299 1.08 49.14 -27.78
N ALA E 300 0.34 49.25 -28.87
CA ALA E 300 0.68 48.54 -30.10
C ALA E 300 2.14 48.74 -30.47
N THR E 301 2.57 50.00 -30.49
CA THR E 301 3.93 50.35 -30.85
C THR E 301 5.00 49.62 -30.03
N ASP E 302 4.60 49.06 -28.89
CA ASP E 302 5.53 48.33 -28.03
C ASP E 302 5.82 46.92 -28.56
N ILE E 303 4.89 46.38 -29.35
CA ILE E 303 5.06 45.04 -29.90
C ILE E 303 6.28 45.03 -30.81
N ASP E 304 7.26 44.21 -30.47
CA ASP E 304 8.49 44.11 -31.24
C ASP E 304 8.47 42.95 -32.24
N TYR E 305 7.45 42.09 -32.11
CA TYR E 305 7.31 40.93 -32.99
C TYR E 305 5.91 40.34 -32.85
N ILE E 306 5.40 39.79 -33.95
CA ILE E 306 4.07 39.19 -33.94
C ILE E 306 4.09 37.77 -34.48
N ASN E 307 3.87 36.78 -33.61
CA ASN E 307 3.85 35.40 -34.05
C ASN E 307 2.44 35.14 -34.57
N ALA E 308 2.31 35.22 -35.88
CA ALA E 308 1.03 35.03 -36.55
C ALA E 308 0.46 33.63 -36.45
N HIS E 309 -0.76 33.49 -36.94
CA HIS E 309 -1.39 32.20 -36.95
C HIS E 309 -0.83 31.54 -38.20
N GLY E 310 -0.86 32.27 -39.30
CA GLY E 310 -0.35 31.79 -40.58
C GLY E 310 -0.50 30.31 -40.87
N SER E 311 -1.74 29.87 -41.09
CA SER E 311 -2.02 28.46 -41.38
C SER E 311 -1.59 28.08 -42.79
N GLY E 312 -1.75 29.00 -43.73
CA GLY E 312 -1.38 28.73 -45.11
C GLY E 312 -2.60 28.64 -46.01
N THR E 313 -3.79 28.82 -45.45
CA THR E 313 -5.00 28.76 -46.25
C THR E 313 -5.23 30.14 -46.86
N ARG E 314 -6.00 30.21 -47.94
CA ARG E 314 -6.27 31.49 -48.58
C ARG E 314 -6.96 32.46 -47.62
N GLN E 315 -8.08 32.03 -47.05
CA GLN E 315 -8.84 32.87 -46.15
C GLN E 315 -8.12 33.33 -44.88
N ASN E 316 -7.40 32.43 -44.22
CA ASN E 316 -6.73 32.80 -42.99
C ASN E 316 -5.63 33.85 -43.08
N ASP E 317 -4.55 33.52 -43.78
CA ASP E 317 -3.43 34.42 -43.92
C ASP E 317 -3.87 35.83 -44.34
N ARG E 318 -4.99 35.89 -45.04
CA ARG E 318 -5.52 37.16 -45.49
C ARG E 318 -6.37 37.79 -44.38
N HIS E 319 -7.04 36.95 -43.59
CA HIS E 319 -7.89 37.40 -42.49
C HIS E 319 -7.14 38.08 -41.35
N GLU E 320 -6.02 37.51 -40.93
CA GLU E 320 -5.26 38.10 -39.84
C GLU E 320 -4.50 39.34 -40.29
N THR E 321 -4.08 39.35 -41.55
CA THR E 321 -3.36 40.51 -42.07
C THR E 321 -4.23 41.75 -41.90
N ALA E 322 -5.52 41.60 -42.18
CA ALA E 322 -6.46 42.71 -42.06
C ALA E 322 -6.62 43.09 -40.59
N ALA E 323 -6.73 42.07 -39.75
CA ALA E 323 -6.90 42.28 -38.32
C ALA E 323 -5.71 42.99 -37.69
N TYR E 324 -4.50 42.68 -38.16
CA TYR E 324 -3.30 43.32 -37.63
C TYR E 324 -3.34 44.82 -37.87
N LYS E 325 -3.71 45.21 -39.09
CA LYS E 325 -3.78 46.61 -39.43
C LYS E 325 -4.96 47.27 -38.74
N ARG E 326 -6.01 46.50 -38.50
CA ARG E 326 -7.20 47.03 -37.85
C ARG E 326 -7.03 47.22 -36.34
N ALA E 327 -5.94 46.71 -35.78
CA ALA E 327 -5.70 46.83 -34.36
C ALA E 327 -4.37 47.51 -34.02
N LEU E 328 -3.42 47.43 -34.95
CA LEU E 328 -2.12 48.04 -34.72
C LEU E 328 -1.92 49.29 -35.57
N GLY E 329 -2.76 49.45 -36.58
CA GLY E 329 -2.65 50.61 -37.44
C GLY E 329 -1.37 50.59 -38.24
N GLU E 330 -0.73 51.76 -38.37
CA GLU E 330 0.50 51.88 -39.13
C GLU E 330 1.61 50.99 -38.56
N HIS E 331 1.53 50.69 -37.26
CA HIS E 331 2.55 49.87 -36.60
C HIS E 331 2.57 48.43 -37.14
N ALA E 332 1.49 48.02 -37.80
CA ALA E 332 1.41 46.68 -38.37
C ALA E 332 2.46 46.49 -39.47
N ARG E 333 2.75 47.56 -40.19
CA ARG E 333 3.73 47.52 -41.28
C ARG E 333 5.15 47.78 -40.80
N ARG E 334 5.28 48.07 -39.51
CA ARG E 334 6.58 48.34 -38.90
C ARG E 334 7.03 47.19 -38.01
N THR E 335 6.11 46.30 -37.67
CA THR E 335 6.44 45.17 -36.81
C THR E 335 6.58 43.87 -37.61
N PRO E 336 7.66 43.11 -37.37
CA PRO E 336 7.91 41.85 -38.06
C PRO E 336 6.88 40.81 -37.66
N VAL E 337 6.41 40.03 -38.63
CA VAL E 337 5.41 39.00 -38.40
C VAL E 337 5.88 37.72 -39.06
N SER E 338 5.59 36.57 -38.47
CA SER E 338 5.97 35.30 -39.09
C SER E 338 5.17 34.11 -38.57
N SER E 339 5.14 33.04 -39.37
CA SER E 339 4.41 31.81 -39.05
C SER E 339 5.36 30.63 -38.92
N ILE E 340 5.48 30.08 -37.70
CA ILE E 340 6.37 28.94 -37.48
C ILE E 340 5.80 27.68 -38.15
N LYS E 341 4.52 27.76 -38.52
CA LYS E 341 3.84 26.65 -39.18
C LYS E 341 4.47 26.37 -40.54
N SER E 342 5.17 27.37 -41.07
CA SER E 342 5.84 27.22 -42.36
C SER E 342 6.94 26.18 -42.20
N MET E 343 7.33 25.90 -40.95
CA MET E 343 8.38 24.93 -40.68
C MET E 343 7.91 23.68 -39.90
N VAL E 344 7.12 23.88 -38.86
CA VAL E 344 6.62 22.76 -38.04
C VAL E 344 5.20 22.37 -38.37
N GLY E 345 4.66 22.92 -39.46
CA GLY E 345 3.30 22.58 -39.85
C GLY E 345 2.27 23.10 -38.87
N HIS E 346 1.04 22.63 -39.03
CA HIS E 346 -0.06 23.04 -38.19
C HIS E 346 -0.55 21.88 -37.32
N SER E 347 -0.13 21.86 -36.07
CA SER E 347 -0.52 20.81 -35.15
C SER E 347 -1.86 21.07 -34.44
N LEU E 348 -2.73 21.82 -35.11
CA LEU E 348 -4.05 22.12 -34.59
C LEU E 348 -4.10 22.73 -33.19
N GLY E 349 -4.53 21.94 -32.22
CA GLY E 349 -4.64 22.43 -30.86
C GLY E 349 -3.32 22.63 -30.15
N ALA E 350 -2.27 22.00 -30.64
CA ALA E 350 -0.97 22.12 -30.00
C ALA E 350 -0.15 23.32 -30.49
N ILE E 351 -0.33 23.69 -31.75
CA ILE E 351 0.44 24.77 -32.33
C ILE E 351 0.46 26.03 -31.46
N GLY E 352 -0.67 26.37 -30.85
CA GLY E 352 -0.75 27.53 -29.99
C GLY E 352 0.33 27.55 -28.92
N SER E 353 0.55 26.40 -28.27
CA SER E 353 1.57 26.35 -27.24
C SER E 353 2.96 26.39 -27.83
N LEU E 354 3.15 25.67 -28.95
CA LEU E 354 4.44 25.65 -29.62
C LEU E 354 4.85 27.08 -29.96
N GLU E 355 3.90 27.88 -30.42
CA GLU E 355 4.19 29.28 -30.77
C GLU E 355 4.60 30.05 -29.52
N ILE E 356 3.89 29.84 -28.42
CA ILE E 356 4.20 30.51 -27.16
C ILE E 356 5.65 30.17 -26.81
N ALA E 357 6.01 28.90 -26.95
CA ALA E 357 7.37 28.47 -26.65
C ALA E 357 8.35 29.27 -27.51
N ALA E 358 8.06 29.36 -28.82
CA ALA E 358 8.92 30.09 -29.75
C ALA E 358 9.06 31.57 -29.36
N CYS E 359 7.95 32.19 -28.95
CA CYS E 359 7.99 33.58 -28.54
C CYS E 359 8.92 33.71 -27.33
N VAL E 360 8.73 32.83 -26.36
CA VAL E 360 9.57 32.83 -25.16
C VAL E 360 11.04 32.75 -25.56
N LEU E 361 11.34 31.92 -26.55
CA LEU E 361 12.70 31.78 -27.03
C LEU E 361 13.16 33.01 -27.80
N ALA E 362 12.21 33.67 -28.47
CA ALA E 362 12.53 34.86 -29.23
C ALA E 362 12.95 35.96 -28.26
N LEU E 363 12.19 36.08 -27.17
CA LEU E 363 12.47 37.09 -26.16
C LEU E 363 13.84 36.87 -25.49
N GLU E 364 14.23 35.61 -25.38
CA GLU E 364 15.49 35.25 -24.75
C GLU E 364 16.68 35.49 -25.66
N HIS E 365 16.62 34.92 -26.87
CA HIS E 365 17.71 35.04 -27.83
C HIS E 365 17.61 36.24 -28.74
N GLY E 366 16.55 37.02 -28.58
CA GLY E 366 16.38 38.20 -29.42
C GLY E 366 16.54 37.93 -30.90
N VAL E 367 15.83 36.92 -31.40
CA VAL E 367 15.87 36.58 -32.81
C VAL E 367 14.44 36.33 -33.30
N VAL E 368 14.16 36.74 -34.52
CA VAL E 368 12.82 36.56 -35.07
C VAL E 368 12.79 35.42 -36.07
N PRO E 369 12.03 34.35 -35.77
CA PRO E 369 11.94 33.21 -36.67
C PRO E 369 11.34 33.68 -37.99
N PRO E 370 11.86 33.16 -39.11
CA PRO E 370 11.39 33.51 -40.47
C PRO E 370 10.17 32.69 -40.91
N THR E 371 9.55 33.14 -41.99
CA THR E 371 8.41 32.44 -42.56
C THR E 371 8.95 31.76 -43.81
N ALA E 372 9.45 30.54 -43.66
CA ALA E 372 10.01 29.79 -44.78
C ALA E 372 9.04 29.65 -45.95
N ASN E 373 9.61 29.36 -47.13
CA ASN E 373 8.86 29.17 -48.37
C ASN E 373 8.17 30.40 -48.94
N LEU E 374 8.18 31.50 -48.20
CA LEU E 374 7.54 32.72 -48.68
C LEU E 374 8.38 33.31 -49.83
N ARG E 375 7.99 32.99 -51.05
CA ARG E 375 8.69 33.47 -52.25
C ARG E 375 7.88 34.52 -53.00
N THR E 376 6.68 34.15 -53.44
CA THR E 376 5.84 35.08 -54.19
C THR E 376 4.98 35.90 -53.23
N SER E 377 4.97 37.22 -53.43
CA SER E 377 4.19 38.11 -52.59
C SER E 377 2.71 38.12 -52.98
N ASP E 378 1.85 38.37 -52.01
CA ASP E 378 0.41 38.42 -52.26
C ASP E 378 -0.14 39.77 -51.83
N PRO E 379 -0.80 40.50 -52.76
CA PRO E 379 -1.37 41.82 -52.49
C PRO E 379 -2.24 41.86 -51.23
N GLU E 380 -2.87 40.75 -50.91
CA GLU E 380 -3.73 40.67 -49.73
C GLU E 380 -2.89 40.55 -48.46
N CYS E 381 -1.67 40.05 -48.60
CA CYS E 381 -0.76 39.90 -47.49
C CYS E 381 0.44 40.81 -47.77
N ASP E 382 0.24 42.11 -47.59
CA ASP E 382 1.26 43.11 -47.87
C ASP E 382 2.12 43.57 -46.69
N LEU E 383 2.17 42.78 -45.62
CA LEU E 383 2.96 43.13 -44.45
C LEU E 383 4.32 42.46 -44.53
N ASP E 384 5.18 42.73 -43.54
CA ASP E 384 6.50 42.12 -43.51
C ASP E 384 6.41 40.80 -42.75
N TYR E 385 6.51 39.69 -43.49
CA TYR E 385 6.41 38.37 -42.87
C TYR E 385 7.74 37.66 -42.66
N VAL E 386 8.82 38.44 -42.53
CA VAL E 386 10.15 37.88 -42.30
C VAL E 386 10.39 36.64 -43.16
N PRO E 387 10.42 36.80 -44.49
CA PRO E 387 10.63 35.68 -45.40
C PRO E 387 12.01 35.03 -45.43
N LEU E 388 12.00 33.72 -45.56
CA LEU E 388 13.21 32.91 -45.65
C LEU E 388 14.23 32.93 -44.52
N GLU E 389 14.99 34.02 -44.41
CA GLU E 389 16.04 34.13 -43.39
C GLU E 389 15.59 34.71 -42.05
N ALA E 390 16.12 34.14 -40.97
CA ALA E 390 15.79 34.62 -39.63
C ALA E 390 16.27 36.06 -39.51
N ARG E 391 15.81 36.76 -38.49
CA ARG E 391 16.20 38.15 -38.35
C ARG E 391 16.53 38.50 -36.90
N GLU E 392 17.74 38.99 -36.69
CA GLU E 392 18.19 39.38 -35.35
C GLU E 392 17.52 40.71 -34.98
N ARG E 393 16.76 40.71 -33.89
CA ARG E 393 16.04 41.90 -33.45
C ARG E 393 15.94 41.90 -31.92
N LYS E 394 15.74 43.09 -31.34
CA LYS E 394 15.62 43.21 -29.89
C LYS E 394 14.16 43.05 -29.47
N LEU E 395 13.81 41.89 -28.92
CA LEU E 395 12.42 41.68 -28.49
C LEU E 395 12.25 41.83 -26.99
N ARG E 396 11.26 42.62 -26.59
CA ARG E 396 10.96 42.84 -25.18
C ARG E 396 9.48 42.53 -24.91
N SER E 397 8.64 42.80 -25.90
CA SER E 397 7.21 42.54 -25.82
C SER E 397 6.76 41.94 -27.15
N VAL E 398 6.18 40.76 -27.11
CA VAL E 398 5.71 40.10 -28.33
C VAL E 398 4.23 39.75 -28.25
N LEU E 399 3.62 39.58 -29.41
CA LEU E 399 2.20 39.26 -29.49
C LEU E 399 2.01 38.00 -30.32
N THR E 400 1.15 37.11 -29.85
CA THR E 400 0.89 35.89 -30.59
C THR E 400 -0.62 35.71 -30.65
N VAL E 401 -1.12 35.35 -31.84
CA VAL E 401 -2.54 35.13 -32.03
C VAL E 401 -2.82 33.78 -32.69
N GLY E 402 -4.07 33.36 -32.62
CA GLY E 402 -4.48 32.10 -33.23
C GLY E 402 -5.97 32.09 -33.52
N SER E 403 -6.38 31.27 -34.49
CA SER E 403 -7.80 31.14 -34.87
C SER E 403 -8.12 29.68 -35.11
N GLY E 404 -9.34 29.27 -34.73
CA GLY E 404 -9.71 27.88 -34.92
C GLY E 404 -11.17 27.69 -35.27
N PHE E 405 -11.49 26.51 -35.80
CA PHE E 405 -12.87 26.20 -36.16
C PHE E 405 -13.78 26.50 -34.97
N GLY E 406 -14.99 26.95 -35.27
CA GLY E 406 -15.91 27.33 -34.21
C GLY E 406 -15.94 28.85 -34.12
N GLY E 407 -15.00 29.50 -34.79
CA GLY E 407 -14.95 30.96 -34.78
C GLY E 407 -14.10 31.56 -33.68
N PHE E 408 -13.31 30.73 -33.02
CA PHE E 408 -12.45 31.16 -31.92
C PHE E 408 -11.28 32.02 -32.38
N GLN E 409 -11.09 33.16 -31.70
CA GLN E 409 -10.00 34.09 -31.98
C GLN E 409 -9.30 34.39 -30.67
N SER E 410 -7.99 34.19 -30.61
CA SER E 410 -7.26 34.44 -29.37
C SER E 410 -5.94 35.17 -29.59
N ALA E 411 -5.50 35.88 -28.56
CA ALA E 411 -4.25 36.63 -28.59
C ALA E 411 -3.64 36.64 -27.20
N MET E 412 -2.31 36.69 -27.15
CA MET E 412 -1.62 36.69 -25.88
C MET E 412 -0.38 37.56 -26.01
N VAL E 413 -0.09 38.34 -24.98
CA VAL E 413 1.08 39.21 -25.00
C VAL E 413 2.12 38.67 -24.02
N LEU E 414 3.36 38.56 -24.48
CA LEU E 414 4.45 38.07 -23.63
C LEU E 414 5.58 39.09 -23.59
N ARG E 415 6.17 39.27 -22.42
CA ARG E 415 7.27 40.22 -22.27
C ARG E 415 8.38 39.62 -21.42
N ASP E 416 9.62 40.03 -21.66
CA ASP E 416 10.76 39.51 -20.88
C ASP E 416 10.76 40.00 -19.43
N ALA E 417 11.67 39.47 -18.63
CA ALA E 417 11.78 39.84 -17.22
C ALA E 417 12.06 41.33 -17.01
N GLU E 418 12.97 41.86 -17.82
CA GLU E 418 13.36 43.28 -17.77
C GLU E 418 12.11 44.14 -17.85
N THR E 419 11.32 43.92 -18.90
CA THR E 419 10.09 44.66 -19.14
C THR E 419 9.07 44.46 -18.01
N ALA E 420 9.02 43.25 -17.46
CA ALA E 420 8.10 42.92 -16.38
C ALA E 420 8.41 43.76 -15.14
N GLY E 421 9.70 43.82 -14.77
CA GLY E 421 10.11 44.59 -13.62
C GLY E 421 9.82 46.07 -13.79
N ALA E 422 10.14 46.61 -14.97
CA ALA E 422 9.91 48.02 -15.24
C ALA E 422 8.42 48.35 -15.23
N ALA E 423 7.58 47.34 -15.44
CA ALA E 423 6.13 47.52 -15.45
C ALA E 423 5.62 48.05 -14.12
N SER F 10 -21.64 38.99 -8.18
CA SER F 10 -22.93 38.27 -8.01
C SER F 10 -23.52 37.76 -9.34
N VAL F 11 -23.39 36.46 -9.57
CA VAL F 11 -23.88 35.81 -10.79
C VAL F 11 -25.22 35.10 -10.61
N LEU F 12 -26.17 35.41 -11.48
CA LEU F 12 -27.49 34.82 -11.38
C LEU F 12 -27.84 33.89 -12.54
N ILE F 13 -28.73 32.94 -12.28
CA ILE F 13 -29.19 32.02 -13.30
C ILE F 13 -30.56 32.55 -13.70
N THR F 14 -30.62 33.19 -14.87
CA THR F 14 -31.87 33.78 -15.34
C THR F 14 -32.70 32.89 -16.26
N GLY F 15 -32.04 31.96 -16.96
CA GLY F 15 -32.78 31.09 -17.85
C GLY F 15 -32.16 29.70 -17.93
N VAL F 16 -33.01 28.70 -18.11
CA VAL F 16 -32.55 27.31 -18.19
C VAL F 16 -33.28 26.55 -19.29
N GLY F 17 -32.57 25.60 -19.90
CA GLY F 17 -33.14 24.77 -20.94
C GLY F 17 -32.72 23.33 -20.69
N VAL F 18 -33.71 22.43 -20.55
CA VAL F 18 -33.38 21.04 -20.29
C VAL F 18 -33.87 20.04 -21.33
N VAL F 19 -32.98 19.11 -21.64
CA VAL F 19 -33.25 18.03 -22.57
C VAL F 19 -32.87 16.76 -21.78
N ALA F 20 -33.86 16.11 -21.21
CA ALA F 20 -33.63 14.92 -20.39
C ALA F 20 -34.41 13.68 -20.82
N PRO F 21 -33.86 12.47 -20.56
CA PRO F 21 -34.52 11.22 -20.92
C PRO F 21 -35.94 11.07 -20.39
N ASN F 22 -36.28 11.86 -19.36
CA ASN F 22 -37.59 11.80 -18.75
C ASN F 22 -38.35 13.13 -18.88
N GLY F 23 -37.83 14.01 -19.75
CA GLY F 23 -38.47 15.30 -19.96
C GLY F 23 -37.80 16.21 -20.98
N LEU F 24 -38.53 16.47 -22.07
CA LEU F 24 -38.00 17.36 -23.10
C LEU F 24 -38.53 18.73 -22.69
N GLY F 25 -37.72 19.46 -21.93
CA GLY F 25 -38.13 20.76 -21.46
C GLY F 25 -38.27 20.76 -19.94
N LEU F 26 -38.24 21.93 -19.33
CA LEU F 26 -38.34 22.07 -17.87
C LEU F 26 -39.60 21.46 -17.27
N ALA F 27 -40.76 21.86 -17.78
CA ALA F 27 -42.02 21.36 -17.25
C ALA F 27 -42.09 19.84 -17.18
N PRO F 28 -41.95 19.14 -18.32
CA PRO F 28 -42.01 17.68 -18.29
C PRO F 28 -40.97 17.06 -17.37
N TYR F 29 -39.76 17.59 -17.41
CA TYR F 29 -38.70 17.08 -16.57
C TYR F 29 -39.00 17.22 -15.08
N TRP F 30 -39.31 18.44 -14.64
CA TRP F 30 -39.60 18.67 -13.24
C TRP F 30 -40.73 17.78 -12.75
N SER F 31 -41.80 17.68 -13.54
CA SER F 31 -42.91 16.83 -13.16
C SER F 31 -42.49 15.37 -13.02
N ALA F 32 -41.68 14.86 -13.94
CA ALA F 32 -41.24 13.47 -13.85
C ALA F 32 -40.44 13.24 -12.57
N VAL F 33 -39.48 14.14 -12.30
CA VAL F 33 -38.62 14.06 -11.12
C VAL F 33 -39.38 14.01 -9.80
N LEU F 34 -40.32 14.93 -9.63
CA LEU F 34 -41.10 15.00 -8.41
C LEU F 34 -41.98 13.76 -8.27
N ASP F 35 -42.29 13.15 -9.42
CA ASP F 35 -43.12 11.96 -9.44
C ASP F 35 -42.30 10.67 -9.43
N GLY F 36 -40.99 10.81 -9.54
CA GLY F 36 -40.14 9.64 -9.54
C GLY F 36 -40.14 8.86 -10.84
N ARG F 37 -40.64 9.44 -11.92
CA ARG F 37 -40.65 8.75 -13.20
C ARG F 37 -39.29 8.88 -13.84
N HIS F 38 -38.69 7.76 -14.20
CA HIS F 38 -37.37 7.82 -14.84
C HIS F 38 -37.58 7.66 -16.34
N GLY F 39 -36.54 7.93 -17.13
CA GLY F 39 -36.63 7.80 -18.56
C GLY F 39 -35.64 6.75 -18.98
N LEU F 40 -35.53 5.72 -18.14
CA LEU F 40 -34.60 4.62 -18.35
C LEU F 40 -35.28 3.45 -19.05
N GLY F 41 -34.52 2.72 -19.86
CA GLY F 41 -35.06 1.59 -20.57
C GLY F 41 -34.07 1.02 -21.55
N PRO F 42 -34.45 -0.02 -22.29
CA PRO F 42 -33.58 -0.68 -23.28
C PRO F 42 -33.15 0.26 -24.41
N VAL F 43 -31.90 0.09 -24.84
CA VAL F 43 -31.36 0.87 -25.93
C VAL F 43 -32.01 0.38 -27.21
N THR F 44 -32.60 1.32 -27.96
CA THR F 44 -33.28 0.99 -29.20
C THR F 44 -32.60 1.63 -30.41
N ARG F 45 -31.46 2.29 -30.17
CA ARG F 45 -30.69 2.93 -31.24
C ARG F 45 -30.00 1.90 -32.13
N PHE F 46 -29.87 0.68 -31.62
CA PHE F 46 -29.24 -0.42 -32.33
C PHE F 46 -29.54 -1.66 -31.52
N ASP F 47 -29.05 -2.82 -31.97
CA ASP F 47 -29.32 -4.08 -31.24
C ASP F 47 -28.40 -4.26 -30.04
N VAL F 48 -28.84 -3.85 -28.85
CA VAL F 48 -28.03 -3.99 -27.63
C VAL F 48 -27.97 -5.40 -27.04
N SER F 49 -28.88 -6.27 -27.47
CA SER F 49 -28.92 -7.64 -26.95
C SER F 49 -27.60 -8.38 -27.08
N ARG F 50 -26.77 -7.97 -28.02
CA ARG F 50 -25.49 -8.64 -28.21
C ARG F 50 -24.40 -8.09 -27.29
N TYR F 51 -24.74 -7.12 -26.44
CA TYR F 51 -23.78 -6.53 -25.51
C TYR F 51 -24.18 -6.77 -24.05
N PRO F 52 -23.21 -6.72 -23.12
CA PRO F 52 -23.43 -6.93 -21.68
C PRO F 52 -24.41 -5.94 -21.05
N ALA F 53 -24.30 -4.67 -21.42
CA ALA F 53 -25.15 -3.63 -20.85
C ALA F 53 -26.23 -3.24 -21.87
N THR F 54 -27.47 -3.22 -21.41
CA THR F 54 -28.57 -2.91 -22.29
C THR F 54 -29.47 -1.70 -21.97
N LEU F 55 -29.39 -1.19 -20.75
CA LEU F 55 -30.22 -0.05 -20.35
C LEU F 55 -29.54 1.32 -20.49
N ALA F 56 -30.33 2.34 -20.81
CA ALA F 56 -29.81 3.71 -20.97
C ALA F 56 -30.93 4.74 -20.92
N GLY F 57 -30.57 5.99 -20.62
CA GLY F 57 -31.56 7.03 -20.59
C GLY F 57 -31.63 7.64 -21.97
N GLN F 58 -32.63 7.22 -22.75
CA GLN F 58 -32.79 7.76 -24.10
C GLN F 58 -33.87 8.83 -24.12
N ILE F 59 -33.69 9.81 -25.00
CA ILE F 59 -34.68 10.86 -25.21
C ILE F 59 -35.37 10.36 -26.49
N ASP F 60 -36.62 9.91 -26.38
CA ASP F 60 -37.33 9.39 -27.55
C ASP F 60 -38.44 10.28 -28.08
N ASP F 61 -38.59 11.46 -27.50
CA ASP F 61 -39.63 12.36 -27.99
C ASP F 61 -39.03 13.60 -28.63
N PHE F 62 -37.80 13.46 -29.13
CA PHE F 62 -37.12 14.58 -29.78
C PHE F 62 -36.85 14.31 -31.26
N HIS F 63 -37.57 15.02 -32.13
CA HIS F 63 -37.33 14.87 -33.57
C HIS F 63 -36.62 16.14 -34.02
N ALA F 64 -35.30 16.06 -34.14
CA ALA F 64 -34.50 17.23 -34.52
C ALA F 64 -35.15 18.15 -35.57
N PRO F 65 -35.60 17.58 -36.70
CA PRO F 65 -36.22 18.42 -37.73
C PRO F 65 -37.30 19.38 -37.22
N ASP F 66 -37.91 19.08 -36.06
CA ASP F 66 -38.94 19.99 -35.54
C ASP F 66 -38.39 21.10 -34.64
N HIS F 67 -37.09 21.09 -34.35
CA HIS F 67 -36.48 22.08 -33.48
C HIS F 67 -35.25 22.76 -34.08
N ILE F 68 -34.62 22.11 -35.05
CA ILE F 68 -33.41 22.63 -35.69
C ILE F 68 -33.63 23.00 -37.17
N PRO F 69 -33.07 24.13 -37.62
CA PRO F 69 -33.18 24.57 -39.02
C PRO F 69 -32.62 23.51 -39.96
N GLY F 70 -33.31 23.28 -41.08
CA GLY F 70 -32.83 22.27 -42.02
C GLY F 70 -31.37 22.44 -42.41
N ARG F 71 -30.94 23.70 -42.47
CA ARG F 71 -29.56 23.99 -42.84
C ARG F 71 -28.55 23.38 -41.85
N LEU F 72 -28.94 23.24 -40.59
CA LEU F 72 -28.05 22.70 -39.56
C LEU F 72 -28.10 21.19 -39.41
N LEU F 73 -29.25 20.58 -39.74
CA LEU F 73 -29.43 19.13 -39.61
C LEU F 73 -28.29 18.27 -40.15
N PRO F 74 -27.79 18.56 -41.38
CA PRO F 74 -26.71 17.80 -42.04
C PRO F 74 -25.35 17.88 -41.33
N GLN F 75 -25.09 19.02 -40.70
CA GLN F 75 -23.81 19.24 -40.05
C GLN F 75 -23.80 19.05 -38.54
N THR F 76 -24.89 18.57 -37.96
CA THR F 76 -24.95 18.37 -36.52
C THR F 76 -25.21 16.96 -36.01
N ASP F 77 -24.44 16.61 -34.98
CA ASP F 77 -24.50 15.32 -34.28
C ASP F 77 -25.71 15.39 -33.38
N PRO F 78 -26.19 14.22 -32.90
CA PRO F 78 -27.35 14.17 -32.01
C PRO F 78 -27.19 15.05 -30.76
N SER F 79 -25.99 15.05 -30.18
CA SER F 79 -25.72 15.85 -28.98
C SER F 79 -25.82 17.36 -29.23
N THR F 80 -25.23 17.82 -30.33
CA THR F 80 -25.23 19.23 -30.67
C THR F 80 -26.65 19.74 -30.87
N ARG F 81 -27.48 18.92 -31.51
CA ARG F 81 -28.87 19.32 -31.74
C ARG F 81 -29.60 19.53 -30.43
N LEU F 82 -29.34 18.65 -29.46
CA LEU F 82 -29.97 18.78 -28.15
C LEU F 82 -29.45 20.04 -27.46
N ALA F 83 -28.16 20.30 -27.62
CA ALA F 83 -27.54 21.48 -27.02
C ALA F 83 -28.19 22.75 -27.58
N LEU F 84 -28.27 22.85 -28.92
CA LEU F 84 -28.86 24.03 -29.54
C LEU F 84 -30.32 24.22 -29.08
N THR F 85 -31.10 23.15 -29.10
CA THR F 85 -32.50 23.22 -28.66
C THR F 85 -32.56 23.71 -27.21
N ALA F 86 -31.65 23.16 -26.41
CA ALA F 86 -31.57 23.51 -25.00
C ALA F 86 -31.19 24.97 -24.81
N ALA F 87 -30.17 25.41 -25.54
CA ALA F 87 -29.72 26.79 -25.43
C ALA F 87 -30.84 27.75 -25.81
N ASP F 88 -31.48 27.49 -26.95
CA ASP F 88 -32.57 28.34 -27.42
C ASP F 88 -33.62 28.52 -26.35
N TRP F 89 -34.04 27.41 -25.75
CA TRP F 89 -35.05 27.48 -24.69
C TRP F 89 -34.55 28.29 -23.49
N ALA F 90 -33.27 28.16 -23.17
CA ALA F 90 -32.71 28.88 -22.02
C ALA F 90 -32.70 30.40 -22.25
N LEU F 91 -32.33 30.81 -23.45
CA LEU F 91 -32.29 32.21 -23.78
C LEU F 91 -33.69 32.83 -23.71
N GLN F 92 -34.70 32.14 -24.23
CA GLN F 92 -36.03 32.71 -24.19
C GLN F 92 -36.70 32.55 -22.82
N ASP F 93 -36.18 31.62 -22.01
CA ASP F 93 -36.70 31.39 -20.68
C ASP F 93 -36.34 32.63 -19.85
N ALA F 94 -35.16 33.16 -20.12
CA ALA F 94 -34.65 34.33 -19.44
C ALA F 94 -35.10 35.60 -20.16
N LYS F 95 -35.99 35.46 -21.12
CA LYS F 95 -36.46 36.62 -21.87
C LYS F 95 -35.28 37.42 -22.40
N ALA F 96 -34.25 36.74 -22.89
CA ALA F 96 -33.08 37.42 -23.43
C ALA F 96 -33.03 37.28 -24.95
N ASP F 97 -32.90 38.41 -25.64
CA ASP F 97 -32.83 38.41 -27.11
C ASP F 97 -31.44 38.81 -27.57
N PRO F 98 -30.65 37.84 -28.07
CA PRO F 98 -29.28 38.13 -28.54
C PRO F 98 -29.22 39.29 -29.54
N GLU F 99 -30.28 39.49 -30.31
CA GLU F 99 -30.28 40.57 -31.29
C GLU F 99 -30.43 41.94 -30.65
N SER F 100 -30.86 41.95 -29.40
CA SER F 100 -31.06 43.19 -28.67
C SER F 100 -29.93 43.44 -27.67
N LEU F 101 -28.85 42.68 -27.77
CA LEU F 101 -27.70 42.84 -26.87
C LEU F 101 -26.42 43.00 -27.64
N THR F 102 -25.39 43.53 -26.99
CA THR F 102 -24.10 43.72 -27.64
C THR F 102 -23.40 42.38 -27.85
N ASP F 103 -23.07 42.09 -29.11
CA ASP F 103 -22.43 40.84 -29.45
C ASP F 103 -21.24 40.45 -28.56
N TYR F 104 -20.36 41.41 -28.25
CA TYR F 104 -19.21 41.13 -27.41
C TYR F 104 -19.57 40.88 -25.94
N ASP F 105 -20.77 41.26 -25.54
CA ASP F 105 -21.16 41.06 -24.15
C ASP F 105 -21.78 39.69 -23.92
N MET F 106 -21.81 38.84 -24.93
CA MET F 106 -22.39 37.52 -24.78
C MET F 106 -21.40 36.42 -25.07
N GLY F 107 -21.05 35.65 -24.04
CA GLY F 107 -20.13 34.54 -24.22
C GLY F 107 -20.79 33.18 -24.06
N VAL F 108 -20.08 32.12 -24.46
CA VAL F 108 -20.60 30.77 -24.36
C VAL F 108 -19.54 29.83 -23.79
N VAL F 109 -19.84 29.16 -22.68
CA VAL F 109 -18.89 28.22 -22.08
C VAL F 109 -19.55 26.86 -21.85
N THR F 110 -19.11 25.84 -22.57
CA THR F 110 -19.68 24.52 -22.41
C THR F 110 -18.64 23.47 -22.11
N ALA F 111 -19.12 22.29 -21.80
CA ALA F 111 -18.25 21.15 -21.55
C ALA F 111 -18.76 20.08 -22.49
N ASN F 112 -17.87 19.22 -22.96
CA ASN F 112 -18.24 18.14 -23.87
C ASN F 112 -17.40 16.91 -23.51
N ALA F 113 -18.03 15.78 -23.25
CA ALA F 113 -17.24 14.61 -22.89
C ALA F 113 -16.93 13.72 -24.09
N CYS F 114 -17.98 13.31 -24.79
CA CYS F 114 -17.86 12.42 -25.94
C CYS F 114 -17.79 13.13 -27.30
N GLY F 115 -18.16 14.39 -27.35
CA GLY F 115 -18.15 15.08 -28.63
C GLY F 115 -19.26 14.50 -29.48
N GLY F 116 -19.30 14.81 -30.78
CA GLY F 116 -20.35 14.27 -31.64
C GLY F 116 -19.88 12.91 -32.13
N PHE F 117 -19.93 11.93 -31.24
CA PHE F 117 -19.46 10.58 -31.53
C PHE F 117 -20.27 9.79 -32.56
N ASP F 118 -21.59 9.83 -32.44
CA ASP F 118 -22.44 9.14 -33.39
C ASP F 118 -22.03 9.54 -34.80
N PHE F 119 -21.82 10.84 -34.96
CA PHE F 119 -21.43 11.41 -36.25
C PHE F 119 -20.05 10.92 -36.67
N THR F 120 -19.06 11.02 -35.79
CA THR F 120 -17.72 10.61 -36.18
C THR F 120 -17.63 9.09 -36.44
N HIS F 121 -18.45 8.28 -35.75
CA HIS F 121 -18.43 6.83 -35.97
C HIS F 121 -18.82 6.50 -37.42
N ARG F 122 -19.88 7.15 -37.90
CA ARG F 122 -20.35 6.94 -39.26
C ARG F 122 -19.29 7.37 -40.27
N GLU F 123 -18.62 8.48 -39.99
CA GLU F 123 -17.57 8.96 -40.89
C GLU F 123 -16.41 7.97 -40.88
N PHE F 124 -16.10 7.41 -39.71
CA PHE F 124 -15.02 6.42 -39.61
C PHE F 124 -15.40 5.22 -40.50
N ARG F 125 -16.66 4.79 -40.39
CA ARG F 125 -17.13 3.66 -41.17
C ARG F 125 -17.04 3.87 -42.68
N LYS F 126 -17.49 5.04 -43.14
CA LYS F 126 -17.47 5.36 -44.56
C LYS F 126 -16.05 5.41 -45.10
N LEU F 127 -15.13 5.96 -44.31
CA LEU F 127 -13.73 6.09 -44.68
C LEU F 127 -13.12 4.73 -44.99
N TRP F 128 -13.34 3.77 -44.11
CA TRP F 128 -12.78 2.44 -44.30
C TRP F 128 -13.58 1.51 -45.18
N SER F 129 -14.84 1.84 -45.41
CA SER F 129 -15.69 1.02 -46.26
C SER F 129 -15.65 1.48 -47.70
N GLU F 130 -15.75 2.78 -47.90
CA GLU F 130 -15.75 3.31 -49.26
C GLU F 130 -14.43 3.98 -49.61
N GLY F 131 -13.92 4.79 -48.68
CA GLY F 131 -12.68 5.51 -48.90
C GLY F 131 -12.83 6.92 -48.39
N PRO F 132 -11.73 7.68 -48.32
CA PRO F 132 -11.75 9.06 -47.84
C PRO F 132 -12.66 10.01 -48.60
N LYS F 133 -12.85 9.76 -49.89
CA LYS F 133 -13.72 10.65 -50.67
C LYS F 133 -15.17 10.67 -50.19
N SER F 134 -15.59 9.67 -49.42
CA SER F 134 -16.98 9.68 -48.96
C SER F 134 -17.15 10.45 -47.65
N VAL F 135 -16.04 10.89 -47.05
CA VAL F 135 -16.09 11.63 -45.81
C VAL F 135 -16.83 12.97 -45.97
N SER F 136 -17.70 13.25 -45.01
CA SER F 136 -18.51 14.47 -44.99
C SER F 136 -17.69 15.74 -44.88
N VAL F 137 -18.20 16.81 -45.48
CA VAL F 137 -17.52 18.09 -45.42
C VAL F 137 -17.70 18.69 -44.03
N TYR F 138 -18.55 18.06 -43.21
CA TYR F 138 -18.80 18.55 -41.86
C TYR F 138 -17.99 17.80 -40.79
N GLU F 139 -17.46 16.64 -41.14
CA GLU F 139 -16.68 15.85 -40.20
C GLU F 139 -15.57 16.71 -39.57
N SER F 140 -15.18 17.76 -40.27
CA SER F 140 -14.12 18.64 -39.78
C SER F 140 -14.51 19.44 -38.54
N PHE F 141 -15.81 19.53 -38.23
CA PHE F 141 -16.22 20.27 -37.04
C PHE F 141 -17.44 19.72 -36.29
N ALA F 142 -18.07 18.68 -36.83
CA ALA F 142 -19.25 18.12 -36.17
C ALA F 142 -18.89 17.24 -35.00
N TRP F 143 -17.66 16.73 -35.01
CA TRP F 143 -17.17 15.84 -33.97
C TRP F 143 -16.41 16.47 -32.81
N PHE F 144 -15.36 17.24 -33.11
CA PHE F 144 -14.52 17.86 -32.07
C PHE F 144 -15.27 18.49 -30.86
N TYR F 145 -14.68 18.36 -29.68
CA TYR F 145 -15.29 18.82 -28.43
C TYR F 145 -15.77 20.27 -28.35
N ALA F 146 -15.21 21.15 -29.17
CA ALA F 146 -15.64 22.54 -29.16
C ALA F 146 -16.93 22.79 -29.94
N VAL F 147 -17.40 21.80 -30.70
CA VAL F 147 -18.60 21.97 -31.53
C VAL F 147 -19.79 22.68 -30.90
N ASN F 148 -20.14 22.33 -29.67
CA ASN F 148 -21.32 22.97 -29.08
C ASN F 148 -21.14 24.44 -28.71
N THR F 149 -19.92 24.86 -28.41
CA THR F 149 -19.71 26.26 -28.10
C THR F 149 -19.77 27.08 -29.40
N GLY F 150 -19.09 26.60 -30.43
CA GLY F 150 -19.12 27.29 -31.72
C GLY F 150 -20.54 27.38 -32.27
N GLN F 151 -21.23 26.24 -32.36
CA GLN F 151 -22.59 26.27 -32.90
C GLN F 151 -23.50 27.22 -32.14
N ILE F 152 -23.51 27.16 -30.80
CA ILE F 152 -24.37 28.05 -30.04
C ILE F 152 -23.99 29.52 -30.25
N SER F 153 -22.69 29.77 -30.29
CA SER F 153 -22.17 31.11 -30.50
C SER F 153 -22.57 31.66 -31.87
N ILE F 154 -22.41 30.86 -32.90
CA ILE F 154 -22.75 31.29 -34.24
C ILE F 154 -24.24 31.54 -34.43
N ARG F 155 -25.08 30.67 -33.85
CA ARG F 155 -26.52 30.78 -34.00
C ARG F 155 -27.15 31.98 -33.32
N HIS F 156 -26.55 32.45 -32.23
CA HIS F 156 -27.12 33.57 -31.50
C HIS F 156 -26.27 34.84 -31.58
N GLY F 157 -25.23 34.80 -32.41
CA GLY F 157 -24.36 35.95 -32.58
C GLY F 157 -23.60 36.36 -31.33
N MET F 158 -23.24 35.39 -30.52
CA MET F 158 -22.51 35.67 -29.29
C MET F 158 -21.02 35.71 -29.61
N ARG F 159 -20.39 36.86 -29.44
CA ARG F 159 -18.99 36.99 -29.76
C ARG F 159 -18.06 37.19 -28.56
N GLY F 160 -18.63 37.15 -27.36
CA GLY F 160 -17.84 37.32 -26.15
C GLY F 160 -16.86 36.18 -25.89
N PRO F 161 -16.02 36.28 -24.83
CA PRO F 161 -15.05 35.24 -24.48
C PRO F 161 -15.76 33.91 -24.30
N SER F 162 -15.35 32.90 -25.05
CA SER F 162 -16.00 31.59 -24.96
C SER F 162 -15.02 30.47 -24.76
N SER F 163 -15.54 29.27 -24.49
CA SER F 163 -14.66 28.13 -24.29
C SER F 163 -15.40 26.80 -24.27
N ALA F 164 -14.63 25.71 -24.29
CA ALA F 164 -15.18 24.36 -24.22
C ALA F 164 -14.22 23.55 -23.36
N LEU F 165 -14.77 22.92 -22.33
CA LEU F 165 -14.00 22.13 -21.38
C LEU F 165 -14.32 20.63 -21.46
N VAL F 166 -13.34 19.82 -21.05
CA VAL F 166 -13.48 18.36 -21.05
C VAL F 166 -12.96 17.83 -19.72
N ALA F 167 -13.85 17.23 -18.93
CA ALA F 167 -13.53 16.66 -17.62
C ALA F 167 -14.64 15.69 -17.22
N GLU F 168 -14.99 14.82 -18.17
CA GLU F 168 -16.07 13.83 -18.00
C GLU F 168 -17.26 14.45 -17.27
N GLN F 169 -17.83 13.75 -16.29
CA GLN F 169 -19.00 14.29 -15.62
C GLN F 169 -18.71 15.49 -14.72
N ALA F 170 -17.44 15.82 -14.51
CA ALA F 170 -17.11 16.97 -13.69
C ALA F 170 -17.20 18.21 -14.58
N GLY F 171 -16.87 18.02 -15.85
CA GLY F 171 -16.85 19.10 -16.82
C GLY F 171 -17.97 20.14 -16.79
N GLY F 172 -19.22 19.67 -16.79
CA GLY F 172 -20.36 20.56 -16.79
C GLY F 172 -20.43 21.52 -15.62
N LEU F 173 -20.10 21.02 -14.44
CA LEU F 173 -20.12 21.87 -13.25
C LEU F 173 -18.98 22.88 -13.41
N ASP F 174 -17.81 22.38 -13.81
CA ASP F 174 -16.64 23.23 -14.04
C ASP F 174 -16.93 24.31 -15.08
N ALA F 175 -17.65 23.96 -16.13
CA ALA F 175 -17.99 24.92 -17.18
C ALA F 175 -18.79 26.06 -16.56
N LEU F 176 -19.72 25.70 -15.69
CA LEU F 176 -20.56 26.68 -15.01
C LEU F 176 -19.69 27.61 -14.16
N GLY F 177 -18.60 27.06 -13.64
CA GLY F 177 -17.70 27.86 -12.83
C GLY F 177 -16.89 28.77 -13.73
N HIS F 178 -16.48 28.23 -14.87
CA HIS F 178 -15.72 28.99 -15.85
C HIS F 178 -16.58 30.17 -16.30
N ALA F 179 -17.88 29.92 -16.50
CA ALA F 179 -18.81 30.95 -16.92
C ALA F 179 -18.87 32.07 -15.88
N ARG F 180 -18.98 31.69 -14.61
CA ARG F 180 -19.06 32.66 -13.52
C ARG F 180 -17.81 33.53 -13.54
N ARG F 181 -16.66 32.92 -13.76
CA ARG F 181 -15.41 33.68 -13.81
C ARG F 181 -15.45 34.68 -14.95
N THR F 182 -15.89 34.23 -16.12
CA THR F 182 -15.95 35.10 -17.27
C THR F 182 -16.86 36.30 -17.04
N ILE F 183 -17.99 36.06 -16.37
CA ILE F 183 -18.92 37.13 -16.07
C ILE F 183 -18.31 38.17 -15.14
N ARG F 184 -17.65 37.69 -14.09
CA ARG F 184 -17.02 38.57 -13.12
C ARG F 184 -15.83 39.36 -13.66
N ARG F 185 -15.34 38.99 -14.83
CA ARG F 185 -14.22 39.70 -15.43
C ARG F 185 -14.65 40.75 -16.46
N GLY F 186 -15.92 40.77 -16.83
CA GLY F 186 -16.37 41.76 -17.80
C GLY F 186 -17.49 41.43 -18.77
N THR F 187 -17.82 40.14 -18.92
CA THR F 187 -18.89 39.75 -19.82
C THR F 187 -20.18 39.62 -19.03
N PRO F 188 -21.19 40.45 -19.35
CA PRO F 188 -22.50 40.46 -18.67
C PRO F 188 -23.32 39.18 -18.76
N LEU F 189 -23.33 38.57 -19.94
CA LEU F 189 -24.13 37.36 -20.12
C LEU F 189 -23.32 36.22 -20.71
N VAL F 190 -23.54 35.04 -20.16
CA VAL F 190 -22.86 33.83 -20.62
C VAL F 190 -23.78 32.63 -20.61
N VAL F 191 -23.87 31.96 -21.76
CA VAL F 191 -24.69 30.77 -21.90
C VAL F 191 -23.76 29.60 -21.56
N SER F 192 -24.11 28.83 -20.54
CA SER F 192 -23.24 27.75 -20.12
C SER F 192 -24.01 26.48 -19.84
N GLY F 193 -23.31 25.35 -19.92
CA GLY F 193 -23.94 24.08 -19.66
C GLY F 193 -23.27 22.95 -20.40
N GLY F 194 -24.05 21.95 -20.76
CA GLY F 194 -23.50 20.83 -21.48
C GLY F 194 -24.51 19.76 -21.81
N VAL F 195 -24.17 18.98 -22.83
CA VAL F 195 -25.03 17.90 -23.27
C VAL F 195 -24.11 16.85 -23.87
N ASP F 196 -24.41 15.58 -23.61
CA ASP F 196 -23.62 14.51 -24.20
C ASP F 196 -24.58 13.46 -24.70
N SER F 197 -24.12 12.69 -25.66
CA SER F 197 -24.88 11.58 -26.22
C SER F 197 -23.90 10.68 -26.93
N ALA F 198 -23.93 9.40 -26.60
CA ALA F 198 -23.05 8.45 -27.25
C ALA F 198 -23.80 7.13 -27.26
N LEU F 199 -24.94 7.12 -27.95
CA LEU F 199 -25.78 5.93 -28.03
C LEU F 199 -25.69 5.16 -29.34
N ASP F 200 -24.49 5.12 -29.93
CA ASP F 200 -24.24 4.38 -31.15
C ASP F 200 -23.50 3.13 -30.62
N PRO F 201 -23.33 2.10 -31.46
CA PRO F 201 -22.63 0.89 -31.00
C PRO F 201 -21.22 1.11 -30.44
N TRP F 202 -20.40 1.88 -31.14
CA TRP F 202 -19.02 2.13 -30.69
C TRP F 202 -18.98 2.98 -29.41
N GLY F 203 -19.82 4.00 -29.35
CA GLY F 203 -19.86 4.83 -28.16
C GLY F 203 -20.37 4.02 -26.97
N TRP F 204 -21.25 3.06 -27.26
CA TRP F 204 -21.84 2.21 -26.25
C TRP F 204 -20.83 1.24 -25.64
N VAL F 205 -20.10 0.59 -26.53
CA VAL F 205 -19.07 -0.37 -26.17
C VAL F 205 -17.95 0.42 -25.47
N SER F 206 -17.75 1.67 -25.90
CA SER F 206 -16.73 2.53 -25.26
C SER F 206 -17.11 2.78 -23.81
N GLN F 207 -18.41 2.99 -23.56
CA GLN F 207 -18.89 3.23 -22.21
C GLN F 207 -18.73 1.98 -21.36
N ILE F 208 -19.00 0.81 -21.93
CA ILE F 208 -18.85 -0.44 -21.18
C ILE F 208 -17.41 -0.56 -20.69
N ALA F 209 -16.45 -0.16 -21.53
CA ALA F 209 -15.03 -0.21 -21.22
C ALA F 209 -14.63 0.51 -19.91
N SER F 210 -15.46 1.42 -19.42
CA SER F 210 -15.19 2.13 -18.17
C SER F 210 -15.23 1.14 -17.03
N GLY F 211 -16.00 0.07 -17.24
CA GLY F 211 -16.14 -0.95 -16.22
C GLY F 211 -17.08 -0.53 -15.10
N ARG F 212 -17.86 0.52 -15.31
CA ARG F 212 -18.77 0.98 -14.27
C ARG F 212 -20.25 1.01 -14.69
N ILE F 213 -20.55 0.42 -15.84
CA ILE F 213 -21.92 0.40 -16.36
C ILE F 213 -22.77 -0.78 -15.93
N SER F 214 -23.94 -0.49 -15.36
CA SER F 214 -24.82 -1.56 -14.92
C SER F 214 -25.27 -2.48 -16.05
N THR F 215 -25.33 -3.77 -15.73
CA THR F 215 -25.77 -4.78 -16.68
C THR F 215 -27.16 -5.26 -16.29
N ALA F 216 -27.84 -4.50 -15.45
CA ALA F 216 -29.17 -4.87 -15.01
C ALA F 216 -30.13 -4.82 -16.19
N THR F 217 -31.27 -5.51 -16.07
CA THR F 217 -32.26 -5.51 -17.13
C THR F 217 -33.52 -4.83 -16.63
N ASP F 218 -33.63 -4.66 -15.32
CA ASP F 218 -34.79 -3.99 -14.73
C ASP F 218 -34.50 -2.49 -14.69
N PRO F 219 -35.15 -1.71 -15.55
CA PRO F 219 -34.94 -0.25 -15.60
C PRO F 219 -35.17 0.42 -14.26
N ASP F 220 -36.07 -0.13 -13.45
CA ASP F 220 -36.37 0.44 -12.14
C ASP F 220 -35.30 0.17 -11.10
N ARG F 221 -34.48 -0.84 -11.31
CA ARG F 221 -33.45 -1.18 -10.35
C ARG F 221 -32.10 -1.38 -11.00
N ALA F 222 -31.65 -0.39 -11.74
CA ALA F 222 -30.37 -0.49 -12.42
C ALA F 222 -29.39 0.57 -11.92
N TYR F 223 -29.84 1.81 -11.81
CA TYR F 223 -28.98 2.89 -11.34
C TYR F 223 -29.42 3.18 -9.92
N LEU F 224 -28.70 2.56 -8.97
CA LEU F 224 -29.02 2.70 -7.56
C LEU F 224 -27.89 3.26 -6.70
N PRO F 225 -27.55 4.55 -6.89
CA PRO F 225 -26.47 5.14 -6.10
C PRO F 225 -26.80 5.16 -4.59
N PHE F 226 -25.84 4.71 -3.79
CA PHE F 226 -25.97 4.65 -2.34
C PHE F 226 -26.80 3.47 -1.81
N ASP F 227 -27.31 2.66 -2.73
CA ASP F 227 -28.09 1.49 -2.35
C ASP F 227 -27.12 0.32 -2.20
N GLU F 228 -27.41 -0.59 -1.27
CA GLU F 228 -26.56 -1.76 -1.05
C GLU F 228 -26.50 -2.65 -2.29
N ARG F 229 -27.49 -2.50 -3.17
CA ARG F 229 -27.54 -3.28 -4.39
C ARG F 229 -26.87 -2.58 -5.56
N ALA F 230 -26.23 -1.43 -5.29
CA ALA F 230 -25.55 -0.67 -6.33
C ALA F 230 -24.69 -1.58 -7.17
N ALA F 231 -24.82 -1.47 -8.49
CA ALA F 231 -24.01 -2.32 -9.36
C ALA F 231 -23.61 -1.63 -10.64
N GLY F 232 -23.37 -0.32 -10.57
CA GLY F 232 -22.97 0.42 -11.76
C GLY F 232 -23.98 1.47 -12.15
N TYR F 233 -23.56 2.42 -12.99
CA TYR F 233 -24.48 3.46 -13.41
C TYR F 233 -25.09 3.14 -14.76
N VAL F 234 -26.13 3.88 -15.08
CA VAL F 234 -26.81 3.73 -16.36
C VAL F 234 -26.55 5.02 -17.12
N PRO F 235 -25.97 4.92 -18.32
CA PRO F 235 -25.65 6.05 -19.18
C PRO F 235 -26.94 6.70 -19.65
N GLY F 236 -26.86 7.97 -20.02
CA GLY F 236 -28.04 8.66 -20.53
C GLY F 236 -27.59 9.67 -21.55
N GLU F 237 -28.54 10.24 -22.30
CA GLU F 237 -28.17 11.27 -23.28
C GLU F 237 -28.93 12.53 -22.87
N GLY F 238 -28.31 13.69 -23.08
CA GLY F 238 -28.97 14.92 -22.73
C GLY F 238 -28.12 15.80 -21.85
N GLY F 239 -28.78 16.76 -21.20
CA GLY F 239 -28.09 17.67 -20.31
C GLY F 239 -28.94 18.91 -20.13
N ALA F 240 -28.28 20.05 -20.01
CA ALA F 240 -29.00 21.30 -19.83
C ALA F 240 -28.10 22.46 -20.18
N ILE F 241 -28.73 23.55 -20.55
CA ILE F 241 -28.01 24.76 -20.89
C ILE F 241 -28.68 25.85 -20.08
N LEU F 242 -27.89 26.74 -19.51
CA LEU F 242 -28.46 27.81 -18.73
C LEU F 242 -27.81 29.15 -18.98
N VAL F 243 -28.57 30.20 -18.73
CA VAL F 243 -28.12 31.57 -18.93
C VAL F 243 -27.70 32.16 -17.58
N LEU F 244 -26.45 32.55 -17.48
CA LEU F 244 -25.94 33.16 -16.28
C LEU F 244 -25.56 34.59 -16.66
N GLU F 245 -25.78 35.52 -15.75
CA GLU F 245 -25.43 36.89 -16.05
C GLU F 245 -25.29 37.75 -14.81
N ASP F 246 -24.50 38.81 -14.96
CA ASP F 246 -24.24 39.78 -13.90
C ASP F 246 -25.59 40.24 -13.35
N SER F 247 -25.71 40.31 -12.03
CA SER F 247 -26.95 40.73 -11.40
C SER F 247 -27.40 42.12 -11.85
N ALA F 248 -26.47 43.07 -11.83
CA ALA F 248 -26.74 44.44 -12.23
C ALA F 248 -27.25 44.50 -13.66
N ALA F 249 -26.50 43.90 -14.57
CA ALA F 249 -26.88 43.85 -15.97
C ALA F 249 -28.25 43.20 -16.14
N ALA F 250 -28.53 42.20 -15.30
CA ALA F 250 -29.81 41.51 -15.37
C ALA F 250 -30.96 42.47 -15.11
N GLU F 251 -30.83 43.32 -14.09
CA GLU F 251 -31.89 44.28 -13.80
C GLU F 251 -31.86 45.41 -14.82
N ALA F 252 -30.65 45.78 -15.24
CA ALA F 252 -30.48 46.84 -16.20
C ALA F 252 -31.21 46.55 -17.51
N ARG F 253 -31.54 45.29 -17.78
CA ARG F 253 -32.24 44.98 -19.03
C ARG F 253 -33.70 44.61 -18.78
N GLY F 254 -34.14 44.75 -17.53
CA GLY F 254 -35.53 44.46 -17.21
C GLY F 254 -35.82 43.08 -16.67
N ARG F 255 -34.79 42.26 -16.53
CA ARG F 255 -34.96 40.91 -16.01
C ARG F 255 -34.77 40.95 -14.50
N HIS F 256 -35.87 41.01 -13.76
CA HIS F 256 -35.79 41.08 -12.30
C HIS F 256 -36.17 39.74 -11.69
N ASP F 257 -36.21 38.71 -12.52
CA ASP F 257 -36.58 37.39 -12.05
C ASP F 257 -35.45 36.42 -12.37
N ALA F 258 -35.09 35.57 -11.40
CA ALA F 258 -34.03 34.61 -11.62
C ALA F 258 -34.24 33.38 -10.74
N TYR F 259 -33.68 32.27 -11.17
CA TYR F 259 -33.79 31.00 -10.43
C TYR F 259 -32.97 31.02 -9.15
N GLY F 260 -31.74 31.51 -9.24
CA GLY F 260 -30.91 31.53 -8.07
C GLY F 260 -29.57 32.15 -8.38
N GLU F 261 -28.64 32.00 -7.44
CA GLU F 261 -27.31 32.56 -7.57
C GLU F 261 -26.19 31.52 -7.50
N LEU F 262 -25.20 31.68 -8.35
CA LEU F 262 -24.05 30.80 -8.36
C LEU F 262 -23.09 31.43 -7.35
N ALA F 263 -23.29 31.16 -6.07
CA ALA F 263 -22.47 31.76 -5.02
C ALA F 263 -21.05 31.24 -4.88
N GLY F 264 -20.81 30.00 -5.27
CA GLY F 264 -19.47 29.45 -5.13
C GLY F 264 -19.19 28.24 -5.98
N CYS F 265 -17.94 28.12 -6.41
CA CYS F 265 -17.50 27.04 -7.27
C CYS F 265 -16.09 26.61 -6.90
N ALA F 266 -15.76 25.34 -7.14
CA ALA F 266 -14.42 24.83 -6.84
C ALA F 266 -14.13 23.53 -7.58
N SER F 267 -12.88 23.37 -7.99
CA SER F 267 -12.43 22.17 -8.70
C SER F 267 -11.14 21.65 -8.08
N THR F 268 -11.09 20.34 -7.84
CA THR F 268 -9.90 19.70 -7.27
C THR F 268 -9.63 18.42 -8.06
N PHE F 269 -8.46 17.83 -7.84
CA PHE F 269 -8.10 16.60 -8.52
C PHE F 269 -7.46 15.63 -7.53
N ASP F 270 -7.95 14.40 -7.51
CA ASP F 270 -7.44 13.38 -6.59
C ASP F 270 -5.98 13.06 -6.86
N PRO F 271 -5.24 12.63 -5.83
CA PRO F 271 -3.83 12.30 -6.06
C PRO F 271 -3.74 11.05 -6.92
N ALA F 272 -2.61 10.87 -7.58
CA ALA F 272 -2.39 9.72 -8.45
C ALA F 272 -2.89 8.41 -7.84
N PRO F 273 -3.42 7.51 -8.68
CA PRO F 273 -3.93 6.21 -8.22
C PRO F 273 -2.84 5.43 -7.49
N GLY F 274 -3.18 4.92 -6.31
CA GLY F 274 -2.22 4.16 -5.53
C GLY F 274 -1.30 5.00 -4.67
N SER F 275 -1.65 6.27 -4.46
CA SER F 275 -0.83 7.15 -3.64
C SER F 275 -1.28 7.04 -2.18
N GLY F 276 -2.40 6.34 -1.98
CA GLY F 276 -2.94 6.17 -0.65
C GLY F 276 -3.58 7.43 -0.12
N ARG F 277 -3.04 8.59 -0.51
CA ARG F 277 -3.58 9.88 -0.07
C ARG F 277 -5.07 9.92 -0.37
N PRO F 278 -5.84 10.66 0.45
CA PRO F 278 -7.30 10.78 0.30
C PRO F 278 -7.77 11.54 -0.95
N ALA F 279 -9.05 11.36 -1.28
CA ALA F 279 -9.65 12.02 -2.43
C ALA F 279 -9.84 13.51 -2.13
N GLY F 280 -9.89 14.32 -3.19
CA GLY F 280 -10.04 15.75 -3.02
C GLY F 280 -11.46 16.26 -3.02
N LEU F 281 -12.44 15.36 -2.95
CA LEU F 281 -13.84 15.77 -2.96
C LEU F 281 -14.19 16.65 -1.75
N GLU F 282 -13.73 16.26 -0.57
CA GLU F 282 -14.01 17.03 0.64
C GLU F 282 -13.41 18.41 0.46
N ARG F 283 -12.16 18.47 0.05
CA ARG F 283 -11.51 19.76 -0.14
C ARG F 283 -12.29 20.63 -1.12
N ALA F 284 -12.87 20.03 -2.16
CA ALA F 284 -13.64 20.80 -3.15
C ALA F 284 -14.86 21.44 -2.49
N ILE F 285 -15.58 20.63 -1.72
CA ILE F 285 -16.76 21.12 -1.03
C ILE F 285 -16.41 22.30 -0.13
N ARG F 286 -15.39 22.13 0.70
CA ARG F 286 -15.00 23.22 1.60
C ARG F 286 -14.58 24.46 0.83
N LEU F 287 -13.88 24.23 -0.28
CA LEU F 287 -13.44 25.34 -1.10
C LEU F 287 -14.65 26.08 -1.67
N ALA F 288 -15.63 25.34 -2.19
CA ALA F 288 -16.81 25.99 -2.74
C ALA F 288 -17.60 26.74 -1.68
N LEU F 289 -17.67 26.19 -0.46
CA LEU F 289 -18.39 26.84 0.63
C LEU F 289 -17.72 28.16 1.04
N ASN F 290 -16.39 28.19 1.01
CA ASN F 290 -15.67 29.40 1.38
C ASN F 290 -15.93 30.46 0.32
N ASP F 291 -15.78 30.07 -0.93
CA ASP F 291 -16.01 30.99 -2.05
C ASP F 291 -17.39 31.64 -1.89
N ALA F 292 -18.38 30.84 -1.48
CA ALA F 292 -19.72 31.37 -1.29
C ALA F 292 -19.84 32.09 0.05
N GLY F 293 -18.78 32.03 0.86
CA GLY F 293 -18.83 32.68 2.17
C GLY F 293 -19.96 32.07 2.97
N THR F 294 -20.07 30.75 2.90
CA THR F 294 -21.12 30.03 3.63
C THR F 294 -20.53 28.82 4.37
N GLY F 295 -21.10 28.51 5.54
CA GLY F 295 -20.61 27.39 6.33
C GLY F 295 -21.41 26.11 6.13
N PRO F 296 -20.84 24.96 6.48
CA PRO F 296 -21.53 23.67 6.33
C PRO F 296 -22.94 23.68 6.92
N GLU F 297 -23.07 24.30 8.10
CA GLU F 297 -24.35 24.38 8.80
C GLU F 297 -25.43 25.07 8.01
N ASP F 298 -25.01 25.93 7.09
CA ASP F 298 -25.95 26.70 6.27
C ASP F 298 -26.59 25.92 5.12
N VAL F 299 -25.91 24.87 4.67
CA VAL F 299 -26.39 24.05 3.56
C VAL F 299 -27.68 23.32 3.91
N ASP F 300 -28.67 23.41 3.03
CA ASP F 300 -29.97 22.78 3.25
C ASP F 300 -30.17 21.47 2.52
N VAL F 301 -29.45 21.27 1.43
CA VAL F 301 -29.57 20.04 0.67
C VAL F 301 -28.33 19.82 -0.19
N VAL F 302 -27.92 18.56 -0.27
CA VAL F 302 -26.75 18.19 -1.05
C VAL F 302 -27.16 17.31 -2.23
N PHE F 303 -26.88 17.79 -3.42
CA PHE F 303 -27.16 17.05 -4.64
C PHE F 303 -25.89 16.27 -4.95
N ALA F 304 -25.79 15.07 -4.40
CA ALA F 304 -24.61 14.23 -4.60
C ALA F 304 -24.35 13.80 -6.03
N ASP F 305 -23.07 13.55 -6.32
CA ASP F 305 -22.63 13.08 -7.64
C ASP F 305 -23.42 11.79 -7.96
N GLY F 306 -23.49 10.90 -6.96
CA GLY F 306 -24.24 9.66 -7.11
C GLY F 306 -23.68 8.66 -8.11
N ALA F 307 -22.44 8.24 -7.91
CA ALA F 307 -21.77 7.28 -8.79
C ALA F 307 -22.53 5.99 -9.10
N GLY F 308 -23.22 5.44 -8.09
CA GLY F 308 -23.94 4.20 -8.32
C GLY F 308 -22.95 3.04 -8.33
N VAL F 309 -21.68 3.34 -8.08
CA VAL F 309 -20.62 2.33 -8.00
C VAL F 309 -20.28 2.29 -6.52
N PRO F 310 -20.42 1.13 -5.86
CA PRO F 310 -20.14 0.95 -4.44
C PRO F 310 -18.93 1.70 -3.89
N GLU F 311 -17.75 1.42 -4.42
CA GLU F 311 -16.53 2.08 -3.97
C GLU F 311 -16.67 3.60 -4.01
N LEU F 312 -17.17 4.13 -5.12
CA LEU F 312 -17.34 5.57 -5.27
C LEU F 312 -18.43 6.14 -4.37
N ASP F 313 -19.54 5.41 -4.22
CA ASP F 313 -20.64 5.87 -3.37
C ASP F 313 -20.09 6.01 -1.95
N ALA F 314 -19.29 5.02 -1.55
CA ALA F 314 -18.70 5.02 -0.21
C ALA F 314 -17.82 6.24 0.01
N ALA F 315 -16.99 6.56 -0.98
CA ALA F 315 -16.10 7.72 -0.88
C ALA F 315 -16.88 9.02 -0.75
N GLU F 316 -17.92 9.18 -1.58
CA GLU F 316 -18.71 10.39 -1.53
C GLU F 316 -19.50 10.50 -0.25
N ALA F 317 -20.06 9.39 0.23
CA ALA F 317 -20.82 9.42 1.48
C ALA F 317 -19.89 9.91 2.60
N ARG F 318 -18.63 9.47 2.52
CA ARG F 318 -17.60 9.81 3.49
C ARG F 318 -17.25 11.30 3.44
N ALA F 319 -17.03 11.82 2.24
CA ALA F 319 -16.70 13.23 2.07
C ALA F 319 -17.82 14.12 2.58
N ILE F 320 -19.07 13.73 2.31
CA ILE F 320 -20.24 14.48 2.74
C ILE F 320 -20.41 14.43 4.27
N GLY F 321 -20.11 13.28 4.87
CA GLY F 321 -20.22 13.14 6.31
C GLY F 321 -19.16 13.97 7.04
N ARG F 322 -17.95 14.03 6.48
CA ARG F 322 -16.87 14.78 7.10
C ARG F 322 -17.16 16.28 7.10
N VAL F 323 -17.95 16.73 6.14
CA VAL F 323 -18.27 18.15 6.08
C VAL F 323 -19.54 18.52 6.83
N PHE F 324 -20.58 17.71 6.68
CA PHE F 324 -21.84 18.01 7.33
C PHE F 324 -22.20 17.13 8.53
N GLY F 325 -21.41 16.08 8.77
CA GLY F 325 -21.69 15.17 9.87
C GLY F 325 -22.58 14.07 9.30
N ARG F 326 -22.39 12.82 9.73
CA ARG F 326 -23.22 11.75 9.21
C ARG F 326 -24.70 12.06 9.44
N GLU F 327 -25.49 11.91 8.38
CA GLU F 327 -26.92 12.19 8.39
C GLU F 327 -27.21 13.68 8.73
N GLY F 328 -26.18 14.52 8.66
CA GLY F 328 -26.34 15.92 9.01
C GLY F 328 -26.90 16.90 7.99
N VAL F 329 -27.18 16.41 6.80
CA VAL F 329 -27.72 17.25 5.74
C VAL F 329 -28.48 16.34 4.77
N PRO F 330 -29.68 16.76 4.34
CA PRO F 330 -30.46 15.95 3.40
C PRO F 330 -29.62 15.76 2.14
N VAL F 331 -29.64 14.55 1.59
CA VAL F 331 -28.88 14.28 0.38
C VAL F 331 -29.86 13.70 -0.63
N THR F 332 -29.67 14.01 -1.90
CA THR F 332 -30.55 13.50 -2.91
C THR F 332 -29.81 13.29 -4.24
N VAL F 333 -30.34 12.38 -5.06
CA VAL F 333 -29.73 12.05 -6.35
C VAL F 333 -30.83 11.86 -7.39
N PRO F 334 -31.38 12.97 -7.90
CA PRO F 334 -32.44 12.93 -8.91
C PRO F 334 -32.00 12.32 -10.24
N LYS F 335 -30.71 12.36 -10.54
CA LYS F 335 -30.25 11.78 -11.80
C LYS F 335 -30.57 10.28 -11.91
N THR F 336 -31.12 9.70 -10.84
CA THR F 336 -31.49 8.28 -10.88
C THR F 336 -32.62 8.17 -11.90
N THR F 337 -33.29 9.29 -12.16
CA THR F 337 -34.39 9.32 -13.12
C THR F 337 -33.92 9.58 -14.55
N THR F 338 -32.64 9.90 -14.73
CA THR F 338 -32.12 10.22 -16.06
C THR F 338 -30.89 9.44 -16.51
N GLY F 339 -30.10 8.96 -15.56
CA GLY F 339 -28.87 8.25 -15.90
C GLY F 339 -27.76 9.30 -15.84
N ARG F 340 -26.50 8.90 -16.04
CA ARG F 340 -25.40 9.89 -16.01
C ARG F 340 -25.26 10.49 -17.41
N LEU F 341 -25.43 11.81 -17.49
CA LEU F 341 -25.38 12.53 -18.75
C LEU F 341 -24.03 13.16 -19.03
N TYR F 342 -23.02 12.72 -18.29
CA TYR F 342 -21.66 13.21 -18.46
C TYR F 342 -21.57 14.74 -18.34
N SER F 343 -21.22 15.42 -19.42
CA SER F 343 -21.10 16.87 -19.36
C SER F 343 -22.45 17.52 -19.07
N GLY F 344 -23.53 16.79 -19.31
CA GLY F 344 -24.85 17.34 -19.05
C GLY F 344 -25.31 17.06 -17.63
N GLY F 345 -24.57 16.21 -16.92
CA GLY F 345 -24.94 15.84 -15.56
C GLY F 345 -24.96 16.95 -14.52
N GLY F 346 -23.84 17.64 -14.35
CA GLY F 346 -23.77 18.71 -13.38
C GLY F 346 -24.74 19.82 -13.74
N PRO F 347 -24.79 20.21 -15.01
CA PRO F 347 -25.71 21.28 -15.39
C PRO F 347 -27.16 20.93 -15.03
N LEU F 348 -27.57 19.72 -15.36
CA LEU F 348 -28.94 19.29 -15.05
C LEU F 348 -29.17 19.26 -13.53
N ASP F 349 -28.19 18.79 -12.78
CA ASP F 349 -28.29 18.76 -11.32
C ASP F 349 -28.47 20.20 -10.81
N VAL F 350 -27.72 21.16 -11.37
CA VAL F 350 -27.84 22.56 -10.95
C VAL F 350 -29.27 23.05 -11.19
N VAL F 351 -29.85 22.69 -12.33
CA VAL F 351 -31.22 23.07 -12.67
C VAL F 351 -32.24 22.48 -11.69
N THR F 352 -32.02 21.23 -11.32
CA THR F 352 -32.91 20.52 -10.39
C THR F 352 -32.83 21.11 -8.98
N ALA F 353 -31.64 21.58 -8.62
CA ALA F 353 -31.43 22.18 -7.30
C ALA F 353 -32.12 23.54 -7.24
N LEU F 354 -31.93 24.33 -8.29
CA LEU F 354 -32.55 25.65 -8.41
C LEU F 354 -34.06 25.49 -8.30
N MET F 355 -34.61 24.51 -8.99
CA MET F 355 -36.05 24.27 -8.94
C MET F 355 -36.48 23.87 -7.53
N SER F 356 -35.68 23.07 -6.84
CA SER F 356 -36.00 22.66 -5.49
C SER F 356 -36.07 23.88 -4.58
N LEU F 357 -35.07 24.75 -4.69
CA LEU F 357 -35.03 25.97 -3.90
C LEU F 357 -36.21 26.88 -4.24
N ARG F 358 -36.48 27.03 -5.53
CA ARG F 358 -37.57 27.87 -5.98
C ARG F 358 -38.93 27.34 -5.55
N GLU F 359 -39.09 26.02 -5.60
CA GLU F 359 -40.35 25.36 -5.25
C GLU F 359 -40.53 25.07 -3.75
N GLY F 360 -39.44 25.15 -2.98
CA GLY F 360 -39.52 24.88 -1.57
C GLY F 360 -39.58 23.39 -1.24
N VAL F 361 -39.14 22.55 -2.17
CA VAL F 361 -39.12 21.10 -1.94
C VAL F 361 -37.90 20.45 -2.56
N ILE F 362 -37.34 19.47 -1.87
CA ILE F 362 -36.16 18.78 -2.40
C ILE F 362 -36.61 17.66 -3.34
N ALA F 363 -36.08 17.68 -4.56
CA ALA F 363 -36.43 16.64 -5.55
C ALA F 363 -35.97 15.31 -4.99
N PRO F 364 -36.83 14.28 -5.04
CA PRO F 364 -36.50 12.95 -4.52
C PRO F 364 -35.56 12.08 -5.34
N THR F 365 -35.14 10.97 -4.73
CA THR F 365 -34.24 10.01 -5.37
C THR F 365 -35.08 8.78 -5.67
N ALA F 366 -35.00 8.28 -6.90
CA ALA F 366 -35.80 7.11 -7.29
C ALA F 366 -34.98 5.82 -7.23
N GLY F 367 -35.68 4.69 -7.30
CA GLY F 367 -35.01 3.40 -7.28
C GLY F 367 -34.48 2.88 -5.96
N VAL F 368 -33.55 3.63 -5.36
CA VAL F 368 -32.92 3.24 -4.09
C VAL F 368 -33.92 2.88 -2.98
N THR F 369 -33.75 1.69 -2.41
CA THR F 369 -34.63 1.22 -1.34
C THR F 369 -33.95 0.96 0.01
N SER F 370 -32.68 0.54 0.01
CA SER F 370 -31.97 0.32 1.28
C SER F 370 -30.54 0.87 1.23
N VAL F 371 -30.31 1.93 2.01
CA VAL F 371 -29.02 2.61 2.11
C VAL F 371 -28.24 2.02 3.29
N PRO F 372 -27.03 1.50 3.05
CA PRO F 372 -26.21 0.92 4.11
C PRO F 372 -25.89 1.91 5.21
N ARG F 373 -25.98 1.44 6.45
CA ARG F 373 -25.66 2.28 7.61
C ARG F 373 -24.25 2.82 7.41
N GLU F 374 -23.41 2.04 6.75
CA GLU F 374 -22.03 2.44 6.49
C GLU F 374 -21.92 3.84 5.89
N TYR F 375 -22.85 4.18 5.00
CA TYR F 375 -22.81 5.50 4.35
C TYR F 375 -23.20 6.66 5.25
N GLY F 376 -24.00 6.36 6.26
CA GLY F 376 -24.42 7.41 7.17
C GLY F 376 -24.90 8.66 6.47
N ILE F 377 -25.94 8.54 5.65
CA ILE F 377 -26.48 9.69 4.96
C ILE F 377 -28.00 9.66 5.05
N ASP F 378 -28.58 10.86 5.04
CA ASP F 378 -30.03 11.02 5.11
C ASP F 378 -30.48 11.27 3.67
N LEU F 379 -30.73 10.17 2.93
CA LEU F 379 -31.13 10.23 1.52
C LEU F 379 -32.63 10.44 1.33
N VAL F 380 -32.98 11.44 0.52
CA VAL F 380 -34.37 11.77 0.23
C VAL F 380 -34.90 10.78 -0.81
N LEU F 381 -35.82 9.92 -0.39
CA LEU F 381 -36.36 8.89 -1.26
C LEU F 381 -37.88 8.87 -1.37
N GLY F 382 -38.37 8.49 -2.53
CA GLY F 382 -39.81 8.43 -2.72
C GLY F 382 -40.42 9.78 -3.02
N GLU F 383 -41.01 10.39 -2.02
CA GLU F 383 -41.66 11.68 -2.20
C GLU F 383 -40.73 12.86 -1.97
N PRO F 384 -41.08 14.04 -2.51
CA PRO F 384 -40.24 15.21 -2.32
C PRO F 384 -40.33 15.61 -0.84
N ARG F 385 -39.28 16.20 -0.30
CA ARG F 385 -39.30 16.59 1.10
C ARG F 385 -39.45 18.12 1.12
N SER F 386 -40.57 18.59 1.65
CA SER F 386 -40.85 20.02 1.72
C SER F 386 -40.18 20.71 2.90
N THR F 387 -38.88 20.95 2.76
CA THR F 387 -38.07 21.59 3.79
C THR F 387 -37.78 23.04 3.37
N ALA F 388 -38.24 23.41 2.18
CA ALA F 388 -38.01 24.76 1.66
C ALA F 388 -36.54 25.16 1.81
N PRO F 389 -35.64 24.46 1.07
CA PRO F 389 -34.21 24.77 1.13
C PRO F 389 -33.90 26.15 0.55
N ARG F 390 -32.85 26.79 1.05
CA ARG F 390 -32.47 28.12 0.58
C ARG F 390 -31.07 28.09 0.00
N THR F 391 -30.29 27.09 0.40
CA THR F 391 -28.93 26.94 -0.09
C THR F 391 -28.68 25.48 -0.45
N ALA F 392 -28.11 25.24 -1.62
CA ALA F 392 -27.85 23.88 -2.05
C ALA F 392 -26.40 23.71 -2.49
N LEU F 393 -25.91 22.48 -2.39
CA LEU F 393 -24.56 22.15 -2.82
C LEU F 393 -24.71 21.09 -3.90
N VAL F 394 -24.04 21.29 -5.04
CA VAL F 394 -24.10 20.33 -6.13
C VAL F 394 -22.70 19.80 -6.32
N LEU F 395 -22.59 18.48 -6.39
CA LEU F 395 -21.31 17.80 -6.52
C LEU F 395 -21.19 16.97 -7.79
N ALA F 396 -20.02 16.96 -8.40
CA ALA F 396 -19.84 16.15 -9.60
C ALA F 396 -18.42 15.64 -9.66
N ARG F 397 -18.25 14.38 -10.02
CA ARG F 397 -16.90 13.85 -10.15
C ARG F 397 -16.70 13.40 -11.57
N GLY F 398 -15.44 13.41 -11.99
CA GLY F 398 -15.11 12.99 -13.32
C GLY F 398 -14.14 11.84 -13.22
N ARG F 399 -14.29 10.88 -14.13
CA ARG F 399 -13.42 9.71 -14.16
C ARG F 399 -11.94 10.10 -14.07
N TRP F 400 -11.22 9.42 -13.17
CA TRP F 400 -9.79 9.62 -12.91
C TRP F 400 -9.44 10.62 -11.80
N GLY F 401 -10.45 11.12 -11.09
CA GLY F 401 -10.20 12.03 -9.99
C GLY F 401 -10.73 13.44 -10.03
N PHE F 402 -11.43 13.83 -11.09
CA PHE F 402 -11.96 15.19 -11.16
C PHE F 402 -13.06 15.46 -10.14
N ASN F 403 -12.94 16.53 -9.37
CA ASN F 403 -13.98 16.88 -8.40
C ASN F 403 -14.46 18.28 -8.65
N SER F 404 -15.77 18.47 -8.56
CA SER F 404 -16.33 19.79 -8.76
C SER F 404 -17.50 20.01 -7.82
N ALA F 405 -17.55 21.19 -7.21
CA ALA F 405 -18.62 21.52 -6.29
C ALA F 405 -19.14 22.92 -6.56
N ALA F 406 -20.44 23.12 -6.36
CA ALA F 406 -21.07 24.40 -6.59
C ALA F 406 -22.12 24.63 -5.51
N VAL F 407 -22.17 25.86 -5.01
CA VAL F 407 -23.16 26.21 -3.99
C VAL F 407 -24.15 27.22 -4.57
N LEU F 408 -25.44 26.91 -4.45
CA LEU F 408 -26.50 27.77 -4.99
C LEU F 408 -27.34 28.38 -3.88
N ARG F 409 -27.87 29.58 -4.16
CA ARG F 409 -28.70 30.29 -3.21
C ARG F 409 -30.04 30.71 -3.79
N ARG F 410 -31.10 30.54 -3.00
CA ARG F 410 -32.46 30.91 -3.40
C ARG F 410 -32.46 32.39 -3.77
N PHE F 411 -33.22 32.74 -4.81
CA PHE F 411 -33.32 34.14 -5.26
C PHE F 411 -34.21 34.94 -4.32
N ARG G 3 3.22 -45.11 -49.39
CA ARG G 3 3.41 -44.13 -50.50
C ARG G 3 4.69 -43.32 -50.35
N ARG G 4 5.09 -42.66 -51.43
CA ARG G 4 6.28 -41.82 -51.45
C ARG G 4 5.83 -40.38 -51.32
N VAL G 5 6.63 -39.57 -50.62
CA VAL G 5 6.28 -38.18 -50.40
C VAL G 5 7.32 -37.26 -51.00
N VAL G 6 6.84 -36.18 -51.62
CA VAL G 6 7.74 -35.22 -52.25
C VAL G 6 7.33 -33.79 -51.93
N ILE G 7 8.30 -32.89 -52.01
CA ILE G 7 8.11 -31.47 -51.76
C ILE G 7 7.81 -30.79 -53.09
N THR G 8 6.71 -30.05 -53.14
CA THR G 8 6.30 -29.36 -54.37
C THR G 8 6.31 -27.84 -54.28
N GLY G 9 6.52 -27.33 -53.08
CA GLY G 9 6.54 -25.89 -52.88
C GLY G 9 7.26 -25.54 -51.60
N VAL G 10 7.99 -24.44 -51.63
CA VAL G 10 8.77 -24.01 -50.47
C VAL G 10 8.52 -22.56 -50.07
N GLY G 11 8.43 -22.31 -48.77
CA GLY G 11 8.24 -20.97 -48.25
C GLY G 11 9.26 -20.77 -47.16
N VAL G 12 10.03 -19.69 -47.23
CA VAL G 12 11.05 -19.45 -46.22
C VAL G 12 11.08 -18.01 -45.73
N ARG G 13 11.39 -17.84 -44.45
CA ARG G 13 11.46 -16.53 -43.83
C ARG G 13 12.61 -16.66 -42.84
N ALA G 14 13.79 -16.25 -43.26
CA ALA G 14 14.98 -16.34 -42.43
C ALA G 14 15.72 -15.02 -42.36
N PRO G 15 16.55 -14.82 -41.32
CA PRO G 15 17.27 -13.55 -41.24
C PRO G 15 18.14 -13.36 -42.49
N GLY G 16 18.02 -12.19 -43.10
CA GLY G 16 18.78 -11.93 -44.31
C GLY G 16 18.35 -12.83 -45.47
N GLY G 17 17.13 -13.33 -45.40
CA GLY G 17 16.63 -14.20 -46.45
C GLY G 17 15.12 -14.30 -46.50
N ASN G 18 14.49 -13.22 -46.94
CA ASN G 18 13.04 -13.19 -47.05
C ASN G 18 12.70 -13.85 -48.39
N GLY G 19 12.37 -15.13 -48.34
CA GLY G 19 12.05 -15.85 -49.57
C GLY G 19 13.22 -16.69 -50.03
N THR G 20 12.92 -17.77 -50.74
CA THR G 20 13.95 -18.69 -51.22
C THR G 20 15.06 -18.05 -52.05
N ARG G 21 14.69 -17.07 -52.88
CA ARG G 21 15.68 -16.39 -53.71
C ARG G 21 16.76 -15.76 -52.83
N GLN G 22 16.35 -14.80 -52.00
CA GLN G 22 17.27 -14.10 -51.11
C GLN G 22 17.95 -15.04 -50.13
N PHE G 23 17.21 -16.04 -49.68
CA PHE G 23 17.72 -17.04 -48.75
C PHE G 23 18.92 -17.75 -49.36
N TRP G 24 18.76 -18.23 -50.59
CA TRP G 24 19.83 -18.95 -51.26
C TRP G 24 20.99 -18.01 -51.60
N GLU G 25 20.66 -16.75 -51.90
CA GLU G 25 21.67 -15.75 -52.21
C GLU G 25 22.61 -15.56 -51.03
N LEU G 26 22.05 -15.55 -49.82
CA LEU G 26 22.87 -15.37 -48.62
C LEU G 26 23.75 -16.59 -48.38
N LEU G 27 23.14 -17.76 -48.38
CA LEU G 27 23.87 -19.00 -48.14
C LEU G 27 25.03 -19.21 -49.12
N THR G 28 24.79 -18.97 -50.40
CA THR G 28 25.85 -19.16 -51.40
C THR G 28 26.91 -18.07 -51.36
N SER G 29 26.53 -16.86 -50.96
CA SER G 29 27.49 -15.77 -50.90
C SER G 29 28.44 -15.95 -49.70
N GLY G 30 27.98 -16.71 -48.72
CA GLY G 30 28.80 -16.94 -47.55
C GLY G 30 28.76 -15.79 -46.55
N ARG G 31 27.95 -14.77 -46.79
CA ARG G 31 27.88 -13.69 -45.81
C ARG G 31 26.96 -14.10 -44.65
N THR G 32 27.10 -13.43 -43.51
CA THR G 32 26.27 -13.76 -42.36
C THR G 32 25.18 -12.73 -42.12
N ALA G 33 24.25 -13.10 -41.25
CA ALA G 33 23.12 -12.26 -40.87
C ALA G 33 23.08 -12.09 -39.35
N THR G 34 24.13 -12.51 -38.66
CA THR G 34 24.20 -12.37 -37.21
C THR G 34 24.64 -10.95 -36.87
N ARG G 35 23.93 -10.32 -35.93
CA ARG G 35 24.24 -8.94 -35.54
C ARG G 35 23.90 -8.69 -34.06
N ARG G 36 24.18 -7.49 -33.56
CA ARG G 36 23.86 -7.19 -32.18
C ARG G 36 22.33 -7.22 -32.09
N ILE G 37 21.80 -7.76 -31.00
CA ILE G 37 20.36 -7.83 -30.82
C ILE G 37 19.82 -6.40 -30.85
N SER G 38 18.70 -6.18 -31.52
CA SER G 38 18.10 -4.85 -31.61
C SER G 38 16.64 -4.83 -31.17
N PHE G 39 16.05 -6.00 -30.95
CA PHE G 39 14.64 -6.05 -30.52
C PHE G 39 14.48 -5.45 -29.14
N PHE G 40 15.58 -5.39 -28.41
CA PHE G 40 15.61 -4.83 -27.06
C PHE G 40 17.07 -4.60 -26.69
N ASP G 41 17.32 -3.91 -25.59
CA ASP G 41 18.68 -3.63 -25.15
C ASP G 41 19.33 -4.89 -24.56
N PRO G 42 20.31 -5.46 -25.26
CA PRO G 42 21.04 -6.68 -24.86
C PRO G 42 22.12 -6.45 -23.80
N SER G 43 22.44 -5.19 -23.52
CA SER G 43 23.48 -4.82 -22.56
C SER G 43 23.52 -5.64 -21.27
N PRO G 44 22.35 -5.92 -20.68
CA PRO G 44 22.28 -6.69 -19.43
C PRO G 44 22.60 -8.17 -19.54
N TYR G 45 22.58 -8.72 -20.75
CA TYR G 45 22.80 -10.16 -20.91
C TYR G 45 24.19 -10.60 -21.34
N ARG G 46 24.44 -11.91 -21.22
CA ARG G 46 25.72 -12.48 -21.59
C ARG G 46 25.91 -12.55 -23.09
N SER G 47 24.92 -13.10 -23.81
CA SER G 47 25.03 -13.19 -25.27
C SER G 47 24.18 -12.08 -25.84
N GLN G 48 24.79 -11.13 -26.53
CA GLN G 48 24.03 -10.02 -27.08
C GLN G 48 23.90 -9.99 -28.60
N VAL G 49 24.25 -11.09 -29.26
CA VAL G 49 24.16 -11.20 -30.71
C VAL G 49 23.05 -12.14 -31.17
N ALA G 50 22.48 -11.88 -32.34
CA ALA G 50 21.40 -12.72 -32.85
C ALA G 50 21.22 -12.57 -34.35
N ALA G 51 20.41 -13.43 -34.93
CA ALA G 51 20.12 -13.35 -36.36
C ALA G 51 18.63 -13.04 -36.38
N GLU G 52 18.34 -11.77 -36.64
CA GLU G 52 16.98 -11.26 -36.70
C GLU G 52 16.57 -11.16 -38.16
N ALA G 53 15.31 -11.43 -38.44
CA ALA G 53 14.81 -11.36 -39.81
C ALA G 53 14.08 -10.04 -39.98
N ASP G 54 14.19 -9.45 -41.16
CA ASP G 54 13.51 -8.19 -41.43
C ASP G 54 12.09 -8.54 -41.85
N PHE G 55 11.17 -8.57 -40.90
CA PHE G 55 9.78 -8.94 -41.17
C PHE G 55 8.82 -7.76 -41.15
N ASP G 56 8.08 -7.56 -42.23
CA ASP G 56 7.11 -6.47 -42.33
C ASP G 56 5.70 -7.08 -42.47
N PRO G 57 4.99 -7.27 -41.35
CA PRO G 57 3.64 -7.84 -41.25
C PRO G 57 2.61 -7.21 -42.17
N VAL G 58 2.56 -5.88 -42.16
CA VAL G 58 1.59 -5.17 -42.99
C VAL G 58 1.88 -5.49 -44.45
N ALA G 59 3.16 -5.51 -44.80
CA ALA G 59 3.54 -5.83 -46.17
C ALA G 59 3.19 -7.28 -46.52
N GLU G 60 3.23 -8.17 -45.54
CA GLU G 60 2.89 -9.57 -45.78
C GLU G 60 1.38 -9.75 -45.98
N GLY G 61 0.63 -8.68 -45.71
CA GLY G 61 -0.81 -8.72 -45.88
C GLY G 61 -1.62 -9.08 -44.66
N PHE G 62 -1.07 -8.91 -43.46
CA PHE G 62 -1.88 -9.23 -42.28
C PHE G 62 -2.70 -8.00 -41.94
N GLY G 63 -3.98 -8.21 -41.59
CA GLY G 63 -4.84 -7.10 -41.23
C GLY G 63 -4.74 -6.81 -39.74
N PRO G 64 -5.42 -5.78 -39.23
CA PRO G 64 -5.42 -5.37 -37.82
C PRO G 64 -5.69 -6.44 -36.77
N ARG G 65 -6.80 -7.15 -36.93
CA ARG G 65 -7.14 -8.20 -35.98
C ARG G 65 -6.12 -9.33 -35.99
N GLU G 66 -5.57 -9.62 -37.17
CA GLU G 66 -4.59 -10.70 -37.26
C GLU G 66 -3.30 -10.32 -36.52
N LEU G 67 -2.83 -9.09 -36.68
CA LEU G 67 -1.61 -8.69 -36.01
C LEU G 67 -1.83 -8.62 -34.51
N ASP G 68 -2.96 -8.08 -34.09
CA ASP G 68 -3.29 -7.97 -32.68
C ASP G 68 -3.43 -9.33 -32.03
N ARG G 69 -3.78 -10.32 -32.84
CA ARG G 69 -4.01 -11.68 -32.40
C ARG G 69 -2.79 -12.58 -32.38
N MET G 70 -2.15 -12.73 -33.53
CA MET G 70 -1.04 -13.64 -33.61
C MET G 70 0.33 -13.21 -33.13
N ASP G 71 1.00 -14.20 -32.56
CA ASP G 71 2.35 -14.04 -32.06
C ASP G 71 3.21 -13.94 -33.32
N ARG G 72 4.39 -13.36 -33.18
CA ARG G 72 5.30 -13.21 -34.31
C ARG G 72 5.56 -14.52 -35.03
N ALA G 73 5.79 -15.59 -34.28
CA ALA G 73 6.05 -16.88 -34.93
C ALA G 73 4.89 -17.36 -35.79
N SER G 74 3.66 -17.07 -35.38
CA SER G 74 2.51 -17.47 -36.19
C SER G 74 2.51 -16.68 -37.49
N GLN G 75 2.88 -15.41 -37.41
CA GLN G 75 2.93 -14.56 -38.60
C GLN G 75 3.94 -15.13 -39.59
N PHE G 76 5.10 -15.53 -39.08
CA PHE G 76 6.16 -16.14 -39.90
C PHE G 76 5.66 -17.43 -40.54
N ALA G 77 4.97 -18.26 -39.76
CA ALA G 77 4.47 -19.54 -40.27
C ALA G 77 3.47 -19.36 -41.40
N VAL G 78 2.48 -18.51 -41.18
CA VAL G 78 1.44 -18.26 -42.19
C VAL G 78 2.08 -17.68 -43.45
N ALA G 79 2.97 -16.70 -43.29
CA ALA G 79 3.62 -16.10 -44.45
C ALA G 79 4.29 -17.19 -45.29
N CYS G 80 5.02 -18.09 -44.62
CA CYS G 80 5.70 -19.17 -45.33
C CYS G 80 4.72 -20.18 -45.95
N ALA G 81 3.69 -20.55 -45.20
CA ALA G 81 2.72 -21.51 -45.72
C ALA G 81 2.13 -21.00 -47.02
N ARG G 82 1.73 -19.72 -47.04
CA ARG G 82 1.15 -19.12 -48.22
C ARG G 82 2.13 -19.11 -49.38
N GLU G 83 3.37 -18.70 -49.12
CA GLU G 83 4.38 -18.66 -50.15
C GLU G 83 4.59 -20.03 -50.76
N ALA G 84 4.62 -21.05 -49.91
CA ALA G 84 4.80 -22.42 -50.39
C ALA G 84 3.57 -22.89 -51.15
N PHE G 85 2.40 -22.41 -50.73
CA PHE G 85 1.15 -22.81 -51.38
C PHE G 85 1.21 -22.26 -52.81
N ALA G 86 1.40 -20.95 -52.93
CA ALA G 86 1.49 -20.30 -54.23
C ALA G 86 2.56 -20.93 -55.13
N ALA G 87 3.72 -21.22 -54.57
CA ALA G 87 4.80 -21.81 -55.34
C ALA G 87 4.48 -23.21 -55.85
N SER G 88 3.78 -23.99 -55.04
CA SER G 88 3.45 -25.35 -55.46
C SER G 88 2.57 -25.36 -56.70
N GLY G 89 1.82 -24.28 -56.91
CA GLY G 89 0.95 -24.22 -58.07
C GLY G 89 -0.29 -25.08 -57.87
N LEU G 90 -0.51 -25.50 -56.63
CA LEU G 90 -1.66 -26.33 -56.29
C LEU G 90 -2.94 -25.49 -56.42
N ASP G 91 -3.99 -26.09 -56.97
CA ASP G 91 -5.26 -25.40 -57.19
C ASP G 91 -6.21 -25.53 -55.99
N PRO G 92 -6.38 -24.44 -55.22
CA PRO G 92 -7.26 -24.43 -54.04
C PRO G 92 -8.67 -24.94 -54.33
N ASP G 93 -9.14 -24.77 -55.56
CA ASP G 93 -10.48 -25.21 -55.91
C ASP G 93 -10.60 -26.70 -56.11
N THR G 94 -9.48 -27.35 -56.40
CA THR G 94 -9.49 -28.79 -56.62
C THR G 94 -9.15 -29.58 -55.36
N LEU G 95 -8.74 -28.87 -54.31
CA LEU G 95 -8.37 -29.49 -53.04
C LEU G 95 -9.56 -29.86 -52.17
N ASP G 96 -9.44 -31.00 -51.50
CA ASP G 96 -10.45 -31.45 -50.58
C ASP G 96 -9.86 -31.26 -49.17
N PRO G 97 -10.31 -30.23 -48.46
CA PRO G 97 -9.87 -29.89 -47.11
C PRO G 97 -9.68 -31.08 -46.19
N ALA G 98 -10.61 -32.04 -46.26
CA ALA G 98 -10.55 -33.24 -45.41
C ALA G 98 -9.28 -34.05 -45.65
N ARG G 99 -8.62 -33.82 -46.78
CA ARG G 99 -7.39 -34.55 -47.10
C ARG G 99 -6.18 -33.65 -46.99
N VAL G 100 -6.37 -32.45 -46.47
CA VAL G 100 -5.27 -31.52 -46.29
C VAL G 100 -4.99 -31.33 -44.81
N GLY G 101 -3.76 -31.62 -44.40
CA GLY G 101 -3.39 -31.46 -43.00
C GLY G 101 -2.24 -30.51 -42.81
N VAL G 102 -1.91 -30.25 -41.54
CA VAL G 102 -0.81 -29.36 -41.17
C VAL G 102 0.03 -30.00 -40.06
N SER G 103 1.34 -29.84 -40.16
CA SER G 103 2.28 -30.35 -39.14
C SER G 103 3.34 -29.26 -38.97
N LEU G 104 3.14 -28.42 -37.97
CA LEU G 104 4.03 -27.30 -37.68
C LEU G 104 4.92 -27.51 -36.47
N GLY G 105 6.21 -27.26 -36.65
CA GLY G 105 7.15 -27.43 -35.57
C GLY G 105 7.56 -26.13 -34.90
N SER G 106 7.74 -26.17 -33.59
CA SER G 106 8.17 -25.00 -32.84
C SER G 106 8.71 -25.42 -31.47
N ALA G 107 9.85 -24.86 -31.12
CA ALA G 107 10.53 -25.15 -29.86
C ALA G 107 10.01 -24.35 -28.66
N VAL G 108 9.87 -23.05 -28.84
CA VAL G 108 9.42 -22.15 -27.77
C VAL G 108 8.17 -21.35 -28.14
N ALA G 109 7.58 -21.70 -29.27
CA ALA G 109 6.34 -21.10 -29.71
C ALA G 109 6.12 -19.62 -29.46
N ALA G 110 5.26 -19.29 -28.49
CA ALA G 110 4.93 -17.89 -28.22
C ALA G 110 5.74 -17.13 -27.17
N ALA G 111 6.95 -17.59 -26.89
CA ALA G 111 7.80 -16.93 -25.90
C ALA G 111 7.82 -15.40 -26.02
N THR G 112 7.79 -14.87 -27.25
CA THR G 112 7.81 -13.41 -27.44
C THR G 112 6.53 -12.74 -26.92
N SER G 113 5.35 -13.28 -27.24
CA SER G 113 4.11 -12.69 -26.75
C SER G 113 3.96 -12.92 -25.24
N LEU G 114 4.37 -14.08 -24.77
CA LEU G 114 4.29 -14.38 -23.33
C LEU G 114 5.04 -13.29 -22.55
N GLU G 115 6.28 -13.00 -22.96
CA GLU G 115 7.06 -12.00 -22.27
C GLU G 115 6.41 -10.63 -22.31
N ARG G 116 5.87 -10.26 -23.46
CA ARG G 116 5.22 -8.96 -23.59
C ARG G 116 4.01 -8.87 -22.66
N GLU G 117 3.16 -9.89 -22.64
CA GLU G 117 2.01 -9.86 -21.74
C GLU G 117 2.46 -9.99 -20.29
N TYR G 118 3.50 -10.78 -20.00
CA TYR G 118 3.95 -10.93 -18.61
C TYR G 118 4.21 -9.57 -17.95
N LEU G 119 4.88 -8.69 -18.68
CA LEU G 119 5.19 -7.36 -18.17
C LEU G 119 3.94 -6.59 -17.77
N LEU G 120 2.89 -6.67 -18.58
CA LEU G 120 1.65 -5.96 -18.28
C LEU G 120 0.91 -6.52 -17.06
N LEU G 121 0.78 -7.84 -17.02
CA LEU G 121 0.10 -8.54 -15.92
C LEU G 121 0.79 -8.45 -14.56
N SER G 122 2.11 -8.54 -14.56
CA SER G 122 2.88 -8.52 -13.32
C SER G 122 3.44 -7.16 -12.95
N ASP G 123 3.23 -6.18 -13.82
CA ASP G 123 3.76 -4.84 -13.61
C ASP G 123 5.27 -4.93 -13.59
N SER G 124 5.82 -5.44 -14.69
CA SER G 124 7.25 -5.60 -14.87
C SER G 124 7.91 -6.41 -13.74
N GLY G 125 7.32 -7.58 -13.44
CA GLY G 125 7.86 -8.48 -12.44
C GLY G 125 7.60 -8.20 -10.98
N ARG G 126 6.86 -7.14 -10.68
CA ARG G 126 6.57 -6.76 -9.31
C ARG G 126 5.58 -7.66 -8.58
N ASP G 127 4.56 -8.14 -9.29
CA ASP G 127 3.56 -8.96 -8.64
C ASP G 127 3.49 -10.40 -9.14
N TRP G 128 3.40 -11.32 -8.19
CA TRP G 128 3.27 -12.75 -8.48
C TRP G 128 1.79 -13.00 -8.78
N GLU G 129 0.92 -12.42 -7.96
CA GLU G 129 -0.51 -12.57 -8.20
C GLU G 129 -0.83 -11.47 -9.21
N VAL G 130 -0.72 -11.83 -10.48
CA VAL G 130 -0.94 -10.87 -11.56
C VAL G 130 -2.30 -10.19 -11.52
N ASP G 131 -2.36 -9.04 -12.20
CA ASP G 131 -3.56 -8.22 -12.22
C ASP G 131 -4.40 -8.48 -13.47
N ALA G 132 -5.57 -9.10 -13.27
CA ALA G 132 -6.47 -9.43 -14.36
C ALA G 132 -6.97 -8.24 -15.18
N ALA G 133 -6.82 -7.02 -14.67
CA ALA G 133 -7.26 -5.84 -15.39
C ALA G 133 -6.38 -5.66 -16.64
N TRP G 134 -5.21 -6.29 -16.63
CA TRP G 134 -4.28 -6.21 -17.75
C TRP G 134 -4.22 -7.49 -18.59
N LEU G 135 -5.21 -8.35 -18.40
CA LEU G 135 -5.30 -9.65 -19.09
C LEU G 135 -5.59 -9.56 -20.60
N SER G 136 -4.66 -9.99 -21.45
CA SER G 136 -4.90 -9.95 -22.89
C SER G 136 -6.06 -10.88 -23.28
N ARG G 137 -6.85 -10.50 -24.26
CA ARG G 137 -7.96 -11.34 -24.67
C ARG G 137 -7.42 -12.56 -25.39
N HIS G 138 -6.13 -12.53 -25.72
CA HIS G 138 -5.46 -13.63 -26.40
C HIS G 138 -4.54 -14.47 -25.49
N MET G 139 -4.49 -14.16 -24.20
CA MET G 139 -3.59 -14.87 -23.28
C MET G 139 -3.55 -16.38 -23.39
N PHE G 140 -4.72 -17.01 -23.41
CA PHE G 140 -4.76 -18.44 -23.48
C PHE G 140 -3.97 -18.99 -24.66
N ASP G 141 -4.02 -18.26 -25.76
CA ASP G 141 -3.34 -18.68 -26.97
C ASP G 141 -1.82 -18.51 -26.98
N TYR G 142 -1.29 -17.89 -25.95
CA TYR G 142 0.15 -17.77 -25.82
C TYR G 142 0.50 -18.86 -24.79
N LEU G 143 -0.43 -19.13 -23.88
CA LEU G 143 -0.23 -20.18 -22.87
C LEU G 143 -0.22 -21.57 -23.55
N VAL G 144 -1.16 -21.83 -24.44
CA VAL G 144 -1.23 -23.10 -25.16
C VAL G 144 -0.99 -22.73 -26.65
N PRO G 145 0.24 -22.93 -27.15
CA PRO G 145 0.63 -22.63 -28.54
C PRO G 145 -0.12 -23.27 -29.71
N SER G 146 -1.04 -24.20 -29.43
CA SER G 146 -1.82 -24.90 -30.46
C SER G 146 -2.44 -23.98 -31.50
N VAL G 147 -2.53 -22.70 -31.18
CA VAL G 147 -3.14 -21.76 -32.10
C VAL G 147 -2.25 -21.57 -33.33
N MET G 148 -0.97 -21.89 -33.22
CA MET G 148 -0.06 -21.72 -34.35
C MET G 148 -0.44 -22.58 -35.56
N PRO G 149 -0.54 -23.91 -35.38
CA PRO G 149 -0.92 -24.80 -36.49
C PRO G 149 -2.31 -24.40 -37.01
N ALA G 150 -3.19 -24.01 -36.10
CA ALA G 150 -4.53 -23.61 -36.49
C ALA G 150 -4.50 -22.45 -37.47
N GLU G 151 -3.67 -21.44 -37.18
CA GLU G 151 -3.56 -20.25 -38.03
C GLU G 151 -3.09 -20.65 -39.44
N VAL G 152 -2.19 -21.62 -39.52
CA VAL G 152 -1.70 -22.08 -40.80
C VAL G 152 -2.86 -22.83 -41.47
N ALA G 153 -3.49 -23.73 -40.73
CA ALA G 153 -4.61 -24.49 -41.27
C ALA G 153 -5.68 -23.58 -41.85
N TRP G 154 -5.98 -22.48 -41.16
CA TRP G 154 -6.98 -21.56 -41.67
C TRP G 154 -6.49 -20.90 -42.95
N ALA G 155 -5.20 -20.60 -43.04
CA ALA G 155 -4.68 -19.96 -44.23
C ALA G 155 -4.66 -20.85 -45.46
N VAL G 156 -4.34 -22.13 -45.30
CA VAL G 156 -4.28 -23.06 -46.42
C VAL G 156 -5.57 -23.87 -46.62
N GLY G 157 -6.52 -23.71 -45.71
CA GLY G 157 -7.78 -24.44 -45.81
C GLY G 157 -7.67 -25.91 -45.45
N ALA G 158 -6.87 -26.22 -44.43
CA ALA G 158 -6.70 -27.60 -44.01
C ALA G 158 -7.74 -28.05 -42.98
N GLU G 159 -8.35 -29.21 -43.21
CA GLU G 159 -9.33 -29.75 -42.30
C GLU G 159 -8.97 -31.19 -41.90
N GLY G 160 -7.82 -31.64 -42.39
CA GLY G 160 -7.35 -32.99 -42.05
C GLY G 160 -6.62 -33.00 -40.73
N PRO G 161 -5.64 -33.89 -40.55
CA PRO G 161 -4.87 -33.95 -39.30
C PRO G 161 -4.05 -32.67 -39.17
N VAL G 162 -4.27 -31.93 -38.09
CA VAL G 162 -3.55 -30.68 -37.85
C VAL G 162 -2.90 -30.73 -36.49
N THR G 163 -1.61 -30.41 -36.45
CA THR G 163 -0.93 -30.43 -35.17
C THR G 163 0.39 -29.68 -35.11
N MET G 164 0.84 -29.51 -33.88
CA MET G 164 2.11 -28.87 -33.61
C MET G 164 3.00 -29.95 -33.02
N VAL G 165 4.22 -29.99 -33.51
CA VAL G 165 5.23 -30.93 -33.05
C VAL G 165 6.23 -30.02 -32.36
N SER G 166 6.44 -30.21 -31.07
CA SER G 166 7.38 -29.38 -30.33
C SER G 166 8.39 -30.30 -29.63
N THR G 167 9.46 -30.62 -30.33
CA THR G 167 10.50 -31.48 -29.79
C THR G 167 11.81 -30.70 -29.71
N GLY G 168 11.73 -29.49 -29.17
CA GLY G 168 12.91 -28.65 -29.05
C GLY G 168 13.54 -28.29 -30.37
N CYS G 169 14.86 -28.42 -30.43
CA CYS G 169 15.61 -28.05 -31.62
C CYS G 169 15.64 -29.03 -32.80
N THR G 170 14.82 -30.09 -32.74
CA THR G 170 14.71 -31.04 -33.84
C THR G 170 13.30 -30.93 -34.41
N SER G 171 12.49 -30.02 -33.85
CA SER G 171 11.11 -29.79 -34.30
C SER G 171 10.98 -29.54 -35.81
N GLY G 172 11.92 -28.79 -36.37
CA GLY G 172 11.90 -28.48 -37.79
C GLY G 172 12.05 -29.71 -38.66
N LEU G 173 12.72 -30.73 -38.13
CA LEU G 173 12.87 -31.95 -38.89
C LEU G 173 11.69 -32.86 -38.57
N ASP G 174 11.37 -33.01 -37.29
CA ASP G 174 10.28 -33.88 -36.86
C ASP G 174 8.88 -33.51 -37.34
N SER G 175 8.62 -32.21 -37.53
CA SER G 175 7.31 -31.79 -37.99
C SER G 175 7.12 -32.26 -39.44
N VAL G 176 8.17 -32.08 -40.25
CA VAL G 176 8.15 -32.50 -41.65
C VAL G 176 8.12 -34.02 -41.71
N GLY G 177 8.87 -34.65 -40.80
CA GLY G 177 8.90 -36.10 -40.73
C GLY G 177 7.53 -36.66 -40.38
N ASN G 178 6.80 -35.96 -39.52
CA ASN G 178 5.46 -36.38 -39.10
C ASN G 178 4.50 -36.25 -40.29
N ALA G 179 4.67 -35.19 -41.08
CA ALA G 179 3.82 -34.98 -42.26
C ALA G 179 4.03 -36.14 -43.25
N VAL G 180 5.28 -36.54 -43.44
CA VAL G 180 5.59 -37.63 -44.36
C VAL G 180 4.85 -38.91 -43.93
N ARG G 181 4.94 -39.27 -42.65
CA ARG G 181 4.26 -40.45 -42.13
C ARG G 181 2.76 -40.36 -42.37
N ALA G 182 2.21 -39.16 -42.15
CA ALA G 182 0.79 -38.94 -42.34
C ALA G 182 0.39 -39.36 -43.75
N ILE G 183 1.09 -38.85 -44.75
CA ILE G 183 0.77 -39.20 -46.12
C ILE G 183 1.07 -40.65 -46.43
N GLU G 184 2.16 -41.18 -45.88
CA GLU G 184 2.51 -42.58 -46.13
C GLU G 184 1.40 -43.53 -45.70
N GLU G 185 0.79 -43.27 -44.55
CA GLU G 185 -0.26 -44.13 -44.05
C GLU G 185 -1.63 -43.77 -44.59
N GLY G 186 -1.69 -42.73 -45.43
CA GLY G 186 -2.95 -42.33 -46.00
C GLY G 186 -3.87 -41.48 -45.13
N SER G 187 -3.33 -40.87 -44.07
CA SER G 187 -4.15 -40.03 -43.20
C SER G 187 -4.40 -38.69 -43.88
N ALA G 188 -3.65 -38.42 -44.93
CA ALA G 188 -3.78 -37.18 -45.69
C ALA G 188 -3.13 -37.36 -47.06
N ASP G 189 -3.49 -36.50 -48.00
CA ASP G 189 -2.87 -36.61 -49.32
C ASP G 189 -1.98 -35.41 -49.54
N VAL G 190 -2.27 -34.32 -48.82
CA VAL G 190 -1.50 -33.09 -48.90
C VAL G 190 -1.23 -32.57 -47.49
N MET G 191 0.02 -32.21 -47.23
CA MET G 191 0.39 -31.69 -45.92
C MET G 191 1.21 -30.41 -46.05
N PHE G 192 0.88 -29.43 -45.22
CA PHE G 192 1.63 -28.18 -45.16
C PHE G 192 2.46 -28.36 -43.92
N ALA G 193 3.73 -28.65 -44.11
CA ALA G 193 4.63 -28.92 -43.02
C ALA G 193 5.81 -27.96 -42.97
N GLY G 194 6.25 -27.67 -41.75
CA GLY G 194 7.38 -26.78 -41.55
C GLY G 194 7.53 -26.42 -40.09
N ALA G 195 8.20 -25.32 -39.83
CA ALA G 195 8.43 -24.87 -38.47
C ALA G 195 8.72 -23.39 -38.43
N ALA G 196 8.55 -22.81 -37.23
CA ALA G 196 8.76 -21.39 -36.99
C ALA G 196 9.04 -21.11 -35.51
N ASP G 197 10.01 -20.23 -35.25
CA ASP G 197 10.37 -19.81 -33.88
C ASP G 197 10.83 -18.35 -33.94
N THR G 198 10.39 -17.58 -32.95
CA THR G 198 10.74 -16.17 -32.81
C THR G 198 11.09 -16.02 -31.32
N PRO G 199 12.21 -16.66 -30.90
CA PRO G 199 12.73 -16.69 -29.54
C PRO G 199 13.62 -15.53 -29.09
N ILE G 200 13.86 -14.55 -29.95
CA ILE G 200 14.72 -13.43 -29.56
C ILE G 200 13.97 -12.55 -28.60
N THR G 201 14.02 -12.92 -27.33
CA THR G 201 13.31 -12.23 -26.27
C THR G 201 14.11 -12.48 -24.98
N PRO G 202 14.09 -11.52 -24.04
CA PRO G 202 14.79 -11.60 -22.76
C PRO G 202 14.77 -12.94 -22.03
N ILE G 203 13.59 -13.52 -21.84
CA ILE G 203 13.55 -14.79 -21.11
C ILE G 203 14.35 -15.90 -21.80
N VAL G 204 14.31 -15.95 -23.13
CA VAL G 204 15.07 -17.00 -23.81
C VAL G 204 16.56 -16.71 -23.80
N VAL G 205 16.90 -15.43 -23.98
CA VAL G 205 18.30 -15.03 -23.92
C VAL G 205 18.87 -15.35 -22.52
N ALA G 206 18.12 -15.06 -21.46
CA ALA G 206 18.63 -15.35 -20.11
C ALA G 206 18.77 -16.84 -19.81
N CYS G 207 17.83 -17.66 -20.26
CA CYS G 207 17.92 -19.08 -19.97
C CYS G 207 19.15 -19.66 -20.67
N PHE G 208 19.44 -19.25 -21.90
CA PHE G 208 20.64 -19.76 -22.56
C PHE G 208 21.91 -19.22 -21.89
N ASP G 209 21.88 -17.97 -21.42
CA ASP G 209 23.06 -17.42 -20.75
C ASP G 209 23.37 -18.24 -19.49
N ALA G 210 22.32 -18.65 -18.76
CA ALA G 210 22.50 -19.40 -17.52
C ALA G 210 23.36 -20.66 -17.71
N ILE G 211 23.19 -21.35 -18.83
CA ILE G 211 23.98 -22.55 -19.08
C ILE G 211 25.12 -22.23 -20.04
N ARG G 212 25.23 -20.95 -20.40
CA ARG G 212 26.29 -20.50 -21.32
C ARG G 212 26.27 -21.33 -22.59
N ALA G 213 25.09 -21.47 -23.20
CA ALA G 213 24.99 -22.27 -24.43
C ALA G 213 25.22 -21.38 -25.64
N THR G 214 24.91 -20.10 -25.49
CA THR G 214 25.08 -19.11 -26.56
C THR G 214 26.45 -18.41 -26.46
N THR G 215 26.96 -17.92 -27.58
CA THR G 215 28.26 -17.25 -27.61
C THR G 215 28.33 -15.92 -26.85
N ALA G 216 29.52 -15.61 -26.34
CA ALA G 216 29.73 -14.36 -25.62
C ALA G 216 30.61 -13.43 -26.46
N ARG G 217 30.75 -13.77 -27.74
CA ARG G 217 31.56 -12.99 -28.70
C ARG G 217 30.80 -11.75 -29.15
N ASN G 218 30.32 -10.96 -28.20
CA ASN G 218 29.57 -9.76 -28.53
C ASN G 218 30.43 -8.73 -29.24
N ASP G 219 31.74 -8.93 -29.19
CA ASP G 219 32.72 -8.02 -29.80
C ASP G 219 32.82 -8.17 -31.32
N ASP G 220 32.30 -9.28 -31.84
CA ASP G 220 32.35 -9.54 -33.27
C ASP G 220 31.05 -10.25 -33.68
N PRO G 221 29.92 -9.51 -33.67
CA PRO G 221 28.58 -10.00 -34.02
C PRO G 221 28.49 -10.74 -35.35
N GLU G 222 29.01 -10.11 -36.40
CA GLU G 222 28.98 -10.68 -37.75
C GLU G 222 29.67 -12.01 -37.90
N HIS G 223 30.47 -12.41 -36.92
CA HIS G 223 31.21 -13.67 -37.03
C HIS G 223 31.17 -14.50 -35.77
N ALA G 224 30.16 -14.25 -34.95
CA ALA G 224 29.98 -14.93 -33.68
C ALA G 224 29.62 -16.40 -33.80
N SER G 225 28.91 -16.77 -34.85
CA SER G 225 28.51 -18.16 -35.04
C SER G 225 29.57 -18.91 -35.82
N ARG G 226 30.31 -19.76 -35.12
CA ARG G 226 31.36 -20.49 -35.80
C ARG G 226 31.39 -21.99 -35.52
N PRO G 227 30.48 -22.74 -36.17
CA PRO G 227 30.44 -24.19 -35.98
C PRO G 227 31.68 -24.93 -36.49
N PHE G 228 32.10 -25.92 -35.72
CA PHE G 228 33.27 -26.75 -36.04
C PHE G 228 34.60 -26.00 -35.88
N ASP G 229 34.53 -24.70 -35.61
CA ASP G 229 35.74 -23.89 -35.44
C ASP G 229 36.41 -24.06 -34.09
N GLY G 230 37.74 -24.06 -34.10
CA GLY G 230 38.51 -24.23 -32.86
C GLY G 230 38.24 -23.21 -31.77
N THR G 231 37.78 -22.01 -32.16
CA THR G 231 37.51 -20.95 -31.20
C THR G 231 36.04 -20.79 -30.82
N ARG G 232 35.17 -21.66 -31.36
CA ARG G 232 33.74 -21.57 -31.07
C ARG G 232 33.42 -21.60 -29.58
N ASP G 233 32.41 -20.84 -29.17
CA ASP G 233 32.01 -20.77 -27.77
C ASP G 233 30.49 -20.72 -27.59
N GLY G 234 29.75 -21.45 -28.42
CA GLY G 234 28.31 -21.44 -28.28
C GLY G 234 27.61 -21.01 -29.55
N PHE G 235 26.30 -21.27 -29.60
CA PHE G 235 25.54 -20.90 -30.78
C PHE G 235 25.04 -19.47 -30.66
N VAL G 236 24.48 -18.96 -31.75
CA VAL G 236 23.93 -17.61 -31.82
C VAL G 236 22.42 -17.73 -31.94
N LEU G 237 21.69 -17.23 -30.96
CA LEU G 237 20.23 -17.28 -30.95
C LEU G 237 19.64 -16.59 -32.19
N ALA G 238 18.62 -17.21 -32.79
CA ALA G 238 17.99 -16.63 -33.98
C ALA G 238 16.51 -16.96 -34.11
N GLU G 239 15.86 -16.31 -35.08
CA GLU G 239 14.45 -16.55 -35.36
C GLU G 239 14.38 -16.98 -36.82
N GLY G 240 13.23 -17.52 -37.22
CA GLY G 240 13.05 -17.95 -38.59
C GLY G 240 11.91 -18.93 -38.76
N ALA G 241 11.60 -19.23 -40.02
CA ALA G 241 10.53 -20.14 -40.36
C ALA G 241 10.66 -20.63 -41.79
N ALA G 242 10.16 -21.83 -42.04
CA ALA G 242 10.16 -22.42 -43.38
C ALA G 242 8.93 -23.32 -43.46
N MET G 243 8.33 -23.36 -44.64
CA MET G 243 7.14 -24.18 -44.85
C MET G 243 7.29 -24.94 -46.16
N PHE G 244 6.66 -26.10 -46.23
CA PHE G 244 6.69 -26.93 -47.43
C PHE G 244 5.32 -27.52 -47.74
N VAL G 245 5.08 -27.73 -49.03
CA VAL G 245 3.86 -28.39 -49.48
C VAL G 245 4.35 -29.80 -49.81
N LEU G 246 3.80 -30.77 -49.12
CA LEU G 246 4.16 -32.16 -49.33
C LEU G 246 2.96 -32.86 -49.93
N GLU G 247 3.20 -33.81 -50.85
CA GLU G 247 2.11 -34.56 -51.44
C GLU G 247 2.53 -35.93 -51.94
N ASP G 248 1.54 -36.74 -52.27
CA ASP G 248 1.73 -38.09 -52.80
C ASP G 248 2.56 -37.99 -54.08
N TYR G 249 3.56 -38.85 -54.20
CA TYR G 249 4.44 -38.86 -55.37
C TYR G 249 3.70 -39.06 -56.70
N ASP G 250 2.81 -40.05 -56.77
CA ASP G 250 2.07 -40.30 -57.99
C ASP G 250 1.18 -39.13 -58.31
N SER G 251 0.53 -38.63 -57.27
CA SER G 251 -0.37 -37.49 -57.43
C SER G 251 0.37 -36.25 -57.92
N ALA G 252 1.60 -36.08 -57.42
CA ALA G 252 2.41 -34.94 -57.81
C ALA G 252 2.75 -35.00 -59.30
N LEU G 253 3.19 -36.18 -59.75
CA LEU G 253 3.53 -36.39 -61.16
C LEU G 253 2.29 -36.19 -62.00
N ALA G 254 1.19 -36.79 -61.55
CA ALA G 254 -0.09 -36.71 -62.22
C ALA G 254 -0.47 -35.28 -62.60
N ARG G 255 -0.45 -34.38 -61.62
CA ARG G 255 -0.82 -33.00 -61.91
C ARG G 255 0.31 -32.22 -62.57
N GLY G 256 1.43 -32.91 -62.83
CA GLY G 256 2.55 -32.26 -63.48
C GLY G 256 3.23 -31.22 -62.62
N ALA G 257 3.22 -31.45 -61.31
CA ALA G 257 3.83 -30.53 -60.36
C ALA G 257 5.34 -30.58 -60.42
N ARG G 258 5.97 -29.54 -59.89
CA ARG G 258 7.42 -29.49 -59.86
C ARG G 258 7.88 -30.23 -58.62
N ILE G 259 8.69 -31.27 -58.82
CA ILE G 259 9.19 -32.06 -57.71
C ILE G 259 10.56 -31.53 -57.28
N HIS G 260 10.58 -30.81 -56.15
CA HIS G 260 11.81 -30.24 -55.64
C HIS G 260 12.69 -31.32 -55.03
N ALA G 261 12.06 -32.33 -54.46
CA ALA G 261 12.79 -33.43 -53.86
C ALA G 261 11.84 -34.43 -53.25
N GLU G 262 12.35 -35.62 -52.95
CA GLU G 262 11.55 -36.66 -52.32
C GLU G 262 12.18 -36.89 -50.95
N ILE G 263 11.35 -37.03 -49.93
CA ILE G 263 11.84 -37.28 -48.59
C ILE G 263 11.84 -38.79 -48.48
N SER G 264 12.91 -39.39 -49.01
CA SER G 264 13.04 -40.85 -49.03
C SER G 264 13.37 -41.49 -47.69
N GLY G 265 13.82 -40.68 -46.74
CA GLY G 265 14.14 -41.24 -45.44
C GLY G 265 14.07 -40.26 -44.27
N TYR G 266 13.52 -40.72 -43.16
CA TYR G 266 13.40 -39.91 -41.96
C TYR G 266 13.39 -40.79 -40.72
N ALA G 267 14.22 -40.41 -39.75
CA ALA G 267 14.29 -41.17 -38.52
C ALA G 267 14.65 -40.28 -37.34
N THR G 268 14.34 -40.76 -36.15
CA THR G 268 14.64 -40.00 -34.94
C THR G 268 14.79 -40.98 -33.78
N ARG G 269 15.76 -40.70 -32.93
CA ARG G 269 16.05 -41.52 -31.77
C ARG G 269 16.41 -40.58 -30.62
N CYS G 270 16.49 -41.13 -29.40
CA CYS G 270 16.82 -40.31 -28.24
C CYS G 270 18.09 -40.73 -27.51
N ASN G 271 18.71 -39.74 -26.88
CA ASN G 271 19.94 -39.87 -26.10
C ASN G 271 19.73 -40.73 -24.87
N ALA G 272 18.68 -40.38 -24.13
CA ALA G 272 18.34 -41.03 -22.87
C ALA G 272 19.56 -40.78 -22.00
N TYR G 273 20.23 -39.66 -22.23
CA TYR G 273 21.44 -39.30 -21.49
C TYR G 273 21.28 -38.05 -20.63
N HIS G 274 20.91 -36.94 -21.24
CA HIS G 274 20.80 -35.71 -20.49
C HIS G 274 19.93 -34.72 -21.22
N MET G 275 19.22 -33.87 -20.49
CA MET G 275 18.34 -32.91 -21.15
C MET G 275 19.07 -31.90 -22.02
N THR G 276 20.33 -31.61 -21.72
CA THR G 276 21.08 -30.66 -22.55
C THR G 276 22.44 -31.19 -23.01
N GLY G 277 23.08 -32.00 -22.18
CA GLY G 277 24.38 -32.53 -22.54
C GLY G 277 24.38 -33.56 -23.63
N LEU G 278 25.53 -33.70 -24.31
CA LEU G 278 25.70 -34.67 -25.38
C LEU G 278 26.91 -35.53 -25.11
N LYS G 279 26.78 -36.82 -25.39
CA LYS G 279 27.87 -37.75 -25.17
C LYS G 279 28.85 -37.63 -26.35
N ALA G 280 30.11 -38.02 -26.16
CA ALA G 280 31.08 -37.87 -27.24
C ALA G 280 30.93 -38.89 -28.38
N ASP G 281 30.55 -40.11 -28.03
CA ASP G 281 30.38 -41.20 -28.99
C ASP G 281 29.44 -40.93 -30.18
N GLY G 282 28.37 -40.18 -29.94
CA GLY G 282 27.41 -39.89 -30.99
C GLY G 282 26.73 -41.17 -31.45
N ARG G 283 26.53 -42.08 -30.50
CA ARG G 283 25.91 -43.39 -30.76
C ARG G 283 24.49 -43.34 -31.32
N GLU G 284 23.60 -42.70 -30.59
CA GLU G 284 22.20 -42.60 -31.00
C GLU G 284 22.01 -41.86 -32.32
N MET G 285 22.80 -40.82 -32.55
CA MET G 285 22.64 -40.10 -33.79
C MET G 285 23.14 -40.91 -34.97
N ALA G 286 24.18 -41.70 -34.73
CA ALA G 286 24.71 -42.54 -35.80
C ALA G 286 23.61 -43.53 -36.19
N GLU G 287 22.96 -44.12 -35.18
CA GLU G 287 21.88 -45.07 -35.41
C GLU G 287 20.78 -44.44 -36.23
N THR G 288 20.42 -43.21 -35.88
CA THR G 288 19.37 -42.48 -36.57
C THR G 288 19.72 -42.28 -38.04
N ILE G 289 20.97 -41.91 -38.31
CA ILE G 289 21.41 -41.73 -39.69
C ILE G 289 21.29 -43.08 -40.41
N ARG G 290 21.72 -44.16 -39.75
CA ARG G 290 21.65 -45.50 -40.35
C ARG G 290 20.21 -45.87 -40.70
N VAL G 291 19.28 -45.63 -39.78
CA VAL G 291 17.88 -45.96 -40.01
C VAL G 291 17.29 -45.12 -41.15
N ALA G 292 17.63 -43.84 -41.18
CA ALA G 292 17.14 -42.94 -42.21
C ALA G 292 17.61 -43.40 -43.58
N LEU G 293 18.88 -43.81 -43.66
CA LEU G 293 19.45 -44.29 -44.91
C LEU G 293 18.78 -45.57 -45.34
N ASP G 294 18.51 -46.41 -44.35
CA ASP G 294 17.89 -47.71 -44.60
C ASP G 294 16.50 -47.54 -45.23
N GLU G 295 15.66 -46.74 -44.58
CA GLU G 295 14.31 -46.51 -45.09
C GLU G 295 14.44 -46.02 -46.52
N SER G 296 15.39 -45.11 -46.72
CA SER G 296 15.65 -44.51 -48.02
C SER G 296 16.26 -45.48 -49.03
N ARG G 297 16.73 -46.63 -48.55
CA ARG G 297 17.34 -47.63 -49.42
C ARG G 297 18.63 -47.09 -50.06
N THR G 298 19.02 -45.88 -49.67
CA THR G 298 20.23 -45.26 -50.22
C THR G 298 21.47 -45.64 -49.40
N ASP G 299 22.58 -45.89 -50.08
CA ASP G 299 23.82 -46.25 -49.38
C ASP G 299 24.54 -44.99 -48.93
N ALA G 300 25.40 -45.14 -47.92
CA ALA G 300 26.16 -44.01 -47.39
C ALA G 300 26.93 -43.30 -48.50
N THR G 301 27.61 -44.09 -49.32
CA THR G 301 28.40 -43.55 -50.42
C THR G 301 27.57 -42.73 -51.42
N ASP G 302 26.26 -42.89 -51.39
CA ASP G 302 25.38 -42.15 -52.29
C ASP G 302 25.11 -40.72 -51.82
N ILE G 303 25.40 -40.44 -50.55
CA ILE G 303 25.19 -39.10 -49.99
C ILE G 303 26.27 -38.18 -50.55
N ASP G 304 25.84 -37.10 -51.21
CA ASP G 304 26.76 -36.16 -51.84
C ASP G 304 27.03 -34.93 -50.97
N TYR G 305 26.10 -34.65 -50.06
CA TYR G 305 26.23 -33.50 -49.18
C TYR G 305 25.54 -33.77 -47.86
N ILE G 306 26.13 -33.24 -46.79
CA ILE G 306 25.59 -33.42 -45.45
C ILE G 306 25.36 -32.07 -44.79
N ASN G 307 24.10 -31.71 -44.62
CA ASN G 307 23.78 -30.45 -43.97
C ASN G 307 23.74 -30.76 -42.50
N ALA G 308 24.82 -30.39 -41.82
CA ALA G 308 24.96 -30.66 -40.42
C ALA G 308 24.01 -29.89 -39.53
N HIS G 309 24.14 -30.16 -38.24
CA HIS G 309 23.37 -29.46 -37.25
C HIS G 309 24.28 -28.29 -36.91
N GLY G 310 25.54 -28.59 -36.63
CA GLY G 310 26.53 -27.54 -36.31
C GLY G 310 26.02 -26.28 -35.65
N SER G 311 25.76 -26.38 -34.35
CA SER G 311 25.26 -25.26 -33.55
C SER G 311 26.38 -24.29 -33.15
N GLY G 312 27.60 -24.81 -33.07
CA GLY G 312 28.71 -23.97 -32.69
C GLY G 312 29.09 -24.12 -31.23
N THR G 313 28.43 -25.02 -30.52
CA THR G 313 28.78 -25.24 -29.12
C THR G 313 29.93 -26.23 -29.13
N ARG G 314 30.66 -26.32 -28.03
CA ARG G 314 31.80 -27.23 -27.96
C ARG G 314 31.38 -28.68 -28.14
N GLN G 315 30.45 -29.14 -27.31
CA GLN G 315 29.98 -30.53 -27.34
C GLN G 315 29.24 -30.97 -28.58
N ASN G 316 28.43 -30.09 -29.17
CA ASN G 316 27.68 -30.50 -30.34
C ASN G 316 28.48 -30.83 -31.58
N ASP G 317 29.29 -29.89 -32.04
CA ASP G 317 30.08 -30.07 -33.25
C ASP G 317 30.96 -31.30 -33.19
N ARG G 318 31.45 -31.60 -31.98
CA ARG G 318 32.30 -32.75 -31.75
C ARG G 318 31.43 -34.01 -31.80
N HIS G 319 30.25 -33.91 -31.22
CA HIS G 319 29.29 -35.02 -31.17
C HIS G 319 28.89 -35.54 -32.55
N GLU G 320 28.36 -34.67 -33.40
CA GLU G 320 27.94 -35.11 -34.73
C GLU G 320 29.09 -35.57 -35.61
N THR G 321 30.29 -35.02 -35.41
CA THR G 321 31.44 -35.44 -36.19
C THR G 321 31.69 -36.92 -35.90
N ALA G 322 31.59 -37.28 -34.63
CA ALA G 322 31.79 -38.67 -34.23
C ALA G 322 30.66 -39.51 -34.81
N ALA G 323 29.45 -38.96 -34.83
CA ALA G 323 28.29 -39.68 -35.36
C ALA G 323 28.45 -39.98 -36.85
N TYR G 324 28.96 -39.02 -37.62
CA TYR G 324 29.16 -39.20 -39.06
C TYR G 324 30.14 -40.34 -39.37
N LYS G 325 31.26 -40.37 -38.66
CA LYS G 325 32.25 -41.41 -38.88
C LYS G 325 31.68 -42.75 -38.51
N ARG G 326 30.95 -42.79 -37.41
CA ARG G 326 30.35 -44.03 -36.92
C ARG G 326 29.30 -44.58 -37.89
N ALA G 327 28.52 -43.70 -38.51
CA ALA G 327 27.48 -44.14 -39.42
C ALA G 327 27.91 -44.26 -40.89
N LEU G 328 28.61 -43.24 -41.38
CA LEU G 328 29.05 -43.21 -42.76
C LEU G 328 30.40 -43.85 -43.00
N GLY G 329 31.17 -44.00 -41.94
CA GLY G 329 32.48 -44.59 -42.05
C GLY G 329 33.42 -43.72 -42.86
N GLU G 330 34.31 -44.38 -43.59
CA GLU G 330 35.30 -43.68 -44.40
C GLU G 330 34.69 -42.67 -45.36
N HIS G 331 33.42 -42.85 -45.70
CA HIS G 331 32.73 -41.96 -46.62
C HIS G 331 32.50 -40.57 -45.99
N ALA G 332 32.58 -40.52 -44.66
CA ALA G 332 32.41 -39.26 -43.94
C ALA G 332 33.53 -38.27 -44.27
N ARG G 333 34.73 -38.79 -44.51
CA ARG G 333 35.86 -37.93 -44.83
C ARG G 333 35.91 -37.58 -46.32
N ARG G 334 34.98 -38.16 -47.09
CA ARG G 334 34.91 -37.94 -48.53
C ARG G 334 33.65 -37.16 -48.94
N THR G 335 32.84 -36.79 -47.96
CA THR G 335 31.62 -36.06 -48.23
C THR G 335 31.62 -34.66 -47.60
N PRO G 336 31.22 -33.63 -48.37
CA PRO G 336 31.17 -32.24 -47.89
C PRO G 336 30.13 -32.11 -46.78
N VAL G 337 30.46 -31.31 -45.76
CA VAL G 337 29.57 -31.07 -44.64
C VAL G 337 29.56 -29.57 -44.38
N SER G 338 28.42 -29.02 -43.98
CA SER G 338 28.36 -27.60 -43.67
C SER G 338 27.15 -27.26 -42.79
N SER G 339 27.29 -26.22 -41.98
CA SER G 339 26.24 -25.77 -41.09
C SER G 339 25.78 -24.39 -41.53
N ILE G 340 24.49 -24.23 -41.85
CA ILE G 340 23.99 -22.94 -42.27
C ILE G 340 23.81 -22.02 -41.08
N LYS G 341 23.92 -22.58 -39.87
CA LYS G 341 23.76 -21.76 -38.66
C LYS G 341 24.89 -20.73 -38.55
N SER G 342 25.97 -20.97 -39.29
CA SER G 342 27.12 -20.06 -39.30
C SER G 342 26.68 -18.73 -39.89
N MET G 343 25.58 -18.75 -40.64
CA MET G 343 25.08 -17.55 -41.30
C MET G 343 23.73 -17.02 -40.80
N VAL G 344 22.74 -17.90 -40.61
CA VAL G 344 21.42 -17.52 -40.15
C VAL G 344 21.18 -17.80 -38.65
N GLY G 345 22.21 -18.25 -37.94
CA GLY G 345 22.07 -18.54 -36.54
C GLY G 345 21.31 -19.82 -36.22
N HIS G 346 21.01 -20.02 -34.94
CA HIS G 346 20.30 -21.21 -34.50
C HIS G 346 18.88 -20.81 -34.10
N SER G 347 17.93 -20.99 -35.02
CA SER G 347 16.56 -20.63 -34.69
C SER G 347 15.76 -21.73 -34.00
N LEU G 348 16.45 -22.58 -33.25
CA LEU G 348 15.82 -23.62 -32.47
C LEU G 348 14.88 -24.59 -33.22
N GLY G 349 13.59 -24.51 -32.94
CA GLY G 349 12.65 -25.40 -33.60
C GLY G 349 12.48 -25.14 -35.09
N ALA G 350 12.88 -23.95 -35.54
CA ALA G 350 12.71 -23.61 -36.94
C ALA G 350 13.89 -23.99 -37.83
N ILE G 351 15.10 -23.94 -37.28
CA ILE G 351 16.29 -24.22 -38.07
C ILE G 351 16.20 -25.53 -38.87
N GLY G 352 15.59 -26.56 -38.28
CA GLY G 352 15.45 -27.82 -38.98
C GLY G 352 14.75 -27.71 -40.32
N SER G 353 13.70 -26.89 -40.37
CA SER G 353 12.99 -26.73 -41.63
C SER G 353 13.77 -25.84 -42.56
N LEU G 354 14.46 -24.84 -42.00
CA LEU G 354 15.27 -23.96 -42.84
C LEU G 354 16.33 -24.81 -43.51
N GLU G 355 16.90 -25.76 -42.76
CA GLU G 355 17.92 -26.65 -43.32
C GLU G 355 17.37 -27.51 -44.46
N ILE G 356 16.13 -27.97 -44.31
CA ILE G 356 15.51 -28.78 -45.34
C ILE G 356 15.37 -27.91 -46.61
N ALA G 357 15.02 -26.65 -46.42
CA ALA G 357 14.86 -25.76 -47.57
C ALA G 357 16.22 -25.59 -48.26
N ALA G 358 17.25 -25.32 -47.47
CA ALA G 358 18.59 -25.15 -48.03
C ALA G 358 19.02 -26.42 -48.78
N CYS G 359 18.65 -27.58 -48.27
CA CYS G 359 19.02 -28.83 -48.94
C CYS G 359 18.33 -28.94 -50.30
N VAL G 360 17.05 -28.57 -50.33
CA VAL G 360 16.29 -28.62 -51.58
C VAL G 360 16.93 -27.69 -52.61
N LEU G 361 17.28 -26.48 -52.16
CA LEU G 361 17.89 -25.50 -53.05
C LEU G 361 19.26 -26.00 -53.52
N ALA G 362 19.98 -26.70 -52.64
CA ALA G 362 21.29 -27.23 -52.99
C ALA G 362 21.14 -28.26 -54.10
N LEU G 363 20.14 -29.13 -53.95
CA LEU G 363 19.86 -30.16 -54.94
C LEU G 363 19.51 -29.56 -56.30
N GLU G 364 18.83 -28.42 -56.26
CA GLU G 364 18.41 -27.74 -57.49
C GLU G 364 19.54 -27.01 -58.19
N HIS G 365 20.20 -26.11 -57.46
CA HIS G 365 21.29 -25.33 -58.04
C HIS G 365 22.65 -25.99 -58.01
N GLY G 366 22.71 -27.22 -57.55
CA GLY G 366 23.97 -27.94 -57.49
C GLY G 366 25.10 -27.15 -56.83
N VAL G 367 24.83 -26.55 -55.68
CA VAL G 367 25.84 -25.79 -54.95
C VAL G 367 25.77 -26.12 -53.47
N VAL G 368 26.94 -26.28 -52.85
CA VAL G 368 27.02 -26.60 -51.44
C VAL G 368 27.32 -25.36 -50.60
N PRO G 369 26.41 -24.99 -49.69
CA PRO G 369 26.66 -23.80 -48.85
C PRO G 369 27.88 -24.02 -47.98
N PRO G 370 28.63 -22.95 -47.70
CA PRO G 370 29.82 -23.12 -46.86
C PRO G 370 29.52 -22.86 -45.38
N THR G 371 30.49 -23.21 -44.54
CA THR G 371 30.35 -22.96 -43.11
C THR G 371 31.15 -21.67 -42.90
N ALA G 372 30.44 -20.56 -42.78
CA ALA G 372 31.08 -19.26 -42.59
C ALA G 372 31.80 -19.18 -41.25
N ASN G 373 32.83 -18.32 -41.22
CA ASN G 373 33.62 -18.08 -40.01
C ASN G 373 34.49 -19.23 -39.56
N LEU G 374 34.74 -20.19 -40.44
CA LEU G 374 35.57 -21.32 -40.05
C LEU G 374 37.00 -21.02 -40.50
N ARG G 375 37.79 -20.45 -39.59
CA ARG G 375 39.17 -20.09 -39.89
C ARG G 375 40.21 -20.90 -39.12
N THR G 376 39.83 -21.47 -37.99
CA THR G 376 40.75 -22.26 -37.20
C THR G 376 40.19 -23.66 -37.07
N SER G 377 40.95 -24.64 -37.53
CA SER G 377 40.50 -26.02 -37.47
C SER G 377 40.52 -26.56 -36.05
N ASP G 378 39.62 -27.49 -35.77
CA ASP G 378 39.54 -28.11 -34.45
C ASP G 378 39.90 -29.58 -34.65
N PRO G 379 40.88 -30.09 -33.90
CA PRO G 379 41.32 -31.49 -34.00
C PRO G 379 40.21 -32.52 -33.86
N GLU G 380 39.21 -32.23 -33.04
CA GLU G 380 38.10 -33.15 -32.83
C GLU G 380 37.02 -33.01 -33.89
N CYS G 381 37.19 -32.03 -34.76
CA CYS G 381 36.28 -31.81 -35.86
C CYS G 381 37.17 -31.80 -37.10
N ASP G 382 37.68 -32.98 -37.44
CA ASP G 382 38.57 -33.12 -38.58
C ASP G 382 37.95 -33.46 -39.93
N LEU G 383 36.65 -33.27 -40.08
CA LEU G 383 36.03 -33.56 -41.36
C LEU G 383 36.12 -32.34 -42.27
N ASP G 384 35.51 -32.42 -43.44
CA ASP G 384 35.53 -31.31 -44.38
C ASP G 384 34.23 -30.53 -44.25
N TYR G 385 34.30 -29.35 -43.63
CA TYR G 385 33.11 -28.54 -43.40
C TYR G 385 32.88 -27.40 -44.37
N VAL G 386 33.49 -27.50 -45.56
CA VAL G 386 33.35 -26.48 -46.59
C VAL G 386 33.49 -25.08 -46.03
N PRO G 387 34.65 -24.77 -45.44
CA PRO G 387 34.84 -23.44 -44.87
C PRO G 387 34.81 -22.24 -45.80
N LEU G 388 34.18 -21.18 -45.32
CA LEU G 388 34.09 -19.89 -46.00
C LEU G 388 33.54 -19.79 -47.41
N GLU G 389 34.03 -20.63 -48.31
CA GLU G 389 33.61 -20.55 -49.71
C GLU G 389 32.70 -21.67 -50.17
N ALA G 390 31.65 -21.28 -50.89
CA ALA G 390 30.69 -22.24 -51.41
C ALA G 390 31.37 -23.11 -52.48
N ARG G 391 30.85 -24.31 -52.70
CA ARG G 391 31.44 -25.18 -53.71
C ARG G 391 30.38 -25.64 -54.71
N GLU G 392 30.79 -25.67 -55.96
CA GLU G 392 29.92 -26.11 -57.03
C GLU G 392 30.04 -27.64 -57.02
N ARG G 393 28.92 -28.34 -56.89
CA ARG G 393 28.93 -29.80 -56.85
C ARG G 393 27.56 -30.34 -57.22
N LYS G 394 27.54 -31.46 -57.96
CA LYS G 394 26.27 -32.06 -58.37
C LYS G 394 25.69 -32.92 -57.25
N LEU G 395 24.58 -32.46 -56.69
CA LEU G 395 23.94 -33.18 -55.59
C LEU G 395 22.74 -34.00 -56.04
N ARG G 396 22.74 -35.28 -55.68
CA ARG G 396 21.62 -36.17 -56.00
C ARG G 396 20.86 -36.57 -54.74
N SER G 397 21.60 -36.97 -53.72
CA SER G 397 21.01 -37.38 -52.44
C SER G 397 21.75 -36.67 -51.30
N VAL G 398 21.01 -36.02 -50.41
CA VAL G 398 21.62 -35.31 -49.29
C VAL G 398 21.08 -35.78 -47.95
N LEU G 399 21.87 -35.57 -46.91
CA LEU G 399 21.49 -35.96 -45.55
C LEU G 399 21.49 -34.71 -44.69
N THR G 400 20.52 -34.61 -43.79
CA THR G 400 20.45 -33.48 -42.89
C THR G 400 20.06 -34.06 -41.53
N VAL G 401 20.73 -33.60 -40.48
CA VAL G 401 20.48 -34.06 -39.13
C VAL G 401 20.25 -32.91 -38.17
N GLY G 402 19.83 -33.23 -36.95
CA GLY G 402 19.59 -32.21 -35.96
C GLY G 402 19.56 -32.83 -34.59
N SER G 403 19.92 -32.05 -33.57
CA SER G 403 19.90 -32.55 -32.19
C SER G 403 19.21 -31.48 -31.36
N GLY G 404 18.42 -31.89 -30.38
CA GLY G 404 17.73 -30.92 -29.56
C GLY G 404 17.63 -31.31 -28.08
N PHE G 405 17.40 -30.34 -27.21
CA PHE G 405 17.29 -30.63 -25.79
C PHE G 405 16.26 -31.76 -25.58
N GLY G 406 16.54 -32.63 -24.62
CA GLY G 406 15.65 -33.75 -24.37
C GLY G 406 16.34 -35.04 -24.83
N GLY G 407 17.36 -34.88 -25.66
CA GLY G 407 18.11 -36.02 -26.16
C GLY G 407 17.73 -36.46 -27.57
N PHE G 408 16.87 -35.67 -28.20
CA PHE G 408 16.38 -35.94 -29.56
C PHE G 408 17.48 -35.88 -30.61
N GLN G 409 17.49 -36.87 -31.48
CA GLN G 409 18.43 -36.97 -32.59
C GLN G 409 17.58 -37.31 -33.81
N SER G 410 17.61 -36.48 -34.84
CA SER G 410 16.81 -36.73 -36.04
C SER G 410 17.62 -36.60 -37.32
N ALA G 411 17.26 -37.41 -38.32
CA ALA G 411 17.94 -37.40 -39.59
C ALA G 411 16.96 -37.58 -40.73
N MET G 412 17.21 -36.88 -41.83
CA MET G 412 16.34 -36.98 -42.98
C MET G 412 17.18 -37.08 -44.25
N VAL G 413 16.71 -37.88 -45.20
CA VAL G 413 17.40 -38.04 -46.48
C VAL G 413 16.49 -37.48 -47.58
N LEU G 414 17.07 -36.65 -48.46
CA LEU G 414 16.32 -36.06 -49.57
C LEU G 414 17.04 -36.32 -50.88
N ARG G 415 16.28 -36.47 -51.97
CA ARG G 415 16.89 -36.74 -53.28
C ARG G 415 16.14 -35.97 -54.37
N ASP G 416 16.82 -35.70 -55.49
CA ASP G 416 16.18 -34.96 -56.57
C ASP G 416 15.18 -35.83 -57.34
N ALA G 417 14.41 -35.18 -58.20
CA ALA G 417 13.41 -35.87 -59.01
C ALA G 417 14.05 -37.00 -59.81
N GLU G 418 15.16 -36.68 -60.48
CA GLU G 418 15.88 -37.67 -61.29
C GLU G 418 16.19 -38.93 -60.48
N THR G 419 16.93 -38.78 -59.39
CA THR G 419 17.29 -39.92 -58.55
C THR G 419 16.02 -40.64 -58.07
N ALA G 420 14.95 -39.88 -57.86
CA ALA G 420 13.69 -40.44 -57.40
C ALA G 420 13.07 -41.35 -58.46
N GLY G 421 13.04 -40.86 -59.69
CA GLY G 421 12.48 -41.62 -60.78
C GLY G 421 13.24 -42.90 -61.07
N ALA G 422 14.53 -42.92 -60.73
CA ALA G 422 15.36 -44.09 -60.97
C ALA G 422 15.35 -45.05 -59.78
N ALA G 423 14.69 -44.65 -58.70
CA ALA G 423 14.58 -45.46 -57.49
C ALA G 423 13.61 -46.62 -57.69
N SER H 10 -1.86 -55.21 -33.94
CA SER H 10 -2.67 -55.05 -32.69
C SER H 10 -1.92 -54.39 -31.53
N VAL H 11 -2.26 -53.15 -31.22
CA VAL H 11 -1.62 -52.41 -30.13
C VAL H 11 -2.41 -52.50 -28.82
N LEU H 12 -1.80 -53.10 -27.81
CA LEU H 12 -2.44 -53.26 -26.51
C LEU H 12 -1.99 -52.23 -25.46
N ILE H 13 -2.89 -51.93 -24.54
CA ILE H 13 -2.58 -51.02 -23.43
C ILE H 13 -2.26 -52.02 -22.33
N THR H 14 -0.98 -52.11 -21.94
CA THR H 14 -0.62 -53.08 -20.89
C THR H 14 -0.41 -52.49 -19.50
N GLY H 15 -0.22 -51.18 -19.42
CA GLY H 15 0.00 -50.55 -18.13
C GLY H 15 -0.52 -49.13 -18.12
N VAL H 16 -1.03 -48.68 -16.98
CA VAL H 16 -1.53 -47.32 -16.87
C VAL H 16 -1.07 -46.69 -15.58
N GLY H 17 -0.85 -45.38 -15.62
CA GLY H 17 -0.45 -44.64 -14.46
C GLY H 17 -1.33 -43.41 -14.41
N VAL H 18 -2.04 -43.19 -13.30
CA VAL H 18 -2.89 -42.02 -13.23
C VAL H 18 -2.64 -41.14 -12.02
N VAL H 19 -2.66 -39.83 -12.28
CA VAL H 19 -2.45 -38.81 -11.26
C VAL H 19 -3.61 -37.85 -11.51
N ALA H 20 -4.61 -37.91 -10.63
CA ALA H 20 -5.82 -37.11 -10.77
C ALA H 20 -6.23 -36.37 -9.52
N PRO H 21 -7.03 -35.29 -9.67
CA PRO H 21 -7.48 -34.50 -8.51
C PRO H 21 -8.25 -35.33 -7.50
N ASN H 22 -8.97 -36.35 -7.96
CA ASN H 22 -9.74 -37.21 -7.07
C ASN H 22 -9.09 -38.58 -6.87
N GLY H 23 -7.82 -38.71 -7.22
CA GLY H 23 -7.15 -39.98 -7.03
C GLY H 23 -5.72 -40.08 -7.51
N LEU H 24 -4.79 -40.20 -6.57
CA LEU H 24 -3.37 -40.31 -6.89
C LEU H 24 -3.09 -41.80 -7.09
N GLY H 25 -3.23 -42.24 -8.32
CA GLY H 25 -3.03 -43.65 -8.64
C GLY H 25 -4.34 -44.20 -9.16
N LEU H 26 -4.26 -45.29 -9.93
CA LEU H 26 -5.44 -45.92 -10.53
C LEU H 26 -6.53 -46.34 -9.54
N ALA H 27 -6.13 -47.08 -8.50
CA ALA H 27 -7.10 -47.56 -7.52
C ALA H 27 -7.92 -46.45 -6.87
N PRO H 28 -7.27 -45.44 -6.29
CA PRO H 28 -8.05 -44.35 -5.65
C PRO H 28 -8.90 -43.60 -6.68
N TYR H 29 -8.39 -43.48 -7.91
CA TYR H 29 -9.12 -42.77 -8.96
C TYR H 29 -10.38 -43.50 -9.38
N TRP H 30 -10.25 -44.78 -9.70
CA TRP H 30 -11.39 -45.57 -10.14
C TRP H 30 -12.45 -45.61 -9.04
N SER H 31 -12.02 -45.73 -7.80
CA SER H 31 -12.99 -45.76 -6.72
C SER H 31 -13.76 -44.43 -6.65
N ALA H 32 -13.06 -43.30 -6.77
CA ALA H 32 -13.77 -42.03 -6.70
C ALA H 32 -14.76 -41.90 -7.86
N VAL H 33 -14.30 -42.20 -9.07
CA VAL H 33 -15.15 -42.13 -10.25
C VAL H 33 -16.45 -42.92 -10.08
N LEU H 34 -16.35 -44.19 -9.71
CA LEU H 34 -17.54 -45.02 -9.53
C LEU H 34 -18.47 -44.51 -8.43
N ASP H 35 -17.91 -43.78 -7.46
CA ASP H 35 -18.72 -43.27 -6.37
C ASP H 35 -19.14 -41.83 -6.62
N GLY H 36 -18.71 -41.30 -7.75
CA GLY H 36 -19.06 -39.94 -8.09
C GLY H 36 -18.34 -38.91 -7.24
N ARG H 37 -17.23 -39.28 -6.60
CA ARG H 37 -16.49 -38.31 -5.79
C ARG H 37 -15.58 -37.48 -6.68
N HIS H 38 -15.78 -36.17 -6.70
CA HIS H 38 -14.93 -35.32 -7.53
C HIS H 38 -13.78 -34.73 -6.70
N GLY H 39 -12.78 -34.19 -7.39
CA GLY H 39 -11.64 -33.63 -6.69
C GLY H 39 -11.56 -32.13 -6.87
N LEU H 40 -12.72 -31.52 -7.12
CA LEU H 40 -12.82 -30.07 -7.35
C LEU H 40 -12.95 -29.27 -6.07
N GLY H 41 -12.43 -28.04 -6.09
CA GLY H 41 -12.50 -27.18 -4.93
C GLY H 41 -11.84 -25.84 -5.19
N PRO H 42 -11.87 -24.94 -4.20
CA PRO H 42 -11.24 -23.63 -4.42
C PRO H 42 -9.75 -23.80 -4.68
N VAL H 43 -9.18 -22.96 -5.50
CA VAL H 43 -7.76 -23.04 -5.75
C VAL H 43 -7.09 -22.54 -4.49
N THR H 44 -6.04 -23.23 -4.06
CA THR H 44 -5.32 -22.84 -2.84
C THR H 44 -3.83 -22.57 -3.09
N ARG H 45 -3.39 -22.65 -4.34
CA ARG H 45 -1.99 -22.41 -4.72
C ARG H 45 -1.61 -20.94 -4.58
N PHE H 46 -2.61 -20.08 -4.51
CA PHE H 46 -2.41 -18.64 -4.38
C PHE H 46 -3.77 -18.08 -4.01
N ASP H 47 -3.83 -16.78 -3.78
CA ASP H 47 -5.10 -16.17 -3.41
C ASP H 47 -6.01 -15.98 -4.63
N VAL H 48 -6.90 -16.94 -4.89
CA VAL H 48 -7.79 -16.84 -6.04
C VAL H 48 -8.97 -15.92 -5.90
N SER H 49 -9.34 -15.63 -4.65
CA SER H 49 -10.49 -14.78 -4.37
C SER H 49 -10.49 -13.48 -5.15
N ARG H 50 -9.33 -13.06 -5.64
CA ARG H 50 -9.25 -11.82 -6.38
C ARG H 50 -9.52 -11.97 -7.89
N TYR H 51 -9.80 -13.19 -8.34
CA TYR H 51 -10.10 -13.45 -9.74
C TYR H 51 -11.55 -13.95 -9.87
N PRO H 52 -12.15 -13.84 -11.07
CA PRO H 52 -13.52 -14.27 -11.36
C PRO H 52 -13.74 -15.77 -11.16
N ALA H 53 -12.75 -16.56 -11.59
CA ALA H 53 -12.83 -18.01 -11.49
C ALA H 53 -12.04 -18.46 -10.27
N THR H 54 -12.65 -19.33 -9.47
CA THR H 54 -12.03 -19.81 -8.24
C THR H 54 -11.90 -21.34 -8.09
N LEU H 55 -12.64 -22.11 -8.87
CA LEU H 55 -12.60 -23.56 -8.74
C LEU H 55 -11.65 -24.28 -9.69
N ALA H 56 -11.01 -25.34 -9.20
CA ALA H 56 -10.12 -26.12 -10.04
C ALA H 56 -9.95 -27.51 -9.46
N GLY H 57 -9.43 -28.42 -10.27
CA GLY H 57 -9.19 -29.77 -9.81
C GLY H 57 -7.74 -29.83 -9.39
N GLN H 58 -7.48 -29.73 -8.09
CA GLN H 58 -6.11 -29.77 -7.57
C GLN H 58 -5.77 -31.14 -6.97
N ILE H 59 -4.53 -31.57 -7.19
CA ILE H 59 -4.07 -32.82 -6.60
C ILE H 59 -3.40 -32.32 -5.31
N ASP H 60 -3.99 -32.65 -4.17
CA ASP H 60 -3.47 -32.19 -2.88
C ASP H 60 -2.78 -33.24 -2.03
N ASP H 61 -2.53 -34.41 -2.58
CA ASP H 61 -1.89 -35.44 -1.78
C ASP H 61 -0.63 -35.96 -2.45
N PHE H 62 -0.02 -35.10 -3.25
CA PHE H 62 1.19 -35.45 -3.96
C PHE H 62 2.35 -34.58 -3.46
N HIS H 63 3.31 -35.22 -2.83
CA HIS H 63 4.48 -34.52 -2.35
C HIS H 63 5.65 -35.06 -3.16
N ALA H 64 6.01 -34.33 -4.21
CA ALA H 64 7.08 -34.76 -5.11
C ALA H 64 8.29 -35.39 -4.44
N PRO H 65 8.79 -34.79 -3.34
CA PRO H 65 9.96 -35.37 -2.67
C PRO H 65 9.80 -36.85 -2.31
N ASP H 66 8.57 -37.32 -2.17
CA ASP H 66 8.39 -38.74 -1.85
C ASP H 66 8.28 -39.64 -3.06
N HIS H 67 8.13 -39.06 -4.25
CA HIS H 67 7.98 -39.85 -5.47
C HIS H 67 9.11 -39.62 -6.48
N ILE H 68 9.62 -38.40 -6.50
CA ILE H 68 10.68 -38.00 -7.43
C ILE H 68 12.05 -37.91 -6.73
N PRO H 69 13.12 -38.38 -7.40
CA PRO H 69 14.49 -38.34 -6.85
C PRO H 69 14.89 -36.90 -6.55
N GLY H 70 15.72 -36.71 -5.53
CA GLY H 70 16.14 -35.37 -5.18
C GLY H 70 16.82 -34.62 -6.30
N ARG H 71 17.57 -35.34 -7.12
CA ARG H 71 18.27 -34.72 -8.23
C ARG H 71 17.33 -34.03 -9.21
N LEU H 72 16.14 -34.60 -9.41
CA LEU H 72 15.17 -34.06 -10.36
C LEU H 72 14.29 -32.92 -9.85
N LEU H 73 14.08 -32.85 -8.53
CA LEU H 73 13.23 -31.81 -7.93
C LEU H 73 13.54 -30.37 -8.38
N PRO H 74 14.82 -29.96 -8.33
CA PRO H 74 15.22 -28.61 -8.74
C PRO H 74 14.93 -28.24 -10.19
N GLN H 75 15.01 -29.22 -11.07
CA GLN H 75 14.82 -28.99 -12.50
C GLN H 75 13.48 -29.40 -13.08
N THR H 76 12.50 -29.70 -12.25
CA THR H 76 11.20 -30.13 -12.75
C THR H 76 10.00 -29.32 -12.24
N ASP H 77 9.10 -29.03 -13.17
CA ASP H 77 7.86 -28.29 -12.93
C ASP H 77 6.86 -29.25 -12.26
N PRO H 78 5.78 -28.73 -11.65
CA PRO H 78 4.82 -29.65 -11.02
C PRO H 78 4.24 -30.67 -12.02
N SER H 79 4.00 -30.24 -13.26
CA SER H 79 3.45 -31.13 -14.27
C SER H 79 4.36 -32.31 -14.62
N THR H 80 5.65 -32.03 -14.77
CA THR H 80 6.65 -33.04 -15.10
C THR H 80 6.78 -34.08 -13.98
N ARG H 81 6.76 -33.61 -12.74
CA ARG H 81 6.86 -34.52 -11.59
C ARG H 81 5.71 -35.49 -11.61
N LEU H 82 4.51 -34.98 -11.90
CA LEU H 82 3.32 -35.83 -11.98
C LEU H 82 3.46 -36.84 -13.12
N ALA H 83 3.95 -36.36 -14.26
CA ALA H 83 4.16 -37.19 -15.45
C ALA H 83 5.14 -38.34 -15.15
N LEU H 84 6.30 -37.99 -14.58
CA LEU H 84 7.29 -38.99 -14.23
C LEU H 84 6.70 -40.03 -13.28
N THR H 85 6.00 -39.57 -12.25
CA THR H 85 5.39 -40.46 -11.27
C THR H 85 4.41 -41.37 -12.01
N ALA H 86 3.57 -40.76 -12.83
CA ALA H 86 2.60 -41.52 -13.60
C ALA H 86 3.29 -42.50 -14.54
N ALA H 87 4.36 -42.07 -15.21
CA ALA H 87 5.07 -42.96 -16.14
C ALA H 87 5.64 -44.18 -15.42
N ASP H 88 6.26 -43.93 -14.26
CA ASP H 88 6.86 -45.01 -13.48
C ASP H 88 5.81 -46.04 -13.05
N TRP H 89 4.64 -45.55 -12.64
CA TRP H 89 3.57 -46.44 -12.24
C TRP H 89 3.07 -47.25 -13.41
N ALA H 90 3.05 -46.65 -14.60
CA ALA H 90 2.56 -47.36 -15.77
C ALA H 90 3.49 -48.49 -16.17
N LEU H 91 4.80 -48.29 -16.02
CA LEU H 91 5.75 -49.32 -16.39
C LEU H 91 5.70 -50.48 -15.42
N GLN H 92 5.58 -50.20 -14.12
CA GLN H 92 5.52 -51.32 -13.21
C GLN H 92 4.15 -52.00 -13.27
N ASP H 93 3.11 -51.23 -13.58
CA ASP H 93 1.77 -51.82 -13.69
C ASP H 93 1.80 -52.85 -14.83
N ALA H 94 2.57 -52.56 -15.86
CA ALA H 94 2.68 -53.45 -17.00
C ALA H 94 3.76 -54.51 -16.79
N LYS H 95 4.45 -54.45 -15.67
CA LYS H 95 5.52 -55.41 -15.39
C LYS H 95 6.58 -55.29 -16.48
N ALA H 96 6.85 -54.07 -16.93
CA ALA H 96 7.85 -53.86 -17.97
C ALA H 96 9.08 -53.18 -17.37
N ASP H 97 10.21 -53.88 -17.41
CA ASP H 97 11.47 -53.34 -16.88
C ASP H 97 12.33 -52.80 -18.01
N PRO H 98 12.46 -51.47 -18.08
CA PRO H 98 13.25 -50.83 -19.12
C PRO H 98 14.69 -51.37 -19.20
N GLU H 99 15.30 -51.64 -18.06
CA GLU H 99 16.66 -52.16 -18.05
C GLU H 99 16.76 -53.54 -18.65
N SER H 100 15.65 -54.27 -18.65
CA SER H 100 15.63 -55.59 -19.20
C SER H 100 15.19 -55.61 -20.67
N LEU H 101 14.98 -54.43 -21.25
CA LEU H 101 14.57 -54.32 -22.64
C LEU H 101 15.60 -53.54 -23.47
N THR H 102 15.53 -53.72 -24.78
CA THR H 102 16.43 -53.06 -25.72
C THR H 102 16.08 -51.58 -25.84
N ASP H 103 17.01 -50.72 -25.42
CA ASP H 103 16.79 -49.28 -25.46
C ASP H 103 16.08 -48.77 -26.72
N TYR H 104 16.57 -49.15 -27.89
CA TYR H 104 15.95 -48.69 -29.12
C TYR H 104 14.53 -49.20 -29.34
N ASP H 105 14.13 -50.20 -28.57
CA ASP H 105 12.78 -50.75 -28.75
C ASP H 105 11.73 -50.04 -27.89
N MET H 106 12.11 -48.96 -27.21
CA MET H 106 11.17 -48.22 -26.37
C MET H 106 11.12 -46.74 -26.70
N GLY H 107 9.95 -46.27 -27.14
CA GLY H 107 9.81 -44.87 -27.46
C GLY H 107 8.92 -44.18 -26.43
N VAL H 108 8.83 -42.86 -26.51
CA VAL H 108 8.00 -42.09 -25.59
C VAL H 108 7.28 -41.02 -26.40
N VAL H 109 5.95 -41.02 -26.38
CA VAL H 109 5.19 -40.02 -27.11
C VAL H 109 4.22 -39.34 -26.16
N THR H 110 4.40 -38.04 -25.91
CA THR H 110 3.52 -37.33 -25.00
C THR H 110 2.89 -36.12 -25.67
N ALA H 111 1.91 -35.53 -24.99
CA ALA H 111 1.28 -34.31 -25.49
C ALA H 111 1.44 -33.35 -24.32
N ASN H 112 1.53 -32.07 -24.61
CA ASN H 112 1.68 -31.05 -23.57
C ASN H 112 0.87 -29.85 -24.05
N ALA H 113 0.28 -29.11 -23.12
CA ALA H 113 -0.51 -27.94 -23.51
C ALA H 113 0.12 -26.64 -23.01
N CYS H 114 0.38 -26.60 -21.71
CA CYS H 114 0.93 -25.43 -21.04
C CYS H 114 2.43 -25.50 -20.79
N GLY H 115 3.00 -26.70 -20.84
CA GLY H 115 4.43 -26.82 -20.58
C GLY H 115 4.65 -26.70 -19.08
N GLY H 116 5.87 -26.40 -18.67
CA GLY H 116 6.11 -26.25 -17.24
C GLY H 116 5.91 -24.78 -16.94
N PHE H 117 4.65 -24.36 -16.93
CA PHE H 117 4.32 -22.97 -16.72
C PHE H 117 4.59 -22.34 -15.36
N ASP H 118 4.32 -23.06 -14.27
CA ASP H 118 4.57 -22.53 -12.94
C ASP H 118 6.05 -22.16 -12.85
N PHE H 119 6.89 -23.08 -13.33
CA PHE H 119 8.32 -22.90 -13.33
C PHE H 119 8.73 -21.70 -14.20
N THR H 120 8.23 -21.63 -15.43
CA THR H 120 8.63 -20.51 -16.28
C THR H 120 8.12 -19.18 -15.70
N HIS H 121 6.95 -19.18 -15.07
CA HIS H 121 6.44 -17.92 -14.49
C HIS H 121 7.39 -17.41 -13.40
N ARG H 122 7.90 -18.32 -12.57
CA ARG H 122 8.83 -17.90 -11.52
C ARG H 122 10.13 -17.37 -12.13
N GLU H 123 10.54 -17.94 -13.27
CA GLU H 123 11.77 -17.49 -13.90
C GLU H 123 11.57 -16.12 -14.52
N PHE H 124 10.38 -15.89 -15.09
CA PHE H 124 10.07 -14.60 -15.69
C PHE H 124 10.15 -13.54 -14.60
N ARG H 125 9.56 -13.85 -13.45
CA ARG H 125 9.56 -12.91 -12.34
C ARG H 125 10.96 -12.59 -11.82
N LYS H 126 11.83 -13.59 -11.77
CA LYS H 126 13.19 -13.40 -11.29
C LYS H 126 13.99 -12.53 -12.23
N LEU H 127 13.79 -12.77 -13.52
CA LEU H 127 14.48 -12.03 -14.57
C LEU H 127 14.16 -10.54 -14.52
N TRP H 128 12.89 -10.20 -14.42
CA TRP H 128 12.52 -8.79 -14.39
C TRP H 128 12.55 -8.17 -13.03
N SER H 129 12.71 -8.99 -12.00
CA SER H 129 12.74 -8.48 -10.64
C SER H 129 14.17 -8.18 -10.23
N GLU H 130 15.07 -9.11 -10.51
CA GLU H 130 16.46 -8.94 -10.15
C GLU H 130 17.35 -8.75 -11.37
N GLY H 131 17.19 -9.63 -12.35
CA GLY H 131 18.00 -9.55 -13.55
C GLY H 131 18.27 -10.92 -14.12
N PRO H 132 18.74 -11.00 -15.36
CA PRO H 132 19.02 -12.29 -16.01
C PRO H 132 19.96 -13.25 -15.28
N LYS H 133 20.81 -12.73 -14.39
CA LYS H 133 21.74 -13.59 -13.70
C LYS H 133 21.07 -14.47 -12.64
N SER H 134 19.83 -14.15 -12.27
CA SER H 134 19.19 -14.97 -11.27
C SER H 134 18.38 -16.10 -11.91
N VAL H 135 18.38 -16.17 -13.24
CA VAL H 135 17.63 -17.21 -13.96
C VAL H 135 18.26 -18.61 -13.76
N SER H 136 17.41 -19.58 -13.47
CA SER H 136 17.79 -20.97 -13.22
C SER H 136 18.52 -21.64 -14.38
N VAL H 137 19.45 -22.53 -14.08
CA VAL H 137 20.16 -23.24 -15.15
C VAL H 137 19.25 -24.33 -15.71
N TYR H 138 18.02 -24.41 -15.22
CA TYR H 138 17.10 -25.43 -15.70
C TYR H 138 15.96 -24.86 -16.55
N GLU H 139 15.84 -23.54 -16.54
CA GLU H 139 14.80 -22.84 -17.29
C GLU H 139 14.90 -23.18 -18.77
N SER H 140 16.12 -23.52 -19.19
CA SER H 140 16.38 -23.86 -20.59
C SER H 140 15.63 -25.10 -21.08
N PHE H 141 15.19 -25.96 -20.15
CA PHE H 141 14.46 -27.16 -20.55
C PHE H 141 13.32 -27.57 -19.63
N ALA H 142 13.12 -26.86 -18.52
CA ALA H 142 12.05 -27.21 -17.60
C ALA H 142 10.68 -26.72 -18.07
N TRP H 143 10.68 -25.79 -19.01
CA TRP H 143 9.42 -25.22 -19.49
C TRP H 143 8.90 -25.76 -20.83
N PHE H 144 9.75 -25.74 -21.86
CA PHE H 144 9.37 -26.18 -23.20
C PHE H 144 8.52 -27.46 -23.27
N TYR H 145 7.58 -27.47 -24.21
CA TYR H 145 6.61 -28.57 -24.38
C TYR H 145 7.17 -29.98 -24.57
N ALA H 146 8.44 -30.10 -24.94
CA ALA H 146 9.00 -31.44 -25.08
C ALA H 146 9.53 -32.01 -23.77
N VAL H 147 9.50 -31.22 -22.71
CA VAL H 147 10.06 -31.64 -21.41
C VAL H 147 9.66 -33.00 -20.85
N ASN H 148 8.38 -33.38 -20.91
CA ASN H 148 8.01 -34.66 -20.33
C ASN H 148 8.53 -35.86 -21.14
N THR H 149 8.56 -35.71 -22.46
CA THR H 149 9.10 -36.79 -23.27
C THR H 149 10.58 -37.01 -22.95
N GLY H 150 11.35 -35.92 -22.95
CA GLY H 150 12.77 -36.05 -22.64
C GLY H 150 13.07 -36.62 -21.26
N GLN H 151 12.40 -36.11 -20.23
CA GLN H 151 12.63 -36.59 -18.87
C GLN H 151 12.22 -38.06 -18.71
N ILE H 152 11.09 -38.46 -19.30
CA ILE H 152 10.70 -39.86 -19.18
C ILE H 152 11.75 -40.73 -19.89
N SER H 153 12.10 -40.35 -21.12
CA SER H 153 13.10 -41.07 -21.90
C SER H 153 14.40 -41.27 -21.13
N ILE H 154 14.96 -40.18 -20.61
CA ILE H 154 16.22 -40.28 -19.85
C ILE H 154 16.09 -41.13 -18.58
N ARG H 155 15.00 -40.95 -17.85
CA ARG H 155 14.84 -41.72 -16.63
C ARG H 155 14.77 -43.24 -16.83
N HIS H 156 14.17 -43.70 -17.92
CA HIS H 156 14.06 -45.13 -18.17
C HIS H 156 14.94 -45.69 -19.28
N GLY H 157 15.89 -44.89 -19.76
CA GLY H 157 16.79 -45.35 -20.80
C GLY H 157 16.07 -45.76 -22.08
N MET H 158 15.06 -44.99 -22.46
CA MET H 158 14.30 -45.28 -23.68
C MET H 158 14.88 -44.47 -24.82
N ARG H 159 15.44 -45.15 -25.82
CA ARG H 159 16.06 -44.46 -26.94
C ARG H 159 15.37 -44.60 -28.28
N GLY H 160 14.18 -45.20 -28.30
CA GLY H 160 13.47 -45.35 -29.55
C GLY H 160 12.83 -44.06 -30.01
N PRO H 161 12.26 -44.03 -31.23
CA PRO H 161 11.62 -42.84 -31.77
C PRO H 161 10.62 -42.29 -30.76
N SER H 162 10.69 -40.99 -30.50
CA SER H 162 9.81 -40.34 -29.54
C SER H 162 9.36 -38.99 -30.10
N SER H 163 8.39 -38.36 -29.42
CA SER H 163 7.92 -37.05 -29.87
C SER H 163 7.10 -36.35 -28.78
N ALA H 164 6.69 -35.12 -29.09
CA ALA H 164 5.86 -34.34 -28.18
C ALA H 164 4.96 -33.51 -29.05
N LEU H 165 3.66 -33.54 -28.77
CA LEU H 165 2.67 -32.82 -29.54
C LEU H 165 1.92 -31.79 -28.70
N VAL H 166 1.34 -30.82 -29.40
CA VAL H 166 0.57 -29.75 -28.76
C VAL H 166 -0.67 -29.52 -29.62
N ALA H 167 -1.84 -29.64 -29.00
CA ALA H 167 -3.15 -29.49 -29.65
C ALA H 167 -4.20 -29.40 -28.52
N GLU H 168 -3.87 -28.58 -27.53
CA GLU H 168 -4.70 -28.37 -26.34
C GLU H 168 -5.28 -29.70 -25.85
N GLN H 169 -6.58 -29.75 -25.53
CA GLN H 169 -7.12 -31.02 -25.02
C GLN H 169 -7.22 -32.16 -26.02
N ALA H 170 -7.07 -31.87 -27.31
CA ALA H 170 -7.16 -32.93 -28.30
C ALA H 170 -5.83 -33.68 -28.32
N GLY H 171 -4.77 -32.95 -27.99
CA GLY H 171 -3.42 -33.48 -28.01
C GLY H 171 -3.15 -34.85 -27.43
N GLY H 172 -3.58 -35.08 -26.19
CA GLY H 172 -3.37 -36.35 -25.52
C GLY H 172 -3.92 -37.56 -26.25
N LEU H 173 -5.08 -37.42 -26.88
CA LEU H 173 -5.64 -38.53 -27.63
C LEU H 173 -4.74 -38.68 -28.87
N ASP H 174 -4.35 -37.55 -29.46
CA ASP H 174 -3.46 -37.58 -30.63
C ASP H 174 -2.12 -38.29 -30.36
N ALA H 175 -1.56 -38.12 -29.17
CA ALA H 175 -0.28 -38.76 -28.86
C ALA H 175 -0.47 -40.27 -28.83
N LEU H 176 -1.55 -40.71 -28.21
CA LEU H 176 -1.84 -42.13 -28.16
C LEU H 176 -1.88 -42.67 -29.58
N GLY H 177 -2.55 -41.92 -30.46
CA GLY H 177 -2.63 -42.32 -31.86
C GLY H 177 -1.27 -42.32 -32.53
N HIS H 178 -0.46 -41.32 -32.20
CA HIS H 178 0.89 -41.20 -32.75
C HIS H 178 1.71 -42.40 -32.23
N ALA H 179 1.52 -42.75 -30.97
CA ALA H 179 2.26 -43.87 -30.40
C ALA H 179 1.88 -45.17 -31.14
N ARG H 180 0.60 -45.33 -31.41
CA ARG H 180 0.11 -46.51 -32.11
C ARG H 180 0.82 -46.64 -33.43
N ARG H 181 0.93 -45.52 -34.15
CA ARG H 181 1.61 -45.54 -35.44
C ARG H 181 3.06 -46.00 -35.27
N THR H 182 3.75 -45.42 -34.29
CA THR H 182 5.14 -45.77 -34.04
C THR H 182 5.32 -47.27 -33.78
N ILE H 183 4.45 -47.83 -32.97
CA ILE H 183 4.52 -49.26 -32.68
C ILE H 183 4.35 -50.08 -33.95
N ARG H 184 3.37 -49.71 -34.77
CA ARG H 184 3.13 -50.43 -36.00
C ARG H 184 4.28 -50.31 -37.01
N ARG H 185 5.14 -49.33 -36.81
CA ARG H 185 6.28 -49.16 -37.71
C ARG H 185 7.53 -49.89 -37.24
N GLY H 186 7.54 -50.39 -36.01
CA GLY H 186 8.71 -51.12 -35.54
C GLY H 186 9.15 -51.01 -34.09
N THR H 187 8.65 -50.03 -33.36
CA THR H 187 9.04 -49.88 -31.96
C THR H 187 8.02 -50.66 -31.13
N PRO H 188 8.44 -51.80 -30.54
CA PRO H 188 7.62 -52.71 -29.72
C PRO H 188 6.88 -52.11 -28.55
N LEU H 189 7.48 -51.13 -27.89
CA LEU H 189 6.85 -50.53 -26.73
C LEU H 189 7.02 -49.02 -26.75
N VAL H 190 5.93 -48.33 -26.42
CA VAL H 190 5.89 -46.88 -26.37
C VAL H 190 5.11 -46.40 -25.15
N VAL H 191 5.73 -45.54 -24.35
CA VAL H 191 5.11 -44.95 -23.16
C VAL H 191 4.48 -43.64 -23.68
N SER H 192 3.17 -43.52 -23.59
CA SER H 192 2.51 -42.35 -24.12
C SER H 192 1.41 -41.83 -23.20
N GLY H 193 1.12 -40.54 -23.32
CA GLY H 193 0.08 -39.97 -22.49
C GLY H 193 0.31 -38.48 -22.36
N GLY H 194 -0.09 -37.93 -21.23
CA GLY H 194 0.09 -36.52 -21.03
C GLY H 194 -0.37 -36.07 -19.67
N VAL H 195 0.21 -34.97 -19.22
CA VAL H 195 -0.11 -34.36 -17.94
C VAL H 195 0.05 -32.85 -18.11
N ASP H 196 -0.81 -32.09 -17.48
CA ASP H 196 -0.70 -30.64 -17.54
C ASP H 196 -0.98 -30.09 -16.18
N SER H 197 -0.55 -28.86 -15.95
CA SER H 197 -0.77 -28.18 -14.70
C SER H 197 -0.38 -26.73 -14.91
N ALA H 198 -1.30 -25.83 -14.59
CA ALA H 198 -1.00 -24.42 -14.73
C ALA H 198 -1.82 -23.76 -13.63
N LEU H 199 -1.45 -24.05 -12.39
CA LEU H 199 -2.15 -23.52 -11.23
C LEU H 199 -1.45 -22.38 -10.49
N ASP H 200 -0.72 -21.54 -11.23
CA ASP H 200 -0.04 -20.39 -10.64
C ASP H 200 -0.91 -19.21 -11.06
N PRO H 201 -0.68 -18.02 -10.49
CA PRO H 201 -1.50 -16.85 -10.85
C PRO H 201 -1.62 -16.54 -12.36
N TRP H 202 -0.50 -16.54 -13.07
CA TRP H 202 -0.46 -16.26 -14.51
C TRP H 202 -1.11 -17.38 -15.35
N GLY H 203 -0.80 -18.63 -15.01
CA GLY H 203 -1.41 -19.74 -15.73
C GLY H 203 -2.92 -19.72 -15.52
N TRP H 204 -3.34 -19.26 -14.35
CA TRP H 204 -4.75 -19.20 -14.01
C TRP H 204 -5.49 -18.12 -14.78
N VAL H 205 -4.91 -16.92 -14.83
CA VAL H 205 -5.53 -15.81 -15.53
C VAL H 205 -5.50 -16.11 -17.04
N SER H 206 -4.49 -16.85 -17.48
CA SER H 206 -4.41 -17.22 -18.90
C SER H 206 -5.58 -18.15 -19.22
N GLN H 207 -5.88 -19.08 -18.31
CA GLN H 207 -7.00 -19.99 -18.55
C GLN H 207 -8.31 -19.22 -18.58
N ILE H 208 -8.42 -18.20 -17.74
CA ILE H 208 -9.62 -17.37 -17.71
C ILE H 208 -9.77 -16.66 -19.07
N ALA H 209 -8.64 -16.26 -19.66
CA ALA H 209 -8.70 -15.58 -20.96
C ALA H 209 -9.34 -16.42 -22.07
N SER H 210 -9.53 -17.72 -21.85
CA SER H 210 -10.14 -18.60 -22.84
C SER H 210 -11.62 -18.26 -22.94
N GLY H 211 -12.12 -17.60 -21.91
CA GLY H 211 -13.52 -17.22 -21.88
C GLY H 211 -14.43 -18.41 -21.70
N ARG H 212 -13.88 -19.58 -21.33
CA ARG H 212 -14.72 -20.75 -21.16
C ARG H 212 -14.70 -21.38 -19.77
N ILE H 213 -14.09 -20.69 -18.83
CA ILE H 213 -13.98 -21.20 -17.47
C ILE H 213 -15.12 -20.81 -16.52
N SER H 214 -15.65 -21.81 -15.83
CA SER H 214 -16.76 -21.60 -14.91
C SER H 214 -16.36 -20.69 -13.75
N THR H 215 -17.25 -19.75 -13.44
CA THR H 215 -17.04 -18.81 -12.34
C THR H 215 -17.89 -19.24 -11.15
N ALA H 216 -18.37 -20.47 -11.17
CA ALA H 216 -19.18 -20.97 -10.07
C ALA H 216 -18.35 -21.10 -8.80
N THR H 217 -19.02 -21.18 -7.66
CA THR H 217 -18.34 -21.31 -6.36
C THR H 217 -18.71 -22.61 -5.69
N ASP H 218 -19.78 -23.23 -6.16
CA ASP H 218 -20.21 -24.50 -5.62
C ASP H 218 -19.46 -25.58 -6.39
N PRO H 219 -18.51 -26.29 -5.75
CA PRO H 219 -17.73 -27.33 -6.43
C PRO H 219 -18.56 -28.45 -7.02
N ASP H 220 -19.71 -28.72 -6.41
CA ASP H 220 -20.59 -29.79 -6.89
C ASP H 220 -21.37 -29.38 -8.14
N ARG H 221 -21.50 -28.08 -8.38
CA ARG H 221 -22.27 -27.62 -9.52
C ARG H 221 -21.53 -26.59 -10.36
N ALA H 222 -20.35 -26.96 -10.82
CA ALA H 222 -19.53 -26.04 -11.59
C ALA H 222 -19.20 -26.52 -12.99
N TYR H 223 -18.80 -27.77 -13.10
CA TYR H 223 -18.45 -28.34 -14.39
C TYR H 223 -19.58 -29.31 -14.72
N LEU H 224 -20.55 -28.82 -15.50
CA LEU H 224 -21.73 -29.60 -15.83
C LEU H 224 -21.94 -29.81 -17.33
N PRO H 225 -21.04 -30.57 -17.97
CA PRO H 225 -21.18 -30.79 -19.41
C PRO H 225 -22.52 -31.47 -19.76
N PHE H 226 -23.21 -30.89 -20.74
CA PHE H 226 -24.51 -31.39 -21.22
C PHE H 226 -25.71 -31.03 -20.34
N ASP H 227 -25.47 -30.28 -19.26
CA ASP H 227 -26.54 -29.86 -18.37
C ASP H 227 -27.06 -28.50 -18.85
N GLU H 228 -28.35 -28.24 -18.61
CA GLU H 228 -28.93 -26.97 -19.02
C GLU H 228 -28.29 -25.82 -18.26
N ARG H 229 -27.67 -26.13 -17.13
CA ARG H 229 -27.02 -25.10 -16.33
C ARG H 229 -25.53 -24.91 -16.69
N ALA H 230 -25.06 -25.66 -17.69
CA ALA H 230 -23.65 -25.56 -18.12
C ALA H 230 -23.23 -24.10 -18.25
N ALA H 231 -22.10 -23.75 -17.62
CA ALA H 231 -21.62 -22.38 -17.67
C ALA H 231 -20.10 -22.24 -17.69
N GLY H 232 -19.42 -23.23 -18.28
CA GLY H 232 -17.98 -23.20 -18.37
C GLY H 232 -17.36 -24.44 -17.74
N TYR H 233 -16.13 -24.77 -18.12
CA TYR H 233 -15.51 -25.94 -17.53
C TYR H 233 -14.69 -25.53 -16.33
N VAL H 234 -14.25 -26.51 -15.56
CA VAL H 234 -13.40 -26.27 -14.41
C VAL H 234 -12.05 -26.88 -14.79
N PRO H 235 -10.97 -26.11 -14.71
CA PRO H 235 -9.62 -26.58 -15.04
C PRO H 235 -9.16 -27.55 -13.97
N GLY H 236 -8.25 -28.44 -14.32
CA GLY H 236 -7.73 -29.39 -13.34
C GLY H 236 -6.26 -29.61 -13.65
N GLU H 237 -5.54 -30.32 -12.80
CA GLU H 237 -4.15 -30.60 -13.08
C GLU H 237 -4.02 -32.11 -12.98
N GLY H 238 -3.18 -32.69 -13.82
CA GLY H 238 -3.02 -34.13 -13.78
C GLY H 238 -3.14 -34.75 -15.15
N GLY H 239 -3.29 -36.07 -15.17
CA GLY H 239 -3.42 -36.80 -16.41
C GLY H 239 -3.09 -38.27 -16.21
N ALA H 240 -2.56 -38.89 -17.24
CA ALA H 240 -2.23 -40.29 -17.15
C ALA H 240 -1.17 -40.63 -18.18
N ILE H 241 -0.42 -41.67 -17.90
CA ILE H 241 0.58 -42.15 -18.83
C ILE H 241 0.23 -43.60 -18.99
N LEU H 242 0.36 -44.11 -20.21
CA LEU H 242 0.05 -45.50 -20.41
C LEU H 242 1.12 -46.19 -21.24
N VAL H 243 1.23 -47.50 -21.06
CA VAL H 243 2.20 -48.30 -21.77
C VAL H 243 1.49 -49.02 -22.91
N LEU H 244 1.94 -48.77 -24.13
CA LEU H 244 1.34 -49.41 -25.27
C LEU H 244 2.40 -50.27 -25.93
N GLU H 245 2.01 -51.44 -26.38
CA GLU H 245 2.96 -52.30 -27.04
C GLU H 245 2.38 -53.27 -28.01
N ASP H 246 3.26 -53.73 -28.89
CA ASP H 246 2.92 -54.71 -29.90
C ASP H 246 2.39 -55.92 -29.17
N SER H 247 1.26 -56.43 -29.66
CA SER H 247 0.60 -57.60 -29.08
C SER H 247 1.54 -58.80 -28.98
N ALA H 248 2.19 -59.10 -30.09
CA ALA H 248 3.11 -60.21 -30.17
C ALA H 248 4.32 -60.00 -29.28
N ALA H 249 4.85 -58.77 -29.28
CA ALA H 249 6.02 -58.48 -28.46
C ALA H 249 5.68 -58.62 -26.98
N ALA H 250 4.47 -58.24 -26.60
CA ALA H 250 4.04 -58.34 -25.22
C ALA H 250 3.95 -59.80 -24.79
N GLU H 251 3.55 -60.68 -25.70
CA GLU H 251 3.45 -62.10 -25.37
C GLU H 251 4.82 -62.72 -25.18
N ALA H 252 5.70 -62.48 -26.13
CA ALA H 252 7.05 -63.01 -26.08
C ALA H 252 7.72 -62.55 -24.79
N ARG H 253 7.28 -61.39 -24.31
CA ARG H 253 7.80 -60.77 -23.09
C ARG H 253 7.28 -61.47 -21.85
N GLY H 254 6.21 -62.23 -22.01
CA GLY H 254 5.62 -62.93 -20.88
C GLY H 254 4.51 -62.09 -20.26
N ARG H 255 4.02 -61.13 -21.05
CA ARG H 255 2.96 -60.22 -20.61
C ARG H 255 1.66 -60.62 -21.29
N HIS H 256 0.90 -61.51 -20.65
CA HIS H 256 -0.36 -61.97 -21.22
C HIS H 256 -1.55 -61.29 -20.57
N ASP H 257 -1.32 -60.07 -20.12
CA ASP H 257 -2.38 -59.31 -19.47
C ASP H 257 -2.39 -57.88 -20.02
N ALA H 258 -3.57 -57.40 -20.38
CA ALA H 258 -3.71 -56.06 -20.94
C ALA H 258 -5.10 -55.52 -20.68
N TYR H 259 -5.19 -54.19 -20.60
CA TYR H 259 -6.47 -53.50 -20.36
C TYR H 259 -7.35 -53.50 -21.59
N GLY H 260 -6.74 -53.53 -22.76
CA GLY H 260 -7.52 -53.51 -23.98
C GLY H 260 -6.68 -53.17 -25.18
N GLU H 261 -7.33 -53.07 -26.33
CA GLU H 261 -6.66 -52.76 -27.59
C GLU H 261 -7.01 -51.37 -28.11
N LEU H 262 -6.01 -50.66 -28.62
CA LEU H 262 -6.25 -49.35 -29.21
C LEU H 262 -6.56 -49.68 -30.67
N ALA H 263 -7.81 -50.03 -30.94
CA ALA H 263 -8.24 -50.44 -32.29
C ALA H 263 -8.24 -49.40 -33.41
N GLY H 264 -8.56 -48.15 -33.09
CA GLY H 264 -8.59 -47.11 -34.13
C GLY H 264 -8.45 -45.69 -33.59
N CYS H 265 -7.91 -44.80 -34.41
CA CYS H 265 -7.69 -43.40 -34.03
C CYS H 265 -7.82 -42.53 -35.25
N ALA H 266 -8.17 -41.27 -35.04
CA ALA H 266 -8.29 -40.31 -36.12
C ALA H 266 -8.34 -38.86 -35.61
N SER H 267 -7.75 -37.97 -36.38
CA SER H 267 -7.71 -36.55 -36.07
C SER H 267 -8.24 -35.74 -37.27
N THR H 268 -9.03 -34.71 -36.98
CA THR H 268 -9.55 -33.82 -38.01
C THR H 268 -9.50 -32.41 -37.43
N PHE H 269 -9.71 -31.41 -38.28
CA PHE H 269 -9.68 -30.01 -37.84
C PHE H 269 -10.84 -29.24 -38.48
N ASP H 270 -11.56 -28.46 -37.68
CA ASP H 270 -12.69 -27.70 -38.20
C ASP H 270 -12.30 -26.63 -39.20
N PRO H 271 -13.24 -26.25 -40.06
CA PRO H 271 -12.93 -25.22 -41.04
C PRO H 271 -12.81 -23.88 -40.30
N ALA H 272 -12.10 -22.94 -40.90
CA ALA H 272 -11.89 -21.63 -40.31
C ALA H 272 -13.15 -21.01 -39.72
N PRO H 273 -13.00 -20.21 -38.66
CA PRO H 273 -14.15 -19.57 -38.00
C PRO H 273 -14.88 -18.69 -38.99
N GLY H 274 -16.21 -18.73 -38.95
CA GLY H 274 -16.99 -17.92 -39.86
C GLY H 274 -17.27 -18.58 -41.20
N SER H 275 -16.52 -19.64 -41.51
CA SER H 275 -16.70 -20.34 -42.79
C SER H 275 -18.08 -20.95 -42.88
N GLY H 276 -18.76 -21.04 -41.73
CA GLY H 276 -20.09 -21.60 -41.71
C GLY H 276 -20.13 -23.08 -42.02
N ARG H 277 -19.06 -23.60 -42.62
CA ARG H 277 -19.00 -25.02 -42.95
C ARG H 277 -19.15 -25.81 -41.64
N PRO H 278 -19.56 -27.08 -41.73
CA PRO H 278 -19.74 -27.96 -40.57
C PRO H 278 -18.45 -28.40 -39.87
N ALA H 279 -18.56 -28.68 -38.57
CA ALA H 279 -17.42 -29.13 -37.77
C ALA H 279 -16.95 -30.50 -38.24
N GLY H 280 -15.73 -30.86 -37.86
CA GLY H 280 -15.17 -32.13 -38.28
C GLY H 280 -15.18 -33.23 -37.24
N LEU H 281 -15.89 -33.03 -36.14
CA LEU H 281 -15.95 -34.02 -35.09
C LEU H 281 -16.63 -35.30 -35.59
N GLU H 282 -17.74 -35.14 -36.30
CA GLU H 282 -18.46 -36.31 -36.82
C GLU H 282 -17.52 -37.11 -37.71
N ARG H 283 -16.85 -36.41 -38.62
CA ARG H 283 -15.93 -37.05 -39.54
C ARG H 283 -14.84 -37.82 -38.75
N ALA H 284 -14.34 -37.23 -37.68
CA ALA H 284 -13.31 -37.91 -36.88
C ALA H 284 -13.84 -39.20 -36.27
N ILE H 285 -15.07 -39.16 -35.77
CA ILE H 285 -15.62 -40.38 -35.20
C ILE H 285 -15.64 -41.45 -36.29
N ARG H 286 -16.24 -41.15 -37.42
CA ARG H 286 -16.32 -42.12 -38.52
C ARG H 286 -14.97 -42.62 -39.04
N LEU H 287 -13.96 -41.76 -39.06
CA LEU H 287 -12.63 -42.18 -39.53
C LEU H 287 -12.07 -43.19 -38.55
N ALA H 288 -12.25 -42.92 -37.25
CA ALA H 288 -11.75 -43.81 -36.21
C ALA H 288 -12.48 -45.14 -36.24
N LEU H 289 -13.80 -45.11 -36.40
CA LEU H 289 -14.57 -46.36 -36.46
C LEU H 289 -14.10 -47.20 -37.66
N ASN H 290 -13.91 -46.55 -38.81
CA ASN H 290 -13.46 -47.29 -39.99
C ASN H 290 -12.08 -47.89 -39.78
N ASP H 291 -11.18 -47.10 -39.18
CA ASP H 291 -9.83 -47.57 -38.93
C ASP H 291 -9.85 -48.84 -38.07
N ALA H 292 -10.72 -48.85 -37.06
CA ALA H 292 -10.85 -50.00 -36.17
C ALA H 292 -11.71 -51.08 -36.81
N GLY H 293 -12.27 -50.78 -37.97
CA GLY H 293 -13.10 -51.76 -38.65
C GLY H 293 -14.31 -52.10 -37.79
N THR H 294 -15.04 -51.09 -37.37
CA THR H 294 -16.21 -51.30 -36.54
C THR H 294 -17.28 -50.28 -36.87
N GLY H 295 -18.53 -50.72 -36.94
CA GLY H 295 -19.61 -49.82 -37.26
C GLY H 295 -20.18 -49.14 -36.03
N PRO H 296 -20.99 -48.08 -36.21
CA PRO H 296 -21.58 -47.36 -35.08
C PRO H 296 -22.33 -48.28 -34.12
N GLU H 297 -23.00 -49.29 -34.69
CA GLU H 297 -23.80 -50.24 -33.91
C GLU H 297 -22.97 -51.06 -32.94
N ASP H 298 -21.69 -51.23 -33.26
CA ASP H 298 -20.81 -52.02 -32.43
C ASP H 298 -20.36 -51.29 -31.17
N VAL H 299 -20.41 -49.95 -31.22
CA VAL H 299 -20.00 -49.14 -30.09
C VAL H 299 -20.98 -49.29 -28.92
N ASP H 300 -20.43 -49.55 -27.74
CA ASP H 300 -21.23 -49.75 -26.54
C ASP H 300 -21.32 -48.52 -25.63
N VAL H 301 -20.33 -47.64 -25.71
CA VAL H 301 -20.32 -46.45 -24.87
C VAL H 301 -19.44 -45.34 -25.45
N VAL H 302 -19.88 -44.10 -25.30
CA VAL H 302 -19.12 -42.97 -25.80
C VAL H 302 -18.67 -42.05 -24.67
N PHE H 303 -17.36 -41.92 -24.52
CA PHE H 303 -16.77 -41.06 -23.52
C PHE H 303 -16.59 -39.74 -24.23
N ALA H 304 -17.57 -38.87 -24.07
CA ALA H 304 -17.58 -37.57 -24.73
C ALA H 304 -16.51 -36.61 -24.24
N ASP H 305 -16.22 -35.64 -25.09
CA ASP H 305 -15.25 -34.61 -24.76
C ASP H 305 -15.79 -33.84 -23.54
N GLY H 306 -17.09 -33.55 -23.57
CA GLY H 306 -17.75 -32.86 -22.46
C GLY H 306 -17.23 -31.49 -22.10
N ALA H 307 -17.30 -30.57 -23.06
CA ALA H 307 -16.85 -29.18 -22.92
C ALA H 307 -17.40 -28.41 -21.72
N GLY H 308 -18.69 -28.57 -21.45
CA GLY H 308 -19.30 -27.86 -20.34
C GLY H 308 -19.64 -26.43 -20.76
N VAL H 309 -19.52 -26.18 -22.06
CA VAL H 309 -19.85 -24.88 -22.66
C VAL H 309 -21.02 -25.20 -23.59
N PRO H 310 -22.19 -24.62 -23.33
CA PRO H 310 -23.42 -24.84 -24.11
C PRO H 310 -23.23 -25.05 -25.60
N GLU H 311 -22.69 -24.06 -26.28
CA GLU H 311 -22.48 -24.14 -27.71
C GLU H 311 -21.67 -25.39 -28.07
N LEU H 312 -20.59 -25.65 -27.35
CA LEU H 312 -19.75 -26.81 -27.62
C LEU H 312 -20.46 -28.12 -27.29
N ASP H 313 -21.18 -28.15 -26.17
CA ASP H 313 -21.92 -29.35 -25.78
C ASP H 313 -22.93 -29.64 -26.88
N ALA H 314 -23.60 -28.60 -27.39
CA ALA H 314 -24.59 -28.78 -28.44
C ALA H 314 -23.99 -29.37 -29.72
N ALA H 315 -22.80 -28.90 -30.12
CA ALA H 315 -22.19 -29.44 -31.32
C ALA H 315 -21.76 -30.89 -31.11
N GLU H 316 -21.22 -31.20 -29.94
CA GLU H 316 -20.79 -32.56 -29.69
C GLU H 316 -21.97 -33.54 -29.65
N ALA H 317 -23.03 -33.16 -28.96
CA ALA H 317 -24.21 -34.01 -28.87
C ALA H 317 -24.74 -34.27 -30.27
N ARG H 318 -24.64 -33.24 -31.11
CA ARG H 318 -25.12 -33.31 -32.50
C ARG H 318 -24.34 -34.34 -33.33
N ALA H 319 -23.02 -34.33 -33.21
CA ALA H 319 -22.16 -35.25 -33.94
C ALA H 319 -22.39 -36.68 -33.48
N ILE H 320 -22.58 -36.84 -32.18
CA ILE H 320 -22.79 -38.15 -31.63
C ILE H 320 -24.11 -38.73 -32.13
N GLY H 321 -25.15 -37.90 -32.18
CA GLY H 321 -26.44 -38.35 -32.66
C GLY H 321 -26.45 -38.67 -34.13
N ARG H 322 -25.63 -37.98 -34.93
CA ARG H 322 -25.60 -38.23 -36.36
C ARG H 322 -24.93 -39.56 -36.68
N VAL H 323 -24.05 -39.99 -35.79
CA VAL H 323 -23.36 -41.26 -35.99
C VAL H 323 -24.09 -42.41 -35.30
N PHE H 324 -24.56 -42.21 -34.08
CA PHE H 324 -25.21 -43.28 -33.35
C PHE H 324 -26.74 -43.21 -33.27
N GLY H 325 -27.30 -42.06 -33.65
CA GLY H 325 -28.75 -41.86 -33.57
C GLY H 325 -29.01 -41.16 -32.25
N ARG H 326 -30.00 -40.29 -32.18
CA ARG H 326 -30.28 -39.62 -30.90
C ARG H 326 -30.59 -40.64 -29.81
N GLU H 327 -29.98 -40.45 -28.64
CA GLU H 327 -30.10 -41.35 -27.51
C GLU H 327 -29.72 -42.77 -27.94
N GLY H 328 -29.01 -42.87 -29.05
CA GLY H 328 -28.64 -44.18 -29.58
C GLY H 328 -27.50 -44.96 -28.96
N VAL H 329 -26.79 -44.33 -28.04
CA VAL H 329 -25.65 -45.00 -27.40
C VAL H 329 -25.41 -44.34 -26.05
N PRO H 330 -25.06 -45.14 -25.03
CA PRO H 330 -24.81 -44.55 -23.72
C PRO H 330 -23.64 -43.56 -23.84
N VAL H 331 -23.79 -42.39 -23.24
CA VAL H 331 -22.74 -41.35 -23.27
C VAL H 331 -22.35 -41.06 -21.82
N THR H 332 -21.08 -40.74 -21.59
CA THR H 332 -20.64 -40.44 -20.24
C THR H 332 -19.45 -39.48 -20.23
N VAL H 333 -19.36 -38.68 -19.17
CA VAL H 333 -18.28 -37.71 -19.01
C VAL H 333 -17.75 -37.76 -17.57
N PRO H 334 -16.88 -38.73 -17.26
CA PRO H 334 -16.31 -38.88 -15.92
C PRO H 334 -15.38 -37.74 -15.50
N LYS H 335 -14.88 -36.97 -16.46
CA LYS H 335 -13.98 -35.86 -16.11
C LYS H 335 -14.73 -34.82 -15.28
N THR H 336 -16.04 -35.00 -15.10
CA THR H 336 -16.79 -34.08 -14.27
C THR H 336 -16.21 -34.22 -12.85
N THR H 337 -15.52 -35.33 -12.60
CA THR H 337 -14.91 -35.55 -11.28
C THR H 337 -13.49 -35.03 -11.17
N THR H 338 -12.90 -34.58 -12.28
CA THR H 338 -11.52 -34.11 -12.26
C THR H 338 -11.24 -32.73 -12.85
N GLY H 339 -12.12 -32.25 -13.72
CA GLY H 339 -11.90 -30.97 -14.38
C GLY H 339 -11.23 -31.33 -15.70
N ARG H 340 -11.05 -30.37 -16.60
CA ARG H 340 -10.39 -30.64 -17.88
C ARG H 340 -8.89 -30.54 -17.65
N LEU H 341 -8.18 -31.64 -17.92
CA LEU H 341 -6.74 -31.71 -17.69
C LEU H 341 -5.87 -31.43 -18.94
N TYR H 342 -6.47 -30.87 -19.98
CA TYR H 342 -5.75 -30.54 -21.21
C TYR H 342 -5.05 -31.73 -21.85
N SER H 343 -3.72 -31.79 -21.83
CA SER H 343 -3.08 -32.93 -22.48
C SER H 343 -3.34 -34.21 -21.68
N GLY H 344 -3.79 -34.06 -20.43
CA GLY H 344 -4.08 -35.22 -19.60
C GLY H 344 -5.51 -35.75 -19.74
N GLY H 345 -6.40 -34.94 -20.29
CA GLY H 345 -7.78 -35.36 -20.43
C GLY H 345 -8.02 -36.62 -21.26
N GLY H 346 -7.54 -36.63 -22.50
CA GLY H 346 -7.71 -37.79 -23.36
C GLY H 346 -7.12 -39.05 -22.76
N PRO H 347 -5.84 -39.01 -22.36
CA PRO H 347 -5.20 -40.18 -21.76
C PRO H 347 -6.02 -40.72 -20.58
N LEU H 348 -6.43 -39.83 -19.69
CA LEU H 348 -7.22 -40.24 -18.52
C LEU H 348 -8.58 -40.83 -18.91
N ASP H 349 -9.20 -40.27 -19.95
CA ASP H 349 -10.48 -40.79 -20.44
C ASP H 349 -10.26 -42.20 -21.02
N VAL H 350 -9.13 -42.43 -21.68
CA VAL H 350 -8.84 -43.76 -22.25
C VAL H 350 -8.75 -44.76 -21.07
N VAL H 351 -8.03 -44.37 -20.03
CA VAL H 351 -7.90 -45.19 -18.84
C VAL H 351 -9.28 -45.52 -18.24
N THR H 352 -10.10 -44.50 -18.04
CA THR H 352 -11.41 -44.67 -17.46
C THR H 352 -12.29 -45.60 -18.31
N ALA H 353 -12.16 -45.46 -19.63
CA ALA H 353 -12.89 -46.27 -20.59
C ALA H 353 -12.41 -47.72 -20.50
N LEU H 354 -11.10 -47.90 -20.58
CA LEU H 354 -10.51 -49.24 -20.49
C LEU H 354 -10.99 -49.90 -19.21
N MET H 355 -10.97 -49.15 -18.12
CA MET H 355 -11.44 -49.68 -16.83
C MET H 355 -12.91 -50.09 -16.90
N SER H 356 -13.72 -49.32 -17.62
CA SER H 356 -15.14 -49.63 -17.74
C SER H 356 -15.33 -50.96 -18.43
N LEU H 357 -14.59 -51.15 -19.51
CA LEU H 357 -14.63 -52.39 -20.28
C LEU H 357 -14.19 -53.55 -19.41
N ARG H 358 -13.07 -53.38 -18.71
CA ARG H 358 -12.56 -54.45 -17.87
C ARG H 358 -13.49 -54.84 -16.73
N GLU H 359 -14.06 -53.86 -16.04
CA GLU H 359 -14.94 -54.11 -14.91
C GLU H 359 -16.38 -54.45 -15.28
N GLY H 360 -16.75 -54.20 -16.54
CA GLY H 360 -18.11 -54.49 -16.96
C GLY H 360 -19.13 -53.41 -16.61
N VAL H 361 -18.67 -52.23 -16.22
CA VAL H 361 -19.59 -51.14 -15.89
C VAL H 361 -19.17 -49.84 -16.55
N ILE H 362 -20.12 -48.95 -16.79
CA ILE H 362 -19.77 -47.68 -17.40
C ILE H 362 -19.56 -46.65 -16.30
N ALA H 363 -18.40 -46.00 -16.33
CA ALA H 363 -18.08 -44.97 -15.33
C ALA H 363 -19.17 -43.92 -15.47
N PRO H 364 -19.74 -43.46 -14.36
CA PRO H 364 -20.81 -42.45 -14.45
C PRO H 364 -20.37 -40.99 -14.52
N THR H 365 -21.33 -40.11 -14.79
CA THR H 365 -21.08 -38.69 -14.87
C THR H 365 -21.60 -38.06 -13.59
N ALA H 366 -20.82 -37.16 -13.00
CA ALA H 366 -21.23 -36.52 -11.76
C ALA H 366 -21.78 -35.12 -11.98
N GLY H 367 -22.48 -34.62 -10.95
CA GLY H 367 -23.04 -33.27 -10.96
C GLY H 367 -24.23 -32.93 -11.83
N VAL H 368 -24.17 -33.32 -13.11
CA VAL H 368 -25.23 -33.05 -14.08
C VAL H 368 -26.55 -33.67 -13.64
N THR H 369 -27.63 -32.87 -13.60
CA THR H 369 -28.93 -33.40 -13.21
C THR H 369 -30.03 -33.14 -14.24
N SER H 370 -29.80 -32.21 -15.15
CA SER H 370 -30.82 -31.87 -16.15
C SER H 370 -30.28 -31.69 -17.57
N VAL H 371 -30.43 -32.72 -18.38
CA VAL H 371 -29.96 -32.68 -19.76
C VAL H 371 -31.08 -32.22 -20.71
N PRO H 372 -30.83 -31.14 -21.48
CA PRO H 372 -31.83 -30.62 -22.43
C PRO H 372 -32.20 -31.64 -23.50
N ARG H 373 -33.49 -31.75 -23.80
CA ARG H 373 -33.99 -32.66 -24.82
C ARG H 373 -33.29 -32.36 -26.15
N GLU H 374 -32.92 -31.09 -26.33
CA GLU H 374 -32.22 -30.63 -27.53
C GLU H 374 -30.99 -31.49 -27.86
N TYR H 375 -30.26 -31.91 -26.82
CA TYR H 375 -29.05 -32.72 -27.04
C TYR H 375 -29.30 -34.14 -27.48
N GLY H 376 -30.48 -34.66 -27.14
CA GLY H 376 -30.84 -36.00 -27.53
C GLY H 376 -29.81 -37.06 -27.18
N ILE H 377 -29.36 -37.11 -25.93
CA ILE H 377 -28.38 -38.12 -25.55
C ILE H 377 -28.83 -38.91 -24.35
N ASP H 378 -28.32 -40.14 -24.25
CA ASP H 378 -28.58 -41.07 -23.16
C ASP H 378 -27.35 -40.95 -22.24
N LEU H 379 -27.35 -39.95 -21.35
CA LEU H 379 -26.20 -39.72 -20.46
C LEU H 379 -26.22 -40.56 -19.18
N VAL H 380 -25.11 -41.23 -18.89
CA VAL H 380 -25.01 -42.06 -17.70
C VAL H 380 -24.75 -41.16 -16.48
N LEU H 381 -25.75 -41.07 -15.62
CA LEU H 381 -25.68 -40.21 -14.45
C LEU H 381 -25.90 -40.93 -13.13
N GLY H 382 -25.25 -40.45 -12.08
CA GLY H 382 -25.41 -41.06 -10.78
C GLY H 382 -24.57 -42.31 -10.59
N GLU H 383 -25.23 -43.46 -10.61
CA GLU H 383 -24.52 -44.72 -10.42
C GLU H 383 -23.89 -45.27 -11.71
N PRO H 384 -22.91 -46.17 -11.59
CA PRO H 384 -22.27 -46.74 -12.78
C PRO H 384 -23.34 -47.61 -13.44
N ARG H 385 -23.29 -47.75 -14.76
CA ARG H 385 -24.30 -48.56 -15.44
C ARG H 385 -23.64 -49.88 -15.85
N SER H 386 -24.18 -50.98 -15.35
CA SER H 386 -23.59 -52.28 -15.66
C SER H 386 -24.10 -52.91 -16.96
N THR H 387 -23.55 -52.46 -18.08
CA THR H 387 -23.93 -52.96 -19.39
C THR H 387 -22.85 -53.91 -19.94
N ALA H 388 -21.74 -54.03 -19.22
CA ALA H 388 -20.64 -54.90 -19.66
C ALA H 388 -20.22 -54.51 -21.07
N PRO H 389 -19.86 -53.23 -21.28
CA PRO H 389 -19.45 -52.78 -22.62
C PRO H 389 -18.18 -53.50 -23.08
N ARG H 390 -18.00 -53.61 -24.40
CA ARG H 390 -16.83 -54.28 -24.97
C ARG H 390 -16.07 -53.36 -25.91
N THR H 391 -16.77 -52.38 -26.47
CA THR H 391 -16.14 -51.42 -27.39
C THR H 391 -16.47 -50.01 -26.94
N ALA H 392 -15.44 -49.18 -26.74
CA ALA H 392 -15.65 -47.80 -26.32
C ALA H 392 -15.09 -46.80 -27.31
N LEU H 393 -15.77 -45.68 -27.45
CA LEU H 393 -15.31 -44.59 -28.32
C LEU H 393 -14.96 -43.44 -27.36
N VAL H 394 -13.76 -42.86 -27.53
CA VAL H 394 -13.32 -41.75 -26.68
C VAL H 394 -13.10 -40.54 -27.55
N LEU H 395 -13.69 -39.42 -27.16
CA LEU H 395 -13.59 -38.20 -27.93
C LEU H 395 -12.87 -37.06 -27.20
N ALA H 396 -12.16 -36.24 -27.97
CA ALA H 396 -11.47 -35.11 -27.37
C ALA H 396 -11.40 -33.96 -28.37
N ARG H 397 -11.61 -32.73 -27.92
CA ARG H 397 -11.51 -31.60 -28.81
C ARG H 397 -10.49 -30.60 -28.27
N GLY H 398 -9.83 -29.93 -29.20
CA GLY H 398 -8.85 -28.93 -28.81
C GLY H 398 -9.31 -27.54 -29.25
N ARG H 399 -9.07 -26.56 -28.39
CA ARG H 399 -9.42 -25.16 -28.69
C ARG H 399 -8.96 -24.80 -30.11
N TRP H 400 -9.86 -24.16 -30.84
CA TRP H 400 -9.70 -23.72 -32.24
C TRP H 400 -10.07 -24.75 -33.30
N GLY H 401 -10.69 -25.85 -32.89
CA GLY H 401 -11.14 -26.84 -33.86
C GLY H 401 -10.54 -28.22 -33.93
N PHE H 402 -9.59 -28.58 -33.07
CA PHE H 402 -8.98 -29.91 -33.12
C PHE H 402 -9.97 -31.02 -32.69
N ASN H 403 -10.09 -32.07 -33.50
CA ASN H 403 -10.95 -33.19 -33.14
C ASN H 403 -10.14 -34.46 -33.08
N SER H 404 -10.31 -35.23 -32.02
CA SER H 404 -9.59 -36.47 -31.93
C SER H 404 -10.55 -37.56 -31.44
N ALA H 405 -10.40 -38.76 -31.98
CA ALA H 405 -11.28 -39.88 -31.63
C ALA H 405 -10.52 -41.20 -31.63
N ALA H 406 -10.78 -42.03 -30.61
CA ALA H 406 -10.13 -43.32 -30.48
C ALA H 406 -11.13 -44.40 -30.08
N VAL H 407 -10.97 -45.59 -30.65
CA VAL H 407 -11.87 -46.67 -30.28
C VAL H 407 -11.08 -47.76 -29.57
N LEU H 408 -11.60 -48.20 -28.43
CA LEU H 408 -10.95 -49.22 -27.62
C LEU H 408 -11.82 -50.47 -27.56
N ARG H 409 -11.17 -51.63 -27.51
CA ARG H 409 -11.85 -52.90 -27.43
C ARG H 409 -11.38 -53.67 -26.19
N ARG H 410 -12.31 -54.40 -25.58
CA ARG H 410 -12.04 -55.20 -24.39
C ARG H 410 -11.01 -56.26 -24.77
N PHE H 411 -10.09 -56.56 -23.85
CA PHE H 411 -9.05 -57.56 -24.07
C PHE H 411 -9.65 -58.97 -24.06
#